data_7MXE
#
_entry.id   7MXE
#
loop_
_entity.id
_entity.type
_entity.pdbx_description
1 polymer '8ANC195 G52K5 Fab heavy chain'
2 polymer '8ANC195 G52K5 Fab light chain'
3 polymer 'HIV-1 Envelope Glycoprotein BG505 SOSIP.664 gp41'
4 polymer 'Envelope glycoprotein BG505 SOSIP.664 gp120'
5 polymer 'Ab1245 Fab heavy chain'
6 polymer 'Ab1245 Fab light chain'
7 branched 2-acetamido-2-deoxy-beta-D-glucopyranose-(1-4)-2-acetamido-2-deoxy-beta-D-glucopyranose
8 branched alpha-D-mannopyranose-(1-3)-beta-D-mannopyranose-(1-4)-2-acetamido-2-deoxy-beta-D-glucopyranose-(1-4)-2-acetamido-2-deoxy-beta-D-glucopyranose
9 branched alpha-D-mannopyranose-(1-2)-alpha-D-mannopyranose-(1-3)-[alpha-D-mannopyranose-(1-6)]beta-D-mannopyranose-(1-4)-2-acetamido-2-deoxy-beta-D-glucopyranose-(1-4)-2-acetamido-2-deoxy-beta-D-glucopyranose
10 branched alpha-D-mannopyranose-(1-2)-alpha-D-mannopyranose-(1-2)-alpha-D-mannopyranose-(1-3)-[alpha-D-mannopyranose-(1-2)-alpha-D-mannopyranose-(1-3)-[alpha-D-mannopyranose-(1-2)-alpha-D-mannopyranose-(1-6)]alpha-D-mannopyranose-(1-6)]beta-D-mannopyranose-(1-4)-2-acetamido-2-deoxy-beta-D-glucopyranose-(1-4)-2-acetamido-2-deoxy-beta-D-glucopyranose
11 branched alpha-D-mannopyranose-(1-3)-[alpha-D-mannopyranose-(1-6)]beta-D-mannopyranose-(1-4)-2-acetamido-2-deoxy-beta-D-glucopyranose-(1-4)-2-acetamido-2-deoxy-beta-D-glucopyranose
12 branched alpha-D-mannopyranose-(1-2)-alpha-D-mannopyranose-(1-2)-alpha-D-mannopyranose-(1-3)-[alpha-D-mannopyranose-(1-2)-alpha-D-mannopyranose-(1-6)-[alpha-D-mannopyranose-(1-3)]alpha-D-mannopyranose-(1-6)]beta-D-mannopyranose-(1-4)-2-acetamido-2-deoxy-beta-D-glucopyranose-(1-4)-2-acetamido-2-deoxy-beta-D-glucopyranose
13 branched beta-D-mannopyranose-(1-4)-2-acetamido-2-deoxy-beta-D-glucopyranose-(1-4)-2-acetamido-2-deoxy-beta-D-glucopyranose
14 non-polymer 2-acetamido-2-deoxy-beta-D-glucopyranose
#
loop_
_entity_poly.entity_id
_entity_poly.type
_entity_poly.pdbx_seq_one_letter_code
_entity_poly.pdbx_strand_id
1 'polypeptide(L)'
;QIHLVQSGTEVKKPGSSVTVSCKAYGVNTFGLYAVNWVRQAPGQSLEYIGQIWRWKSSASHHFRGRVLISAVDLTGSSPP
ISSLEIKNLTSDDTAVYFCTTTSTYDRWSGLHHDGVMAFSSWGQGTLISVSAASTKGPSVFPLAPSSKSTSGGTAALGCL
VKDYFPEPVTVSWNSGALTSGVHTFPAVLQSSGLYSLSSVVTVPSSSLGTQTYICNVNHKPSNTKVDKRVEPKSCDKTHH
HHHH
;
A,H,M
2 'polypeptide(L)'
;DIQMTQSPSTLSASTGDTVRISCRASQSITGNWVAWYQQRPGKAPRLLIYRGAALLGGVPSRFRGSAAGTDFTLTIGNLQ
AEDFGTFYCQQYDTYPGTFGQGTKVEVKRTVAAPSVFIFPPSDEQLKSGTASVVCLLNNFYPREAKVQWKVDNALQSGNS
QESVTEQDSKDSTYSLSSTLTLSKADYEKHKVYACEVTHQGLSSPVTKSFNRGEC
;
B,L,O
3 'polypeptide(L)'
;AVGIGAVFLGFLGAAGSTMGAASMTLTVQARNLLSGIVQQQSNLLRAPEAQQHLLKLTVWGIKQLQARVLAVERYLRDQQ
LLGIWGCSGKLICCTNVPWNSSWSNRNLSEIWDNMTWLQWDKEISNYTQIIYGLLEESQNQQEKNEQDLLALD
;
C,D,F
4 'polypeptide(L)'
;NLWVTVYYGVPVWKDAETTLFCASDAKAYETEKHNVWATHACVPTDPNPQEIHLENVTEEFNMWKNNMVEQMHTDIISLW
DQSLKPCVKLTPLCVTLQCTNVTNNITDDMRGELKNCSFNMTTELRDKKQKVYSLFYRLDVVQINENQGNRSNNSNKEYR
LINCNTSAITQACPKVSFEPIPIHYCAPAGFAILKCKDKKFNGTGPCPSVSTVQCTHGIKPVVSTQLLLNGSLAEEEVMI
RSENITNNAKNILVQFNTPVQINCTRPNNNTRKSIRIGPGQAFYATGDIIGDIRQAHCNVSKATWNETLGKVVKQLRKHF
GNNTIIRFANSSGGDLEVTTHSFNCGGEFFYCNTSGLFNSTWISNTSVQGSNSTGSNDSITLPCRIKQIINMWQRIGQAM
YAPPIQGVIRCVSNITGLILTRDGGSTNSTTETFRPGGGDMRDNWRSELYKYKVVKIEPLGVAPTRCKRRVVGRRRRRR
;
G,J,P
5 'polypeptide(L)'
;MGWSCIILFLVATATGVHSQVQLQQSGPGLVKPSETLSLTCTVSGGSISESYYWKWIRQPPGKGLEWVGRIYGSGVSTSY
NPSLESRVTISKDTSKNHFSLKLTSVTAADTAVYYCARSYVRAETLMFASLGGPYNRFDVWGAGVLVTVSSASTKGPSVF
PLAPSSKSTSGGTAALGCLVKDYFPEPVTVSWNS(UNK)ALTSGVHTFPAVLQSS(UNK)LYSLSSVVTVPSSSLGTQTY
ICNVNHKPSNTKVDKRVEPKSCDKTHHHHHH
;
R
6 'polypeptide(L)'
;MGWSCIILFLVATATGSWAQSALTQPSSASASLGASVTLTCTLSSGYSNSAVDWHQQRPGKGPQFVMRVGTGGIVGSKGD
GIPDRFSGSGSGLNRYLIIKNIQEEDESDYHCGADHGTGSAFVYVFGGGTKLTVLGQPKASPLVTLFPPSSEELQANKAT
LVCLISDFYPGAVTVAWKADSSPVKAGVETTTPSKQSNNKYAASSYLSLTPEQWKSHRSYSCQVTHEGSTVEKTVAPTEC
S
;
W
#
# COMPACT_ATOMS: atom_id res chain seq x y z
N GLN A 1 -3.58 38.63 23.01
CA GLN A 1 -3.08 38.20 21.71
C GLN A 1 -2.38 39.35 20.99
N ILE A 2 -3.10 40.01 20.09
CA ILE A 2 -2.55 41.13 19.34
C ILE A 2 -3.07 42.46 19.88
N HIS A 3 -2.22 43.48 19.85
CA HIS A 3 -2.60 44.80 20.33
C HIS A 3 -1.68 45.85 19.74
N LEU A 4 -2.22 47.03 19.49
CA LEU A 4 -1.45 48.12 18.93
C LEU A 4 -1.42 49.33 19.85
N VAL A 5 -0.22 49.81 20.15
CA VAL A 5 -0.05 50.97 21.02
C VAL A 5 0.59 52.14 20.28
N GLN A 6 -0.10 53.28 20.30
CA GLN A 6 0.39 54.47 19.63
C GLN A 6 0.80 55.52 20.67
N SER A 7 1.20 56.69 20.18
CA SER A 7 1.64 57.77 21.05
C SER A 7 0.46 58.63 21.47
N GLY A 8 0.74 59.77 22.10
CA GLY A 8 -0.30 60.66 22.59
C GLY A 8 -0.60 61.80 21.64
N THR A 9 -1.25 62.83 22.19
CA THR A 9 -1.65 63.99 21.42
C THR A 9 -0.46 64.91 21.20
N GLU A 10 -0.18 65.22 19.93
CA GLU A 10 0.93 66.08 19.56
C GLU A 10 0.43 67.43 19.06
N VAL A 11 1.11 68.49 19.47
CA VAL A 11 0.81 69.85 19.02
C VAL A 11 2.08 70.40 18.39
N LYS A 12 2.00 70.74 17.10
CA LYS A 12 3.16 71.18 16.34
C LYS A 12 2.89 72.52 15.67
N LYS A 13 3.93 73.07 15.06
CA LYS A 13 3.93 74.34 14.34
C LYS A 13 4.01 74.09 12.84
N PRO A 14 3.45 74.97 12.01
CA PRO A 14 3.58 74.83 10.56
C PRO A 14 5.01 75.11 10.11
N GLY A 15 5.67 74.08 9.61
CA GLY A 15 7.06 74.17 9.19
C GLY A 15 8.00 73.22 9.92
N SER A 16 7.53 72.51 10.93
CA SER A 16 8.36 71.58 11.68
C SER A 16 8.00 70.14 11.31
N SER A 17 8.69 69.19 11.93
CA SER A 17 8.50 67.77 11.66
C SER A 17 7.81 67.11 12.86
N VAL A 18 7.28 65.91 12.61
CA VAL A 18 6.61 65.13 13.64
C VAL A 18 6.97 63.66 13.41
N THR A 19 6.91 62.88 14.50
CA THR A 19 7.25 61.47 14.47
C THR A 19 6.26 60.70 15.32
N VAL A 20 5.60 59.71 14.72
CA VAL A 20 4.63 58.89 15.43
C VAL A 20 5.22 57.49 15.67
N SER A 21 4.90 56.91 16.82
CA SER A 21 5.41 55.59 17.16
C SER A 21 4.30 54.55 17.31
N CYS A 22 4.48 53.40 16.66
CA CYS A 22 3.51 52.32 16.71
C CYS A 22 4.13 51.07 17.33
N LYS A 23 3.45 50.50 18.32
CA LYS A 23 3.94 49.30 18.99
C LYS A 23 2.96 48.14 18.79
N ALA A 24 3.49 46.99 18.39
CA ALA A 24 2.65 45.82 18.15
C ALA A 24 2.96 44.65 19.07
N TYR A 25 2.07 44.40 20.02
CA TYR A 25 2.22 43.30 20.97
C TYR A 25 1.52 42.06 20.40
N GLY A 26 2.30 41.01 20.15
CA GLY A 26 1.79 39.78 19.56
C GLY A 26 2.40 39.45 18.22
N VAL A 27 2.95 40.43 17.51
CA VAL A 27 3.60 40.17 16.23
C VAL A 27 5.04 39.73 16.50
N ASN A 28 5.37 38.52 16.03
CA ASN A 28 6.69 37.96 16.30
C ASN A 28 7.76 38.50 15.36
N THR A 29 7.43 38.58 14.06
CA THR A 29 8.40 38.98 13.06
C THR A 29 7.68 39.76 11.97
N PHE A 30 8.23 40.92 11.59
CA PHE A 30 7.64 41.75 10.55
C PHE A 30 7.83 41.19 9.14
N GLY A 31 8.61 40.13 8.98
CA GLY A 31 8.74 39.52 7.67
C GLY A 31 7.50 38.77 7.23
N LEU A 32 6.72 38.27 8.19
CA LEU A 32 5.47 37.60 7.90
C LEU A 32 4.26 38.52 7.97
N TYR A 33 4.47 39.80 8.24
CA TYR A 33 3.40 40.78 8.38
C TYR A 33 3.69 41.99 7.49
N ALA A 34 2.79 42.97 7.54
CA ALA A 34 2.96 44.21 6.80
C ALA A 34 2.33 45.33 7.60
N VAL A 35 3.00 46.49 7.63
CA VAL A 35 2.58 47.62 8.45
C VAL A 35 2.13 48.74 7.53
N ASN A 36 0.88 49.17 7.66
CA ASN A 36 0.33 50.23 6.85
C ASN A 36 0.02 51.44 7.71
N TRP A 37 0.22 52.63 7.12
CA TRP A 37 -0.04 53.90 7.77
C TRP A 37 -1.13 54.59 6.95
N VAL A 38 -2.28 54.84 7.58
CA VAL A 38 -3.42 55.44 6.92
C VAL A 38 -4.10 56.40 7.88
N ARG A 39 -4.38 57.62 7.42
CA ARG A 39 -4.96 58.66 8.26
C ARG A 39 -6.46 58.80 7.98
N GLN A 40 -7.10 59.67 8.75
CA GLN A 40 -8.52 59.94 8.60
C GLN A 40 -8.80 61.37 9.06
N ALA A 41 -9.33 62.19 8.15
CA ALA A 41 -9.68 63.55 8.49
C ALA A 41 -10.95 63.57 9.35
N PRO A 42 -11.05 64.53 10.28
CA PRO A 42 -12.27 64.62 11.11
C PRO A 42 -13.50 65.05 10.30
N GLY A 43 -14.45 64.13 10.14
CA GLY A 43 -15.64 64.41 9.37
C GLY A 43 -15.56 64.03 7.91
N GLN A 44 -14.41 63.56 7.43
CA GLN A 44 -14.22 63.19 6.04
C GLN A 44 -13.85 61.71 5.96
N SER A 45 -13.52 61.25 4.75
CA SER A 45 -13.16 59.86 4.52
C SER A 45 -11.68 59.64 4.81
N LEU A 46 -11.26 58.38 4.72
CA LEU A 46 -9.88 58.01 4.99
C LEU A 46 -9.01 58.27 3.77
N GLU A 47 -7.70 58.29 4.00
CA GLU A 47 -6.73 58.52 2.93
C GLU A 47 -5.48 57.71 3.22
N TYR A 48 -5.15 56.80 2.30
CA TYR A 48 -3.99 55.93 2.47
C TYR A 48 -2.70 56.71 2.29
N ILE A 49 -1.77 56.56 3.23
CA ILE A 49 -0.52 57.30 3.19
C ILE A 49 0.61 56.39 2.71
N GLY A 50 0.91 55.32 3.46
CA GLY A 50 2.05 54.51 3.10
C GLY A 50 1.99 53.13 3.67
N GLN A 51 2.98 52.31 3.33
CA GLN A 51 3.08 50.94 3.84
C GLN A 51 4.50 50.41 3.76
N ILE A 52 4.81 49.40 4.58
CA ILE A 52 6.12 48.78 4.54
C ILE A 52 5.89 47.28 4.35
N TRP A 53 6.40 46.72 3.26
CA TRP A 53 6.21 45.29 3.01
C TRP A 53 7.50 44.55 2.71
N ARG A 54 7.76 43.48 3.43
CA ARG A 54 8.95 42.68 3.23
C ARG A 54 10.18 43.58 3.35
N TRP A 55 10.12 44.53 4.28
CA TRP A 55 11.23 45.45 4.49
C TRP A 55 11.40 46.43 3.33
N LYS A 56 10.35 46.62 2.54
CA LYS A 56 10.39 47.56 1.42
C LYS A 56 9.30 48.60 1.67
N SER A 57 9.70 49.76 2.19
CA SER A 57 8.76 50.83 2.51
C SER A 57 8.41 51.63 1.25
N SER A 58 7.15 52.03 1.16
CA SER A 58 6.68 52.83 0.04
C SER A 58 5.58 53.77 0.52
N ALA A 59 5.37 54.83 -0.25
CA ALA A 59 4.37 55.84 0.04
C ALA A 59 3.56 56.12 -1.21
N SER A 60 2.55 56.99 -1.07
CA SER A 60 1.69 57.34 -2.19
C SER A 60 2.35 58.41 -3.05
N HIS A 61 1.66 58.81 -4.12
CA HIS A 61 2.18 59.84 -5.01
C HIS A 61 2.09 61.23 -4.40
N HIS A 62 1.06 61.49 -3.59
CA HIS A 62 0.92 62.79 -2.94
C HIS A 62 1.90 62.97 -1.79
N PHE A 63 2.36 61.88 -1.18
CA PHE A 63 3.30 61.94 -0.06
C PHE A 63 4.69 61.45 -0.46
N ARG A 64 5.01 61.50 -1.75
CA ARG A 64 6.32 61.06 -2.19
C ARG A 64 7.35 62.11 -1.80
N GLY A 65 8.46 61.66 -1.22
CA GLY A 65 9.52 62.57 -0.82
C GLY A 65 9.19 63.48 0.34
N ARG A 66 8.14 63.17 1.10
CA ARG A 66 7.74 63.98 2.25
C ARG A 66 7.72 63.20 3.55
N VAL A 67 7.24 61.96 3.53
CA VAL A 67 7.15 61.15 4.73
C VAL A 67 8.23 60.07 4.67
N LEU A 68 8.46 59.43 5.82
CA LEU A 68 9.46 58.37 5.92
C LEU A 68 9.00 57.33 6.92
N ILE A 69 8.98 56.06 6.49
CA ILE A 69 8.53 54.96 7.32
C ILE A 69 9.73 54.07 7.64
N SER A 70 9.91 53.75 8.91
CA SER A 70 10.98 52.87 9.36
C SER A 70 10.41 51.80 10.28
N ALA A 71 11.13 50.69 10.41
CA ALA A 71 10.66 49.58 11.23
C ALA A 71 11.84 48.88 11.87
N VAL A 72 11.65 48.45 13.12
CA VAL A 72 12.65 47.70 13.87
C VAL A 72 11.97 46.45 14.42
N ASP A 73 12.58 45.29 14.15
CA ASP A 73 11.97 43.99 14.46
C ASP A 73 12.13 43.67 15.95
N LEU A 74 11.85 42.42 16.30
CA LEU A 74 11.81 42.01 17.70
C LEU A 74 13.21 41.87 18.28
N THR A 75 13.41 42.44 19.46
CA THR A 75 14.63 42.30 20.24
C THR A 75 14.30 41.68 21.58
N GLY A 76 15.31 41.56 22.44
CA GLY A 76 15.17 40.89 23.71
C GLY A 76 14.47 41.68 24.80
N SER A 77 14.15 42.95 24.58
CA SER A 77 13.54 43.75 25.63
C SER A 77 12.36 44.60 25.18
N SER A 78 12.06 44.69 23.88
CA SER A 78 11.03 45.59 23.40
C SER A 78 10.28 44.93 22.25
N PRO A 79 8.99 45.27 22.07
CA PRO A 79 8.25 44.81 20.89
C PRO A 79 8.74 45.49 19.63
N PRO A 80 8.37 44.89 18.43
CA PRO A 80 8.86 45.60 17.24
C PRO A 80 8.24 47.00 17.16
N ILE A 81 9.02 47.97 16.73
CA ILE A 81 8.52 49.34 16.64
C ILE A 81 8.54 49.91 15.22
N SER A 82 7.40 50.47 14.82
CA SER A 82 7.25 51.07 13.50
C SER A 82 7.14 52.58 13.71
N SER A 83 7.89 53.36 12.95
CA SER A 83 7.86 54.80 13.11
C SER A 83 7.57 55.49 11.78
N LEU A 84 6.84 56.59 11.85
CA LEU A 84 6.49 57.38 10.68
C LEU A 84 6.85 58.84 10.96
N GLU A 85 7.70 59.42 10.12
CA GLU A 85 8.15 60.79 10.25
C GLU A 85 7.56 61.62 9.12
N ILE A 86 6.97 62.75 9.47
CA ILE A 86 6.36 63.67 8.51
C ILE A 86 7.05 65.02 8.64
N LYS A 87 7.61 65.50 7.54
CA LYS A 87 8.28 66.79 7.49
C LYS A 87 7.46 67.78 6.67
N ASN A 88 7.78 69.07 6.87
CA ASN A 88 7.12 70.20 6.20
C ASN A 88 5.61 70.20 6.43
N LEU A 89 5.23 70.35 7.70
CA LEU A 89 3.83 70.34 8.08
C LEU A 89 3.14 71.63 7.66
N THR A 90 1.88 71.49 7.24
CA THR A 90 1.09 72.65 6.86
C THR A 90 -0.24 72.65 7.62
N SER A 91 -1.14 73.57 7.25
CA SER A 91 -2.43 73.68 7.93
C SER A 91 -3.41 72.58 7.55
N ASP A 92 -3.13 71.85 6.47
CA ASP A 92 -4.00 70.78 6.01
C ASP A 92 -3.50 69.40 6.39
N ASP A 93 -2.92 69.29 7.58
CA ASP A 93 -2.42 68.01 8.08
C ASP A 93 -3.06 67.58 9.38
N THR A 94 -4.16 68.21 9.78
CA THR A 94 -4.86 67.85 11.02
C THR A 94 -5.76 66.66 10.74
N ALA A 95 -5.36 65.49 11.23
CA ALA A 95 -6.11 64.26 11.02
C ALA A 95 -5.80 63.30 12.15
N VAL A 96 -6.43 62.12 12.10
CA VAL A 96 -6.20 61.06 13.07
C VAL A 96 -5.46 59.94 12.36
N TYR A 97 -4.19 59.75 12.72
CA TYR A 97 -3.33 58.79 12.04
C TYR A 97 -3.54 57.40 12.62
N PHE A 98 -3.44 56.39 11.76
CA PHE A 98 -3.71 54.99 12.12
C PHE A 98 -2.60 54.09 11.60
N CYS A 99 -2.17 53.18 12.47
CA CYS A 99 -1.15 52.20 12.18
C CYS A 99 -1.82 50.82 12.22
N THR A 100 -1.86 50.15 11.08
CA THR A 100 -2.50 48.85 10.98
C THR A 100 -1.48 47.77 10.61
N THR A 101 -1.76 46.54 11.05
CA THR A 101 -0.96 45.38 10.70
C THR A 101 -1.80 44.39 9.90
N THR A 102 -1.20 43.77 8.91
CA THR A 102 -1.87 42.79 8.07
C THR A 102 -0.99 41.56 7.90
N SER A 103 -1.54 40.39 8.16
CA SER A 103 -0.79 39.15 8.05
C SER A 103 -0.67 38.74 6.59
N THR A 104 0.56 38.49 6.14
CA THR A 104 0.87 38.07 4.78
C THR A 104 1.59 36.74 4.79
N TYR A 105 1.08 35.78 5.56
CA TYR A 105 1.72 34.47 5.67
C TYR A 105 1.25 33.51 4.59
N ASP A 106 -0.05 33.44 4.35
CA ASP A 106 -0.60 32.53 3.35
C ASP A 106 -0.74 33.24 2.01
N ARG A 107 -0.37 32.53 0.94
CA ARG A 107 -0.47 33.10 -0.39
C ARG A 107 -1.91 33.14 -0.88
N TRP A 108 -2.71 32.12 -0.53
CA TRP A 108 -4.11 32.05 -0.91
C TRP A 108 -5.05 32.49 0.20
N SER A 109 -4.64 33.47 1.00
CA SER A 109 -5.48 33.96 2.09
C SER A 109 -6.61 34.83 1.57
N GLY A 110 -6.33 35.69 0.59
CA GLY A 110 -7.32 36.57 0.04
C GLY A 110 -7.31 37.98 0.61
N LEU A 111 -6.52 38.23 1.64
CA LEU A 111 -6.43 39.55 2.25
C LEU A 111 -5.44 40.48 1.56
N HIS A 112 -4.67 39.98 0.60
CA HIS A 112 -3.67 40.78 -0.09
C HIS A 112 -3.70 40.48 -1.57
N HIS A 113 -3.42 41.50 -2.38
CA HIS A 113 -3.39 41.39 -3.84
C HIS A 113 -2.20 42.19 -4.35
N ASP A 114 -1.04 41.50 -4.47
CA ASP A 114 0.20 42.04 -5.03
C ASP A 114 0.68 43.30 -4.29
N GLY A 115 0.63 43.25 -2.95
CA GLY A 115 1.07 44.37 -2.15
C GLY A 115 -0.08 45.23 -1.66
N VAL A 116 -1.05 45.48 -2.53
CA VAL A 116 -2.25 46.24 -2.15
C VAL A 116 -3.15 45.30 -1.34
N MET A 117 -3.28 45.58 -0.05
CA MET A 117 -3.97 44.68 0.86
C MET A 117 -4.99 45.46 1.69
N ALA A 118 -5.76 44.71 2.48
CA ALA A 118 -6.74 45.28 3.38
C ALA A 118 -6.11 45.50 4.76
N PHE A 119 -6.92 45.84 5.76
CA PHE A 119 -6.46 46.08 7.11
C PHE A 119 -7.28 45.25 8.07
N SER A 120 -6.62 44.41 8.87
CA SER A 120 -7.28 43.52 9.81
C SER A 120 -7.38 44.13 11.20
N SER A 121 -6.24 44.47 11.80
CA SER A 121 -6.19 45.03 13.15
C SER A 121 -5.82 46.51 13.08
N TRP A 122 -6.49 47.32 13.89
CA TRP A 122 -6.30 48.75 13.92
C TRP A 122 -5.70 49.18 15.26
N GLY A 123 -5.36 50.46 15.34
CA GLY A 123 -4.76 51.00 16.56
C GLY A 123 -5.68 51.92 17.33
N GLN A 124 -5.09 52.87 18.06
CA GLN A 124 -5.87 53.81 18.86
C GLN A 124 -6.16 55.10 18.09
N GLY A 125 -5.12 55.78 17.63
CA GLY A 125 -5.30 57.03 16.89
C GLY A 125 -4.48 58.13 17.52
N THR A 126 -3.64 58.76 16.68
CA THR A 126 -2.75 59.84 17.10
C THR A 126 -3.33 61.16 16.60
N LEU A 127 -3.60 62.07 17.53
CA LEU A 127 -4.17 63.37 17.19
C LEU A 127 -3.05 64.40 17.11
N ILE A 128 -2.82 64.93 15.91
CA ILE A 128 -1.78 65.92 15.67
C ILE A 128 -2.47 67.23 15.28
N SER A 129 -2.21 68.27 16.06
CA SER A 129 -2.84 69.58 15.86
C SER A 129 -1.76 70.60 15.52
N VAL A 130 -1.94 71.31 14.40
CA VAL A 130 -1.06 72.40 14.01
C VAL A 130 -1.79 73.72 14.26
N SER A 131 -1.02 74.74 14.63
CA SER A 131 -1.56 76.05 14.96
C SER A 131 -0.44 77.07 14.91
N ALA A 132 -0.81 78.32 14.63
CA ALA A 132 0.13 79.43 14.63
C ALA A 132 0.17 80.18 15.95
N ASP B 1 -6.72 54.21 -10.35
CA ASP B 1 -7.45 55.32 -9.76
C ASP B 1 -8.96 55.11 -9.84
N ILE B 2 -9.50 54.31 -8.94
CA ILE B 2 -10.91 53.98 -8.90
C ILE B 2 -11.59 54.83 -7.84
N GLN B 3 -12.70 55.48 -8.21
CA GLN B 3 -13.46 56.34 -7.30
C GLN B 3 -14.72 55.60 -6.90
N MET B 4 -14.84 55.26 -5.62
CA MET B 4 -15.98 54.51 -5.12
C MET B 4 -17.11 55.46 -4.72
N THR B 5 -18.34 55.01 -4.96
CA THR B 5 -19.53 55.77 -4.61
C THR B 5 -20.45 54.89 -3.78
N GLN B 6 -20.78 55.35 -2.58
CA GLN B 6 -21.62 54.61 -1.64
C GLN B 6 -23.02 55.18 -1.63
N SER B 7 -24.02 54.30 -1.50
CA SER B 7 -25.41 54.72 -1.50
C SER B 7 -26.19 53.92 -0.45
N PRO B 8 -27.07 54.57 0.33
CA PRO B 8 -27.33 56.01 0.35
C PRO B 8 -26.39 56.77 1.29
N SER B 9 -26.53 58.09 1.35
CA SER B 9 -25.68 58.88 2.23
C SER B 9 -26.13 58.79 3.68
N THR B 10 -27.43 58.76 3.93
CA THR B 10 -27.96 58.70 5.29
C THR B 10 -29.29 57.94 5.26
N LEU B 11 -29.37 56.86 6.02
CA LEU B 11 -30.58 56.07 6.14
C LEU B 11 -31.00 56.00 7.61
N SER B 12 -32.19 55.45 7.84
CA SER B 12 -32.73 55.32 9.18
C SER B 12 -33.60 54.08 9.26
N ALA B 13 -33.44 53.32 10.34
CA ALA B 13 -34.20 52.09 10.53
C ALA B 13 -34.37 51.87 12.03
N SER B 14 -34.92 50.71 12.40
CA SER B 14 -35.14 50.37 13.80
C SER B 14 -34.57 48.99 14.12
N THR B 15 -34.89 48.48 15.30
CA THR B 15 -34.37 47.18 15.75
C THR B 15 -35.22 46.08 15.14
N GLY B 16 -34.69 45.42 14.12
CA GLY B 16 -35.37 44.28 13.53
C GLY B 16 -35.53 44.33 12.03
N ASP B 17 -35.22 45.47 11.41
CA ASP B 17 -35.39 45.63 9.97
C ASP B 17 -34.16 45.12 9.22
N THR B 18 -34.23 45.17 7.90
CA THR B 18 -33.16 44.71 7.02
C THR B 18 -32.76 45.87 6.11
N VAL B 19 -31.49 46.27 6.18
CA VAL B 19 -30.99 47.38 5.38
C VAL B 19 -30.00 46.85 4.35
N ARG B 20 -29.74 47.68 3.34
CA ARG B 20 -28.83 47.31 2.25
C ARG B 20 -28.10 48.55 1.77
N ILE B 21 -26.77 48.46 1.71
CA ILE B 21 -25.91 49.57 1.28
C ILE B 21 -25.21 49.15 0.00
N SER B 22 -25.29 49.99 -1.03
CA SER B 22 -24.75 49.70 -2.35
C SER B 22 -23.45 50.45 -2.59
N CYS B 23 -22.58 49.86 -3.41
CA CYS B 23 -21.27 50.38 -3.71
C CYS B 23 -21.04 50.28 -5.21
N ARG B 24 -20.69 51.39 -5.85
CA ARG B 24 -20.43 51.44 -7.28
C ARG B 24 -19.04 51.97 -7.53
N ALA B 25 -18.24 51.21 -8.29
CA ALA B 25 -16.88 51.61 -8.62
C ALA B 25 -16.86 52.37 -9.95
N SER B 26 -15.66 52.75 -10.37
CA SER B 26 -15.48 53.43 -11.66
C SER B 26 -15.33 52.43 -12.80
N GLN B 27 -14.39 51.50 -12.66
CA GLN B 27 -14.16 50.45 -13.65
C GLN B 27 -14.78 49.14 -13.18
N SER B 28 -14.60 48.09 -13.98
CA SER B 28 -15.13 46.77 -13.67
C SER B 28 -14.08 45.96 -12.94
N ILE B 29 -14.41 45.52 -11.73
CA ILE B 29 -13.53 44.70 -10.91
C ILE B 29 -14.02 43.26 -11.04
N THR B 30 -13.32 42.46 -11.84
CA THR B 30 -13.70 41.07 -12.10
C THR B 30 -12.99 40.09 -11.17
N GLY B 31 -12.50 40.56 -10.03
CA GLY B 31 -11.83 39.67 -9.09
C GLY B 31 -12.38 39.77 -7.69
N ASN B 32 -13.37 40.67 -7.50
CA ASN B 32 -14.05 40.92 -6.24
C ASN B 32 -13.06 41.34 -5.13
N TRP B 33 -12.22 42.31 -5.45
CA TRP B 33 -11.25 42.84 -4.49
C TRP B 33 -11.82 44.06 -3.77
N VAL B 34 -12.92 43.83 -3.06
CA VAL B 34 -13.63 44.87 -2.33
C VAL B 34 -13.74 44.45 -0.87
N ALA B 35 -13.86 45.43 0.02
CA ALA B 35 -13.95 45.19 1.45
C ALA B 35 -14.93 46.16 2.07
N TRP B 36 -15.67 45.67 3.07
CA TRP B 36 -16.64 46.45 3.82
C TRP B 36 -16.16 46.60 5.25
N TYR B 37 -15.98 47.86 5.67
CA TYR B 37 -15.54 48.22 7.01
C TYR B 37 -16.66 48.94 7.76
N GLN B 38 -16.60 48.88 9.08
CA GLN B 38 -17.50 49.66 9.94
C GLN B 38 -16.68 50.43 10.95
N GLN B 39 -17.28 51.50 11.47
CA GLN B 39 -16.61 52.35 12.45
C GLN B 39 -17.66 53.04 13.31
N ARG B 40 -17.48 52.94 14.64
CA ARG B 40 -18.29 53.60 15.65
C ARG B 40 -17.74 54.99 15.95
N PRO B 41 -18.61 55.96 16.27
CA PRO B 41 -18.11 57.31 16.57
C PRO B 41 -17.37 57.38 17.90
N GLY B 42 -16.05 57.56 17.83
CA GLY B 42 -15.23 57.63 19.02
C GLY B 42 -14.22 56.51 19.13
N LYS B 43 -14.63 55.30 18.70
CA LYS B 43 -13.77 54.13 18.79
C LYS B 43 -12.99 53.96 17.49
N ALA B 44 -12.31 52.80 17.35
CA ALA B 44 -11.49 52.39 16.22
C ALA B 44 -12.35 51.69 15.16
N PRO B 45 -11.98 51.77 13.88
CA PRO B 45 -12.71 51.02 12.86
C PRO B 45 -12.48 49.52 12.97
N ARG B 46 -13.39 48.77 12.37
CA ARG B 46 -13.39 47.32 12.46
C ARG B 46 -13.68 46.72 11.09
N LEU B 47 -12.84 45.78 10.67
CA LEU B 47 -13.03 45.10 9.40
C LEU B 47 -14.19 44.11 9.51
N LEU B 48 -15.19 44.27 8.64
CA LEU B 48 -16.36 43.39 8.66
C LEU B 48 -16.27 42.30 7.59
N ILE B 49 -16.13 42.69 6.32
CA ILE B 49 -16.18 41.73 5.22
C ILE B 49 -14.96 41.94 4.32
N TYR B 50 -14.19 40.87 4.12
CA TYR B 50 -13.10 40.84 3.16
C TYR B 50 -13.45 39.86 2.04
N ARG B 51 -12.83 40.09 0.87
CA ARG B 51 -13.01 39.28 -0.35
C ARG B 51 -14.47 39.20 -0.76
N GLY B 52 -15.07 40.37 -0.98
CA GLY B 52 -16.40 40.46 -1.56
C GLY B 52 -17.54 40.05 -0.63
N ALA B 53 -17.63 38.75 -0.34
CA ALA B 53 -18.72 38.22 0.47
C ALA B 53 -18.27 37.14 1.43
N ALA B 54 -17.02 37.21 1.90
CA ALA B 54 -16.49 36.26 2.85
C ALA B 54 -16.44 36.88 4.24
N LEU B 55 -16.81 36.11 5.25
CA LEU B 55 -16.94 36.61 6.61
C LEU B 55 -15.64 36.39 7.38
N LEU B 56 -15.30 37.37 8.22
CA LEU B 56 -14.12 37.28 9.07
C LEU B 56 -14.45 36.52 10.36
N GLY B 57 -13.39 36.05 11.02
CA GLY B 57 -13.54 35.37 12.30
C GLY B 57 -13.96 36.31 13.41
N GLY B 58 -15.18 36.12 13.92
CA GLY B 58 -15.75 37.00 14.93
C GLY B 58 -16.94 37.80 14.45
N VAL B 59 -17.19 37.82 13.15
CA VAL B 59 -18.35 38.53 12.60
C VAL B 59 -19.57 37.61 12.68
N PRO B 60 -20.70 38.08 13.20
CA PRO B 60 -21.91 37.24 13.25
C PRO B 60 -22.46 36.96 11.86
N SER B 61 -23.34 35.96 11.82
CA SER B 61 -23.88 35.44 10.56
C SER B 61 -25.13 36.19 10.09
N ARG B 62 -25.33 37.43 10.54
CA ARG B 62 -26.45 38.24 10.10
C ARG B 62 -26.09 39.22 8.99
N PHE B 63 -24.81 39.35 8.68
CA PHE B 63 -24.35 40.19 7.57
C PHE B 63 -24.22 39.32 6.31
N ARG B 64 -24.40 39.96 5.16
CA ARG B 64 -24.22 39.25 3.90
C ARG B 64 -23.71 40.23 2.84
N GLY B 65 -22.99 39.68 1.86
CA GLY B 65 -22.45 40.48 0.79
C GLY B 65 -22.76 39.87 -0.56
N SER B 66 -22.73 40.73 -1.58
CA SER B 66 -22.96 40.29 -2.95
C SER B 66 -22.15 41.18 -3.89
N ALA B 67 -21.61 40.58 -4.95
CA ALA B 67 -20.82 41.31 -5.94
C ALA B 67 -21.31 40.94 -7.33
N ALA B 68 -21.59 41.95 -8.14
CA ALA B 68 -22.07 41.72 -9.50
C ALA B 68 -21.64 42.92 -10.35
N GLY B 69 -20.67 42.70 -11.23
CA GLY B 69 -20.18 43.72 -12.13
C GLY B 69 -19.55 44.90 -11.43
N THR B 70 -20.24 46.04 -11.44
CA THR B 70 -19.82 47.24 -10.72
C THR B 70 -20.81 47.56 -9.61
N ASP B 71 -21.33 46.52 -8.95
CA ASP B 71 -22.28 46.68 -7.86
C ASP B 71 -21.91 45.74 -6.72
N PHE B 72 -21.56 46.32 -5.57
CA PHE B 72 -21.24 45.57 -4.37
C PHE B 72 -22.26 45.93 -3.29
N THR B 73 -23.09 44.98 -2.92
CA THR B 73 -24.16 45.21 -1.95
C THR B 73 -23.84 44.54 -0.63
N LEU B 74 -24.10 45.25 0.46
CA LEU B 74 -23.97 44.73 1.82
C LEU B 74 -25.33 44.77 2.47
N THR B 75 -25.86 43.60 2.84
CA THR B 75 -27.18 43.48 3.44
C THR B 75 -27.03 43.11 4.91
N ILE B 76 -27.72 43.87 5.77
CA ILE B 76 -27.70 43.66 7.22
C ILE B 76 -29.12 43.31 7.64
N GLY B 77 -29.32 42.08 8.12
CA GLY B 77 -30.59 41.66 8.64
C GLY B 77 -30.54 41.50 10.15
N ASN B 78 -31.70 41.62 10.80
CA ASN B 78 -31.85 41.59 12.26
C ASN B 78 -30.97 42.64 12.93
N LEU B 79 -31.28 43.90 12.63
CA LEU B 79 -30.48 45.02 13.13
C LEU B 79 -30.68 45.21 14.63
N GLN B 80 -29.59 45.53 15.32
CA GLN B 80 -29.58 45.77 16.76
C GLN B 80 -29.19 47.22 17.04
N ALA B 81 -29.07 47.55 18.32
CA ALA B 81 -28.72 48.90 18.73
C ALA B 81 -27.21 49.15 18.68
N GLU B 82 -26.40 48.10 18.64
CA GLU B 82 -24.95 48.25 18.61
C GLU B 82 -24.38 48.29 17.20
N ASP B 83 -25.23 48.23 16.17
CA ASP B 83 -24.79 48.24 14.78
C ASP B 83 -24.85 49.62 14.15
N PHE B 84 -25.30 50.64 14.87
CA PHE B 84 -25.40 51.98 14.33
C PHE B 84 -24.01 52.62 14.29
N GLY B 85 -23.59 53.05 13.12
CA GLY B 85 -22.29 53.68 12.95
C GLY B 85 -22.07 54.23 11.56
N THR B 86 -20.87 54.03 11.02
CA THR B 86 -20.54 54.48 9.67
C THR B 86 -19.85 53.35 8.93
N PHE B 87 -20.38 53.02 7.75
CA PHE B 87 -19.87 51.92 6.95
C PHE B 87 -19.08 52.47 5.76
N TYR B 88 -18.07 51.71 5.34
CA TYR B 88 -17.16 52.16 4.29
C TYR B 88 -16.88 51.03 3.31
N CYS B 89 -16.74 51.40 2.05
CA CYS B 89 -16.44 50.51 0.93
C CYS B 89 -15.05 50.84 0.42
N GLN B 90 -14.16 49.84 0.38
CA GLN B 90 -12.78 50.08 -0.04
C GLN B 90 -12.34 49.01 -1.03
N GLN B 91 -11.79 49.45 -2.16
CA GLN B 91 -11.22 48.54 -3.14
C GLN B 91 -9.71 48.42 -2.95
N TYR B 92 -9.17 47.26 -3.29
CA TYR B 92 -7.73 47.03 -3.25
C TYR B 92 -7.29 46.26 -4.47
N ASP B 93 -7.93 46.51 -5.61
CA ASP B 93 -7.55 45.83 -6.85
C ASP B 93 -6.33 46.48 -7.49
N THR B 94 -6.25 47.80 -7.48
CA THR B 94 -5.14 48.54 -8.05
C THR B 94 -4.51 49.43 -6.99
N TYR B 95 -3.33 49.95 -7.32
CA TYR B 95 -2.58 50.81 -6.41
C TYR B 95 -2.85 52.26 -6.73
N PRO B 96 -3.18 53.11 -5.74
CA PRO B 96 -3.34 52.76 -4.32
C PRO B 96 -4.78 52.42 -3.95
N GLY B 97 -5.02 52.12 -2.68
CA GLY B 97 -6.37 51.84 -2.22
C GLY B 97 -7.16 53.12 -2.00
N THR B 98 -8.45 53.05 -2.33
CA THR B 98 -9.34 54.19 -2.23
C THR B 98 -10.59 53.79 -1.46
N PHE B 99 -10.90 54.52 -0.39
CA PHE B 99 -12.08 54.27 0.42
C PHE B 99 -13.31 54.88 -0.23
N GLY B 100 -14.47 54.63 0.37
CA GLY B 100 -15.73 55.16 -0.14
C GLY B 100 -16.03 56.56 0.34
N GLN B 101 -17.28 56.80 0.73
CA GLN B 101 -17.71 58.10 1.21
C GLN B 101 -18.32 58.08 2.61
N GLY B 102 -18.94 56.98 3.00
CA GLY B 102 -19.53 56.87 4.31
C GLY B 102 -21.05 56.80 4.25
N THR B 103 -21.64 56.19 5.28
CA THR B 103 -23.09 56.06 5.36
C THR B 103 -23.49 56.15 6.83
N LYS B 104 -24.20 57.21 7.19
CA LYS B 104 -24.63 57.44 8.57
C LYS B 104 -25.92 56.67 8.82
N VAL B 105 -25.85 55.63 9.65
CA VAL B 105 -27.00 54.82 10.01
C VAL B 105 -27.41 55.21 11.43
N GLU B 106 -28.57 55.83 11.56
CA GLU B 106 -29.09 56.28 12.84
C GLU B 106 -30.46 55.66 13.10
N VAL B 107 -30.96 55.88 14.31
CA VAL B 107 -32.26 55.35 14.70
C VAL B 107 -33.36 56.27 14.20
N LYS B 108 -34.55 55.71 14.00
CA LYS B 108 -35.71 56.46 13.52
C LYS B 108 -36.81 56.38 14.58
N LEU C 9 -30.96 16.15 -13.38
CA LEU C 9 -31.54 15.04 -12.64
C LEU C 9 -30.69 14.60 -11.46
N GLY C 10 -29.41 14.32 -11.69
CA GLY C 10 -28.50 13.89 -10.65
C GLY C 10 -27.95 12.51 -10.92
N PHE C 11 -27.35 11.93 -9.89
CA PHE C 11 -26.78 10.59 -10.00
C PHE C 11 -27.90 9.55 -10.04
N LEU C 12 -27.91 8.74 -11.11
CA LEU C 12 -28.93 7.73 -11.37
C LEU C 12 -30.34 8.32 -11.40
N GLY C 13 -30.47 9.52 -11.98
CA GLY C 13 -31.76 10.18 -12.02
C GLY C 13 -32.64 9.72 -13.16
N ALA C 14 -32.05 9.24 -14.24
CA ALA C 14 -32.78 8.76 -15.41
C ALA C 14 -32.91 7.25 -15.43
N ALA C 15 -33.02 6.63 -14.26
CA ALA C 15 -33.13 5.17 -14.18
C ALA C 15 -34.50 4.66 -14.59
N GLY C 16 -35.54 5.49 -14.51
CA GLY C 16 -36.88 5.12 -14.89
C GLY C 16 -37.32 5.58 -16.26
N SER C 17 -36.50 6.37 -16.96
CA SER C 17 -36.85 6.85 -18.28
C SER C 17 -36.54 5.79 -19.33
N THR C 18 -36.81 6.11 -20.59
CA THR C 18 -36.57 5.19 -21.69
C THR C 18 -35.09 5.19 -22.06
N MET C 19 -34.74 4.36 -23.05
CA MET C 19 -33.35 4.27 -23.50
C MET C 19 -32.93 5.48 -24.32
N GLY C 20 -33.87 6.20 -24.91
CA GLY C 20 -33.54 7.37 -25.69
C GLY C 20 -33.46 8.63 -24.85
N ALA C 21 -34.16 8.63 -23.71
CA ALA C 21 -34.16 9.77 -22.80
C ALA C 21 -33.08 9.69 -21.74
N ALA C 22 -32.42 8.54 -21.59
CA ALA C 22 -31.36 8.37 -20.61
C ALA C 22 -29.97 8.32 -21.23
N SER C 23 -29.86 8.43 -22.54
CA SER C 23 -28.57 8.41 -23.23
C SER C 23 -27.95 9.79 -23.38
N MET C 24 -28.52 10.81 -22.72
CA MET C 24 -27.98 12.16 -22.78
C MET C 24 -27.31 12.61 -21.49
N THR C 25 -27.56 11.94 -20.37
CA THR C 25 -26.96 12.26 -19.08
C THR C 25 -25.95 11.20 -18.67
N LEU C 26 -25.19 10.69 -19.63
CA LEU C 26 -24.21 9.64 -19.34
C LEU C 26 -22.98 10.16 -18.62
N THR C 27 -22.72 11.46 -18.67
CA THR C 27 -21.55 12.03 -18.01
C THR C 27 -21.73 12.17 -16.51
N VAL C 28 -22.95 12.03 -16.00
CA VAL C 28 -23.18 12.14 -14.56
C VAL C 28 -22.72 10.88 -13.85
N GLN C 29 -23.05 9.71 -14.40
CA GLN C 29 -22.64 8.45 -13.82
C GLN C 29 -21.21 8.06 -14.18
N ALA C 30 -20.61 8.70 -15.17
CA ALA C 30 -19.25 8.37 -15.59
C ALA C 30 -18.19 9.06 -14.74
N ARG C 31 -18.57 10.04 -13.92
CA ARG C 31 -17.61 10.76 -13.08
C ARG C 31 -17.66 10.34 -11.63
N ASN C 32 -18.59 9.48 -11.25
CA ASN C 32 -18.73 9.01 -9.87
C ASN C 32 -18.38 7.52 -9.76
N LEU C 33 -17.37 7.08 -10.51
CA LEU C 33 -16.93 5.70 -10.48
C LEU C 33 -15.52 5.53 -9.94
N LEU C 34 -14.87 6.61 -9.52
CA LEU C 34 -13.51 6.54 -8.99
C LEU C 34 -13.40 7.13 -7.59
N SER C 35 -14.10 8.21 -7.30
CA SER C 35 -14.04 8.84 -5.99
C SER C 35 -15.39 9.46 -5.62
N LYS C 56 -1.57 2.86 11.16
CA LYS C 56 -1.78 2.36 12.51
C LYS C 56 -2.41 0.99 12.50
N LEU C 57 -3.01 0.65 11.34
CA LEU C 57 -3.63 -0.65 11.05
C LEU C 57 -4.73 -0.99 12.06
N THR C 58 -5.74 -0.12 12.10
CA THR C 58 -6.87 -0.28 12.99
C THR C 58 -7.96 -1.03 12.21
N VAL C 59 -9.18 -1.12 12.75
CA VAL C 59 -10.25 -1.82 12.05
C VAL C 59 -10.77 -0.98 10.89
N TRP C 60 -10.82 0.34 11.07
CA TRP C 60 -11.33 1.25 10.06
C TRP C 60 -10.27 1.69 9.05
N GLY C 61 -9.06 1.13 9.12
CA GLY C 61 -8.01 1.45 8.17
C GLY C 61 -7.89 0.42 7.06
N ILE C 62 -7.92 -0.86 7.44
CA ILE C 62 -7.81 -1.94 6.45
C ILE C 62 -9.07 -2.00 5.59
N LYS C 63 -10.22 -1.65 6.14
CA LYS C 63 -11.45 -1.60 5.34
C LYS C 63 -11.40 -0.48 4.30
N GLN C 64 -10.88 0.69 4.69
CA GLN C 64 -10.73 1.80 3.75
C GLN C 64 -9.69 1.47 2.68
N LEU C 65 -8.61 0.78 3.07
CA LEU C 65 -7.59 0.39 2.10
C LEU C 65 -8.12 -0.63 1.11
N GLN C 66 -8.88 -1.62 1.60
CA GLN C 66 -9.49 -2.61 0.70
C GLN C 66 -10.56 -1.98 -0.19
N ALA C 67 -11.28 -0.97 0.33
CA ALA C 67 -12.26 -0.27 -0.48
C ALA C 67 -11.60 0.53 -1.59
N ARG C 68 -10.48 1.20 -1.30
CA ARG C 68 -9.76 1.94 -2.31
C ARG C 68 -9.15 1.00 -3.36
N VAL C 69 -8.62 -0.15 -2.92
CA VAL C 69 -8.07 -1.13 -3.85
C VAL C 69 -9.17 -1.71 -4.74
N LEU C 70 -10.34 -1.99 -4.18
CA LEU C 70 -11.45 -2.51 -4.95
C LEU C 70 -11.99 -1.49 -5.94
N ALA C 71 -12.01 -0.21 -5.54
CA ALA C 71 -12.45 0.84 -6.46
C ALA C 71 -11.46 1.04 -7.62
N VAL C 72 -10.16 1.00 -7.32
CA VAL C 72 -9.15 1.13 -8.37
C VAL C 72 -9.21 -0.06 -9.33
N GLU C 73 -9.42 -1.27 -8.79
CA GLU C 73 -9.50 -2.46 -9.63
C GLU C 73 -10.78 -2.46 -10.47
N ARG C 74 -11.90 -1.98 -9.91
CA ARG C 74 -13.14 -1.92 -10.67
C ARG C 74 -13.10 -0.83 -11.73
N TYR C 75 -12.34 0.23 -11.50
CA TYR C 75 -12.14 1.23 -12.55
C TYR C 75 -11.23 0.70 -13.65
N LEU C 76 -10.17 -0.02 -13.28
CA LEU C 76 -9.21 -0.50 -14.27
C LEU C 76 -9.78 -1.63 -15.12
N ARG C 77 -10.62 -2.49 -14.52
CA ARG C 77 -11.19 -3.61 -15.27
C ARG C 77 -12.25 -3.15 -16.27
N ASP C 78 -12.78 -1.94 -16.12
CA ASP C 78 -13.65 -1.35 -17.14
C ASP C 78 -12.88 -0.50 -18.13
N GLN C 79 -11.82 0.19 -17.67
CA GLN C 79 -11.01 0.99 -18.60
C GLN C 79 -10.24 0.10 -19.57
N GLN C 80 -9.83 -1.09 -19.14
CA GLN C 80 -9.15 -2.01 -20.05
C GLN C 80 -10.09 -2.52 -21.14
N LEU C 81 -11.33 -2.87 -20.75
CA LEU C 81 -12.32 -3.30 -21.74
C LEU C 81 -12.75 -2.17 -22.66
N LEU C 82 -12.71 -0.92 -22.16
CA LEU C 82 -12.97 0.21 -23.05
C LEU C 82 -11.78 0.47 -23.99
N GLY C 83 -10.56 0.17 -23.54
CA GLY C 83 -9.39 0.40 -24.37
C GLY C 83 -9.08 -0.69 -25.37
N ILE C 84 -9.60 -1.90 -25.15
CA ILE C 84 -9.40 -2.97 -26.13
C ILE C 84 -10.20 -2.71 -27.40
N TRP C 85 -11.47 -2.34 -27.25
CA TRP C 85 -12.33 -2.12 -28.41
C TRP C 85 -12.00 -0.84 -29.16
N GLY C 86 -11.27 0.10 -28.53
CA GLY C 86 -10.90 1.33 -29.20
C GLY C 86 -11.82 2.48 -28.90
N CYS C 87 -12.22 2.61 -27.63
CA CYS C 87 -13.10 3.68 -27.17
C CYS C 87 -12.46 4.40 -25.98
N SER C 88 -11.18 4.75 -26.11
CA SER C 88 -10.45 5.43 -25.05
C SER C 88 -10.87 6.89 -25.04
N GLY C 89 -11.76 7.25 -24.12
CA GLY C 89 -12.22 8.61 -23.98
C GLY C 89 -13.52 8.94 -24.67
N LYS C 90 -14.26 7.95 -25.15
CA LYS C 90 -15.52 8.16 -25.84
C LYS C 90 -16.60 7.29 -25.21
N LEU C 91 -17.81 7.83 -25.12
CA LEU C 91 -18.94 7.14 -24.51
C LEU C 91 -19.98 6.66 -25.51
N ILE C 92 -20.13 7.35 -26.64
CA ILE C 92 -21.11 6.97 -27.66
C ILE C 92 -20.30 6.59 -28.90
N CYS C 93 -19.16 5.94 -28.66
CA CYS C 93 -18.28 5.51 -29.75
C CYS C 93 -18.94 4.46 -30.62
N CYS C 94 -18.66 4.52 -31.91
CA CYS C 94 -19.28 3.67 -32.91
C CYS C 94 -18.37 2.52 -33.29
N THR C 95 -18.98 1.38 -33.62
CA THR C 95 -18.27 0.18 -34.03
C THR C 95 -18.55 -0.11 -35.50
N ASN C 96 -18.03 -1.25 -35.97
CA ASN C 96 -18.16 -1.64 -37.36
C ASN C 96 -18.85 -2.99 -37.55
N VAL C 97 -19.20 -3.68 -36.47
CA VAL C 97 -19.82 -5.00 -36.56
C VAL C 97 -21.31 -4.85 -36.89
N PRO C 98 -21.88 -5.74 -37.69
CA PRO C 98 -23.32 -5.66 -37.96
C PRO C 98 -24.14 -6.31 -36.86
N TRP C 99 -25.38 -5.85 -36.74
CA TRP C 99 -26.31 -6.38 -35.76
C TRP C 99 -27.07 -7.56 -36.36
N ASN C 100 -26.93 -8.72 -35.73
CA ASN C 100 -27.63 -9.92 -36.20
C ASN C 100 -29.10 -9.85 -35.85
N SER C 101 -29.94 -10.40 -36.74
CA SER C 101 -31.38 -10.40 -36.53
C SER C 101 -31.83 -11.44 -35.51
N SER C 102 -30.98 -12.41 -35.18
CA SER C 102 -31.33 -13.43 -34.19
C SER C 102 -31.19 -12.94 -32.76
N TRP C 103 -30.55 -11.78 -32.54
CA TRP C 103 -30.40 -11.27 -31.18
C TRP C 103 -31.65 -10.51 -30.74
N SER C 104 -32.12 -9.58 -31.55
CA SER C 104 -33.33 -8.81 -31.26
C SER C 104 -33.96 -8.38 -32.56
N ASN C 105 -35.21 -8.76 -32.78
CA ASN C 105 -35.93 -8.42 -34.01
C ASN C 105 -36.82 -7.20 -33.84
N ARG C 106 -36.53 -6.36 -32.85
CA ARG C 106 -37.31 -5.15 -32.63
C ARG C 106 -36.77 -4.00 -33.46
N ASN C 107 -37.63 -3.04 -33.76
CA ASN C 107 -37.26 -1.87 -34.54
C ASN C 107 -36.70 -0.78 -33.62
N LEU C 108 -36.49 0.41 -34.17
CA LEU C 108 -35.96 1.53 -33.38
C LEU C 108 -37.01 2.21 -32.53
N SER C 109 -38.30 1.90 -32.73
CA SER C 109 -39.36 2.54 -31.97
C SER C 109 -39.71 1.79 -30.69
N GLU C 110 -39.56 0.47 -30.68
CA GLU C 110 -39.87 -0.34 -29.52
C GLU C 110 -38.67 -0.57 -28.60
N ILE C 111 -37.56 0.12 -28.84
CA ILE C 111 -36.36 0.00 -28.03
C ILE C 111 -36.01 1.32 -27.36
N TRP C 112 -35.88 2.39 -28.14
CA TRP C 112 -35.49 3.70 -27.61
C TRP C 112 -36.65 4.47 -27.01
N ASP C 113 -37.89 3.97 -27.13
CA ASP C 113 -39.06 4.67 -26.62
C ASP C 113 -39.93 3.84 -25.70
N ASN C 114 -39.77 2.52 -25.66
CA ASN C 114 -40.59 1.66 -24.82
C ASN C 114 -39.79 0.96 -23.73
N MET C 115 -38.70 0.30 -24.09
CA MET C 115 -37.90 -0.44 -23.12
C MET C 115 -36.94 0.49 -22.39
N THR C 116 -36.53 0.07 -21.20
CA THR C 116 -35.57 0.79 -20.37
C THR C 116 -34.25 0.05 -20.36
N TRP C 117 -33.30 0.59 -19.58
CA TRP C 117 -31.98 -0.04 -19.49
C TRP C 117 -31.95 -1.24 -18.56
N LEU C 118 -32.91 -1.33 -17.62
CA LEU C 118 -32.96 -2.48 -16.72
C LEU C 118 -33.56 -3.71 -17.38
N GLN C 119 -34.27 -3.55 -18.50
CA GLN C 119 -34.85 -4.67 -19.22
C GLN C 119 -34.08 -5.05 -20.47
N TRP C 120 -33.37 -4.09 -21.08
CA TRP C 120 -32.60 -4.40 -22.29
C TRP C 120 -31.38 -5.24 -21.98
N ASP C 121 -30.77 -5.05 -20.80
CA ASP C 121 -29.64 -5.89 -20.42
C ASP C 121 -30.07 -7.31 -20.07
N LYS C 122 -31.32 -7.49 -19.64
CA LYS C 122 -31.87 -8.82 -19.40
C LYS C 122 -32.45 -9.45 -20.66
N GLU C 123 -32.72 -8.65 -21.69
CA GLU C 123 -33.27 -9.21 -22.92
C GLU C 123 -32.21 -9.94 -23.73
N ILE C 124 -30.99 -9.40 -23.78
CA ILE C 124 -29.92 -9.99 -24.58
C ILE C 124 -28.79 -10.46 -23.67
N SER C 125 -29.15 -10.92 -22.47
CA SER C 125 -28.16 -11.38 -21.51
C SER C 125 -27.48 -12.70 -21.92
N ASN C 126 -28.09 -13.45 -22.84
CA ASN C 126 -27.51 -14.68 -23.35
C ASN C 126 -26.65 -14.48 -24.59
N TYR C 127 -26.57 -13.26 -25.11
CA TYR C 127 -25.85 -12.99 -26.34
C TYR C 127 -24.76 -11.93 -26.17
N THR C 128 -24.35 -11.66 -24.92
CA THR C 128 -23.34 -10.63 -24.69
C THR C 128 -21.93 -11.13 -24.94
N GLN C 129 -21.68 -12.43 -24.74
CA GLN C 129 -20.34 -12.97 -24.88
C GLN C 129 -19.89 -13.01 -26.34
N ILE C 130 -20.81 -13.36 -27.24
CA ILE C 130 -20.46 -13.40 -28.66
C ILE C 130 -20.28 -11.99 -29.22
N ILE C 131 -21.01 -11.01 -28.68
CA ILE C 131 -20.81 -9.62 -29.08
C ILE C 131 -19.47 -9.10 -28.57
N TYR C 132 -19.11 -9.46 -27.32
CA TYR C 132 -17.81 -9.06 -26.78
C TYR C 132 -16.66 -9.76 -27.49
N GLY C 133 -16.89 -10.95 -28.03
CA GLY C 133 -15.89 -11.62 -28.84
C GLY C 133 -15.76 -11.04 -30.24
N LEU C 134 -16.89 -10.65 -30.83
CA LEU C 134 -16.86 -10.04 -32.15
C LEU C 134 -16.33 -8.62 -32.14
N LEU C 135 -16.40 -7.93 -30.99
CA LEU C 135 -15.87 -6.58 -30.89
C LEU C 135 -14.34 -6.53 -30.80
N GLU C 136 -13.67 -7.67 -30.69
CA GLU C 136 -12.22 -7.70 -30.53
C GLU C 136 -11.50 -7.99 -31.84
N GLU C 137 -11.94 -9.02 -32.57
CA GLU C 137 -11.27 -9.40 -33.81
C GLU C 137 -11.50 -8.37 -34.91
N SER C 138 -12.63 -7.67 -34.88
CA SER C 138 -12.88 -6.62 -35.87
C SER C 138 -11.98 -5.42 -35.63
N GLN C 139 -11.74 -5.07 -34.36
CA GLN C 139 -10.80 -4.01 -34.04
C GLN C 139 -9.37 -4.42 -34.38
N ASN C 140 -9.04 -5.70 -34.18
CA ASN C 140 -7.72 -6.19 -34.55
C ASN C 140 -7.51 -6.18 -36.06
N GLN C 141 -8.53 -6.55 -36.84
CA GLN C 141 -8.45 -6.48 -38.29
C GLN C 141 -8.42 -5.05 -38.79
N GLN C 142 -9.09 -4.12 -38.10
CA GLN C 142 -9.02 -2.72 -38.49
C GLN C 142 -7.65 -2.12 -38.17
N GLU C 143 -7.02 -2.55 -37.07
CA GLU C 143 -5.69 -2.05 -36.76
C GLU C 143 -4.63 -2.66 -37.67
N LYS C 144 -4.79 -3.93 -38.07
CA LYS C 144 -3.84 -4.55 -38.98
C LYS C 144 -4.10 -4.18 -40.44
N ASN C 145 -5.28 -3.63 -40.75
CA ASN C 145 -5.54 -3.12 -42.09
C ASN C 145 -5.01 -1.70 -42.28
N GLU C 146 -4.79 -0.96 -41.19
CA GLU C 146 -4.21 0.37 -41.28
C GLU C 146 -2.72 0.31 -41.61
N GLN C 147 -2.07 -0.81 -41.29
CA GLN C 147 -0.64 -0.96 -41.58
C GLN C 147 -0.37 -1.10 -43.07
N ASP C 148 -1.34 -1.60 -43.83
CA ASP C 148 -1.21 -1.71 -45.28
C ASP C 148 -1.70 -0.48 -46.02
N LEU C 149 -2.01 0.61 -45.30
CA LEU C 149 -2.49 1.84 -45.91
C LEU C 149 -1.42 2.90 -46.03
N LEU C 150 -0.56 3.05 -45.02
CA LEU C 150 0.51 4.03 -45.04
C LEU C 150 1.81 3.49 -45.63
N ALA C 151 1.81 2.24 -46.10
CA ALA C 151 3.01 1.63 -46.66
C ALA C 151 3.14 1.83 -48.16
N LEU C 152 2.22 2.59 -48.77
CA LEU C 152 2.27 2.85 -50.21
C LEU C 152 3.30 3.91 -50.54
N LEU D 9 -4.52 -19.91 -30.68
CA LEU D 9 -3.43 -20.70 -30.12
C LEU D 9 -3.43 -20.72 -28.59
N GLY D 10 -3.71 -19.59 -27.95
CA GLY D 10 -3.74 -19.49 -26.51
C GLY D 10 -2.74 -18.47 -26.00
N PHE D 11 -2.61 -18.42 -24.68
CA PHE D 11 -1.67 -17.51 -24.05
C PHE D 11 -0.24 -18.02 -24.23
N LEU D 12 0.60 -17.17 -24.83
CA LEU D 12 2.01 -17.49 -25.16
C LEU D 12 2.12 -18.74 -26.04
N GLY D 13 1.22 -18.87 -27.00
CA GLY D 13 1.23 -20.00 -27.90
C GLY D 13 2.09 -19.79 -29.13
N ALA D 14 2.28 -18.52 -29.50
CA ALA D 14 3.09 -18.16 -30.65
C ALA D 14 4.51 -17.75 -30.27
N ALA D 15 5.04 -18.35 -29.20
CA ALA D 15 6.39 -18.01 -28.77
C ALA D 15 7.46 -18.62 -29.67
N GLY D 16 7.14 -19.75 -30.30
CA GLY D 16 8.08 -20.41 -31.19
C GLY D 16 8.00 -19.99 -32.64
N SER D 17 6.98 -19.20 -33.01
CA SER D 17 6.83 -18.74 -34.38
C SER D 17 7.74 -17.54 -34.63
N THR D 18 7.72 -17.06 -35.87
CA THR D 18 8.53 -15.91 -36.26
C THR D 18 7.83 -14.62 -35.86
N MET D 19 8.44 -13.48 -36.22
CA MET D 19 7.86 -12.19 -35.90
C MET D 19 6.68 -11.84 -36.79
N GLY D 20 6.60 -12.43 -37.98
CA GLY D 20 5.46 -12.17 -38.86
C GLY D 20 4.21 -12.94 -38.52
N ALA D 21 4.35 -14.07 -37.81
CA ALA D 21 3.20 -14.88 -37.42
C ALA D 21 2.75 -14.63 -35.98
N ALA D 22 3.59 -14.02 -35.15
CA ALA D 22 3.24 -13.74 -33.77
C ALA D 22 2.71 -12.33 -33.56
N SER D 23 2.79 -11.46 -34.57
CA SER D 23 2.30 -10.09 -34.47
C SER D 23 0.84 -9.95 -34.87
N MET D 24 0.14 -11.07 -35.08
CA MET D 24 -1.27 -11.05 -35.43
C MET D 24 -2.19 -11.48 -34.28
N THR D 25 -1.64 -12.04 -33.20
CA THR D 25 -2.40 -12.49 -32.06
C THR D 25 -2.05 -11.70 -30.82
N LEU D 26 -1.91 -10.37 -30.96
CA LEU D 26 -1.58 -9.53 -29.82
C LEU D 26 -2.78 -9.31 -28.90
N THR D 27 -4.00 -9.55 -29.37
CA THR D 27 -5.18 -9.39 -28.55
C THR D 27 -5.32 -10.47 -27.48
N VAL D 28 -4.62 -11.60 -27.64
CA VAL D 28 -4.61 -12.62 -26.60
C VAL D 28 -3.80 -12.17 -25.41
N GLN D 29 -2.58 -11.67 -25.66
CA GLN D 29 -1.73 -11.16 -24.59
C GLN D 29 -2.12 -9.76 -24.12
N ALA D 30 -2.99 -9.07 -24.85
CA ALA D 30 -3.42 -7.73 -24.45
C ALA D 30 -4.57 -7.74 -23.46
N ARG D 31 -5.00 -8.91 -22.97
CA ARG D 31 -6.11 -9.00 -22.04
C ARG D 31 -5.79 -9.88 -20.83
N ASN D 32 -4.53 -10.22 -20.61
CA ASN D 32 -4.14 -11.09 -19.49
C ASN D 32 -3.03 -10.49 -18.64
N LEU D 33 -2.84 -9.17 -18.70
CA LEU D 33 -1.82 -8.49 -17.91
C LEU D 33 -2.40 -7.74 -16.73
N LEU D 34 -3.71 -7.85 -16.49
CA LEU D 34 -4.35 -7.20 -15.36
C LEU D 34 -5.07 -8.16 -14.43
N SER D 35 -5.74 -9.17 -14.98
CA SER D 35 -6.46 -10.14 -14.16
C SER D 35 -6.28 -11.55 -14.71
N LEU D 55 -9.59 -11.40 4.52
CA LEU D 55 -9.76 -9.97 4.69
C LEU D 55 -8.98 -9.46 5.90
N LYS D 56 -8.45 -10.40 6.69
CA LYS D 56 -7.71 -10.06 7.89
C LYS D 56 -6.23 -9.88 7.55
N LEU D 57 -5.39 -9.81 8.59
CA LEU D 57 -3.95 -9.54 8.44
C LEU D 57 -3.13 -10.80 8.66
N THR D 58 -3.60 -11.95 8.19
CA THR D 58 -2.90 -13.20 8.36
C THR D 58 -1.77 -13.32 7.33
N VAL D 59 -1.15 -14.51 7.26
CA VAL D 59 -0.02 -14.71 6.36
C VAL D 59 -0.47 -14.86 4.91
N TRP D 60 -1.74 -15.19 4.68
CA TRP D 60 -2.28 -15.28 3.33
C TRP D 60 -3.17 -14.09 2.97
N GLY D 61 -3.42 -13.18 3.91
CA GLY D 61 -4.23 -12.01 3.63
C GLY D 61 -3.42 -10.85 3.07
N ILE D 62 -2.15 -10.76 3.48
CA ILE D 62 -1.29 -9.70 2.97
C ILE D 62 -0.68 -10.04 1.63
N LYS D 63 -0.54 -11.33 1.31
CA LYS D 63 0.06 -11.72 0.03
C LYS D 63 -0.89 -11.45 -1.13
N GLN D 64 -2.20 -11.58 -0.91
CA GLN D 64 -3.16 -11.26 -1.95
C GLN D 64 -3.20 -9.76 -2.23
N LEU D 65 -3.12 -8.94 -1.17
CA LEU D 65 -3.06 -7.49 -1.35
C LEU D 65 -1.75 -7.07 -2.03
N GLN D 66 -0.65 -7.74 -1.69
CA GLN D 66 0.63 -7.48 -2.34
C GLN D 66 0.58 -7.85 -3.82
N ALA D 67 -0.06 -8.98 -4.15
CA ALA D 67 -0.18 -9.39 -5.55
C ALA D 67 -1.09 -8.45 -6.33
N ARG D 68 -2.17 -7.95 -5.70
CA ARG D 68 -3.05 -7.00 -6.39
C ARG D 68 -2.35 -5.66 -6.62
N VAL D 69 -1.59 -5.18 -5.63
CA VAL D 69 -0.86 -3.93 -5.78
C VAL D 69 0.25 -4.08 -6.82
N LEU D 70 0.90 -5.24 -6.87
CA LEU D 70 1.92 -5.48 -7.89
C LEU D 70 1.33 -5.60 -9.28
N ALA D 71 0.12 -6.17 -9.38
CA ALA D 71 -0.55 -6.24 -10.68
C ALA D 71 -1.04 -4.88 -11.15
N VAL D 72 -1.38 -3.99 -10.22
CA VAL D 72 -1.71 -2.61 -10.60
C VAL D 72 -0.44 -1.86 -11.04
N GLU D 73 0.65 -2.06 -10.30
CA GLU D 73 1.92 -1.39 -10.59
C GLU D 73 2.55 -1.84 -11.90
N ARG D 74 2.45 -3.12 -12.24
CA ARG D 74 3.04 -3.65 -13.47
C ARG D 74 2.18 -3.37 -14.69
N TYR D 75 0.98 -2.83 -14.52
CA TYR D 75 0.14 -2.40 -15.62
C TYR D 75 0.16 -0.89 -15.83
N LEU D 76 0.14 -0.11 -14.73
CA LEU D 76 0.14 1.34 -14.88
C LEU D 76 1.49 1.86 -15.36
N ARG D 77 2.60 1.20 -14.97
CA ARG D 77 3.91 1.59 -15.44
C ARG D 77 4.09 1.32 -16.93
N ASP D 78 3.52 0.21 -17.41
CA ASP D 78 3.57 -0.08 -18.84
C ASP D 78 2.60 0.77 -19.64
N GLN D 79 1.49 1.22 -19.02
CA GLN D 79 0.56 2.08 -19.72
C GLN D 79 1.00 3.54 -19.71
N GLN D 80 1.86 3.95 -18.78
CA GLN D 80 2.35 5.32 -18.76
C GLN D 80 3.35 5.58 -19.88
N LEU D 81 4.04 4.53 -20.35
CA LEU D 81 5.02 4.71 -21.42
C LEU D 81 4.34 4.93 -22.77
N LEU D 82 3.16 4.36 -22.97
CA LEU D 82 2.43 4.55 -24.22
C LEU D 82 1.70 5.88 -24.27
N GLY D 83 1.54 6.56 -23.14
CA GLY D 83 0.87 7.85 -23.13
C GLY D 83 1.76 9.00 -23.55
N ILE D 84 3.06 8.90 -23.26
CA ILE D 84 4.01 9.95 -23.64
C ILE D 84 4.51 9.78 -25.07
N TRP D 85 4.14 8.69 -25.75
CA TRP D 85 4.54 8.47 -27.13
C TRP D 85 3.41 8.70 -28.12
N GLY D 86 2.19 8.93 -27.63
CA GLY D 86 1.06 9.13 -28.52
C GLY D 86 0.47 7.86 -29.09
N CYS D 87 0.66 6.74 -28.41
CA CYS D 87 0.15 5.44 -28.84
C CYS D 87 -0.75 4.82 -27.78
N SER D 88 -1.51 5.66 -27.07
CA SER D 88 -2.39 5.20 -26.01
C SER D 88 -3.66 4.61 -26.63
N GLY D 89 -3.91 3.34 -26.37
CA GLY D 89 -5.06 2.66 -26.91
C GLY D 89 -4.85 1.95 -28.23
N LYS D 90 -3.61 1.85 -28.69
CA LYS D 90 -3.28 1.20 -29.95
C LYS D 90 -2.27 0.09 -29.69
N LEU D 91 -2.52 -1.08 -30.29
CA LEU D 91 -1.60 -2.21 -30.16
C LEU D 91 -0.46 -2.12 -31.16
N ILE D 92 -0.78 -1.85 -32.43
CA ILE D 92 0.24 -1.66 -33.46
C ILE D 92 0.28 -0.19 -33.84
N CYS D 93 1.18 0.56 -33.20
CA CYS D 93 1.30 2.00 -33.40
C CYS D 93 2.71 2.31 -33.91
N CYS D 94 2.78 3.10 -34.98
CA CYS D 94 4.04 3.51 -35.57
C CYS D 94 4.09 5.02 -35.73
N THR D 95 5.27 5.59 -35.52
CA THR D 95 5.49 7.03 -35.47
C THR D 95 6.43 7.46 -36.59
N ASN D 96 6.85 8.73 -36.53
CA ASN D 96 7.71 9.33 -37.56
C ASN D 96 9.18 9.36 -37.16
N VAL D 97 9.64 8.35 -36.43
CA VAL D 97 11.04 8.25 -36.02
C VAL D 97 11.79 7.46 -37.09
N PRO D 98 12.82 8.03 -37.72
CA PRO D 98 13.55 7.29 -38.76
C PRO D 98 14.43 6.21 -38.15
N TRP D 99 14.38 5.02 -38.74
CA TRP D 99 15.18 3.90 -38.28
C TRP D 99 16.63 4.06 -38.77
N ASN D 100 17.56 4.11 -37.84
CA ASN D 100 18.96 4.29 -38.18
C ASN D 100 19.55 2.98 -38.73
N SER D 101 20.52 3.13 -39.63
CA SER D 101 21.16 1.98 -40.25
C SER D 101 22.23 1.35 -39.38
N SER D 102 22.62 1.98 -38.27
CA SER D 102 23.62 1.44 -37.38
C SER D 102 23.03 0.53 -36.31
N TRP D 103 21.71 0.48 -36.17
CA TRP D 103 21.09 -0.38 -35.17
C TRP D 103 20.95 -1.81 -35.68
N SER D 104 20.65 -1.98 -36.97
CA SER D 104 20.50 -3.31 -37.56
C SER D 104 20.79 -3.21 -39.04
N ASN D 105 21.56 -4.16 -39.56
CA ASN D 105 21.94 -4.21 -40.97
C ASN D 105 21.25 -5.38 -41.69
N ARG D 106 19.99 -5.64 -41.34
CA ARG D 106 19.21 -6.70 -41.95
C ARG D 106 18.12 -6.11 -42.82
N ASN D 107 17.55 -6.96 -43.67
CA ASN D 107 16.49 -6.54 -44.58
C ASN D 107 15.13 -6.80 -43.93
N LEU D 108 14.06 -6.62 -44.70
CA LEU D 108 12.70 -6.85 -44.22
C LEU D 108 12.26 -8.30 -44.38
N SER D 109 13.13 -9.18 -44.88
CA SER D 109 12.81 -10.58 -45.05
C SER D 109 13.55 -11.50 -44.09
N GLU D 110 14.68 -11.07 -43.55
CA GLU D 110 15.46 -11.86 -42.60
C GLU D 110 15.13 -11.52 -41.15
N ILE D 111 14.08 -10.74 -40.91
CA ILE D 111 13.66 -10.35 -39.57
C ILE D 111 12.27 -10.91 -39.24
N TRP D 112 11.28 -10.63 -40.10
CA TRP D 112 9.92 -11.08 -39.84
C TRP D 112 9.70 -12.54 -40.22
N ASP D 113 10.51 -13.10 -41.12
CA ASP D 113 10.33 -14.47 -41.57
C ASP D 113 11.33 -15.44 -40.97
N ASN D 114 12.45 -14.96 -40.43
CA ASN D 114 13.50 -15.82 -39.90
C ASN D 114 13.65 -15.69 -38.39
N MET D 115 13.80 -14.47 -37.88
CA MET D 115 14.03 -14.24 -36.47
C MET D 115 12.71 -14.16 -35.71
N THR D 116 12.76 -14.51 -34.43
CA THR D 116 11.62 -14.45 -33.54
C THR D 116 11.76 -13.29 -32.57
N TRP D 117 10.80 -13.17 -31.65
CA TRP D 117 10.83 -12.09 -30.67
C TRP D 117 11.82 -12.34 -29.54
N LEU D 118 12.20 -13.60 -29.30
CA LEU D 118 13.17 -13.90 -28.27
C LEU D 118 14.61 -13.66 -28.72
N GLN D 119 14.85 -13.61 -30.03
CA GLN D 119 16.18 -13.34 -30.56
C GLN D 119 16.36 -11.89 -31.02
N TRP D 120 15.27 -11.19 -31.33
CA TRP D 120 15.38 -9.80 -31.74
C TRP D 120 15.66 -8.89 -30.56
N ASP D 121 15.19 -9.25 -29.36
CA ASP D 121 15.40 -8.43 -28.18
C ASP D 121 16.85 -8.46 -27.70
N LYS D 122 17.60 -9.51 -28.02
CA LYS D 122 18.99 -9.59 -27.61
C LYS D 122 19.91 -8.71 -28.45
N GLU D 123 19.52 -8.39 -29.68
CA GLU D 123 20.36 -7.60 -30.57
C GLU D 123 20.20 -6.10 -30.37
N ILE D 124 19.01 -5.65 -29.97
CA ILE D 124 18.75 -4.23 -29.78
C ILE D 124 18.79 -3.84 -28.30
N SER D 125 19.46 -4.64 -27.47
CA SER D 125 19.56 -4.33 -26.05
C SER D 125 20.50 -3.16 -25.78
N ASN D 126 21.46 -2.92 -26.65
CA ASN D 126 22.39 -1.80 -26.50
C ASN D 126 21.92 -0.54 -27.20
N TYR D 127 20.76 -0.58 -27.87
CA TYR D 127 20.20 0.59 -28.54
C TYR D 127 18.74 0.81 -28.14
N THR D 128 18.30 0.23 -27.02
CA THR D 128 16.91 0.36 -26.61
C THR D 128 16.63 1.73 -26.01
N GLN D 129 17.55 2.22 -25.17
CA GLN D 129 17.36 3.50 -24.50
C GLN D 129 17.44 4.68 -25.47
N ILE D 130 18.19 4.52 -26.56
CA ILE D 130 18.27 5.57 -27.58
C ILE D 130 16.94 5.72 -28.30
N ILE D 131 16.30 4.60 -28.64
CA ILE D 131 14.98 4.65 -29.27
C ILE D 131 13.93 5.14 -28.27
N TYR D 132 14.07 4.75 -27.00
CA TYR D 132 13.13 5.20 -25.98
C TYR D 132 13.26 6.69 -25.70
N GLY D 133 14.46 7.26 -25.88
CA GLY D 133 14.62 8.69 -25.75
C GLY D 133 14.23 9.46 -26.99
N LEU D 134 14.39 8.86 -28.17
CA LEU D 134 13.98 9.51 -29.40
C LEU D 134 12.46 9.48 -29.56
N LEU D 135 11.78 8.50 -28.98
CA LEU D 135 10.33 8.43 -29.06
C LEU D 135 9.64 9.44 -28.16
N GLU D 136 10.34 10.00 -27.17
CA GLU D 136 9.72 10.95 -26.26
C GLU D 136 9.61 12.33 -26.89
N GLU D 137 10.64 12.77 -27.62
CA GLU D 137 10.62 14.08 -28.24
C GLU D 137 9.75 14.14 -29.48
N SER D 138 9.47 13.00 -30.11
CA SER D 138 8.65 13.02 -31.31
C SER D 138 7.27 13.56 -30.99
N GLN D 139 6.60 12.94 -30.03
CA GLN D 139 5.29 13.38 -29.62
C GLN D 139 5.39 14.73 -28.94
N ASN D 140 6.57 15.34 -29.05
CA ASN D 140 6.82 16.65 -28.45
C ASN D 140 6.94 17.71 -29.53
N GLN D 141 7.78 17.45 -30.53
CA GLN D 141 7.98 18.38 -31.62
C GLN D 141 6.70 18.47 -32.45
N GLN D 142 5.62 17.93 -31.91
CA GLN D 142 4.33 17.94 -32.57
C GLN D 142 3.27 18.50 -31.65
N GLU D 143 3.60 19.61 -30.99
CA GLU D 143 2.68 20.29 -30.04
C GLU D 143 2.32 21.69 -30.55
N LYS D 144 1.27 22.29 -29.99
CA LYS D 144 0.80 23.63 -30.41
C LYS D 144 1.91 24.64 -30.17
N ASN D 145 2.10 25.55 -31.12
CA ASN D 145 3.15 26.60 -31.04
C ASN D 145 2.45 27.96 -30.88
N GLU D 146 2.86 28.95 -31.66
CA GLU D 146 2.24 30.30 -31.63
C GLU D 146 0.77 30.23 -32.08
N GLN D 147 0.48 29.37 -33.06
CA GLN D 147 -0.89 29.23 -33.60
C GLN D 147 -1.88 29.62 -32.50
N ASP D 148 -1.45 29.52 -31.24
CA ASP D 148 -2.25 29.96 -30.11
C ASP D 148 -2.40 31.47 -30.18
N LEU D 149 -1.30 32.13 -30.55
CA LEU D 149 -1.05 33.58 -30.31
C LEU D 149 -1.41 33.93 -28.87
N LEU E 54 10.41 -8.92 1.28
CA LEU E 54 9.04 -8.95 0.78
C LEU E 54 8.22 -7.82 1.41
N LEU E 55 7.03 -8.17 1.92
CA LEU E 55 6.13 -7.21 2.54
C LEU E 55 6.21 -7.38 4.06
N LYS E 56 6.88 -6.44 4.72
CA LYS E 56 6.96 -6.37 6.17
C LYS E 56 6.39 -5.02 6.62
N LEU E 57 5.49 -5.05 7.60
CA LEU E 57 4.77 -3.85 7.99
C LEU E 57 5.14 -3.41 9.41
N THR E 58 6.43 -3.47 9.76
CA THR E 58 6.88 -3.07 11.09
C THR E 58 6.67 -1.59 11.37
N VAL E 59 7.43 -0.72 10.70
CA VAL E 59 7.23 0.72 10.79
C VAL E 59 7.10 1.28 9.38
N TRP E 60 7.77 0.64 8.42
CA TRP E 60 7.92 1.18 7.08
C TRP E 60 7.13 0.41 6.03
N GLY E 61 6.15 -0.39 6.45
CA GLY E 61 5.31 -1.08 5.51
C GLY E 61 3.99 -0.36 5.30
N ILE E 62 3.55 0.38 6.32
CA ILE E 62 2.34 1.18 6.21
C ILE E 62 2.60 2.54 5.57
N LYS E 63 3.87 2.91 5.37
CA LYS E 63 4.20 4.18 4.73
C LYS E 63 4.66 4.03 3.29
N GLN E 64 5.08 2.83 2.88
CA GLN E 64 5.49 2.57 1.51
C GLN E 64 4.33 2.14 0.62
N LEU E 65 3.36 1.41 1.19
CA LEU E 65 2.21 0.98 0.40
C LEU E 65 1.24 2.14 0.18
N GLN E 66 1.04 2.98 1.20
CA GLN E 66 0.11 4.09 1.09
C GLN E 66 0.61 5.16 0.13
N ALA E 67 1.93 5.30 0.00
CA ALA E 67 2.49 6.24 -0.98
C ALA E 67 2.17 5.81 -2.41
N ARG E 68 2.31 4.51 -2.69
CA ARG E 68 1.91 3.99 -4.00
C ARG E 68 0.41 4.07 -4.21
N VAL E 69 -0.37 3.93 -3.13
CA VAL E 69 -1.83 4.05 -3.22
C VAL E 69 -2.23 5.48 -3.62
N LEU E 70 -1.66 6.49 -2.95
CA LEU E 70 -1.93 7.88 -3.32
C LEU E 70 -1.36 8.23 -4.67
N ALA E 71 -0.25 7.62 -5.09
CA ALA E 71 0.28 7.86 -6.43
C ALA E 71 -0.66 7.33 -7.50
N VAL E 72 -1.19 6.11 -7.29
CA VAL E 72 -2.15 5.52 -8.22
C VAL E 72 -3.43 6.35 -8.27
N GLU E 73 -3.89 6.83 -7.11
CA GLU E 73 -5.12 7.62 -7.05
C GLU E 73 -4.95 8.98 -7.72
N ARG E 74 -3.80 9.65 -7.49
CA ARG E 74 -3.55 10.93 -8.10
C ARG E 74 -3.27 10.82 -9.60
N TYR E 75 -2.78 9.68 -10.07
CA TYR E 75 -2.67 9.49 -11.52
C TYR E 75 -4.03 9.21 -12.14
N LEU E 76 -4.84 8.37 -11.50
CA LEU E 76 -6.11 7.94 -12.09
C LEU E 76 -7.14 9.06 -12.06
N ARG E 77 -7.14 9.88 -11.02
CA ARG E 77 -8.09 11.01 -10.97
C ARG E 77 -7.76 12.06 -12.01
N ASP E 78 -6.46 12.32 -12.23
CA ASP E 78 -6.04 13.26 -13.26
C ASP E 78 -6.35 12.73 -14.66
N GLN E 79 -6.15 11.43 -14.88
CA GLN E 79 -6.48 10.84 -16.17
C GLN E 79 -7.99 10.81 -16.42
N GLN E 80 -8.79 10.61 -15.37
CA GLN E 80 -10.24 10.64 -15.53
C GLN E 80 -10.75 12.07 -15.76
N LEU E 81 -10.12 13.06 -15.13
CA LEU E 81 -10.52 14.44 -15.35
C LEU E 81 -10.07 14.94 -16.72
N LEU E 82 -8.96 14.42 -17.24
CA LEU E 82 -8.52 14.79 -18.58
C LEU E 82 -9.23 14.01 -19.69
N GLY E 83 -9.78 12.83 -19.37
CA GLY E 83 -10.43 12.04 -20.39
C GLY E 83 -11.82 12.49 -20.74
N ILE E 84 -12.53 13.14 -19.80
CA ILE E 84 -13.90 13.57 -20.05
C ILE E 84 -13.99 14.90 -20.78
N TRP E 85 -12.87 15.53 -21.09
CA TRP E 85 -12.87 16.80 -21.80
C TRP E 85 -12.45 16.67 -23.27
N GLY E 86 -12.06 15.47 -23.71
CA GLY E 86 -11.64 15.28 -25.08
C GLY E 86 -10.19 15.59 -25.36
N CYS E 87 -9.33 15.46 -24.36
CA CYS E 87 -7.90 15.75 -24.50
C CYS E 87 -7.07 14.63 -23.89
N SER E 88 -7.43 13.39 -24.21
CA SER E 88 -6.71 12.21 -23.72
C SER E 88 -5.39 12.10 -24.46
N GLY E 89 -4.32 12.60 -23.86
CA GLY E 89 -3.01 12.57 -24.44
C GLY E 89 -2.55 13.85 -25.10
N LYS E 90 -3.07 15.01 -24.67
CA LYS E 90 -2.69 16.29 -25.24
C LYS E 90 -2.44 17.28 -24.11
N LEU E 91 -1.70 18.34 -24.44
CA LEU E 91 -1.36 19.37 -23.47
C LEU E 91 -1.79 20.77 -23.89
N ILE E 92 -1.71 21.07 -25.19
CA ILE E 92 -2.04 22.42 -25.69
C ILE E 92 -3.27 22.27 -26.57
N CYS E 93 -4.15 21.33 -26.20
CA CYS E 93 -5.38 21.13 -26.95
C CYS E 93 -6.33 22.30 -26.77
N CYS E 94 -7.09 22.60 -27.81
CA CYS E 94 -8.03 23.71 -27.81
C CYS E 94 -9.46 23.21 -27.67
N THR E 95 -10.32 24.08 -27.15
CA THR E 95 -11.72 23.75 -26.89
C THR E 95 -12.62 24.60 -27.79
N ASN E 96 -13.93 24.50 -27.55
CA ASN E 96 -14.92 25.21 -28.36
C ASN E 96 -15.72 26.25 -27.58
N VAL E 97 -15.58 26.32 -26.26
CA VAL E 97 -16.33 27.27 -25.46
C VAL E 97 -15.69 28.66 -25.58
N PRO E 98 -16.48 29.72 -25.62
CA PRO E 98 -15.90 31.07 -25.69
C PRO E 98 -15.52 31.60 -24.30
N TRP E 99 -14.60 32.55 -24.31
CA TRP E 99 -14.13 33.19 -23.10
C TRP E 99 -15.02 34.39 -22.78
N ASN E 100 -15.70 34.34 -21.65
CA ASN E 100 -16.59 35.42 -21.23
C ASN E 100 -15.79 36.62 -20.72
N SER E 101 -16.32 37.82 -20.93
CA SER E 101 -15.66 39.04 -20.50
C SER E 101 -15.89 39.35 -19.03
N SER E 102 -16.76 38.60 -18.35
CA SER E 102 -17.02 38.81 -16.94
C SER E 102 -16.03 38.08 -16.03
N TRP E 103 -15.24 37.16 -16.57
CA TRP E 103 -14.26 36.43 -15.78
C TRP E 103 -12.94 37.19 -15.66
N SER E 104 -12.43 37.70 -16.77
CA SER E 104 -11.19 38.47 -16.79
C SER E 104 -11.22 39.41 -17.98
N ASN E 105 -11.24 40.71 -17.71
CA ASN E 105 -11.29 41.72 -18.77
C ASN E 105 -9.91 42.15 -19.24
N ARG E 106 -8.86 41.41 -18.89
CA ARG E 106 -7.52 41.74 -19.32
C ARG E 106 -7.32 41.36 -20.79
N ASN E 107 -6.35 42.02 -21.42
CA ASN E 107 -6.05 41.77 -22.82
C ASN E 107 -5.12 40.56 -22.96
N LEU E 108 -4.79 40.22 -24.20
CA LEU E 108 -3.93 39.07 -24.45
C LEU E 108 -2.45 39.41 -24.33
N SER E 109 -2.08 40.67 -24.43
CA SER E 109 -0.69 41.08 -24.33
C SER E 109 -0.22 41.28 -22.89
N GLU E 110 -1.16 41.29 -21.93
CA GLU E 110 -0.82 41.52 -20.54
C GLU E 110 -0.68 40.23 -19.73
N ILE E 111 -1.41 39.18 -20.09
CA ILE E 111 -1.40 37.94 -19.32
C ILE E 111 -0.19 37.08 -19.67
N TRP E 112 0.12 36.95 -20.96
CA TRP E 112 1.15 36.02 -21.41
C TRP E 112 2.57 36.55 -21.25
N ASP E 113 2.74 37.81 -20.86
CA ASP E 113 4.07 38.40 -20.74
C ASP E 113 4.36 39.04 -19.40
N ASN E 114 3.37 39.21 -18.53
CA ASN E 114 3.59 39.88 -17.25
C ASN E 114 3.10 39.04 -16.08
N MET E 115 2.03 38.29 -16.28
CA MET E 115 1.38 37.58 -15.18
C MET E 115 2.11 36.28 -14.86
N THR E 116 1.73 35.69 -13.73
CA THR E 116 2.27 34.44 -13.24
C THR E 116 1.12 33.45 -13.08
N TRP E 117 1.45 32.15 -13.11
CA TRP E 117 0.43 31.12 -12.97
C TRP E 117 -0.21 31.12 -11.58
N LEU E 118 0.56 31.50 -10.55
CA LEU E 118 0.00 31.61 -9.20
C LEU E 118 -0.98 32.77 -9.10
N GLN E 119 -0.61 33.93 -9.65
CA GLN E 119 -1.52 35.07 -9.66
C GLN E 119 -2.72 34.83 -10.56
N TRP E 120 -2.55 34.08 -11.65
CA TRP E 120 -3.67 33.74 -12.51
C TRP E 120 -4.61 32.75 -11.83
N ASP E 121 -4.07 31.83 -11.02
CA ASP E 121 -4.93 30.94 -10.26
C ASP E 121 -5.64 31.68 -9.13
N LYS E 122 -4.99 32.69 -8.55
CA LYS E 122 -5.61 33.49 -7.51
C LYS E 122 -6.66 34.45 -8.05
N GLU E 123 -6.54 34.86 -9.32
CA GLU E 123 -7.41 35.89 -9.86
C GLU E 123 -8.79 35.36 -10.23
N ILE E 124 -8.84 34.22 -10.92
CA ILE E 124 -10.11 33.71 -11.43
C ILE E 124 -10.56 32.49 -10.63
N SER E 125 -10.18 32.44 -9.36
CA SER E 125 -10.53 31.32 -8.50
C SER E 125 -12.03 31.26 -8.19
N ASN E 126 -12.76 32.36 -8.35
CA ASN E 126 -14.19 32.39 -8.13
C ASN E 126 -14.99 31.97 -9.36
N TYR E 127 -14.34 31.74 -10.49
CA TYR E 127 -14.98 31.32 -11.73
C TYR E 127 -14.29 30.08 -12.28
N THR E 128 -14.07 29.09 -11.42
CA THR E 128 -13.33 27.89 -11.78
C THR E 128 -14.22 26.72 -12.15
N GLN E 129 -15.25 26.44 -11.34
CA GLN E 129 -16.09 25.26 -11.54
C GLN E 129 -17.04 25.43 -12.73
N ILE E 130 -17.43 26.67 -13.05
CA ILE E 130 -18.35 26.90 -14.15
C ILE E 130 -17.69 26.65 -15.50
N ILE E 131 -16.37 26.87 -15.59
CA ILE E 131 -15.64 26.54 -16.81
C ILE E 131 -15.57 25.04 -17.01
N TYR E 132 -15.38 24.29 -15.92
CA TYR E 132 -15.38 22.82 -16.00
C TYR E 132 -16.77 22.29 -16.35
N GLY E 133 -17.82 22.92 -15.82
CA GLY E 133 -19.17 22.52 -16.19
C GLY E 133 -19.50 22.82 -17.64
N LEU E 134 -19.05 23.97 -18.14
CA LEU E 134 -19.26 24.31 -19.55
C LEU E 134 -18.46 23.37 -20.46
N LEU E 135 -17.26 22.95 -20.03
CA LEU E 135 -16.49 21.99 -20.82
C LEU E 135 -17.14 20.62 -20.81
N GLU E 136 -17.68 20.19 -19.67
CA GLU E 136 -18.38 18.91 -19.59
C GLU E 136 -19.67 18.91 -20.40
N GLU E 137 -20.34 20.07 -20.50
CA GLU E 137 -21.51 20.16 -21.37
C GLU E 137 -21.11 20.18 -22.84
N SER E 138 -20.04 20.91 -23.18
CA SER E 138 -19.65 21.08 -24.57
C SER E 138 -19.07 19.80 -25.16
N GLN E 139 -18.38 18.98 -24.34
CA GLN E 139 -17.86 17.72 -24.85
C GLN E 139 -18.98 16.75 -25.19
N ASN E 140 -20.01 16.68 -24.33
CA ASN E 140 -21.16 15.84 -24.61
C ASN E 140 -21.97 16.36 -25.79
N GLN E 141 -22.06 17.70 -25.93
CA GLN E 141 -22.77 18.27 -27.07
C GLN E 141 -22.03 18.01 -28.38
N GLN E 142 -20.69 18.09 -28.38
CA GLN E 142 -19.91 17.80 -29.57
C GLN E 142 -19.96 16.32 -29.92
N GLU E 143 -20.01 15.45 -28.90
CA GLU E 143 -20.12 14.01 -29.15
C GLU E 143 -21.50 13.67 -29.72
N LYS E 144 -22.55 14.32 -29.22
CA LYS E 144 -23.89 14.10 -29.76
C LYS E 144 -24.02 14.66 -31.18
N ASN E 145 -23.35 15.78 -31.46
CA ASN E 145 -23.36 16.33 -32.82
C ASN E 145 -22.59 15.45 -33.78
N GLU E 146 -21.48 14.85 -33.32
CA GLU E 146 -20.74 13.92 -34.17
C GLU E 146 -21.53 12.63 -34.39
N GLN E 147 -22.29 12.17 -33.39
CA GLN E 147 -23.13 11.00 -33.58
C GLN E 147 -24.31 11.29 -34.50
N ASP E 148 -24.81 12.53 -34.49
CA ASP E 148 -25.88 12.90 -35.41
C ASP E 148 -25.35 13.04 -36.84
N LEU E 149 -24.12 13.54 -36.99
CA LEU E 149 -23.53 13.68 -38.32
C LEU E 149 -23.11 12.31 -38.87
N LEU E 150 -22.72 11.38 -38.00
CA LEU E 150 -22.27 10.07 -38.45
C LEU E 150 -23.42 9.14 -38.81
N ALA E 151 -24.64 9.43 -38.34
CA ALA E 151 -25.78 8.57 -38.62
C ALA E 151 -26.30 8.71 -40.04
N LEU E 152 -25.98 9.80 -40.73
CA LEU E 152 -26.44 10.01 -42.09
C LEU E 152 -25.54 9.29 -43.09
N ASN F 1 15.13 4.16 -45.53
CA ASN F 1 13.70 4.31 -45.74
C ASN F 1 12.91 3.37 -44.82
N LEU F 2 13.19 3.44 -43.53
CA LEU F 2 12.52 2.61 -42.54
C LEU F 2 12.18 3.45 -41.33
N TRP F 3 11.10 3.06 -40.64
CA TRP F 3 10.60 3.78 -39.48
C TRP F 3 10.41 2.79 -38.33
N VAL F 4 10.19 3.36 -37.14
CA VAL F 4 10.10 2.61 -35.89
C VAL F 4 8.63 2.35 -35.57
N THR F 5 8.33 1.14 -35.08
CA THR F 5 6.98 0.75 -34.72
C THR F 5 7.01 0.08 -33.35
N VAL F 6 6.20 0.56 -32.42
CA VAL F 6 6.08 -0.05 -31.12
C VAL F 6 4.97 -1.10 -31.15
N TYR F 7 5.04 -2.05 -30.21
CA TYR F 7 4.06 -3.11 -30.12
C TYR F 7 3.66 -3.31 -28.68
N TYR F 8 2.67 -4.16 -28.46
CA TYR F 8 2.16 -4.44 -27.12
C TYR F 8 1.62 -5.86 -27.10
N GLY F 9 2.33 -6.76 -26.42
CA GLY F 9 1.89 -8.13 -26.29
C GLY F 9 2.79 -9.15 -26.94
N VAL F 10 4.09 -8.86 -26.99
CA VAL F 10 5.05 -9.78 -27.60
C VAL F 10 5.37 -10.90 -26.61
N PRO F 11 5.59 -12.14 -27.08
CA PRO F 11 5.88 -13.24 -26.14
C PRO F 11 7.35 -13.29 -25.73
N VAL F 12 7.75 -12.34 -24.89
CA VAL F 12 9.10 -12.27 -24.35
C VAL F 12 9.01 -12.37 -22.84
N TRP F 13 9.71 -13.35 -22.26
CA TRP F 13 9.74 -13.55 -20.82
C TRP F 13 11.17 -13.56 -20.32
N LYS F 14 11.35 -13.06 -19.11
CA LYS F 14 12.64 -13.01 -18.44
C LYS F 14 12.55 -13.73 -17.09
N ASP F 15 13.69 -13.84 -16.41
CA ASP F 15 13.76 -14.51 -15.12
C ASP F 15 13.60 -13.49 -14.00
N ALA F 16 12.65 -13.73 -13.11
CA ALA F 16 12.40 -12.84 -11.99
C ALA F 16 11.79 -13.65 -10.85
N GLU F 17 11.38 -12.95 -9.79
CA GLU F 17 10.78 -13.56 -8.62
C GLU F 17 9.69 -12.66 -8.08
N THR F 18 8.69 -13.28 -7.44
CA THR F 18 7.55 -12.56 -6.89
C THR F 18 7.03 -13.32 -5.68
N THR F 19 5.88 -12.89 -5.18
CA THR F 19 5.24 -13.51 -4.04
C THR F 19 4.09 -14.41 -4.50
N LEU F 20 3.93 -15.55 -3.84
CA LEU F 20 2.92 -16.54 -4.19
C LEU F 20 1.98 -16.71 -3.00
N PHE F 21 0.69 -16.47 -3.24
CA PHE F 21 -0.32 -16.61 -2.21
C PHE F 21 -0.87 -18.04 -2.22
N CYS F 22 -1.98 -18.26 -1.52
CA CYS F 22 -2.61 -19.58 -1.46
C CYS F 22 -3.86 -19.62 -2.31
N ALA F 23 -4.20 -20.81 -2.79
CA ALA F 23 -5.40 -21.01 -3.61
C ALA F 23 -5.85 -22.45 -3.41
N SER F 24 -6.90 -22.63 -2.62
CA SER F 24 -7.43 -23.95 -2.32
C SER F 24 -8.95 -23.96 -2.53
N ASP F 25 -9.46 -25.15 -2.83
CA ASP F 25 -10.89 -25.32 -3.05
C ASP F 25 -11.65 -25.29 -1.74
N ALA F 26 -12.89 -24.81 -1.80
CA ALA F 26 -13.74 -24.73 -0.61
C ALA F 26 -14.42 -26.06 -0.34
N LYS F 33 -14.51 -27.46 12.52
CA LYS F 33 -13.14 -27.88 12.79
C LYS F 33 -12.14 -27.00 12.02
N HIS F 34 -11.25 -26.35 12.76
CA HIS F 34 -10.24 -25.50 12.16
C HIS F 34 -9.05 -26.32 11.68
N ASN F 35 -8.06 -25.64 11.09
CA ASN F 35 -6.87 -26.29 10.57
C ASN F 35 -5.65 -25.47 10.94
N VAL F 36 -4.49 -26.13 10.92
CA VAL F 36 -3.23 -25.43 11.16
C VAL F 36 -2.89 -24.54 9.98
N TRP F 37 -2.82 -25.13 8.79
CA TRP F 37 -2.67 -24.36 7.55
C TRP F 37 -4.00 -23.72 7.21
N ALA F 38 -4.03 -22.41 7.06
CA ALA F 38 -5.26 -21.66 6.84
C ALA F 38 -5.75 -21.88 5.42
N THR F 39 -6.68 -22.83 5.26
CA THR F 39 -7.27 -23.10 3.96
C THR F 39 -8.60 -22.39 3.75
N HIS F 40 -9.17 -21.81 4.79
CA HIS F 40 -10.42 -21.06 4.68
C HIS F 40 -10.21 -19.60 4.34
N ALA F 41 -8.97 -19.15 4.21
CA ALA F 41 -8.66 -17.78 3.84
C ALA F 41 -8.09 -17.66 2.43
N CYS F 42 -8.03 -18.76 1.69
CA CYS F 42 -7.51 -18.74 0.33
C CYS F 42 -8.64 -18.47 -0.67
N VAL F 43 -8.24 -18.15 -1.89
CA VAL F 43 -9.19 -17.89 -2.97
C VAL F 43 -9.66 -19.22 -3.55
N PRO F 44 -10.87 -19.31 -4.10
CA PRO F 44 -11.28 -20.56 -4.74
C PRO F 44 -10.52 -20.81 -6.03
N THR F 45 -10.26 -22.10 -6.31
CA THR F 45 -9.47 -22.48 -7.45
C THR F 45 -10.33 -22.52 -8.73
N ASP F 46 -9.72 -22.94 -9.82
CA ASP F 46 -10.35 -22.99 -11.12
C ASP F 46 -10.82 -24.42 -11.41
N PRO F 47 -12.07 -24.62 -11.83
CA PRO F 47 -12.54 -26.00 -12.08
C PRO F 47 -11.91 -26.67 -13.29
N ASN F 48 -11.31 -25.91 -14.21
CA ASN F 48 -10.64 -26.52 -15.35
C ASN F 48 -9.33 -25.78 -15.64
N PRO F 49 -8.19 -26.47 -15.57
CA PRO F 49 -6.91 -25.78 -15.77
C PRO F 49 -6.66 -25.46 -17.24
N GLN F 50 -5.97 -24.36 -17.47
CA GLN F 50 -5.66 -23.85 -18.81
C GLN F 50 -4.15 -23.98 -19.01
N GLU F 51 -3.72 -25.13 -19.52
CA GLU F 51 -2.32 -25.41 -19.78
C GLU F 51 -2.07 -25.28 -21.29
N ILE F 52 -1.49 -24.16 -21.70
CA ILE F 52 -1.21 -23.89 -23.11
C ILE F 52 0.14 -24.48 -23.45
N HIS F 53 0.16 -25.45 -24.35
CA HIS F 53 1.39 -26.12 -24.74
C HIS F 53 2.16 -25.27 -25.73
N LEU F 54 3.44 -25.06 -25.44
CA LEU F 54 4.31 -24.29 -26.33
C LEU F 54 4.99 -25.22 -27.35
N GLU F 55 5.46 -24.63 -28.43
CA GLU F 55 6.10 -25.36 -29.51
C GLU F 55 7.41 -24.68 -29.88
N ASN F 56 8.43 -25.51 -30.12
CA ASN F 56 9.79 -25.09 -30.53
C ASN F 56 10.45 -24.16 -29.50
N VAL F 57 10.15 -24.36 -28.22
CA VAL F 57 10.77 -23.61 -27.13
C VAL F 57 11.47 -24.60 -26.22
N THR F 58 12.80 -24.45 -26.08
CA THR F 58 13.60 -25.27 -25.19
C THR F 58 14.07 -24.41 -24.03
N GLU F 59 13.73 -24.81 -22.82
CA GLU F 59 14.05 -24.03 -21.62
C GLU F 59 15.01 -24.80 -20.74
N GLU F 60 15.94 -24.08 -20.11
CA GLU F 60 16.90 -24.67 -19.20
C GLU F 60 16.36 -24.63 -17.77
N PHE F 61 16.27 -25.80 -17.14
CA PHE F 61 15.74 -25.93 -15.79
C PHE F 61 16.86 -26.35 -14.83
N ASN F 62 16.73 -25.89 -13.59
CA ASN F 62 17.67 -26.25 -12.53
C ASN F 62 16.88 -26.36 -11.23
N MET F 63 16.78 -27.57 -10.69
CA MET F 63 15.99 -27.81 -9.49
C MET F 63 16.72 -27.49 -8.21
N TRP F 64 18.03 -27.27 -8.26
CA TRP F 64 18.82 -26.99 -7.07
C TRP F 64 19.05 -25.51 -6.84
N LYS F 65 18.66 -24.64 -7.79
CA LYS F 65 18.79 -23.20 -7.65
C LYS F 65 17.42 -22.52 -7.72
N ASN F 66 16.37 -23.23 -7.33
CA ASN F 66 15.03 -22.68 -7.38
C ASN F 66 14.77 -21.74 -6.20
N ASN F 67 13.78 -20.87 -6.35
CA ASN F 67 13.39 -19.93 -5.32
C ASN F 67 12.12 -20.34 -4.58
N MET F 68 11.31 -21.24 -5.16
CA MET F 68 10.06 -21.64 -4.54
C MET F 68 10.28 -22.56 -3.34
N VAL F 69 11.39 -23.31 -3.34
CA VAL F 69 11.66 -24.21 -2.22
C VAL F 69 12.17 -23.47 -1.00
N GLU F 70 12.58 -22.21 -1.15
CA GLU F 70 12.97 -21.39 0.00
C GLU F 70 11.82 -20.55 0.52
N GLN F 71 10.86 -20.19 -0.35
CA GLN F 71 9.68 -19.49 0.10
C GLN F 71 8.65 -20.43 0.70
N MET F 72 8.61 -21.69 0.23
CA MET F 72 7.68 -22.67 0.77
C MET F 72 8.02 -23.03 2.21
N HIS F 73 9.32 -23.14 2.52
CA HIS F 73 9.74 -23.44 3.89
C HIS F 73 9.40 -22.29 4.83
N THR F 74 9.55 -21.05 4.36
CA THR F 74 9.19 -19.89 5.17
C THR F 74 7.68 -19.80 5.37
N ASP F 75 6.91 -20.18 4.35
CA ASP F 75 5.46 -20.14 4.49
C ASP F 75 4.93 -21.26 5.39
N ILE F 76 5.61 -22.41 5.41
CA ILE F 76 5.23 -23.48 6.33
C ILE F 76 5.64 -23.13 7.77
N ILE F 77 6.81 -22.50 7.94
CA ILE F 77 7.25 -22.08 9.27
C ILE F 77 6.35 -20.98 9.82
N SER F 78 5.96 -20.02 8.98
CA SER F 78 5.08 -18.94 9.42
C SER F 78 3.66 -19.42 9.71
N LEU F 79 3.23 -20.53 9.11
CA LEU F 79 1.92 -21.10 9.41
C LEU F 79 1.91 -21.94 10.68
N TRP F 80 3.07 -22.23 11.26
CA TRP F 80 3.15 -23.04 12.47
C TRP F 80 3.14 -22.20 13.74
N ASP F 81 3.64 -20.97 13.67
CA ASP F 81 3.75 -20.11 14.85
C ASP F 81 2.58 -19.14 14.97
N GLN F 82 1.52 -19.31 14.18
CA GLN F 82 0.35 -18.45 14.25
C GLN F 82 -0.88 -19.17 14.80
N SER F 83 -0.87 -20.50 14.87
CA SER F 83 -1.97 -21.26 15.45
C SER F 83 -1.65 -21.77 16.84
N LEU F 84 -0.44 -21.54 17.35
CA LEU F 84 -0.02 -21.98 18.66
C LEU F 84 -0.10 -20.88 19.72
N LYS F 85 -0.24 -19.62 19.28
CA LYS F 85 -0.23 -18.50 20.24
C LYS F 85 -1.51 -18.38 21.06
N PRO F 86 -2.77 -18.12 20.44
CA PRO F 86 -3.89 -17.64 21.25
C PRO F 86 -4.66 -18.72 22.01
N CYS F 87 -3.94 -19.57 22.72
CA CYS F 87 -4.54 -20.56 23.62
C CYS F 87 -3.56 -20.84 24.75
N VAL F 88 -3.78 -21.94 25.48
CA VAL F 88 -3.15 -22.14 26.78
C VAL F 88 -1.69 -22.53 26.61
N LYS F 89 -0.81 -21.81 27.31
CA LYS F 89 0.60 -22.15 27.39
C LYS F 89 0.90 -22.83 28.73
N LEU F 90 1.80 -23.81 28.70
CA LEU F 90 2.14 -24.59 29.89
C LEU F 90 3.43 -24.09 30.53
N THR F 91 3.41 -22.85 30.99
CA THR F 91 4.57 -22.32 31.71
C THR F 91 4.87 -22.83 33.13
N PRO F 92 3.93 -23.21 34.01
CA PRO F 92 4.37 -23.64 35.35
C PRO F 92 4.67 -25.13 35.49
N LEU F 93 4.86 -25.85 34.38
CA LEU F 93 4.96 -27.31 34.42
C LEU F 93 6.30 -27.81 34.96
N CYS F 94 7.30 -26.94 35.11
CA CYS F 94 8.61 -27.37 35.62
C CYS F 94 8.52 -27.49 37.14
N VAL F 95 8.03 -28.64 37.59
CA VAL F 95 7.91 -28.96 39.00
C VAL F 95 8.70 -30.25 39.27
N THR F 96 8.79 -30.60 40.55
CA THR F 96 9.52 -31.80 40.97
C THR F 96 8.57 -33.00 40.89
N LEU F 97 8.70 -33.78 39.82
CA LEU F 97 7.86 -34.95 39.62
C LEU F 97 8.35 -36.10 40.48
N GLN F 98 7.41 -36.86 41.05
CA GLN F 98 7.72 -38.10 41.75
C GLN F 98 7.15 -39.23 40.90
N CYS F 99 8.03 -39.90 40.15
CA CYS F 99 7.61 -40.91 39.18
C CYS F 99 8.04 -42.29 39.64
N THR F 100 7.20 -43.28 39.36
CA THR F 100 7.48 -44.68 39.65
C THR F 100 7.09 -45.52 38.43
N ASN F 101 7.43 -46.80 38.50
CA ASN F 101 7.11 -47.72 37.42
C ASN F 101 5.68 -48.21 37.55
N VAL F 102 5.02 -48.39 36.41
CA VAL F 102 3.64 -48.87 36.36
C VAL F 102 3.66 -50.38 36.22
N THR F 103 2.80 -51.06 36.97
CA THR F 103 2.68 -52.52 36.95
C THR F 103 1.25 -52.86 36.53
N ASN F 104 1.07 -53.27 35.28
CA ASN F 104 -0.22 -53.64 34.74
C ASN F 104 -0.05 -54.88 33.86
N ASN F 105 -1.11 -55.22 33.12
CA ASN F 105 -1.08 -56.34 32.17
C ASN F 105 -0.34 -55.88 30.92
N ILE F 106 0.99 -55.92 31.00
CA ILE F 106 1.85 -55.44 29.94
C ILE F 106 2.61 -56.62 29.33
N THR F 107 3.32 -56.33 28.24
CA THR F 107 4.13 -57.31 27.55
C THR F 107 5.58 -57.21 28.02
N ASP F 108 6.48 -57.92 27.34
CA ASP F 108 7.88 -57.94 27.73
C ASP F 108 8.70 -56.82 27.12
N ASP F 109 8.18 -56.13 26.11
CA ASP F 109 8.92 -55.06 25.45
C ASP F 109 8.54 -53.67 25.96
N MET F 110 7.58 -53.58 26.87
CA MET F 110 7.13 -52.30 27.43
C MET F 110 7.16 -52.37 28.96
N ARG F 111 8.28 -52.84 29.50
CA ARG F 111 8.41 -52.99 30.94
C ARG F 111 8.66 -51.66 31.63
N GLY F 112 9.60 -50.87 31.12
CA GLY F 112 9.95 -49.61 31.76
C GLY F 112 9.80 -48.40 30.86
N GLU F 113 8.74 -48.37 30.05
CA GLU F 113 8.49 -47.26 29.15
C GLU F 113 7.63 -46.18 29.83
N LEU F 114 6.44 -46.57 30.29
CA LEU F 114 5.54 -45.64 30.93
C LEU F 114 5.93 -45.41 32.39
N LYS F 115 5.65 -44.20 32.87
CA LYS F 115 5.98 -43.79 34.23
C LYS F 115 4.77 -43.14 34.86
N ASN F 116 4.40 -43.60 36.05
CA ASN F 116 3.30 -43.02 36.82
C ASN F 116 3.89 -41.92 37.71
N CYS F 117 3.59 -40.67 37.38
CA CYS F 117 4.16 -39.53 38.07
C CYS F 117 3.09 -38.81 38.90
N SER F 118 3.53 -38.18 39.98
CA SER F 118 2.69 -37.36 40.83
C SER F 118 3.38 -36.03 41.08
N PHE F 119 2.59 -34.96 41.14
CA PHE F 119 3.14 -33.63 41.32
C PHE F 119 2.10 -32.70 41.91
N ASN F 120 2.61 -31.62 42.52
CA ASN F 120 1.78 -30.52 43.00
C ASN F 120 1.60 -29.48 41.90
N MET F 121 0.48 -28.78 41.95
CA MET F 121 0.15 -27.79 40.94
C MET F 121 -0.80 -26.76 41.54
N THR F 122 -0.68 -25.52 41.08
CA THR F 122 -1.59 -24.47 41.53
C THR F 122 -2.97 -24.66 40.91
N THR F 123 -3.96 -24.03 41.53
CA THR F 123 -5.35 -24.08 41.11
C THR F 123 -5.83 -22.67 40.77
N GLU F 124 -7.14 -22.52 40.58
CA GLU F 124 -7.72 -21.22 40.28
C GLU F 124 -7.63 -20.26 41.46
N LEU F 125 -7.45 -20.75 42.68
CA LEU F 125 -7.14 -19.92 43.83
C LEU F 125 -5.63 -19.76 43.96
N ARG F 126 -5.20 -18.56 44.33
CA ARG F 126 -3.77 -18.27 44.37
C ARG F 126 -3.08 -18.88 45.59
N ASP F 127 -3.80 -19.01 46.71
CA ASP F 127 -3.22 -19.51 47.95
C ASP F 127 -3.61 -20.96 48.24
N LYS F 128 -3.89 -21.74 47.20
CA LYS F 128 -4.24 -23.14 47.35
C LYS F 128 -3.49 -23.98 46.33
N LYS F 129 -3.20 -25.23 46.70
CA LYS F 129 -2.47 -26.17 45.86
C LYS F 129 -3.32 -27.40 45.60
N GLN F 130 -2.78 -28.31 44.78
CA GLN F 130 -3.44 -29.57 44.49
C GLN F 130 -2.38 -30.61 44.15
N LYS F 131 -2.65 -31.86 44.52
CA LYS F 131 -1.73 -32.97 44.25
C LYS F 131 -2.40 -33.90 43.25
N VAL F 132 -1.85 -33.98 42.04
CA VAL F 132 -2.44 -34.75 40.96
C VAL F 132 -1.40 -35.72 40.41
N TYR F 133 -1.86 -36.59 39.51
CA TYR F 133 -1.03 -37.63 38.90
C TYR F 133 -1.13 -37.54 37.38
N SER F 134 -0.24 -38.26 36.72
CA SER F 134 -0.22 -38.36 35.27
C SER F 134 0.58 -39.61 34.89
N LEU F 135 0.49 -39.96 33.61
CA LEU F 135 1.27 -41.05 33.02
C LEU F 135 2.10 -40.49 31.88
N PHE F 136 3.41 -40.54 32.01
CA PHE F 136 4.33 -39.99 31.03
C PHE F 136 5.16 -41.09 30.38
N TYR F 137 5.89 -40.72 29.35
CA TYR F 137 6.81 -41.61 28.66
C TYR F 137 8.23 -41.41 29.18
N ARG F 138 9.09 -42.40 28.92
CA ARG F 138 10.47 -42.33 29.38
C ARG F 138 11.31 -41.36 28.56
N LEU F 139 10.85 -40.96 27.38
CA LEU F 139 11.58 -40.02 26.54
C LEU F 139 11.24 -38.57 26.86
N ASP F 140 10.29 -38.33 27.78
CA ASP F 140 9.87 -36.98 28.11
C ASP F 140 10.31 -36.53 29.51
N VAL F 141 10.84 -37.44 30.34
CA VAL F 141 11.27 -37.10 31.68
C VAL F 141 12.71 -37.56 31.88
N VAL F 142 13.44 -36.82 32.70
CA VAL F 142 14.81 -37.15 33.06
C VAL F 142 14.95 -37.10 34.58
N GLN F 143 15.82 -37.96 35.11
CA GLN F 143 15.99 -38.05 36.55
C GLN F 143 16.94 -36.97 37.05
N ILE F 144 16.81 -36.65 38.33
CA ILE F 144 17.64 -35.64 38.99
C ILE F 144 18.42 -36.33 40.11
N ASN F 145 19.74 -36.26 40.03
CA ASN F 145 20.60 -36.87 41.04
C ASN F 145 20.79 -35.94 42.24
N ASN F 156 10.62 -43.62 45.72
CA ASN F 156 10.83 -43.35 44.31
C ASN F 156 11.88 -42.25 44.11
N LYS F 157 12.15 -41.92 42.86
CA LYS F 157 13.14 -40.92 42.50
C LYS F 157 12.46 -39.64 42.02
N GLU F 158 13.26 -38.59 41.87
CA GLU F 158 12.79 -37.30 41.38
C GLU F 158 13.03 -37.19 39.90
N TYR F 159 12.04 -36.68 39.17
CA TYR F 159 12.10 -36.53 37.73
C TYR F 159 11.63 -35.14 37.33
N ARG F 160 12.08 -34.70 36.16
CA ARG F 160 11.69 -33.40 35.64
C ARG F 160 11.52 -33.51 34.12
N LEU F 161 11.03 -32.43 33.52
CA LEU F 161 10.81 -32.41 32.08
C LEU F 161 12.13 -32.29 31.34
N ILE F 162 12.10 -32.66 30.05
CA ILE F 162 13.32 -32.73 29.26
C ILE F 162 13.63 -31.37 28.63
N ASN F 163 12.61 -30.63 28.19
CA ASN F 163 12.82 -29.45 27.35
C ASN F 163 12.26 -28.18 27.97
N CYS F 164 12.30 -28.04 29.30
CA CYS F 164 11.92 -26.75 29.88
C CYS F 164 13.09 -26.09 30.59
N ASN F 165 14.24 -26.78 30.65
CA ASN F 165 15.50 -26.13 31.02
C ASN F 165 16.19 -25.50 29.82
N THR F 166 15.72 -25.78 28.62
CA THR F 166 16.25 -25.21 27.38
C THR F 166 15.21 -24.39 26.63
N SER F 167 14.01 -24.94 26.45
CA SER F 167 12.96 -24.30 25.69
C SER F 167 11.82 -23.87 26.61
N ALA F 168 10.81 -23.24 26.01
CA ALA F 168 9.60 -22.84 26.70
C ALA F 168 8.47 -23.74 26.24
N ILE F 169 8.05 -24.68 27.09
CA ILE F 169 7.07 -25.68 26.72
C ILE F 169 5.68 -25.06 26.75
N THR F 170 5.01 -25.05 25.60
CA THR F 170 3.62 -24.64 25.50
C THR F 170 2.79 -25.80 24.95
N GLN F 171 1.50 -25.77 25.25
CA GLN F 171 0.61 -26.85 24.84
C GLN F 171 0.20 -26.67 23.38
N ALA F 172 0.02 -27.79 22.68
CA ALA F 172 -0.57 -27.75 21.35
C ALA F 172 -2.05 -27.37 21.47
N CYS F 173 -2.53 -26.62 20.50
CA CYS F 173 -3.81 -25.94 20.68
C CYS F 173 -4.94 -26.90 20.36
N PRO F 174 -5.90 -27.10 21.27
CA PRO F 174 -6.82 -28.24 21.18
C PRO F 174 -7.98 -28.07 20.21
N LYS F 175 -7.98 -27.06 19.33
CA LYS F 175 -9.05 -26.89 18.36
C LYS F 175 -8.61 -27.04 16.92
N VAL F 176 -7.31 -27.00 16.64
CA VAL F 176 -6.81 -27.13 15.27
C VAL F 176 -6.63 -28.61 14.94
N SER F 177 -6.50 -28.90 13.65
CA SER F 177 -6.29 -30.25 13.16
C SER F 177 -5.04 -30.28 12.29
N PHE F 178 -4.31 -31.39 12.35
CA PHE F 178 -3.06 -31.56 11.61
C PHE F 178 -3.26 -32.33 10.31
N GLU F 179 -4.44 -32.23 9.71
CA GLU F 179 -4.69 -32.94 8.45
C GLU F 179 -4.12 -32.15 7.28
N PRO F 180 -3.31 -32.77 6.43
CA PRO F 180 -2.75 -32.05 5.28
C PRO F 180 -3.81 -31.82 4.20
N ILE F 181 -3.79 -30.62 3.63
CA ILE F 181 -4.73 -30.21 2.59
C ILE F 181 -3.91 -29.81 1.37
N PRO F 182 -4.21 -30.35 0.19
CA PRO F 182 -3.46 -29.93 -1.02
C PRO F 182 -3.86 -28.52 -1.44
N ILE F 183 -2.85 -27.65 -1.55
CA ILE F 183 -3.06 -26.26 -1.89
C ILE F 183 -2.25 -25.92 -3.13
N HIS F 184 -2.68 -24.85 -3.81
CA HIS F 184 -1.99 -24.33 -4.98
C HIS F 184 -1.47 -22.94 -4.67
N TYR F 185 -0.38 -22.56 -5.36
CA TYR F 185 0.23 -21.25 -5.18
C TYR F 185 -0.39 -20.22 -6.13
N CYS F 186 -0.30 -20.50 -7.43
CA CYS F 186 -1.00 -19.78 -8.52
C CYS F 186 -0.63 -18.28 -8.54
N ALA F 187 0.64 -18.04 -8.93
CA ALA F 187 1.29 -16.75 -9.12
C ALA F 187 0.42 -15.75 -9.87
N PRO F 188 0.45 -14.45 -9.47
CA PRO F 188 -0.52 -13.49 -10.02
C PRO F 188 -0.26 -13.05 -11.45
N ALA F 189 -1.04 -12.08 -11.92
CA ALA F 189 -0.93 -11.59 -13.28
C ALA F 189 0.39 -10.82 -13.48
N GLY F 190 0.85 -10.81 -14.73
CA GLY F 190 2.15 -10.28 -15.06
C GLY F 190 3.27 -11.30 -15.03
N PHE F 191 3.04 -12.44 -14.40
CA PHE F 191 3.99 -13.54 -14.33
C PHE F 191 3.33 -14.82 -14.82
N ALA F 192 4.17 -15.83 -15.06
CA ALA F 192 3.67 -17.14 -15.49
C ALA F 192 4.58 -18.21 -14.92
N ILE F 193 4.13 -19.45 -14.99
CA ILE F 193 4.90 -20.59 -14.50
C ILE F 193 5.10 -21.55 -15.68
N LEU F 194 6.36 -21.73 -16.07
CA LEU F 194 6.71 -22.69 -17.11
C LEU F 194 6.90 -24.07 -16.47
N LYS F 195 6.29 -25.08 -17.08
CA LYS F 195 6.41 -26.46 -16.66
C LYS F 195 6.54 -27.32 -17.89
N CYS F 196 7.55 -28.17 -17.93
CA CYS F 196 7.78 -28.99 -19.12
C CYS F 196 7.46 -30.45 -18.82
N LYS F 197 7.01 -31.16 -19.86
CA LYS F 197 6.32 -32.44 -19.70
C LYS F 197 7.18 -33.64 -20.09
N ASP F 198 8.49 -33.61 -19.83
CA ASP F 198 9.30 -34.80 -19.99
C ASP F 198 9.13 -35.71 -18.79
N LYS F 199 8.71 -36.95 -19.04
CA LYS F 199 8.48 -37.92 -17.98
C LYS F 199 9.76 -38.54 -17.44
N LYS F 200 10.89 -38.32 -18.10
CA LYS F 200 12.18 -38.81 -17.64
C LYS F 200 13.10 -37.66 -17.29
N PHE F 201 12.54 -36.61 -16.69
CA PHE F 201 13.30 -35.42 -16.34
C PHE F 201 13.94 -35.58 -14.97
N ASN F 202 15.18 -35.11 -14.85
CA ASN F 202 15.94 -35.20 -13.62
C ASN F 202 16.22 -33.83 -13.00
N GLY F 203 15.46 -32.81 -13.39
CA GLY F 203 15.51 -31.51 -12.75
C GLY F 203 16.66 -30.62 -13.12
N THR F 204 17.55 -31.04 -14.02
CA THR F 204 18.71 -30.22 -14.37
C THR F 204 19.01 -30.42 -15.86
N GLY F 205 19.00 -29.32 -16.61
CA GLY F 205 19.37 -29.36 -18.01
C GLY F 205 18.31 -28.79 -18.92
N PRO F 206 18.43 -29.06 -20.21
CA PRO F 206 17.45 -28.54 -21.17
C PRO F 206 16.19 -29.40 -21.22
N CYS F 207 15.08 -28.75 -21.58
CA CYS F 207 13.80 -29.43 -21.71
C CYS F 207 13.04 -28.78 -22.87
N PRO F 208 12.71 -29.53 -23.92
CA PRO F 208 12.21 -28.93 -25.17
C PRO F 208 10.71 -28.84 -25.34
N SER F 209 9.91 -29.39 -24.42
CA SER F 209 8.45 -29.38 -24.54
C SER F 209 7.87 -28.71 -23.30
N VAL F 210 7.84 -27.38 -23.31
CA VAL F 210 7.44 -26.60 -22.15
C VAL F 210 6.00 -26.14 -22.36
N SER F 211 5.35 -25.72 -21.28
CA SER F 211 3.99 -25.18 -21.35
C SER F 211 3.82 -24.18 -20.22
N THR F 212 3.19 -23.05 -20.51
CA THR F 212 2.93 -22.04 -19.50
C THR F 212 1.64 -22.34 -18.76
N VAL F 213 1.56 -21.87 -17.51
CA VAL F 213 0.40 -22.10 -16.67
C VAL F 213 0.35 -20.98 -15.64
N GLN F 214 -0.82 -20.79 -15.02
CA GLN F 214 -0.99 -19.86 -13.92
C GLN F 214 -0.95 -20.57 -12.57
N CYS F 215 -1.81 -21.58 -12.38
CA CYS F 215 -1.88 -22.30 -11.12
C CYS F 215 -1.11 -23.62 -11.21
N THR F 216 -0.62 -24.06 -10.06
CA THR F 216 0.12 -25.31 -9.95
C THR F 216 -0.84 -26.46 -9.59
N HIS F 217 -0.28 -27.62 -9.25
CA HIS F 217 -1.07 -28.79 -8.88
C HIS F 217 -1.13 -28.89 -7.35
N GLY F 218 -1.85 -29.90 -6.89
CA GLY F 218 -2.05 -30.10 -5.46
C GLY F 218 -0.83 -30.67 -4.75
N ILE F 219 -0.30 -29.92 -3.78
CA ILE F 219 0.88 -30.33 -3.02
C ILE F 219 0.46 -30.47 -1.56
N LYS F 220 0.68 -31.66 -1.00
CA LYS F 220 0.34 -31.92 0.40
C LYS F 220 1.53 -31.57 1.28
N PRO F 221 1.42 -30.60 2.18
CA PRO F 221 2.56 -30.24 3.07
C PRO F 221 2.72 -31.23 4.22
N VAL F 222 3.22 -32.41 3.90
CA VAL F 222 3.42 -33.46 4.89
C VAL F 222 4.81 -33.33 5.50
N VAL F 223 4.96 -33.83 6.72
CA VAL F 223 6.24 -33.84 7.44
C VAL F 223 6.64 -35.28 7.66
N SER F 224 7.79 -35.67 7.11
CA SER F 224 8.24 -37.05 7.22
C SER F 224 9.77 -37.08 7.13
N THR F 225 10.34 -38.14 7.69
CA THR F 225 11.78 -38.35 7.69
C THR F 225 12.08 -39.74 7.15
N GLN F 226 12.96 -39.80 6.14
CA GLN F 226 13.51 -40.99 5.47
C GLN F 226 12.49 -41.77 4.64
N LEU F 227 11.21 -41.39 4.65
CA LEU F 227 10.19 -42.08 3.88
C LEU F 227 9.17 -41.05 3.42
N LEU F 228 9.17 -40.75 2.13
CA LEU F 228 8.23 -39.76 1.58
C LEU F 228 6.83 -40.34 1.56
N LEU F 229 5.96 -39.86 2.43
CA LEU F 229 4.60 -40.36 2.57
C LEU F 229 3.61 -39.44 1.89
N ASN F 230 2.63 -40.05 1.20
CA ASN F 230 1.51 -39.37 0.54
C ASN F 230 1.99 -38.35 -0.50
N GLY F 231 3.04 -38.72 -1.24
CA GLY F 231 3.60 -37.88 -2.27
C GLY F 231 3.13 -38.27 -3.66
N SER F 232 3.88 -37.81 -4.66
CA SER F 232 3.59 -38.10 -6.05
C SER F 232 4.53 -39.17 -6.58
N LEU F 233 4.06 -39.91 -7.58
CA LEU F 233 4.81 -40.99 -8.19
C LEU F 233 5.31 -40.57 -9.56
N ALA F 234 6.23 -41.38 -10.10
CA ALA F 234 6.77 -41.11 -11.42
C ALA F 234 5.83 -41.66 -12.50
N GLU F 235 6.27 -41.56 -13.76
CA GLU F 235 5.47 -41.97 -14.90
C GLU F 235 5.94 -43.28 -15.53
N GLU F 236 7.24 -43.43 -15.74
CA GLU F 236 7.77 -44.59 -16.45
C GLU F 236 8.62 -45.48 -15.54
N GLU F 237 9.65 -44.93 -14.90
CA GLU F 237 10.59 -45.73 -14.13
C GLU F 237 10.96 -44.99 -12.85
N VAL F 238 11.77 -45.64 -12.03
CA VAL F 238 12.22 -45.06 -10.76
C VAL F 238 13.29 -44.01 -11.06
N MET F 239 13.08 -42.80 -10.54
CA MET F 239 13.98 -41.68 -10.81
C MET F 239 14.95 -41.48 -9.66
N ILE F 240 16.20 -41.20 -10.00
CA ILE F 240 17.26 -40.93 -9.04
C ILE F 240 17.74 -39.50 -9.26
N ARG F 241 17.72 -38.68 -8.21
CA ARG F 241 18.09 -37.28 -8.30
C ARG F 241 19.16 -36.95 -7.27
N SER F 242 20.20 -36.25 -7.71
CA SER F 242 21.27 -35.79 -6.84
C SER F 242 21.99 -34.63 -7.52
N GLU F 243 22.56 -33.74 -6.70
CA GLU F 243 23.28 -32.58 -7.22
C GLU F 243 24.75 -32.89 -7.49
N ASN F 244 25.43 -33.48 -6.52
CA ASN F 244 26.86 -33.80 -6.62
C ASN F 244 27.09 -35.24 -6.16
N ILE F 245 26.41 -36.18 -6.82
CA ILE F 245 26.40 -37.61 -6.52
C ILE F 245 27.80 -38.22 -6.37
N THR F 246 28.82 -37.64 -7.00
CA THR F 246 30.20 -38.06 -6.76
C THR F 246 30.65 -37.76 -5.34
N ASN F 247 30.14 -36.67 -4.74
CA ASN F 247 30.45 -36.36 -3.36
C ASN F 247 29.45 -37.04 -2.43
N ASN F 248 29.95 -37.52 -1.29
CA ASN F 248 29.14 -38.26 -0.33
C ASN F 248 28.39 -37.36 0.65
N ALA F 249 28.60 -36.05 0.60
CA ALA F 249 27.96 -35.13 1.55
C ALA F 249 26.60 -34.66 1.09
N LYS F 250 26.12 -35.08 -0.08
CA LYS F 250 24.84 -34.66 -0.60
C LYS F 250 23.83 -35.81 -0.52
N ASN F 251 22.56 -35.44 -0.47
CA ASN F 251 21.48 -36.41 -0.34
C ASN F 251 21.04 -36.90 -1.72
N ILE F 252 20.47 -38.11 -1.72
CA ILE F 252 20.00 -38.77 -2.93
C ILE F 252 18.49 -38.98 -2.79
N LEU F 253 17.73 -38.44 -3.74
CA LEU F 253 16.28 -38.57 -3.75
C LEU F 253 15.87 -39.66 -4.72
N VAL F 254 15.00 -40.56 -4.26
CA VAL F 254 14.51 -41.68 -5.04
C VAL F 254 13.01 -41.54 -5.19
N GLN F 255 12.53 -41.46 -6.44
CA GLN F 255 11.11 -41.35 -6.74
C GLN F 255 10.64 -42.67 -7.33
N PHE F 256 9.68 -43.30 -6.67
CA PHE F 256 9.18 -44.61 -7.08
C PHE F 256 8.18 -44.45 -8.23
N ASN F 257 7.75 -45.59 -8.77
CA ASN F 257 6.69 -45.63 -9.77
C ASN F 257 5.50 -46.49 -9.36
N THR F 258 5.65 -47.36 -8.36
CA THR F 258 4.57 -48.16 -7.84
C THR F 258 4.48 -47.93 -6.34
N PRO F 259 3.28 -47.73 -5.80
CA PRO F 259 3.16 -47.41 -4.37
C PRO F 259 3.25 -48.65 -3.49
N VAL F 260 3.82 -48.45 -2.30
CA VAL F 260 3.93 -49.48 -1.28
C VAL F 260 3.13 -49.01 -0.07
N GLN F 261 2.20 -49.84 0.39
CA GLN F 261 1.31 -49.47 1.47
C GLN F 261 1.87 -49.90 2.82
N ILE F 262 1.82 -48.98 3.78
CA ILE F 262 2.26 -49.25 5.15
C ILE F 262 1.10 -48.98 6.09
N ASN F 263 0.78 -49.95 6.95
CA ASN F 263 -0.35 -49.87 7.87
C ASN F 263 0.17 -49.67 9.29
N CYS F 264 0.00 -48.46 9.83
CA CYS F 264 0.45 -48.17 11.18
C CYS F 264 -0.73 -48.18 12.14
N THR F 265 -0.49 -48.62 13.38
CA THR F 265 -1.54 -48.74 14.36
C THR F 265 -0.96 -48.58 15.76
N ARG F 266 -1.83 -48.21 16.69
CA ARG F 266 -1.50 -48.12 18.11
C ARG F 266 -2.62 -48.79 18.90
N PRO F 267 -2.36 -49.94 19.54
CA PRO F 267 -3.43 -50.67 20.23
C PRO F 267 -3.78 -50.12 21.60
N ASN F 268 -3.12 -49.06 22.07
CA ASN F 268 -3.40 -48.51 23.39
C ASN F 268 -4.70 -47.71 23.37
N ASN F 269 -5.41 -47.74 24.49
CA ASN F 269 -6.69 -47.06 24.65
C ASN F 269 -6.50 -45.96 25.68
N ASN F 270 -6.27 -44.74 25.21
CA ASN F 270 -5.96 -43.62 26.10
C ASN F 270 -7.23 -42.89 26.51
N THR F 271 -7.16 -42.25 27.68
CA THR F 271 -8.24 -41.44 28.21
C THR F 271 -7.68 -40.07 28.59
N ARG F 272 -8.46 -39.02 28.33
CA ARG F 272 -8.02 -37.65 28.58
C ARG F 272 -8.64 -37.14 29.87
N LYS F 273 -7.84 -36.41 30.65
CA LYS F 273 -8.29 -35.81 31.90
C LYS F 273 -7.85 -34.35 31.93
N SER F 274 -8.80 -33.47 32.21
CA SER F 274 -8.55 -32.03 32.22
C SER F 274 -8.39 -31.55 33.65
N ILE F 275 -7.24 -30.94 33.95
CA ILE F 275 -6.95 -30.35 35.26
C ILE F 275 -6.90 -28.85 35.09
N ARG F 276 -7.68 -28.12 35.89
CA ARG F 276 -7.71 -26.67 35.83
C ARG F 276 -6.49 -26.11 36.56
N ILE F 277 -5.61 -25.43 35.83
CA ILE F 277 -4.37 -24.91 36.40
C ILE F 277 -4.43 -23.41 36.67
N GLY F 278 -5.58 -22.78 36.43
CA GLY F 278 -5.73 -21.37 36.67
C GLY F 278 -7.09 -20.86 36.24
N PRO F 279 -7.26 -19.53 36.20
CA PRO F 279 -8.53 -18.97 35.74
C PRO F 279 -8.74 -19.11 34.24
N GLY F 280 -9.61 -20.04 33.84
CA GLY F 280 -9.85 -20.28 32.44
C GLY F 280 -8.75 -20.99 31.71
N GLN F 281 -7.86 -21.68 32.43
CA GLN F 281 -6.73 -22.38 31.84
C GLN F 281 -6.77 -23.84 32.27
N ALA F 282 -6.84 -24.74 31.30
CA ALA F 282 -6.88 -26.18 31.55
C ALA F 282 -5.64 -26.85 31.01
N PHE F 283 -5.43 -28.09 31.46
CA PHE F 283 -4.30 -28.91 31.03
C PHE F 283 -4.81 -30.33 30.83
N TYR F 284 -4.67 -30.85 29.60
CA TYR F 284 -5.18 -32.16 29.24
C TYR F 284 -4.03 -33.17 29.33
N ALA F 285 -4.16 -34.11 30.26
CA ALA F 285 -3.17 -35.17 30.45
C ALA F 285 -3.83 -36.53 30.22
N THR F 286 -3.01 -37.58 30.31
CA THR F 286 -3.52 -38.93 30.18
C THR F 286 -4.27 -39.36 31.43
N GLY F 287 -5.12 -40.36 31.26
CA GLY F 287 -5.89 -40.89 32.38
C GLY F 287 -5.44 -42.27 32.81
N ASP F 288 -6.19 -43.30 32.40
CA ASP F 288 -5.86 -44.68 32.71
C ASP F 288 -6.08 -45.54 31.47
N ILE F 289 -5.21 -46.51 31.27
CA ILE F 289 -5.30 -47.41 30.12
C ILE F 289 -6.37 -48.45 30.38
N ILE F 290 -7.32 -48.57 29.46
CA ILE F 290 -8.42 -49.52 29.58
C ILE F 290 -8.03 -50.79 28.82
N GLY F 291 -7.83 -51.88 29.54
CA GLY F 291 -7.47 -53.15 28.94
C GLY F 291 -5.99 -53.45 29.13
N ASP F 292 -5.33 -53.85 28.05
CA ASP F 292 -3.92 -54.20 28.07
C ASP F 292 -3.09 -53.10 27.43
N ILE F 293 -1.78 -53.14 27.69
CA ILE F 293 -0.82 -52.18 27.16
C ILE F 293 0.06 -52.91 26.16
N ARG F 294 -0.04 -52.52 24.89
CA ARG F 294 0.70 -53.14 23.81
C ARG F 294 1.57 -52.09 23.12
N GLN F 295 2.33 -52.55 22.12
CA GLN F 295 3.24 -51.68 21.39
C GLN F 295 2.61 -51.22 20.08
N ALA F 296 2.78 -49.93 19.77
CA ALA F 296 2.36 -49.41 18.49
C ALA F 296 3.32 -49.87 17.40
N HIS F 297 2.77 -50.25 16.25
CA HIS F 297 3.60 -50.88 15.23
C HIS F 297 3.06 -50.59 13.85
N CYS F 298 3.95 -50.72 12.85
CA CYS F 298 3.61 -50.55 11.45
C CYS F 298 3.95 -51.82 10.68
N ASN F 299 3.07 -52.18 9.75
CA ASN F 299 3.24 -53.36 8.92
C ASN F 299 3.53 -52.93 7.50
N VAL F 300 4.57 -53.53 6.91
CA VAL F 300 5.02 -53.24 5.55
C VAL F 300 5.05 -54.55 4.77
N SER F 301 4.48 -54.55 3.57
CA SER F 301 4.52 -55.72 2.71
C SER F 301 5.95 -56.00 2.25
N LYS F 302 6.35 -57.28 2.34
CA LYS F 302 7.73 -57.68 2.10
C LYS F 302 8.04 -57.90 0.62
N ALA F 303 7.13 -58.54 -0.11
CA ALA F 303 7.38 -58.85 -1.52
C ALA F 303 7.37 -57.58 -2.37
N THR F 304 6.46 -56.65 -2.06
CA THR F 304 6.44 -55.37 -2.76
C THR F 304 7.68 -54.55 -2.45
N TRP F 305 8.16 -54.61 -1.21
CA TRP F 305 9.38 -53.91 -0.82
C TRP F 305 10.59 -54.49 -1.53
N ASN F 306 10.64 -55.81 -1.69
CA ASN F 306 11.76 -56.44 -2.40
C ASN F 306 11.70 -56.14 -3.90
N GLU F 307 10.51 -56.18 -4.49
CA GLU F 307 10.39 -55.92 -5.92
C GLU F 307 10.55 -54.43 -6.26
N THR F 308 10.41 -53.54 -5.27
CA THR F 308 10.77 -52.15 -5.49
C THR F 308 12.25 -51.90 -5.23
N LEU F 309 12.85 -52.59 -4.26
CA LEU F 309 14.28 -52.45 -4.01
C LEU F 309 15.12 -53.01 -5.16
N GLY F 310 14.60 -54.04 -5.85
CA GLY F 310 15.28 -54.52 -7.05
C GLY F 310 15.33 -53.49 -8.16
N LYS F 311 14.22 -52.77 -8.36
CA LYS F 311 14.20 -51.68 -9.33
C LYS F 311 15.07 -50.51 -8.88
N VAL F 312 15.15 -50.28 -7.56
CA VAL F 312 16.02 -49.23 -7.03
C VAL F 312 17.49 -49.55 -7.31
N VAL F 313 17.89 -50.81 -7.11
CA VAL F 313 19.25 -51.23 -7.41
C VAL F 313 19.52 -51.18 -8.91
N LYS F 314 18.54 -51.59 -9.72
CA LYS F 314 18.71 -51.58 -11.17
C LYS F 314 18.79 -50.17 -11.74
N GLN F 315 18.13 -49.20 -11.11
CA GLN F 315 18.24 -47.81 -11.54
C GLN F 315 19.44 -47.10 -10.92
N LEU F 316 19.94 -47.57 -9.78
CA LEU F 316 21.11 -46.98 -9.16
C LEU F 316 22.42 -47.52 -9.74
N ARG F 317 22.37 -48.67 -10.42
CA ARG F 317 23.58 -49.20 -11.05
C ARG F 317 23.99 -48.46 -12.31
N LYS F 318 23.17 -47.53 -12.80
CA LYS F 318 23.54 -46.75 -13.98
C LYS F 318 24.59 -45.70 -13.68
N HIS F 319 24.76 -45.32 -12.41
CA HIS F 319 25.72 -44.30 -12.02
C HIS F 319 26.90 -44.85 -11.23
N PHE F 320 26.96 -46.17 -11.00
CA PHE F 320 28.04 -46.76 -10.22
C PHE F 320 28.68 -47.97 -10.88
N GLY F 321 28.29 -48.32 -12.10
CA GLY F 321 28.89 -49.42 -12.82
C GLY F 321 28.04 -50.68 -12.76
N ASN F 322 28.46 -51.66 -13.57
CA ASN F 322 27.75 -52.93 -13.68
C ASN F 322 28.21 -53.94 -12.63
N ASN F 323 29.51 -53.96 -12.31
CA ASN F 323 30.08 -54.94 -11.40
C ASN F 323 30.26 -54.38 -9.99
N THR F 324 29.36 -53.52 -9.54
CA THR F 324 29.42 -52.93 -8.21
C THR F 324 28.29 -53.51 -7.36
N ILE F 325 28.65 -54.17 -6.26
CA ILE F 325 27.65 -54.73 -5.37
C ILE F 325 27.00 -53.60 -4.56
N ILE F 326 25.74 -53.82 -4.18
CA ILE F 326 24.96 -52.82 -3.45
C ILE F 326 24.57 -53.42 -2.10
N ARG F 327 25.10 -52.85 -1.03
CA ARG F 327 24.79 -53.28 0.32
C ARG F 327 23.99 -52.20 1.03
N PHE F 328 22.97 -52.62 1.78
CA PHE F 328 22.11 -51.70 2.51
C PHE F 328 22.33 -51.85 4.01
N ALA F 329 22.25 -50.74 4.72
CA ALA F 329 22.43 -50.73 6.17
C ALA F 329 21.50 -49.70 6.78
N ASN F 330 21.41 -49.70 8.10
CA ASN F 330 20.58 -48.77 8.83
C ASN F 330 21.35 -47.49 9.10
N SER F 331 20.79 -46.62 9.94
CA SER F 331 21.43 -45.36 10.28
C SER F 331 22.62 -45.58 11.20
N SER F 332 23.55 -44.63 11.18
CA SER F 332 24.76 -44.73 12.00
C SER F 332 24.45 -44.42 13.47
N GLY F 333 23.86 -43.27 13.74
CA GLY F 333 23.54 -42.89 15.10
C GLY F 333 23.39 -41.39 15.22
N GLY F 334 23.09 -40.97 16.44
CA GLY F 334 22.91 -39.56 16.74
C GLY F 334 21.66 -39.27 17.54
N ASP F 335 20.80 -38.40 17.04
CA ASP F 335 19.57 -38.02 17.71
C ASP F 335 18.45 -38.97 17.30
N LEU F 336 17.22 -38.64 17.70
CA LEU F 336 16.06 -39.48 17.39
C LEU F 336 15.26 -38.96 16.19
N GLU F 337 15.47 -37.72 15.78
CA GLU F 337 14.74 -37.16 14.65
C GLU F 337 15.30 -37.56 13.31
N VAL F 338 16.49 -38.16 13.27
CA VAL F 338 17.15 -38.57 12.03
C VAL F 338 17.21 -40.08 11.90
N THR F 339 17.62 -40.77 12.96
CA THR F 339 17.81 -42.22 12.91
C THR F 339 16.50 -42.99 12.87
N THR F 340 15.41 -42.41 13.34
CA THR F 340 14.11 -43.07 13.35
C THR F 340 13.16 -42.35 12.40
N HIS F 341 12.26 -43.13 11.79
CA HIS F 341 11.28 -42.57 10.86
C HIS F 341 10.18 -41.87 11.65
N SER F 342 9.98 -40.59 11.39
CA SER F 342 8.99 -39.78 12.09
C SER F 342 7.92 -39.31 11.12
N PHE F 343 6.66 -39.35 11.57
CA PHE F 343 5.53 -38.88 10.79
C PHE F 343 4.45 -38.40 11.76
N ASN F 344 3.25 -38.17 11.24
CA ASN F 344 2.14 -37.71 12.07
C ASN F 344 0.84 -38.19 11.44
N CYS F 345 0.31 -39.29 11.97
CA CYS F 345 -1.01 -39.79 11.58
C CYS F 345 -1.83 -40.03 12.85
N GLY F 346 -3.13 -39.79 12.75
CA GLY F 346 -4.02 -39.96 13.89
C GLY F 346 -4.10 -38.78 14.85
N GLY F 347 -2.95 -38.21 15.21
CA GLY F 347 -2.90 -37.10 16.14
C GLY F 347 -1.72 -37.16 17.09
N GLU F 348 -0.96 -38.26 17.04
CA GLU F 348 0.21 -38.44 17.86
C GLU F 348 1.47 -38.47 16.98
N PHE F 349 2.62 -38.31 17.63
CA PHE F 349 3.91 -38.24 16.96
C PHE F 349 4.68 -39.52 17.23
N PHE F 350 4.91 -40.30 16.18
CA PHE F 350 5.58 -41.59 16.26
C PHE F 350 7.02 -41.49 15.78
N TYR F 351 7.85 -42.40 16.29
CA TYR F 351 9.23 -42.57 15.85
C TYR F 351 9.45 -44.07 15.72
N CYS F 352 9.62 -44.55 14.48
CA CYS F 352 9.68 -45.97 14.19
C CYS F 352 11.09 -46.40 13.83
N ASN F 353 11.42 -47.63 14.22
CA ASN F 353 12.72 -48.23 13.94
C ASN F 353 12.69 -48.87 12.57
N THR F 354 13.57 -48.43 11.69
CA THR F 354 13.62 -48.90 10.31
C THR F 354 14.93 -49.63 10.02
N SER F 355 15.37 -50.47 10.95
CA SER F 355 16.59 -51.25 10.78
C SER F 355 16.33 -52.59 10.11
N GLY F 356 15.08 -52.93 9.82
CA GLY F 356 14.76 -54.20 9.18
C GLY F 356 14.45 -54.05 7.70
N LEU F 357 14.20 -52.82 7.26
CA LEU F 357 13.91 -52.58 5.85
C LEU F 357 15.18 -52.49 5.02
N PHE F 358 16.13 -51.67 5.46
CA PHE F 358 17.39 -51.46 4.74
C PHE F 358 18.41 -52.51 5.20
N ASN F 359 18.18 -53.74 4.76
CA ASN F 359 19.05 -54.86 5.11
C ASN F 359 19.04 -55.83 3.92
N SER F 360 19.99 -55.65 3.00
CA SER F 360 20.06 -56.44 1.78
C SER F 360 21.46 -56.34 1.20
N THR F 361 21.78 -57.31 0.35
CA THR F 361 23.07 -57.34 -0.37
C THR F 361 22.81 -57.88 -1.76
N TRP F 362 22.92 -57.01 -2.76
CA TRP F 362 22.67 -57.37 -4.15
C TRP F 362 23.99 -57.45 -4.90
N ILE F 363 24.21 -58.55 -5.60
CA ILE F 363 25.41 -58.77 -6.38
C ILE F 363 25.05 -58.68 -7.86
N SER F 364 26.08 -58.54 -8.69
CA SER F 364 25.90 -58.43 -10.13
C SER F 364 25.61 -59.79 -10.76
N ASN F 377 2.84 -63.21 1.58
CA ASN F 377 1.88 -63.51 2.62
C ASN F 377 2.31 -62.92 3.96
N ASP F 378 3.62 -62.89 4.20
CA ASP F 378 4.16 -62.34 5.42
C ASP F 378 4.38 -60.83 5.29
N SER F 379 4.74 -60.20 6.40
CA SER F 379 4.96 -58.77 6.43
C SER F 379 6.01 -58.44 7.49
N ILE F 380 6.63 -57.28 7.34
CA ILE F 380 7.63 -56.78 8.28
C ILE F 380 6.94 -55.86 9.26
N THR F 381 7.16 -56.10 10.55
CA THR F 381 6.56 -55.33 11.63
C THR F 381 7.63 -54.48 12.29
N LEU F 382 7.42 -53.17 12.31
CA LEU F 382 8.35 -52.23 12.91
C LEU F 382 7.68 -51.56 14.11
N PRO F 383 8.25 -51.68 15.31
CA PRO F 383 7.67 -50.99 16.47
C PRO F 383 8.03 -49.51 16.47
N CYS F 384 7.15 -48.72 17.09
CA CYS F 384 7.33 -47.27 17.16
C CYS F 384 7.11 -46.79 18.57
N ARG F 385 7.78 -45.69 18.92
CA ARG F 385 7.64 -45.04 20.21
C ARG F 385 7.01 -43.65 20.03
N ILE F 386 6.10 -43.29 20.92
CA ILE F 386 5.34 -42.05 20.81
C ILE F 386 5.99 -40.98 21.67
N LYS F 387 6.07 -39.77 21.12
CA LYS F 387 6.64 -38.63 21.85
C LYS F 387 5.61 -37.52 21.92
N GLN F 388 5.68 -36.72 23.00
CA GLN F 388 4.75 -35.63 23.24
C GLN F 388 5.40 -34.25 23.21
N ILE F 389 6.68 -34.13 23.55
CA ILE F 389 7.39 -32.87 23.53
C ILE F 389 8.29 -32.88 22.30
N ILE F 390 7.87 -32.17 21.25
CA ILE F 390 8.55 -32.19 19.96
C ILE F 390 8.96 -30.76 19.62
N ASN F 391 10.25 -30.58 19.28
CA ASN F 391 10.76 -29.31 18.79
C ASN F 391 10.79 -29.38 17.26
N MET F 392 9.86 -28.69 16.62
CA MET F 392 9.72 -28.76 15.18
C MET F 392 10.67 -27.80 14.48
N TRP F 393 11.06 -28.19 13.25
CA TRP F 393 11.90 -27.40 12.34
C TRP F 393 13.27 -27.06 12.94
N GLN F 394 13.78 -27.96 13.80
CA GLN F 394 15.09 -27.84 14.45
C GLN F 394 15.22 -26.54 15.25
N ARG F 395 14.14 -26.14 15.92
CA ARG F 395 14.13 -24.89 16.66
C ARG F 395 14.69 -25.10 18.06
N ILE F 396 15.44 -24.11 18.54
CA ILE F 396 16.02 -24.13 19.88
C ILE F 396 15.43 -22.95 20.64
N GLY F 397 14.55 -23.25 21.59
CA GLY F 397 13.90 -22.22 22.37
C GLY F 397 12.40 -22.33 22.38
N GLN F 398 11.85 -23.18 21.50
CA GLN F 398 10.41 -23.39 21.39
C GLN F 398 10.10 -24.88 21.39
N ALA F 399 8.98 -25.25 22.01
CA ALA F 399 8.56 -26.63 22.10
C ALA F 399 7.05 -26.69 21.93
N MET F 400 6.50 -27.90 21.95
CA MET F 400 5.07 -28.10 21.81
C MET F 400 4.67 -29.40 22.51
N TYR F 401 3.58 -29.35 23.27
CA TYR F 401 3.06 -30.50 24.01
C TYR F 401 1.74 -30.92 23.37
N ALA F 402 1.75 -32.05 22.67
CA ALA F 402 0.56 -32.53 22.00
C ALA F 402 -0.41 -33.13 23.01
N PRO F 403 -1.72 -32.90 22.85
CA PRO F 403 -2.70 -33.48 23.78
C PRO F 403 -2.90 -34.96 23.50
N PRO F 404 -3.28 -35.75 24.50
CA PRO F 404 -3.51 -37.19 24.28
C PRO F 404 -4.79 -37.43 23.50
N ILE F 405 -4.72 -38.31 22.51
CA ILE F 405 -5.87 -38.66 21.68
C ILE F 405 -6.63 -39.79 22.36
N GLN F 406 -7.93 -39.62 22.53
CA GLN F 406 -8.79 -40.60 23.19
C GLN F 406 -9.39 -41.52 22.13
N GLY F 407 -8.89 -42.74 22.05
CA GLY F 407 -9.39 -43.72 21.12
C GLY F 407 -8.26 -44.56 20.58
N VAL F 408 -8.58 -45.38 19.57
CA VAL F 408 -7.61 -46.24 18.91
C VAL F 408 -7.20 -45.59 17.60
N ILE F 409 -5.90 -45.58 17.33
CA ILE F 409 -5.34 -44.89 16.16
C ILE F 409 -4.90 -45.93 15.15
N ARG F 410 -5.46 -45.86 13.94
CA ARG F 410 -5.08 -46.70 12.82
C ARG F 410 -4.99 -45.81 11.58
N CYS F 411 -3.91 -45.98 10.81
CA CYS F 411 -3.73 -45.19 9.60
C CYS F 411 -3.00 -46.01 8.56
N VAL F 412 -3.17 -45.63 7.30
CA VAL F 412 -2.49 -46.25 6.18
C VAL F 412 -1.78 -45.15 5.38
N SER F 413 -0.64 -45.51 4.79
CA SER F 413 0.15 -44.53 4.05
C SER F 413 0.77 -45.19 2.83
N ASN F 414 1.12 -44.36 1.85
CA ASN F 414 1.88 -44.78 0.69
C ASN F 414 3.34 -44.38 0.86
N ILE F 415 4.23 -45.15 0.25
CA ILE F 415 5.66 -44.86 0.24
C ILE F 415 6.04 -44.56 -1.20
N THR F 416 6.16 -43.28 -1.54
CA THR F 416 6.47 -42.82 -2.89
C THR F 416 7.77 -42.05 -2.93
N GLY F 417 8.80 -42.51 -2.23
CA GLY F 417 10.07 -41.83 -2.26
C GLY F 417 11.00 -42.36 -1.19
N LEU F 418 12.27 -41.95 -1.32
CA LEU F 418 13.32 -42.36 -0.39
C LEU F 418 14.40 -41.28 -0.38
N ILE F 419 15.03 -41.12 0.78
CA ILE F 419 16.16 -40.21 0.95
C ILE F 419 17.33 -41.05 1.45
N LEU F 420 18.34 -41.22 0.60
CA LEU F 420 19.47 -42.09 0.91
C LEU F 420 20.78 -41.33 0.80
N THR F 421 21.78 -41.81 1.54
CA THR F 421 23.14 -41.30 1.45
C THR F 421 24.10 -42.47 1.38
N ARG F 422 25.34 -42.18 0.99
CA ARG F 422 26.35 -43.21 0.83
C ARG F 422 27.60 -42.83 1.62
N ASP F 423 28.40 -43.85 1.96
CA ASP F 423 29.63 -43.66 2.69
C ASP F 423 30.81 -43.57 1.71
N GLY F 424 31.89 -42.94 2.19
CA GLY F 424 33.06 -42.74 1.36
C GLY F 424 34.32 -43.37 1.92
N GLY F 425 34.86 -44.35 1.21
CA GLY F 425 36.09 -45.01 1.57
C GLY F 425 37.29 -44.44 0.83
N SER F 426 38.30 -45.29 0.64
CA SER F 426 39.51 -44.91 -0.09
C SER F 426 39.48 -45.39 -1.53
N THR F 427 38.27 -45.51 -2.12
CA THR F 427 37.95 -45.78 -3.54
C THR F 427 38.71 -47.00 -4.13
N ASN F 428 39.16 -47.94 -3.30
CA ASN F 428 39.84 -49.13 -3.79
C ASN F 428 38.92 -50.34 -3.89
N SER F 429 37.93 -50.44 -3.00
CA SER F 429 37.00 -51.57 -3.01
C SER F 429 35.87 -51.30 -4.01
N THR F 430 35.02 -52.31 -4.19
CA THR F 430 33.90 -52.22 -5.12
C THR F 430 32.56 -52.39 -4.42
N THR F 431 32.49 -52.01 -3.14
CA THR F 431 31.25 -52.09 -2.38
C THR F 431 30.69 -50.69 -2.14
N GLU F 432 29.39 -50.63 -1.88
CA GLU F 432 28.69 -49.36 -1.65
C GLU F 432 27.67 -49.58 -0.55
N THR F 433 27.78 -48.80 0.52
CA THR F 433 26.85 -48.88 1.65
C THR F 433 25.92 -47.67 1.61
N PHE F 434 24.62 -47.94 1.46
CA PHE F 434 23.61 -46.89 1.38
C PHE F 434 22.76 -46.91 2.65
N ARG F 435 22.65 -45.75 3.30
CA ARG F 435 21.94 -45.61 4.56
C ARG F 435 20.85 -44.55 4.44
N PRO F 436 19.73 -44.73 5.14
CA PRO F 436 18.70 -43.68 5.15
C PRO F 436 19.13 -42.49 5.99
N GLY F 437 18.66 -41.31 5.59
CA GLY F 437 19.00 -40.08 6.27
C GLY F 437 17.94 -39.02 6.04
N GLY F 438 18.13 -37.88 6.68
CA GLY F 438 17.19 -36.78 6.57
C GLY F 438 17.48 -35.64 7.53
N GLY F 439 16.43 -35.03 8.06
CA GLY F 439 16.59 -33.93 8.98
C GLY F 439 16.23 -32.58 8.36
N ASP F 440 16.62 -32.39 7.10
CA ASP F 440 16.32 -31.17 6.37
C ASP F 440 14.99 -31.33 5.65
N MET F 441 14.02 -30.48 6.01
CA MET F 441 12.69 -30.58 5.43
C MET F 441 12.61 -30.00 4.02
N ARG F 442 13.60 -29.19 3.61
CA ARG F 442 13.59 -28.59 2.29
C ARG F 442 13.82 -29.61 1.18
N ASP F 443 14.39 -30.77 1.49
CA ASP F 443 14.47 -31.86 0.53
C ASP F 443 13.14 -32.58 0.37
N ASN F 444 12.18 -32.37 1.28
CA ASN F 444 10.87 -32.99 1.14
C ASN F 444 10.03 -32.30 0.08
N TRP F 445 10.07 -30.96 0.03
CA TRP F 445 9.30 -30.21 -0.94
C TRP F 445 10.06 -29.97 -2.24
N ARG F 446 11.34 -30.34 -2.31
CA ARG F 446 12.11 -30.19 -3.54
C ARG F 446 11.73 -31.22 -4.59
N SER F 447 11.14 -32.35 -4.18
CA SER F 447 10.70 -33.36 -5.13
C SER F 447 9.35 -33.05 -5.76
N GLU F 448 8.66 -32.00 -5.28
CA GLU F 448 7.39 -31.60 -5.85
C GLU F 448 7.47 -30.35 -6.70
N LEU F 449 8.37 -29.42 -6.38
CA LEU F 449 8.54 -28.17 -7.13
C LEU F 449 9.79 -28.21 -8.00
N TYR F 450 10.11 -29.37 -8.56
CA TYR F 450 11.29 -29.53 -9.40
C TYR F 450 11.00 -29.31 -10.88
N LYS F 451 9.77 -28.97 -11.25
CA LYS F 451 9.39 -28.81 -12.64
C LYS F 451 8.58 -27.54 -12.85
N TYR F 452 8.88 -26.49 -12.09
CA TYR F 452 8.18 -25.22 -12.20
C TYR F 452 9.20 -24.08 -12.21
N LYS F 453 9.01 -23.13 -13.12
CA LYS F 453 9.92 -21.99 -13.25
C LYS F 453 9.10 -20.71 -13.38
N VAL F 454 9.30 -19.77 -12.47
CA VAL F 454 8.56 -18.52 -12.48
C VAL F 454 9.22 -17.56 -13.47
N VAL F 455 8.44 -17.06 -14.43
CA VAL F 455 8.94 -16.14 -15.44
C VAL F 455 8.10 -14.88 -15.43
N LYS F 456 8.71 -13.77 -15.86
CA LYS F 456 8.07 -12.46 -15.89
C LYS F 456 7.88 -12.02 -17.34
N ILE F 457 6.67 -11.59 -17.67
CA ILE F 457 6.30 -11.26 -19.04
C ILE F 457 6.72 -9.83 -19.34
N GLU F 458 7.35 -9.63 -20.50
CA GLU F 458 7.73 -8.30 -20.98
C GLU F 458 7.02 -8.03 -22.30
N PRO F 459 5.95 -7.24 -22.30
CA PRO F 459 5.11 -7.10 -23.51
C PRO F 459 5.48 -5.96 -24.44
N LEU F 460 6.62 -5.29 -24.25
CA LEU F 460 6.99 -4.16 -25.09
C LEU F 460 8.01 -4.57 -26.14
N GLY F 461 7.79 -4.12 -27.37
CA GLY F 461 8.66 -4.49 -28.49
C GLY F 461 8.76 -3.37 -29.50
N VAL F 462 9.89 -3.34 -30.20
CA VAL F 462 10.20 -2.32 -31.18
C VAL F 462 10.66 -3.00 -32.46
N ALA F 463 10.05 -2.65 -33.59
CA ALA F 463 10.32 -3.30 -34.86
C ALA F 463 10.42 -2.26 -35.98
N PRO F 464 11.26 -2.49 -36.98
CA PRO F 464 11.29 -1.59 -38.13
C PRO F 464 10.22 -1.94 -39.15
N THR F 465 9.40 -0.94 -39.52
CA THR F 465 8.35 -1.11 -40.50
C THR F 465 8.34 0.15 -41.38
N ARG F 466 7.56 0.12 -42.45
CA ARG F 466 7.54 1.18 -43.45
C ARG F 466 6.38 2.15 -43.24
N CYS F 467 6.04 2.46 -42.00
CA CYS F 467 4.99 3.44 -41.71
C CYS F 467 5.45 4.86 -42.03
N LYS F 468 4.47 5.73 -42.21
CA LYS F 468 4.69 7.17 -42.28
C LYS F 468 3.42 7.83 -41.75
N ARG F 469 3.42 8.18 -40.47
CA ARG F 469 2.22 8.72 -39.84
C ARG F 469 1.98 10.16 -40.25
N ARG F 470 0.72 10.51 -40.45
CA ARG F 470 0.34 11.86 -40.87
C ARG F 470 0.49 12.85 -39.72
N GLN G 1 35.81 -24.09 -7.85
CA GLN G 1 36.19 -23.53 -9.13
C GLN G 1 36.48 -24.64 -10.15
N ILE G 2 36.05 -24.42 -11.39
CA ILE G 2 36.26 -25.40 -12.46
C ILE G 2 37.74 -25.44 -12.84
N HIS G 3 38.28 -26.66 -12.90
CA HIS G 3 39.67 -26.88 -13.31
C HIS G 3 39.69 -27.97 -14.37
N LEU G 4 40.39 -27.71 -15.48
CA LEU G 4 40.42 -28.63 -16.61
C LEU G 4 41.81 -29.23 -16.74
N VAL G 5 41.85 -30.55 -16.96
CA VAL G 5 43.09 -31.26 -17.23
C VAL G 5 42.93 -32.03 -18.53
N GLN G 6 44.07 -32.37 -19.14
CA GLN G 6 44.08 -33.08 -20.42
C GLN G 6 45.12 -34.20 -20.32
N SER G 7 45.42 -34.81 -21.47
CA SER G 7 46.37 -35.90 -21.53
C SER G 7 47.79 -35.35 -21.60
N GLY G 8 48.78 -36.23 -21.75
CA GLY G 8 50.17 -35.85 -21.80
C GLY G 8 50.67 -35.66 -23.24
N THR G 9 51.93 -35.24 -23.32
CA THR G 9 52.57 -35.01 -24.62
C THR G 9 52.95 -36.34 -25.25
N GLU G 10 52.48 -36.57 -26.48
CA GLU G 10 52.75 -37.80 -27.21
C GLU G 10 53.18 -37.47 -28.62
N VAL G 11 53.91 -38.40 -29.23
CA VAL G 11 54.32 -38.31 -30.62
C VAL G 11 53.53 -39.32 -31.43
N LYS G 12 53.42 -39.09 -32.74
CA LYS G 12 52.63 -39.94 -33.61
C LYS G 12 53.35 -40.12 -34.95
N LYS G 13 52.76 -40.98 -35.79
CA LYS G 13 53.24 -41.28 -37.12
C LYS G 13 52.12 -41.02 -38.12
N PRO G 14 52.46 -40.66 -39.38
CA PRO G 14 51.41 -40.44 -40.38
C PRO G 14 50.67 -41.71 -40.77
N GLY G 15 49.39 -41.77 -40.43
CA GLY G 15 48.56 -42.93 -40.70
C GLY G 15 47.90 -43.55 -39.48
N SER G 16 48.12 -43.01 -38.29
CA SER G 16 47.54 -43.56 -37.07
C SER G 16 46.36 -42.71 -36.62
N SER G 17 45.81 -43.02 -35.45
CA SER G 17 44.68 -42.31 -34.87
C SER G 17 45.11 -41.66 -33.56
N VAL G 18 44.58 -40.46 -33.30
CA VAL G 18 44.94 -39.68 -32.11
C VAL G 18 43.69 -39.53 -31.26
N THR G 19 43.81 -39.79 -29.96
CA THR G 19 42.70 -39.66 -29.02
C THR G 19 43.13 -38.74 -27.89
N VAL G 20 42.44 -37.61 -27.75
CA VAL G 20 42.76 -36.60 -26.75
C VAL G 20 41.60 -36.52 -25.76
N SER G 21 41.91 -36.55 -24.46
CA SER G 21 40.92 -36.51 -23.41
C SER G 21 40.92 -35.15 -22.72
N CYS G 22 39.77 -34.81 -22.14
CA CYS G 22 39.60 -33.53 -21.45
C CYS G 22 38.67 -33.73 -20.26
N LYS G 23 39.20 -33.60 -19.05
CA LYS G 23 38.44 -33.75 -17.83
C LYS G 23 38.25 -32.39 -17.17
N ALA G 24 37.08 -32.19 -16.57
CA ALA G 24 36.73 -30.92 -15.95
C ALA G 24 36.12 -31.16 -14.58
N TYR G 25 36.69 -30.51 -13.56
CA TYR G 25 36.18 -30.57 -12.20
C TYR G 25 35.40 -29.28 -11.92
N GLY G 26 34.16 -29.43 -11.47
CA GLY G 26 33.26 -28.32 -11.21
C GLY G 26 32.00 -28.33 -12.05
N VAL G 27 31.97 -29.07 -13.15
CA VAL G 27 30.80 -29.15 -14.00
C VAL G 27 29.90 -30.29 -13.51
N ASN G 28 28.64 -29.98 -13.24
CA ASN G 28 27.70 -31.00 -12.82
C ASN G 28 27.17 -31.80 -14.01
N THR G 29 26.47 -31.14 -14.93
CA THR G 29 25.96 -31.78 -16.14
C THR G 29 26.47 -31.02 -17.36
N PHE G 30 26.57 -31.74 -18.48
CA PHE G 30 26.93 -31.15 -19.75
C PHE G 30 25.73 -30.57 -20.50
N GLY G 31 24.55 -30.58 -19.89
CA GLY G 31 23.39 -29.96 -20.52
C GLY G 31 23.35 -28.46 -20.33
N LEU G 32 23.88 -27.96 -19.22
CA LEU G 32 23.96 -26.53 -18.94
C LEU G 32 25.24 -25.90 -19.47
N TYR G 33 26.13 -26.70 -20.05
CA TYR G 33 27.41 -26.22 -20.56
C TYR G 33 27.61 -26.67 -21.99
N ALA G 34 28.62 -26.11 -22.63
CA ALA G 34 29.00 -26.47 -23.99
C ALA G 34 30.51 -26.56 -24.08
N VAL G 35 31.00 -27.59 -24.77
CA VAL G 35 32.43 -27.89 -24.83
C VAL G 35 32.93 -27.53 -26.23
N ASN G 36 34.08 -26.87 -26.30
CA ASN G 36 34.68 -26.48 -27.57
C ASN G 36 36.12 -27.00 -27.65
N TRP G 37 36.46 -27.54 -28.82
CA TRP G 37 37.78 -28.07 -29.10
C TRP G 37 38.42 -27.18 -30.17
N VAL G 38 39.54 -26.55 -29.81
CA VAL G 38 40.28 -25.69 -30.74
C VAL G 38 41.73 -26.15 -30.77
N ARG G 39 42.48 -25.59 -31.72
CA ARG G 39 43.90 -25.89 -31.86
C ARG G 39 44.67 -24.60 -32.15
N GLN G 40 45.99 -24.68 -31.97
CA GLN G 40 46.87 -23.55 -32.23
C GLN G 40 48.20 -24.09 -32.73
N ALA G 41 48.60 -23.68 -33.94
CA ALA G 41 49.87 -24.08 -34.49
C ALA G 41 51.00 -23.22 -33.91
N PRO G 42 52.20 -23.79 -33.76
CA PRO G 42 53.34 -22.97 -33.27
C PRO G 42 53.79 -21.95 -34.30
N GLY G 43 53.52 -20.67 -34.01
CA GLY G 43 53.85 -19.58 -34.91
C GLY G 43 52.68 -19.03 -35.69
N GLN G 44 51.47 -19.54 -35.48
CA GLN G 44 50.30 -19.06 -36.20
C GLN G 44 49.20 -18.65 -35.23
N SER G 45 48.02 -18.35 -35.77
CA SER G 45 46.89 -17.92 -34.95
C SER G 45 46.08 -19.14 -34.50
N LEU G 46 44.96 -18.89 -33.83
CA LEU G 46 44.09 -19.96 -33.34
C LEU G 46 43.09 -20.37 -34.40
N GLU G 47 42.64 -21.63 -34.32
CA GLU G 47 41.68 -22.17 -35.26
C GLU G 47 40.64 -22.99 -34.52
N TYR G 48 39.37 -22.74 -34.84
CA TYR G 48 38.25 -23.45 -34.23
C TYR G 48 38.01 -24.76 -34.98
N ILE G 49 38.00 -25.87 -34.24
CA ILE G 49 37.82 -27.18 -34.86
C ILE G 49 36.38 -27.65 -34.68
N GLY G 50 35.95 -27.81 -33.42
CA GLY G 50 34.62 -28.36 -33.23
C GLY G 50 34.03 -28.00 -31.89
N GLN G 51 32.81 -28.46 -31.67
CA GLN G 51 32.11 -28.19 -30.41
C GLN G 51 31.04 -29.25 -30.20
N ILE G 52 30.53 -29.28 -28.98
CA ILE G 52 29.34 -30.05 -28.62
C ILE G 52 28.50 -29.21 -27.66
N TRP G 53 27.21 -29.12 -27.95
CA TRP G 53 26.29 -28.26 -27.22
C TRP G 53 24.89 -28.84 -27.35
N ARG G 54 24.16 -28.85 -26.23
CA ARG G 54 22.82 -29.44 -26.09
C ARG G 54 22.80 -30.90 -26.51
N TRP G 55 23.88 -31.62 -26.18
CA TRP G 55 24.13 -33.01 -26.58
C TRP G 55 24.08 -33.18 -28.11
N LYS G 56 24.62 -32.18 -28.82
CA LYS G 56 24.74 -32.23 -30.26
C LYS G 56 26.16 -31.83 -30.63
N SER G 57 26.88 -32.72 -31.31
CA SER G 57 28.27 -32.49 -31.68
C SER G 57 28.35 -32.02 -33.13
N SER G 58 29.19 -31.02 -33.38
CA SER G 58 29.36 -30.49 -34.72
C SER G 58 30.79 -29.97 -34.87
N ALA G 59 31.16 -29.67 -36.11
CA ALA G 59 32.48 -29.15 -36.44
C ALA G 59 32.34 -28.09 -37.53
N SER G 60 33.46 -27.49 -37.90
CA SER G 60 33.46 -26.49 -38.95
C SER G 60 33.44 -27.15 -40.33
N HIS G 61 33.45 -26.33 -41.37
CA HIS G 61 33.41 -26.82 -42.73
C HIS G 61 34.77 -27.30 -43.23
N HIS G 62 35.83 -27.16 -42.44
CA HIS G 62 37.17 -27.59 -42.83
C HIS G 62 37.54 -28.95 -42.25
N PHE G 63 36.86 -29.42 -41.20
CA PHE G 63 37.17 -30.69 -40.56
C PHE G 63 35.97 -31.63 -40.58
N ARG G 64 35.13 -31.54 -41.62
CA ARG G 64 33.97 -32.40 -41.74
C ARG G 64 34.37 -33.79 -42.19
N GLY G 65 33.93 -34.81 -41.45
CA GLY G 65 34.25 -36.18 -41.79
C GLY G 65 35.62 -36.64 -41.40
N ARG G 66 36.33 -35.90 -40.56
CA ARG G 66 37.68 -36.24 -40.15
C ARG G 66 37.83 -36.45 -38.65
N VAL G 67 37.22 -35.59 -37.84
CA VAL G 67 37.33 -35.68 -36.39
C VAL G 67 36.02 -36.20 -35.81
N LEU G 68 36.07 -36.61 -34.55
CA LEU G 68 34.89 -37.14 -33.86
C LEU G 68 34.96 -36.70 -32.40
N ILE G 69 33.93 -36.01 -31.94
CA ILE G 69 33.86 -35.50 -30.57
C ILE G 69 32.78 -36.27 -29.82
N SER G 70 33.12 -36.76 -28.63
CA SER G 70 32.18 -37.49 -27.79
C SER G 70 32.32 -36.99 -26.35
N ALA G 71 31.26 -37.20 -25.57
CA ALA G 71 31.24 -36.73 -24.19
C ALA G 71 30.36 -37.66 -23.35
N VAL G 72 30.58 -37.62 -22.04
CA VAL G 72 29.81 -38.40 -21.09
C VAL G 72 29.46 -37.49 -19.90
N ASP G 73 28.38 -37.83 -19.23
CA ASP G 73 27.87 -37.00 -18.14
C ASP G 73 28.50 -37.45 -16.81
N LEU G 74 27.92 -36.99 -15.70
CA LEU G 74 28.48 -37.16 -14.36
C LEU G 74 28.35 -38.61 -13.92
N THR G 75 29.44 -39.36 -14.05
CA THR G 75 29.54 -40.69 -13.48
C THR G 75 29.82 -40.54 -11.98
N GLY G 76 29.17 -41.38 -11.17
CA GLY G 76 29.28 -41.28 -9.72
C GLY G 76 30.64 -41.55 -9.08
N SER G 77 31.64 -41.93 -9.88
CA SER G 77 32.98 -42.14 -9.34
C SER G 77 34.07 -41.59 -10.26
N SER G 78 33.72 -40.67 -11.18
CA SER G 78 34.69 -40.14 -12.12
C SER G 78 34.19 -38.79 -12.62
N PRO G 79 35.09 -37.85 -12.91
CA PRO G 79 34.65 -36.57 -13.49
C PRO G 79 34.18 -36.75 -14.92
N PRO G 80 33.30 -35.86 -15.42
CA PRO G 80 32.84 -35.98 -16.80
C PRO G 80 33.95 -35.64 -17.78
N ILE G 81 34.19 -36.55 -18.72
CA ILE G 81 35.28 -36.43 -19.67
C ILE G 81 34.72 -36.13 -21.06
N SER G 82 35.59 -35.65 -21.92
CA SER G 82 35.27 -35.40 -23.33
C SER G 82 36.44 -35.88 -24.18
N SER G 83 36.13 -36.63 -25.23
CA SER G 83 37.13 -37.26 -26.07
C SER G 83 37.06 -36.70 -27.49
N LEU G 84 38.23 -36.46 -28.07
CA LEU G 84 38.36 -36.03 -29.46
C LEU G 84 39.24 -37.01 -30.19
N GLU G 85 38.72 -37.59 -31.28
CA GLU G 85 39.44 -38.58 -32.07
C GLU G 85 39.71 -38.02 -33.46
N ILE G 86 40.98 -38.05 -33.86
CA ILE G 86 41.41 -37.62 -35.18
C ILE G 86 41.93 -38.85 -35.91
N LYS G 87 41.34 -39.14 -37.07
CA LYS G 87 41.69 -40.31 -37.87
C LYS G 87 42.42 -39.88 -39.13
N ASN G 88 43.50 -40.59 -39.45
CA ASN G 88 44.33 -40.38 -40.65
C ASN G 88 44.89 -38.95 -40.70
N LEU G 89 45.70 -38.62 -39.70
CA LEU G 89 46.28 -37.29 -39.61
C LEU G 89 47.40 -37.12 -40.63
N THR G 90 47.60 -35.87 -41.05
CA THR G 90 48.60 -35.50 -42.03
C THR G 90 49.76 -34.86 -41.23
N SER G 91 50.90 -34.63 -41.89
CA SER G 91 52.12 -34.17 -41.22
C SER G 91 52.12 -32.66 -40.93
N ASP G 92 50.98 -31.99 -41.03
CA ASP G 92 50.85 -30.58 -40.65
C ASP G 92 49.88 -30.42 -39.49
N ASP G 93 49.78 -31.42 -38.63
CA ASP G 93 48.88 -31.40 -37.50
C ASP G 93 49.61 -31.29 -36.16
N THR G 94 50.90 -30.96 -36.19
CA THR G 94 51.65 -30.74 -34.96
C THR G 94 51.26 -29.39 -34.34
N ALA G 95 50.52 -29.43 -33.24
CA ALA G 95 49.92 -28.22 -32.69
C ALA G 95 49.59 -28.44 -31.22
N VAL G 96 49.15 -27.37 -30.56
CA VAL G 96 48.67 -27.43 -29.19
C VAL G 96 47.16 -27.36 -29.20
N TYR G 97 46.51 -28.38 -28.65
CA TYR G 97 45.07 -28.50 -28.65
C TYR G 97 44.50 -28.02 -27.31
N PHE G 98 43.37 -27.34 -27.37
CA PHE G 98 42.75 -26.73 -26.20
C PHE G 98 41.28 -27.13 -26.10
N CYS G 99 40.85 -27.37 -24.85
CA CYS G 99 39.50 -27.79 -24.52
C CYS G 99 38.89 -26.74 -23.60
N THR G 100 37.85 -26.05 -24.08
CA THR G 100 37.21 -24.98 -23.33
C THR G 100 35.77 -25.33 -23.02
N THR G 101 35.25 -24.76 -21.92
CA THR G 101 33.85 -24.89 -21.56
C THR G 101 33.20 -23.51 -21.52
N THR G 102 31.90 -23.49 -21.79
CA THR G 102 31.13 -22.25 -21.77
C THR G 102 29.76 -22.53 -21.16
N SER G 103 29.39 -21.73 -20.16
CA SER G 103 28.10 -21.90 -19.49
C SER G 103 26.99 -21.33 -20.34
N THR G 104 26.03 -22.18 -20.71
CA THR G 104 24.88 -21.79 -21.53
C THR G 104 23.59 -21.88 -20.74
N TYR G 105 23.62 -21.46 -19.47
CA TYR G 105 22.44 -21.54 -18.61
C TYR G 105 21.52 -20.33 -18.78
N ASP G 106 22.08 -19.13 -18.81
CA ASP G 106 21.28 -17.91 -18.92
C ASP G 106 21.07 -17.58 -20.40
N ARG G 107 19.83 -17.22 -20.74
CA ARG G 107 19.52 -16.86 -22.12
C ARG G 107 20.05 -15.48 -22.47
N TRP G 108 19.99 -14.54 -21.53
CA TRP G 108 20.47 -13.17 -21.73
C TRP G 108 21.85 -12.96 -21.15
N SER G 109 22.71 -13.99 -21.19
CA SER G 109 24.05 -13.87 -20.64
C SER G 109 24.97 -13.05 -21.54
N GLY G 110 24.75 -13.08 -22.85
CA GLY G 110 25.56 -12.35 -23.79
C GLY G 110 26.83 -13.05 -24.23
N LEU G 111 27.13 -14.22 -23.67
CA LEU G 111 28.33 -14.98 -24.04
C LEU G 111 28.07 -15.99 -25.14
N HIS G 112 26.85 -16.08 -25.66
CA HIS G 112 26.53 -17.04 -26.70
C HIS G 112 25.49 -16.44 -27.64
N HIS G 113 25.61 -16.77 -28.93
CA HIS G 113 24.67 -16.28 -29.95
C HIS G 113 24.35 -17.44 -30.89
N ASP G 114 23.29 -18.18 -30.56
CA ASP G 114 22.74 -19.28 -31.37
C ASP G 114 23.77 -20.38 -31.64
N GLY G 115 24.50 -20.76 -30.60
CA GLY G 115 25.50 -21.79 -30.72
C GLY G 115 26.91 -21.25 -30.84
N VAL G 116 27.07 -20.16 -31.60
CA VAL G 116 28.36 -19.51 -31.75
C VAL G 116 28.63 -18.70 -30.48
N MET G 117 29.63 -19.12 -29.71
CA MET G 117 29.88 -18.56 -28.40
C MET G 117 31.37 -18.31 -28.21
N ALA G 118 31.70 -17.59 -27.14
CA ALA G 118 33.08 -17.33 -26.75
C ALA G 118 33.52 -18.33 -25.69
N PHE G 119 34.81 -18.31 -25.39
CA PHE G 119 35.42 -19.24 -24.44
C PHE G 119 35.78 -18.49 -23.18
N SER G 120 35.29 -18.97 -22.04
CA SER G 120 35.53 -18.35 -20.75
C SER G 120 36.62 -19.05 -19.94
N SER G 121 36.52 -20.37 -19.79
CA SER G 121 37.50 -21.16 -19.05
C SER G 121 38.28 -22.02 -20.03
N TRP G 122 39.60 -21.98 -19.92
CA TRP G 122 40.50 -22.71 -20.81
C TRP G 122 41.13 -23.89 -20.08
N GLY G 123 41.57 -24.87 -20.87
CA GLY G 123 42.17 -26.07 -20.32
C GLY G 123 43.66 -25.95 -20.09
N GLN G 124 44.41 -26.99 -20.46
CA GLN G 124 45.85 -27.03 -20.29
C GLN G 124 46.61 -26.97 -21.60
N GLY G 125 46.19 -27.76 -22.60
CA GLY G 125 46.85 -27.76 -23.88
C GLY G 125 47.68 -29.01 -24.11
N THR G 126 47.31 -29.80 -25.11
CA THR G 126 48.01 -31.04 -25.44
C THR G 126 48.87 -30.81 -26.68
N LEU G 127 50.16 -31.06 -26.56
CA LEU G 127 51.10 -30.89 -27.66
C LEU G 127 51.14 -32.18 -28.47
N ILE G 128 50.77 -32.11 -29.75
CA ILE G 128 50.74 -33.26 -30.63
C ILE G 128 51.75 -33.02 -31.75
N SER G 129 52.70 -33.93 -31.90
CA SER G 129 53.74 -33.84 -32.92
C SER G 129 53.76 -35.14 -33.72
N VAL G 130 53.75 -35.02 -35.04
CA VAL G 130 53.77 -36.15 -35.96
C VAL G 130 54.98 -36.01 -36.87
N SER G 131 55.73 -37.09 -37.04
CA SER G 131 56.92 -37.08 -37.89
C SER G 131 57.17 -38.50 -38.39
N ALA G 132 58.12 -38.62 -39.32
CA ALA G 132 58.46 -39.92 -39.87
C ALA G 132 59.39 -40.69 -38.96
N ASN H 1 -13.69 35.22 -30.61
CA ASN H 1 -12.55 36.06 -30.32
C ASN H 1 -11.52 35.31 -29.48
N LEU H 2 -11.92 34.93 -28.26
CA LEU H 2 -11.06 34.20 -27.34
C LEU H 2 -11.75 32.93 -26.90
N TRP H 3 -10.98 31.85 -26.77
CA TRP H 3 -11.50 30.55 -26.38
C TRP H 3 -10.68 30.00 -25.22
N VAL H 4 -11.33 29.19 -24.39
CA VAL H 4 -10.67 28.61 -23.22
C VAL H 4 -9.77 27.46 -23.67
N THR H 5 -8.58 27.40 -23.08
CA THR H 5 -7.60 26.36 -23.39
C THR H 5 -7.06 25.82 -22.08
N VAL H 6 -7.10 24.49 -21.93
CA VAL H 6 -6.62 23.82 -20.73
C VAL H 6 -5.14 23.52 -20.89
N TYR H 7 -4.44 23.53 -19.76
CA TYR H 7 -3.00 23.25 -19.71
C TYR H 7 -2.74 22.26 -18.58
N TYR H 8 -1.95 21.23 -18.88
CA TYR H 8 -1.62 20.18 -17.93
C TYR H 8 -0.13 20.27 -17.62
N GLY H 9 0.20 20.58 -16.36
CA GLY H 9 1.57 20.66 -15.94
C GLY H 9 2.04 22.07 -15.63
N VAL H 10 1.15 22.90 -15.09
CA VAL H 10 1.49 24.27 -14.73
C VAL H 10 2.19 24.26 -13.38
N PRO H 11 3.16 25.14 -13.13
CA PRO H 11 3.86 25.15 -11.82
C PRO H 11 3.07 25.89 -10.73
N VAL H 12 1.96 25.28 -10.30
CA VAL H 12 1.13 25.80 -9.24
C VAL H 12 1.15 24.80 -8.10
N TRP H 13 1.49 25.26 -6.89
CA TRP H 13 1.57 24.41 -5.72
C TRP H 13 0.87 25.06 -4.54
N LYS H 14 0.38 24.22 -3.64
CA LYS H 14 -0.29 24.64 -2.40
C LYS H 14 0.38 23.96 -1.22
N ASP H 15 -0.08 24.30 -0.02
CA ASP H 15 0.45 23.72 1.21
C ASP H 15 -0.47 22.59 1.66
N ALA H 16 0.12 21.43 1.96
CA ALA H 16 -0.65 20.27 2.39
C ALA H 16 0.24 19.39 3.27
N GLU H 17 -0.37 18.35 3.83
CA GLU H 17 0.31 17.41 4.69
C GLU H 17 0.17 16.00 4.12
N THR H 18 1.26 15.25 4.14
CA THR H 18 1.28 13.88 3.62
C THR H 18 2.23 13.05 4.47
N THR H 19 2.47 11.81 4.05
CA THR H 19 3.36 10.89 4.74
C THR H 19 4.66 10.76 3.96
N LEU H 20 5.77 10.80 4.68
CA LEU H 20 7.10 10.71 4.08
C LEU H 20 7.72 9.36 4.47
N PHE H 21 8.18 8.61 3.48
CA PHE H 21 8.78 7.31 3.73
C PHE H 21 10.30 7.43 3.85
N CYS H 22 10.92 6.35 4.31
CA CYS H 22 12.35 6.33 4.56
C CYS H 22 13.12 5.89 3.31
N ALA H 23 14.38 6.33 3.24
CA ALA H 23 15.26 5.96 2.14
C ALA H 23 16.69 6.03 2.67
N SER H 24 17.34 4.89 2.82
CA SER H 24 18.68 4.79 3.36
C SER H 24 19.68 4.44 2.25
N ASP H 25 20.94 4.31 2.63
CA ASP H 25 22.01 3.98 1.71
C ASP H 25 22.29 2.49 1.77
N ALA H 26 22.36 1.86 0.60
CA ALA H 26 22.62 0.42 0.52
C ALA H 26 24.09 0.11 0.76
N LYS H 33 24.16 -8.35 10.94
CA LYS H 33 24.07 -7.33 11.98
C LYS H 33 22.83 -6.46 11.78
N HIS H 34 22.01 -6.38 12.82
CA HIS H 34 20.77 -5.59 12.79
C HIS H 34 20.94 -4.32 13.60
N ASN H 35 19.98 -3.41 13.44
CA ASN H 35 19.98 -2.12 14.10
C ASN H 35 18.62 -1.87 14.75
N VAL H 36 18.56 -0.84 15.59
CA VAL H 36 17.28 -0.43 16.16
C VAL H 36 16.40 0.21 15.08
N TRP H 37 16.93 1.24 14.42
CA TRP H 37 16.24 1.83 13.29
C TRP H 37 16.36 0.92 12.08
N ALA H 38 15.23 0.70 11.39
CA ALA H 38 15.19 -0.23 10.27
C ALA H 38 15.87 0.36 9.04
N THR H 39 17.18 0.13 8.91
CA THR H 39 17.93 0.64 7.77
C THR H 39 17.67 -0.18 6.52
N HIS H 40 17.66 -1.50 6.63
CA HIS H 40 17.49 -2.40 5.50
C HIS H 40 16.05 -2.49 5.00
N ALA H 41 15.10 -1.86 5.69
CA ALA H 41 13.70 -1.88 5.27
C ALA H 41 13.32 -0.69 4.40
N CYS H 42 14.25 0.24 4.17
CA CYS H 42 13.97 1.40 3.33
C CYS H 42 14.40 1.14 1.89
N VAL H 43 13.92 2.00 0.99
CA VAL H 43 14.25 1.92 -0.42
C VAL H 43 15.66 2.44 -0.63
N PRO H 44 16.39 1.99 -1.66
CA PRO H 44 17.72 2.54 -1.92
C PRO H 44 17.65 3.98 -2.42
N THR H 45 18.74 4.70 -2.22
CA THR H 45 18.82 6.11 -2.54
C THR H 45 19.37 6.31 -3.94
N ASP H 46 18.74 7.21 -4.70
CA ASP H 46 19.22 7.59 -6.02
C ASP H 46 20.54 8.35 -5.88
N PRO H 47 21.63 7.87 -6.48
CA PRO H 47 22.93 8.57 -6.34
C PRO H 47 23.00 9.88 -7.09
N ASN H 48 22.06 10.17 -7.99
CA ASN H 48 22.01 11.44 -8.71
C ASN H 48 20.71 12.15 -8.33
N PRO H 49 20.71 12.95 -7.27
CA PRO H 49 19.50 13.66 -6.88
C PRO H 49 19.22 14.84 -7.79
N GLN H 50 17.94 15.08 -8.04
CA GLN H 50 17.49 16.16 -8.93
C GLN H 50 17.01 17.33 -8.07
N GLU H 51 17.70 18.47 -8.22
CA GLU H 51 17.36 19.69 -7.50
C GLU H 51 17.07 20.77 -8.53
N ILE H 52 15.85 21.32 -8.50
CA ILE H 52 15.40 22.29 -9.48
C ILE H 52 15.41 23.66 -8.83
N HIS H 53 16.31 24.54 -9.26
CA HIS H 53 16.43 25.89 -8.70
C HIS H 53 15.29 26.74 -9.24
N LEU H 54 14.23 26.91 -8.45
CA LEU H 54 13.06 27.66 -8.87
C LEU H 54 13.34 29.15 -8.71
N GLU H 55 13.58 29.83 -9.83
CA GLU H 55 13.94 31.24 -9.80
C GLU H 55 12.69 32.12 -9.81
N ASN H 56 12.88 33.35 -9.30
CA ASN H 56 11.84 34.39 -9.20
C ASN H 56 10.64 33.91 -8.38
N VAL H 57 10.89 33.13 -7.34
CA VAL H 57 9.86 32.64 -6.44
C VAL H 57 10.31 32.95 -5.02
N THR H 58 9.55 33.79 -4.31
CA THR H 58 9.83 34.16 -2.94
C THR H 58 8.83 33.44 -2.04
N GLU H 59 9.33 32.48 -1.26
CA GLU H 59 8.49 31.68 -0.37
C GLU H 59 8.75 32.08 1.08
N GLU H 60 7.69 32.12 1.87
CA GLU H 60 7.78 32.50 3.28
C GLU H 60 7.81 31.24 4.14
N PHE H 61 8.91 31.06 4.87
CA PHE H 61 9.11 29.88 5.70
C PHE H 61 8.92 30.23 7.18
N ASN H 62 8.51 29.22 7.95
CA ASN H 62 8.32 29.36 9.39
C ASN H 62 8.68 28.02 10.02
N MET H 63 9.82 27.97 10.71
CA MET H 63 10.34 26.71 11.24
C MET H 63 9.59 26.25 12.49
N TRP H 64 8.83 27.12 13.13
CA TRP H 64 8.14 26.77 14.37
C TRP H 64 6.70 26.31 14.15
N LYS H 65 6.27 26.18 12.89
CA LYS H 65 4.96 25.66 12.56
C LYS H 65 5.05 24.53 11.54
N ASN H 66 6.19 23.84 11.52
CA ASN H 66 6.40 22.75 10.58
C ASN H 66 5.76 21.46 11.09
N ASN H 67 5.29 20.66 10.14
CA ASN H 67 4.67 19.37 10.45
C ASN H 67 5.62 18.19 10.28
N MET H 68 6.85 18.43 9.79
CA MET H 68 7.77 17.33 9.57
C MET H 68 8.38 16.83 10.88
N VAL H 69 8.59 17.73 11.85
CA VAL H 69 9.19 17.32 13.12
C VAL H 69 8.20 16.53 13.96
N GLU H 70 6.90 16.84 13.87
CA GLU H 70 5.90 16.10 14.62
C GLU H 70 5.70 14.69 14.09
N GLN H 71 5.93 14.49 12.79
CA GLN H 71 5.93 13.14 12.23
C GLN H 71 7.23 12.42 12.48
N MET H 72 8.35 13.15 12.49
CA MET H 72 9.65 12.53 12.74
C MET H 72 9.79 12.05 14.17
N HIS H 73 9.24 12.80 15.13
CA HIS H 73 9.25 12.38 16.52
C HIS H 73 8.40 11.12 16.73
N THR H 74 7.26 11.04 16.05
CA THR H 74 6.40 9.86 16.14
C THR H 74 7.07 8.65 15.49
N ASP H 75 7.75 8.86 14.36
CA ASP H 75 8.45 7.75 13.70
C ASP H 75 9.67 7.31 14.49
N ILE H 76 10.30 8.22 15.24
CA ILE H 76 11.43 7.83 16.09
C ILE H 76 10.95 7.08 17.32
N ILE H 77 9.84 7.53 17.92
CA ILE H 77 9.28 6.85 19.08
C ILE H 77 8.76 5.46 18.72
N SER H 78 8.10 5.34 17.57
CA SER H 78 7.57 4.05 17.13
C SER H 78 8.67 3.07 16.71
N LEU H 79 9.84 3.58 16.33
CA LEU H 79 10.98 2.71 16.02
C LEU H 79 11.70 2.20 17.25
N TRP H 80 11.43 2.77 18.43
CA TRP H 80 12.11 2.38 19.65
C TRP H 80 11.35 1.29 20.43
N ASP H 81 10.02 1.26 20.33
CA ASP H 81 9.21 0.34 21.09
C ASP H 81 8.92 -0.95 20.32
N GLN H 82 9.67 -1.23 19.26
CA GLN H 82 9.50 -2.46 18.50
C GLN H 82 10.66 -3.42 18.61
N SER H 83 11.83 -2.96 19.07
CA SER H 83 12.99 -3.83 19.25
C SER H 83 13.06 -4.41 20.65
N LEU H 84 12.32 -3.85 21.61
CA LEU H 84 12.31 -4.34 22.99
C LEU H 84 11.27 -5.43 23.22
N LYS H 85 10.41 -5.69 22.23
CA LYS H 85 9.35 -6.69 22.33
C LYS H 85 9.83 -8.15 22.27
N PRO H 86 10.45 -8.65 21.20
CA PRO H 86 10.51 -10.10 21.00
C PRO H 86 11.61 -10.82 21.78
N CYS H 87 12.24 -10.17 22.76
CA CYS H 87 13.25 -10.83 23.58
C CYS H 87 12.89 -10.72 25.06
N VAL H 88 13.84 -11.05 25.94
CA VAL H 88 13.54 -11.37 27.34
C VAL H 88 13.17 -10.11 28.11
N LYS H 89 12.10 -10.19 28.89
CA LYS H 89 11.67 -9.13 29.80
C LYS H 89 11.96 -9.53 31.24
N LEU H 90 12.50 -8.59 32.02
CA LEU H 90 12.93 -8.86 33.39
C LEU H 90 11.83 -8.42 34.36
N THR H 91 10.87 -9.32 34.56
CA THR H 91 9.79 -9.07 35.52
C THR H 91 10.18 -9.27 36.98
N PRO H 92 10.73 -10.46 37.44
CA PRO H 92 10.91 -10.62 38.90
C PRO H 92 12.22 -10.09 39.43
N LEU H 93 12.88 -9.20 38.68
CA LEU H 93 14.25 -8.80 38.97
C LEU H 93 14.35 -7.98 40.25
N CYS H 94 13.48 -6.99 40.43
CA CYS H 94 13.59 -6.09 41.58
C CYS H 94 13.04 -6.78 42.82
N VAL H 95 13.95 -7.24 43.69
CA VAL H 95 13.59 -7.86 44.96
C VAL H 95 14.37 -7.17 46.06
N THR H 96 14.26 -7.67 47.29
CA THR H 96 15.02 -7.13 48.42
C THR H 96 16.49 -7.54 48.28
N LEU H 97 17.33 -6.58 47.91
CA LEU H 97 18.75 -6.82 47.68
C LEU H 97 19.54 -6.52 48.95
N GLN H 98 20.52 -7.39 49.26
CA GLN H 98 21.45 -7.15 50.35
C GLN H 98 22.73 -6.60 49.75
N CYS H 99 22.98 -5.31 49.95
CA CYS H 99 24.07 -4.61 49.28
C CYS H 99 25.09 -4.11 50.28
N THR H 100 26.36 -4.32 49.98
CA THR H 100 27.49 -3.77 50.72
C THR H 100 28.31 -2.90 49.78
N ASN H 101 29.34 -2.26 50.35
CA ASN H 101 30.28 -1.49 49.54
C ASN H 101 31.37 -2.41 48.99
N VAL H 102 32.22 -1.85 48.14
CA VAL H 102 33.32 -2.58 47.53
C VAL H 102 34.62 -2.20 48.20
N THR H 103 35.54 -3.16 48.31
CA THR H 103 36.86 -2.96 48.91
C THR H 103 37.89 -3.62 47.99
N ASN H 104 38.39 -2.85 47.03
CA ASN H 104 39.35 -3.36 46.05
C ASN H 104 40.41 -2.28 45.83
N ASN H 105 41.20 -2.44 44.77
CA ASN H 105 42.19 -1.43 44.36
C ASN H 105 41.43 -0.27 43.74
N ILE H 106 40.95 0.63 44.60
CA ILE H 106 40.00 1.67 44.21
C ILE H 106 40.57 3.02 44.64
N THR H 107 40.11 4.07 43.97
CA THR H 107 40.54 5.44 44.26
C THR H 107 39.59 6.05 45.29
N ASP H 108 39.69 7.37 45.49
CA ASP H 108 38.90 8.05 46.50
C ASP H 108 37.53 8.48 45.98
N ASP H 109 37.46 8.85 44.70
CA ASP H 109 36.22 9.38 44.11
C ASP H 109 35.15 8.31 43.87
N MET H 110 35.49 7.03 43.93
CA MET H 110 34.54 5.94 43.72
C MET H 110 34.18 5.26 45.03
N ARG H 111 34.04 6.03 46.11
CA ARG H 111 33.82 5.46 47.43
C ARG H 111 32.41 4.91 47.57
N GLY H 112 31.41 5.67 47.11
CA GLY H 112 30.03 5.26 47.23
C GLY H 112 29.32 4.92 45.95
N GLU H 113 30.02 4.85 44.82
CA GLU H 113 29.36 4.60 43.55
C GLU H 113 29.05 3.12 43.36
N LEU H 114 30.07 2.27 43.37
CA LEU H 114 29.89 0.85 43.13
C LEU H 114 29.39 0.14 44.37
N LYS H 115 28.38 -0.71 44.19
CA LYS H 115 27.78 -1.48 45.27
C LYS H 115 27.75 -2.95 44.90
N ASN H 116 28.06 -3.82 45.85
CA ASN H 116 28.04 -5.26 45.66
C ASN H 116 26.77 -5.81 46.30
N CYS H 117 25.82 -6.24 45.47
CA CYS H 117 24.52 -6.68 45.96
C CYS H 117 24.36 -8.18 45.77
N SER H 118 23.51 -8.78 46.60
CA SER H 118 23.18 -10.19 46.51
C SER H 118 21.68 -10.36 46.69
N PHE H 119 21.13 -11.37 46.02
CA PHE H 119 19.69 -11.60 46.06
C PHE H 119 19.39 -13.04 45.66
N ASN H 120 18.21 -13.49 46.07
CA ASN H 120 17.66 -14.77 45.66
C ASN H 120 16.93 -14.63 44.33
N MET H 121 16.87 -15.73 43.60
CA MET H 121 16.21 -15.75 42.30
C MET H 121 15.72 -17.15 42.00
N THR H 122 14.59 -17.23 41.31
CA THR H 122 14.02 -18.52 40.92
C THR H 122 14.81 -19.12 39.76
N THR H 123 15.12 -20.39 39.87
CA THR H 123 15.80 -21.13 38.82
C THR H 123 14.76 -21.73 37.87
N GLU H 124 15.17 -22.69 37.02
CA GLU H 124 14.24 -23.34 36.11
C GLU H 124 13.18 -24.16 36.83
N LEU H 125 13.47 -24.66 38.03
CA LEU H 125 12.48 -25.33 38.85
C LEU H 125 11.71 -24.31 39.67
N ARG H 126 10.39 -24.49 39.74
CA ARG H 126 9.53 -23.53 40.42
C ARG H 126 9.63 -23.61 41.94
N ASP H 127 10.02 -24.75 42.49
CA ASP H 127 10.09 -24.95 43.94
C ASP H 127 11.53 -24.91 44.46
N LYS H 128 12.41 -24.20 43.76
CA LYS H 128 13.79 -24.07 44.19
C LYS H 128 14.22 -22.62 44.06
N LYS H 129 15.31 -22.28 44.74
CA LYS H 129 15.86 -20.94 44.76
C LYS H 129 17.35 -20.99 44.46
N GLN H 130 17.93 -19.81 44.19
CA GLN H 130 19.37 -19.71 43.97
C GLN H 130 19.82 -18.32 44.40
N LYS H 131 20.81 -18.26 45.28
CA LYS H 131 21.34 -17.00 45.78
C LYS H 131 22.53 -16.57 44.92
N VAL H 132 22.38 -15.45 44.21
CA VAL H 132 23.41 -14.95 43.33
C VAL H 132 23.78 -13.53 43.77
N TYR H 133 24.79 -12.97 43.09
CA TYR H 133 25.30 -11.65 43.42
C TYR H 133 25.63 -10.91 42.13
N SER H 134 25.64 -9.58 42.22
CA SER H 134 25.95 -8.72 41.09
C SER H 134 26.55 -7.41 41.61
N LEU H 135 26.93 -6.54 40.68
CA LEU H 135 27.46 -5.22 40.98
C LEU H 135 26.51 -4.19 40.38
N PHE H 136 26.04 -3.27 41.21
CA PHE H 136 25.13 -2.21 40.76
C PHE H 136 25.74 -0.85 41.06
N TYR H 137 25.19 0.18 40.40
CA TYR H 137 25.65 1.54 40.58
C TYR H 137 24.87 2.24 41.68
N ARG H 138 25.32 3.45 42.03
CA ARG H 138 24.65 4.22 43.06
C ARG H 138 23.35 4.83 42.59
N LEU H 139 23.24 5.18 41.30
CA LEU H 139 22.05 5.79 40.75
C LEU H 139 20.96 4.78 40.41
N ASP H 140 21.21 3.48 40.61
CA ASP H 140 20.23 2.45 40.29
C ASP H 140 19.63 1.79 41.52
N VAL H 141 20.13 2.06 42.71
CA VAL H 141 19.64 1.43 43.94
C VAL H 141 19.09 2.50 44.87
N VAL H 142 18.05 2.13 45.62
CA VAL H 142 17.41 2.98 46.60
C VAL H 142 17.23 2.17 47.88
N GLN H 143 17.71 2.69 49.00
CA GLN H 143 17.57 1.99 50.28
C GLN H 143 16.14 2.07 50.79
N ILE H 144 15.78 1.11 51.62
CA ILE H 144 14.45 1.03 52.21
C ILE H 144 14.60 1.26 53.71
N ASN H 145 14.31 2.49 54.14
CA ASN H 145 14.40 2.84 55.55
C ASN H 145 13.19 2.34 56.33
N ASN H 156 26.02 -4.74 55.55
CA ASN H 156 25.03 -4.95 54.51
C ASN H 156 23.75 -4.19 54.81
N LYS H 157 23.13 -3.64 53.77
CA LYS H 157 21.88 -2.91 53.90
C LYS H 157 20.87 -3.42 52.87
N GLU H 158 19.61 -3.04 53.05
CA GLU H 158 18.54 -3.46 52.17
C GLU H 158 18.29 -2.40 51.11
N TYR H 159 18.35 -2.80 49.85
CA TYR H 159 18.16 -1.91 48.71
C TYR H 159 17.17 -2.51 47.74
N ARG H 160 16.66 -1.66 46.84
CA ARG H 160 15.77 -2.08 45.78
C ARG H 160 16.02 -1.23 44.55
N LEU H 161 15.36 -1.57 43.46
CA LEU H 161 15.52 -0.82 42.22
C LEU H 161 14.66 0.44 42.24
N ILE H 162 14.94 1.33 41.28
CA ILE H 162 14.26 2.62 41.26
C ILE H 162 12.93 2.53 40.51
N ASN H 163 12.85 1.68 39.48
CA ASN H 163 11.66 1.58 38.64
C ASN H 163 10.71 0.46 39.07
N CYS H 164 10.92 -0.13 40.25
CA CYS H 164 10.05 -1.22 40.69
C CYS H 164 8.71 -0.72 41.20
N ASN H 165 8.60 0.57 41.52
CA ASN H 165 7.34 1.16 41.97
C ASN H 165 6.73 2.10 40.94
N THR H 166 7.40 2.33 39.82
CA THR H 166 6.93 3.27 38.81
C THR H 166 6.63 2.61 37.47
N SER H 167 7.58 1.85 36.92
CA SER H 167 7.42 1.32 35.57
C SER H 167 7.58 -0.20 35.54
N ALA H 168 7.63 -0.77 34.34
CA ALA H 168 7.86 -2.18 34.13
C ALA H 168 9.26 -2.37 33.53
N ILE H 169 10.02 -3.29 34.12
CA ILE H 169 11.42 -3.48 33.73
C ILE H 169 11.48 -4.47 32.56
N THR H 170 12.06 -4.01 31.45
CA THR H 170 12.40 -4.87 30.32
C THR H 170 13.83 -4.59 29.91
N GLN H 171 14.54 -5.63 29.49
CA GLN H 171 15.96 -5.50 29.17
C GLN H 171 16.15 -4.96 27.76
N ALA H 172 17.20 -4.16 27.58
CA ALA H 172 17.60 -3.76 26.24
C ALA H 172 18.14 -4.97 25.50
N CYS H 173 17.73 -5.12 24.25
CA CYS H 173 17.84 -6.41 23.59
C CYS H 173 19.24 -6.56 23.01
N PRO H 174 19.94 -7.67 23.30
CA PRO H 174 21.39 -7.71 23.08
C PRO H 174 21.85 -8.05 21.67
N LYS H 175 20.96 -7.94 20.68
CA LYS H 175 21.33 -8.23 19.30
C LYS H 175 21.37 -6.97 18.44
N VAL H 176 20.87 -5.85 18.93
CA VAL H 176 20.77 -4.63 18.14
C VAL H 176 21.86 -3.67 18.58
N SER H 177 22.20 -2.74 17.69
CA SER H 177 23.19 -1.72 17.95
C SER H 177 22.51 -0.35 17.98
N PHE H 178 23.18 0.61 18.63
CA PHE H 178 22.62 1.94 18.86
C PHE H 178 23.41 3.02 18.13
N GLU H 179 23.99 2.69 16.97
CA GLU H 179 24.71 3.70 16.22
C GLU H 179 23.75 4.46 15.31
N PRO H 180 24.01 5.75 15.08
CA PRO H 180 23.13 6.53 14.19
C PRO H 180 23.37 6.21 12.72
N ILE H 181 22.27 6.11 11.99
CA ILE H 181 22.30 5.83 10.55
C ILE H 181 21.62 7.00 9.85
N PRO H 182 22.25 7.64 8.86
CA PRO H 182 21.61 8.76 8.16
C PRO H 182 20.51 8.27 7.23
N ILE H 183 19.33 8.86 7.36
CA ILE H 183 18.17 8.49 6.56
C ILE H 183 17.68 9.73 5.81
N HIS H 184 16.94 9.49 4.74
CA HIS H 184 16.38 10.55 3.90
C HIS H 184 14.87 10.43 3.89
N TYR H 185 14.19 11.54 4.13
CA TYR H 185 12.73 11.59 4.14
C TYR H 185 12.27 12.05 2.76
N CYS H 186 11.96 11.08 1.90
CA CYS H 186 11.54 11.39 0.54
C CYS H 186 10.05 11.72 0.49
N ALA H 187 9.61 12.16 -0.68
CA ALA H 187 8.23 12.53 -0.93
C ALA H 187 7.62 11.64 -2.01
N PRO H 188 6.35 11.27 -1.88
CA PRO H 188 5.70 10.44 -2.90
C PRO H 188 5.33 11.27 -4.13
N ALA H 189 4.66 10.61 -5.07
CA ALA H 189 4.26 11.27 -6.31
C ALA H 189 3.11 12.24 -6.05
N GLY H 190 3.21 13.42 -6.64
CA GLY H 190 2.23 14.48 -6.43
C GLY H 190 2.64 15.50 -5.39
N PHE H 191 3.80 15.35 -4.77
CA PHE H 191 4.29 16.27 -3.76
C PHE H 191 5.74 16.64 -4.06
N ALA H 192 6.20 17.70 -3.40
CA ALA H 192 7.57 18.18 -3.58
C ALA H 192 8.03 18.84 -2.29
N ILE H 193 9.32 19.12 -2.20
CA ILE H 193 9.91 19.76 -1.04
C ILE H 193 10.62 21.03 -1.49
N LEU H 194 10.20 22.17 -0.93
CA LEU H 194 10.85 23.44 -1.16
C LEU H 194 11.94 23.63 -0.11
N LYS H 195 13.12 24.07 -0.56
CA LYS H 195 14.26 24.27 0.32
C LYS H 195 14.89 25.62 0.01
N CYS H 196 15.11 26.42 1.06
CA CYS H 196 15.70 27.74 0.90
C CYS H 196 17.22 27.64 0.97
N LYS H 197 17.90 28.45 0.16
CA LYS H 197 19.35 28.40 0.04
C LYS H 197 20.05 29.57 0.73
N ASP H 198 19.38 30.23 1.67
CA ASP H 198 19.98 31.34 2.40
C ASP H 198 20.92 30.80 3.47
N LYS H 199 22.18 31.24 3.43
CA LYS H 199 23.16 30.80 4.42
C LYS H 199 23.01 31.52 5.75
N LYS H 200 22.29 32.63 5.79
CA LYS H 200 22.05 33.38 7.02
C LYS H 200 20.56 33.38 7.36
N PHE H 201 19.90 32.25 7.11
CA PHE H 201 18.47 32.12 7.36
C PHE H 201 18.22 31.76 8.82
N ASN H 202 17.26 32.46 9.44
CA ASN H 202 16.89 32.23 10.83
C ASN H 202 15.58 31.47 10.97
N GLY H 203 15.14 30.78 9.91
CA GLY H 203 13.99 29.91 9.98
C GLY H 203 12.63 30.59 9.95
N THR H 204 12.57 31.92 9.86
CA THR H 204 11.31 32.63 9.85
C THR H 204 11.43 33.84 8.94
N GLY H 205 10.61 33.88 7.89
CA GLY H 205 10.59 35.01 6.99
C GLY H 205 10.63 34.62 5.54
N PRO H 206 10.80 35.60 4.65
CA PRO H 206 10.82 35.31 3.22
C PRO H 206 12.17 34.81 2.75
N CYS H 207 12.15 34.14 1.60
CA CYS H 207 13.33 33.62 0.95
C CYS H 207 13.13 33.66 -0.57
N PRO H 208 14.00 34.37 -1.30
CA PRO H 208 13.82 34.50 -2.75
C PRO H 208 14.55 33.45 -3.59
N SER H 209 15.27 32.52 -2.97
CA SER H 209 16.01 31.49 -3.69
C SER H 209 15.55 30.13 -3.16
N VAL H 210 14.65 29.47 -3.89
CA VAL H 210 14.07 28.20 -3.46
C VAL H 210 14.47 27.11 -4.45
N SER H 211 14.45 25.88 -3.94
CA SER H 211 14.77 24.72 -4.75
C SER H 211 13.74 23.63 -4.50
N THR H 212 13.23 23.04 -5.59
CA THR H 212 12.30 21.93 -5.53
C THR H 212 13.09 20.63 -5.59
N VAL H 213 12.90 19.78 -4.57
CA VAL H 213 13.54 18.48 -4.48
C VAL H 213 12.48 17.45 -4.10
N GLN H 214 12.91 16.19 -4.03
CA GLN H 214 12.08 15.07 -3.62
C GLN H 214 12.45 14.51 -2.26
N CYS H 215 13.74 14.37 -1.98
CA CYS H 215 14.23 13.82 -0.71
C CYS H 215 15.06 14.86 0.02
N THR H 216 15.32 14.59 1.30
CA THR H 216 16.13 15.46 2.13
C THR H 216 17.57 14.94 2.16
N HIS H 217 18.40 15.55 3.01
CA HIS H 217 19.79 15.14 3.14
C HIS H 217 19.92 14.09 4.24
N GLY H 218 21.15 13.71 4.57
CA GLY H 218 21.39 12.72 5.59
C GLY H 218 21.20 13.25 6.99
N ILE H 219 20.19 12.76 7.70
CA ILE H 219 19.87 13.18 9.05
C ILE H 219 20.12 12.01 9.99
N LYS H 220 20.98 12.22 10.99
CA LYS H 220 21.32 11.19 11.96
C LYS H 220 20.45 11.36 13.20
N PRO H 221 19.62 10.38 13.56
CA PRO H 221 18.80 10.52 14.77
C PRO H 221 19.60 10.37 16.05
N VAL H 222 20.30 11.43 16.45
CA VAL H 222 21.16 11.42 17.62
C VAL H 222 20.41 12.11 18.76
N VAL H 223 20.39 11.47 19.93
CA VAL H 223 19.69 11.99 21.10
C VAL H 223 20.73 12.49 22.10
N SER H 224 20.52 13.71 22.60
CA SER H 224 21.41 14.34 23.57
C SER H 224 20.67 15.48 24.24
N THR H 225 21.28 16.02 25.30
CA THR H 225 20.78 17.21 25.96
C THR H 225 21.95 18.11 26.35
N GLN H 226 21.71 19.43 26.30
CA GLN H 226 22.59 20.52 26.71
C GLN H 226 23.84 20.69 25.83
N LEU H 227 24.03 19.80 24.85
CA LEU H 227 25.20 19.81 23.98
C LEU H 227 24.82 19.07 22.71
N LEU H 228 24.72 19.78 21.59
CA LEU H 228 24.32 19.16 20.34
C LEU H 228 25.49 18.36 19.77
N LEU H 229 25.25 17.08 19.50
CA LEU H 229 26.23 16.17 18.93
C LEU H 229 26.33 16.35 17.42
N ASN H 230 26.91 15.33 16.73
CA ASN H 230 27.53 15.41 15.41
C ASN H 230 26.79 16.27 14.37
N GLY H 231 25.58 15.86 14.00
CA GLY H 231 24.63 16.73 13.32
C GLY H 231 25.08 17.26 11.97
N SER H 232 24.99 18.58 11.82
CA SER H 232 25.45 19.29 10.65
C SER H 232 25.95 20.67 11.08
N LEU H 233 26.71 21.32 10.20
CA LEU H 233 27.32 22.60 10.49
C LEU H 233 26.65 23.71 9.68
N ALA H 234 27.02 24.94 10.00
CA ALA H 234 26.54 26.12 9.29
C ALA H 234 27.48 26.43 8.13
N GLU H 235 27.31 27.61 7.53
CA GLU H 235 28.09 27.98 6.35
C GLU H 235 28.99 29.19 6.59
N GLU H 236 28.43 30.30 7.08
CA GLU H 236 29.18 31.55 7.20
C GLU H 236 29.41 31.96 8.64
N GLU H 237 28.35 32.11 9.43
CA GLU H 237 28.46 32.65 10.78
C GLU H 237 27.67 31.79 11.76
N VAL H 238 27.88 32.07 13.05
CA VAL H 238 27.16 31.38 14.11
C VAL H 238 25.73 31.90 14.15
N MET H 239 24.76 31.01 14.00
CA MET H 239 23.36 31.38 13.90
C MET H 239 22.67 31.24 15.25
N ILE H 240 21.85 32.24 15.59
CA ILE H 240 21.04 32.24 16.80
C ILE H 240 19.58 32.22 16.39
N ARG H 241 18.82 31.27 16.94
CA ARG H 241 17.40 31.17 16.61
C ARG H 241 16.60 30.90 17.87
N SER H 242 15.36 31.40 17.88
CA SER H 242 14.44 31.21 18.99
C SER H 242 13.02 31.47 18.49
N GLU H 243 12.05 30.85 19.15
CA GLU H 243 10.65 31.09 18.82
C GLU H 243 10.20 32.47 19.28
N ASN H 244 10.52 32.82 20.52
CA ASN H 244 10.22 34.14 21.08
C ASN H 244 11.40 34.57 21.95
N ILE H 245 12.16 35.56 21.46
CA ILE H 245 13.35 36.01 22.18
C ILE H 245 13.01 36.88 23.39
N THR H 246 11.78 37.38 23.48
CA THR H 246 11.40 38.20 24.62
C THR H 246 11.03 37.34 25.83
N ASN H 247 10.21 36.31 25.62
CA ASN H 247 9.81 35.43 26.71
C ASN H 247 10.96 34.51 27.09
N ASN H 248 11.10 34.29 28.40
CA ASN H 248 12.17 33.47 28.95
C ASN H 248 11.76 32.00 29.14
N ALA H 249 10.71 31.55 28.45
CA ALA H 249 10.26 30.18 28.54
C ALA H 249 10.54 29.37 27.28
N LYS H 250 11.14 29.98 26.27
CA LYS H 250 11.47 29.29 25.03
C LYS H 250 12.98 29.08 24.96
N ASN H 251 13.39 27.93 24.41
CA ASN H 251 14.79 27.61 24.29
C ASN H 251 15.42 28.36 23.13
N ILE H 252 16.72 28.64 23.26
CA ILE H 252 17.49 29.36 22.25
C ILE H 252 18.49 28.38 21.65
N LEU H 253 18.42 28.20 20.33
CA LEU H 253 19.30 27.28 19.61
C LEU H 253 20.44 28.07 18.98
N VAL H 254 21.67 27.63 19.25
CA VAL H 254 22.88 28.25 18.72
C VAL H 254 23.56 27.23 17.82
N GLN H 255 23.79 27.61 16.57
CA GLN H 255 24.45 26.75 15.59
C GLN H 255 25.82 27.31 15.28
N PHE H 256 26.86 26.53 15.57
CA PHE H 256 28.23 26.97 15.36
C PHE H 256 28.60 26.88 13.88
N ASN H 257 29.74 27.49 13.54
CA ASN H 257 30.28 27.43 12.19
C ASN H 257 31.52 26.56 12.08
N THR H 258 32.06 26.09 13.21
CA THR H 258 33.22 25.20 13.23
C THR H 258 32.97 24.09 14.24
N PRO H 259 33.45 22.88 13.97
CA PRO H 259 33.25 21.78 14.92
C PRO H 259 34.31 21.78 16.01
N VAL H 260 33.89 21.39 17.21
CA VAL H 260 34.78 21.24 18.36
C VAL H 260 34.79 19.78 18.75
N GLN H 261 35.98 19.18 18.77
CA GLN H 261 36.14 17.76 19.04
C GLN H 261 36.24 17.51 20.54
N ILE H 262 35.50 16.50 21.01
CA ILE H 262 35.51 16.10 22.41
C ILE H 262 35.75 14.59 22.46
N ASN H 263 36.69 14.17 23.32
CA ASN H 263 37.07 12.77 23.44
C ASN H 263 36.55 12.22 24.76
N CYS H 264 35.57 11.34 24.72
CA CYS H 264 35.03 10.71 25.91
C CYS H 264 35.56 9.30 26.04
N THR H 265 35.81 8.86 27.27
CA THR H 265 36.36 7.53 27.50
C THR H 265 35.93 7.02 28.86
N ARG H 266 35.97 5.70 29.00
CA ARG H 266 35.68 5.01 30.25
C ARG H 266 36.76 3.95 30.46
N PRO H 267 37.64 4.10 31.45
CA PRO H 267 38.77 3.18 31.60
C PRO H 267 38.44 1.88 32.31
N ASN H 268 37.17 1.57 32.57
CA ASN H 268 36.82 0.34 33.25
C ASN H 268 36.87 -0.84 32.29
N ASN H 269 37.05 -2.04 32.87
CA ASN H 269 37.11 -3.30 32.12
C ASN H 269 36.07 -4.23 32.73
N ASN H 270 34.84 -4.16 32.23
CA ASN H 270 33.74 -4.94 32.77
C ASN H 270 33.60 -6.26 32.05
N THR H 271 33.21 -7.29 32.81
CA THR H 271 32.93 -8.61 32.27
C THR H 271 31.46 -8.93 32.45
N ARG H 272 30.89 -9.63 31.48
CA ARG H 272 29.48 -9.97 31.47
C ARG H 272 29.26 -11.37 32.03
N LYS H 273 28.29 -11.50 32.93
CA LYS H 273 27.93 -12.77 33.53
C LYS H 273 26.47 -13.06 33.21
N SER H 274 26.19 -14.30 32.79
CA SER H 274 24.85 -14.71 32.37
C SER H 274 24.21 -15.56 33.44
N ILE H 275 23.34 -14.96 34.24
CA ILE H 275 22.53 -15.69 35.21
C ILE H 275 21.27 -16.18 34.49
N ARG H 276 21.17 -17.50 34.33
CA ARG H 276 20.08 -18.10 33.58
C ARG H 276 18.83 -18.13 34.45
N ILE H 277 17.91 -17.21 34.21
CA ILE H 277 16.67 -17.14 34.98
C ILE H 277 15.47 -17.65 34.19
N GLY H 278 14.41 -18.03 34.89
CA GLY H 278 13.20 -18.54 34.25
C GLY H 278 13.55 -19.68 33.33
N PRO H 279 12.57 -20.22 32.61
CA PRO H 279 12.88 -21.33 31.70
C PRO H 279 13.11 -20.80 30.29
N GLY H 280 14.28 -21.08 29.74
CA GLY H 280 14.61 -20.65 28.40
C GLY H 280 15.04 -19.19 28.28
N GLN H 281 15.23 -18.51 29.40
CA GLN H 281 15.63 -17.11 29.35
C GLN H 281 16.95 -16.93 30.07
N ALA H 282 17.49 -15.71 29.98
CA ALA H 282 18.78 -15.39 30.58
C ALA H 282 18.76 -13.96 31.11
N PHE H 283 19.79 -13.62 31.86
CA PHE H 283 19.92 -12.27 32.43
C PHE H 283 21.39 -11.90 32.47
N TYR H 284 21.76 -10.85 31.74
CA TYR H 284 23.16 -10.43 31.66
C TYR H 284 23.41 -9.34 32.70
N ALA H 285 24.45 -9.53 33.52
CA ALA H 285 24.81 -8.59 34.56
C ALA H 285 26.32 -8.41 34.58
N THR H 286 26.79 -7.56 35.49
CA THR H 286 28.23 -7.30 35.63
C THR H 286 28.88 -8.38 36.50
N GLY H 287 30.04 -8.84 36.07
CA GLY H 287 30.78 -9.83 36.82
C GLY H 287 31.79 -9.22 37.78
N ASP H 288 33.06 -9.57 37.59
CA ASP H 288 34.15 -9.04 38.41
C ASP H 288 35.05 -8.16 37.55
N ILE H 289 35.54 -7.07 38.14
CA ILE H 289 36.38 -6.11 37.43
C ILE H 289 37.83 -6.58 37.52
N ILE H 290 38.51 -6.61 36.38
CA ILE H 290 39.91 -7.02 36.30
C ILE H 290 40.73 -5.75 36.11
N GLY H 291 41.31 -5.24 37.19
CA GLY H 291 42.11 -4.04 37.12
C GLY H 291 41.77 -3.03 38.19
N ASP H 292 41.77 -1.76 37.83
CA ASP H 292 41.47 -0.67 38.76
C ASP H 292 40.15 -0.02 38.38
N ILE H 293 39.68 0.86 39.27
CA ILE H 293 38.42 1.58 39.08
C ILE H 293 38.76 3.04 38.85
N ARG H 294 38.59 3.51 37.61
CA ARG H 294 38.84 4.89 37.24
C ARG H 294 37.56 5.54 36.72
N GLN H 295 37.47 6.85 36.89
CA GLN H 295 36.30 7.59 36.46
C GLN H 295 36.27 7.76 34.95
N ALA H 296 35.09 7.61 34.37
CA ALA H 296 34.90 7.96 32.96
C ALA H 296 34.92 9.47 32.80
N HIS H 297 35.57 9.94 31.75
CA HIS H 297 35.75 11.38 31.60
C HIS H 297 35.77 11.78 30.14
N CYS H 298 35.43 13.04 29.89
CA CYS H 298 35.45 13.63 28.56
C CYS H 298 36.40 14.82 28.55
N ASN H 299 37.35 14.81 27.62
CA ASN H 299 38.29 15.90 27.44
C ASN H 299 37.86 16.77 26.28
N VAL H 300 37.88 18.09 26.49
CA VAL H 300 37.55 19.05 25.46
C VAL H 300 38.68 20.07 25.38
N SER H 301 38.83 20.70 24.22
CA SER H 301 39.90 21.67 24.01
C SER H 301 39.57 22.99 24.71
N LYS H 302 40.59 23.59 25.33
CA LYS H 302 40.40 24.85 26.05
C LYS H 302 40.57 26.06 25.13
N ALA H 303 41.38 25.93 24.08
CA ALA H 303 41.65 27.08 23.21
C ALA H 303 40.50 27.36 22.26
N THR H 304 39.86 26.30 21.73
CA THR H 304 38.77 26.49 20.78
C THR H 304 37.45 26.83 21.47
N TRP H 305 37.29 26.37 22.72
CA TRP H 305 36.03 26.63 23.44
C TRP H 305 35.88 28.10 23.78
N ASN H 306 36.97 28.78 24.14
CA ASN H 306 36.91 30.21 24.42
C ASN H 306 36.63 31.01 23.16
N GLU H 307 37.14 30.56 22.01
CA GLU H 307 36.87 31.25 20.75
C GLU H 307 35.43 31.03 20.29
N THR H 308 34.87 29.83 20.52
CA THR H 308 33.47 29.62 20.19
C THR H 308 32.55 30.39 21.12
N LEU H 309 32.93 30.53 22.40
CA LEU H 309 32.16 31.38 23.31
C LEU H 309 32.28 32.86 22.94
N GLY H 310 33.44 33.27 22.41
CA GLY H 310 33.58 34.62 21.93
C GLY H 310 32.73 34.90 20.69
N LYS H 311 32.65 33.91 19.79
CA LYS H 311 31.75 34.02 18.64
C LYS H 311 30.28 34.04 19.06
N VAL H 312 29.92 33.27 20.09
CA VAL H 312 28.56 33.27 20.62
C VAL H 312 28.21 34.62 21.24
N VAL H 313 29.12 35.20 22.04
CA VAL H 313 28.82 36.47 22.68
C VAL H 313 28.94 37.62 21.66
N LYS H 314 29.63 37.40 20.55
CA LYS H 314 29.65 38.42 19.49
C LYS H 314 28.37 38.37 18.65
N GLN H 315 27.85 37.19 18.38
CA GLN H 315 26.60 37.07 17.63
C GLN H 315 25.36 37.17 18.51
N LEU H 316 25.52 37.29 19.83
CA LEU H 316 24.40 37.39 20.75
C LEU H 316 24.07 38.82 21.13
N ARG H 317 24.97 39.77 20.90
CA ARG H 317 24.75 41.15 21.29
C ARG H 317 23.85 41.92 20.33
N LYS H 318 23.45 41.32 19.21
CA LYS H 318 22.57 41.99 18.27
C LYS H 318 21.12 42.02 18.74
N HIS H 319 20.76 41.18 19.71
CA HIS H 319 19.40 41.14 20.23
C HIS H 319 19.26 41.66 21.65
N PHE H 320 20.37 41.97 22.33
CA PHE H 320 20.32 42.42 23.71
C PHE H 320 21.02 43.76 23.94
N GLY H 321 21.69 44.32 22.96
CA GLY H 321 22.36 45.60 23.12
C GLY H 321 23.87 45.46 23.04
N ASN H 322 24.53 46.60 22.83
CA ASN H 322 25.98 46.65 22.69
C ASN H 322 26.70 46.85 24.02
N ASN H 323 25.97 47.12 25.11
CA ASN H 323 26.55 47.37 26.42
C ASN H 323 25.91 46.47 27.46
N THR H 324 25.82 45.18 27.14
CA THR H 324 25.22 44.18 28.02
C THR H 324 26.28 43.16 28.42
N ILE H 325 26.44 42.96 29.73
CA ILE H 325 27.37 41.97 30.24
C ILE H 325 26.72 40.60 30.18
N ILE H 326 27.43 39.64 29.59
CA ILE H 326 26.92 38.28 29.43
C ILE H 326 27.67 37.37 30.40
N ARG H 327 26.94 36.81 31.37
CA ARG H 327 27.52 35.94 32.37
C ARG H 327 26.95 34.53 32.17
N PHE H 328 27.83 33.56 31.98
CA PHE H 328 27.44 32.18 31.77
C PHE H 328 27.47 31.43 33.10
N ALA H 329 26.42 30.65 33.36
CA ALA H 329 26.29 29.87 34.58
C ALA H 329 25.88 28.44 34.23
N ASN H 330 25.95 27.57 35.24
CA ASN H 330 25.60 26.17 35.06
C ASN H 330 24.09 25.99 35.22
N SER H 331 23.65 24.74 35.33
CA SER H 331 22.24 24.45 35.48
C SER H 331 21.77 24.78 36.90
N SER H 332 20.47 25.11 37.01
CA SER H 332 19.92 25.49 38.30
C SER H 332 19.57 24.28 39.15
N GLY H 333 18.68 23.43 38.65
CA GLY H 333 18.29 22.24 39.38
C GLY H 333 17.22 21.50 38.63
N GLY H 334 16.86 20.33 39.18
CA GLY H 334 15.85 19.49 38.58
C GLY H 334 16.19 18.01 38.68
N ASP H 335 15.87 17.26 37.63
CA ASP H 335 16.14 15.82 37.60
C ASP H 335 17.54 15.58 37.03
N LEU H 336 17.85 14.32 36.74
CA LEU H 336 19.17 13.97 36.21
C LEU H 336 19.28 14.16 34.72
N GLU H 337 18.15 14.28 34.00
CA GLU H 337 18.20 14.43 32.56
C GLU H 337 18.53 15.87 32.14
N VAL H 338 17.96 16.85 32.83
CA VAL H 338 18.16 18.24 32.47
C VAL H 338 19.47 18.79 33.02
N THR H 339 19.82 18.42 34.25
CA THR H 339 20.99 19.00 34.91
C THR H 339 22.31 18.46 34.36
N THR H 340 22.31 17.27 33.78
CA THR H 340 23.53 16.66 33.28
C THR H 340 23.38 16.33 31.79
N HIS H 341 24.49 16.43 31.06
CA HIS H 341 24.50 16.13 29.63
C HIS H 341 24.53 14.62 29.44
N SER H 342 23.44 14.06 28.90
CA SER H 342 23.31 12.62 28.74
C SER H 342 23.49 12.25 27.27
N PHE H 343 24.27 11.21 27.02
CA PHE H 343 24.46 10.69 25.67
C PHE H 343 24.76 9.20 25.75
N ASN H 344 25.02 8.60 24.60
CA ASN H 344 25.32 7.17 24.55
C ASN H 344 26.29 6.91 23.39
N CYS H 345 27.49 6.43 23.72
CA CYS H 345 28.46 6.00 22.73
C CYS H 345 29.09 4.69 23.21
N GLY H 346 29.33 3.78 22.28
CA GLY H 346 29.89 2.48 22.58
C GLY H 346 28.89 1.42 23.00
N GLY H 347 27.86 1.81 23.74
CA GLY H 347 26.85 0.87 24.21
C GLY H 347 26.33 1.18 25.60
N GLU H 348 26.99 2.10 26.30
CA GLU H 348 26.58 2.52 27.64
C GLU H 348 26.12 3.97 27.62
N PHE H 349 25.28 4.31 28.59
CA PHE H 349 24.70 5.64 28.69
C PHE H 349 25.51 6.46 29.69
N PHE H 350 26.00 7.62 29.24
CA PHE H 350 26.85 8.49 30.04
C PHE H 350 26.09 9.76 30.43
N TYR H 351 26.27 10.18 31.67
CA TYR H 351 25.72 11.42 32.20
C TYR H 351 26.88 12.25 32.70
N CYS H 352 27.18 13.35 32.03
CA CYS H 352 28.35 14.16 32.31
C CYS H 352 27.96 15.48 32.96
N ASN H 353 28.85 15.95 33.84
CA ASN H 353 28.65 17.19 34.60
C ASN H 353 29.34 18.32 33.84
N THR H 354 28.55 19.19 33.23
CA THR H 354 29.07 20.28 32.39
C THR H 354 29.08 21.61 33.13
N SER H 355 29.36 21.59 34.44
CA SER H 355 29.42 22.82 35.21
C SER H 355 30.72 23.59 35.02
N GLY H 356 31.72 23.00 34.40
CA GLY H 356 32.99 23.65 34.19
C GLY H 356 33.15 24.39 32.87
N LEU H 357 32.24 24.16 31.92
CA LEU H 357 32.32 24.82 30.62
C LEU H 357 31.60 26.17 30.62
N PHE H 358 30.42 26.24 31.24
CA PHE H 358 29.63 27.46 31.26
C PHE H 358 30.01 28.29 32.50
N ASN H 359 31.21 28.87 32.42
CA ASN H 359 31.75 29.69 33.51
C ASN H 359 32.59 30.79 32.88
N SER H 360 31.95 31.94 32.63
CA SER H 360 32.61 33.06 31.98
C SER H 360 31.79 34.32 32.21
N THR H 361 32.46 35.47 32.05
CA THR H 361 31.81 36.77 32.17
C THR H 361 32.41 37.69 31.12
N TRP H 362 31.63 38.02 30.09
CA TRP H 362 32.07 38.87 28.99
C TRP H 362 31.46 40.25 29.15
N ILE H 363 32.31 41.27 29.18
CA ILE H 363 31.88 42.66 29.29
C ILE H 363 32.07 43.34 27.93
N SER H 364 31.50 44.54 27.81
CA SER H 364 31.62 45.30 26.57
C SER H 364 32.97 45.99 26.46
N ASN H 377 46.79 24.73 24.90
CA ASN H 377 47.33 23.39 24.85
C ASN H 377 46.69 22.50 25.91
N ASP H 378 46.19 23.12 26.98
CA ASP H 378 45.54 22.37 28.05
C ASP H 378 44.15 21.92 27.61
N SER H 379 43.62 20.95 28.35
CA SER H 379 42.32 20.35 28.04
C SER H 379 41.45 20.35 29.30
N ILE H 380 40.18 20.66 29.12
CA ILE H 380 39.22 20.65 30.23
C ILE H 380 38.61 19.25 30.31
N THR H 381 38.67 18.66 31.50
CA THR H 381 38.15 17.33 31.75
C THR H 381 36.83 17.41 32.52
N LEU H 382 35.86 16.62 32.10
CA LEU H 382 34.56 16.55 32.75
C LEU H 382 34.27 15.12 33.15
N PRO H 383 34.08 14.84 34.43
CA PRO H 383 33.75 13.47 34.85
C PRO H 383 32.30 13.13 34.57
N CYS H 384 32.06 11.86 34.24
CA CYS H 384 30.73 11.37 33.91
C CYS H 384 30.42 10.12 34.72
N ARG H 385 29.15 9.73 34.69
CA ARG H 385 28.68 8.54 35.38
C ARG H 385 27.94 7.65 34.39
N ILE H 386 28.10 6.34 34.54
CA ILE H 386 27.50 5.35 33.65
C ILE H 386 26.18 4.90 34.27
N LYS H 387 25.10 5.02 33.52
CA LYS H 387 23.78 4.61 33.98
C LYS H 387 23.27 3.44 33.15
N GLN H 388 22.62 2.50 33.83
CA GLN H 388 22.06 1.32 33.17
C GLN H 388 20.54 1.35 33.07
N ILE H 389 19.86 2.14 33.90
CA ILE H 389 18.41 2.30 33.84
C ILE H 389 18.13 3.64 33.18
N ILE H 390 17.44 3.61 32.04
CA ILE H 390 17.18 4.80 31.23
C ILE H 390 15.68 4.89 30.98
N ASN H 391 15.10 6.04 31.30
CA ASN H 391 13.70 6.32 31.01
C ASN H 391 13.67 7.25 29.80
N MET H 392 13.54 6.67 28.62
CA MET H 392 13.63 7.43 27.38
C MET H 392 12.32 8.16 27.09
N TRP H 393 12.46 9.30 26.39
CA TRP H 393 11.36 10.13 25.90
C TRP H 393 10.45 10.64 27.02
N GLN H 394 11.03 10.83 28.21
CA GLN H 394 10.43 11.27 29.48
C GLN H 394 9.04 10.70 29.77
N ARG H 395 8.86 9.41 29.48
CA ARG H 395 7.59 8.74 29.69
C ARG H 395 7.58 8.00 31.03
N ILE H 396 6.37 7.67 31.48
CA ILE H 396 6.15 6.93 32.71
C ILE H 396 5.36 5.67 32.37
N GLY H 397 5.97 4.51 32.56
CA GLY H 397 5.32 3.26 32.25
C GLY H 397 6.23 2.26 31.56
N GLN H 398 7.23 2.77 30.83
CA GLN H 398 8.17 1.94 30.10
C GLN H 398 9.59 2.31 30.50
N ALA H 399 10.39 1.30 30.84
CA ALA H 399 11.79 1.49 31.22
C ALA H 399 12.67 0.62 30.32
N MET H 400 13.97 0.62 30.62
CA MET H 400 14.92 -0.15 29.83
C MET H 400 16.14 -0.46 30.70
N TYR H 401 16.68 -1.67 30.56
CA TYR H 401 17.87 -2.09 31.28
C TYR H 401 18.94 -2.45 30.25
N ALA H 402 19.96 -1.60 30.15
CA ALA H 402 21.02 -1.81 29.17
C ALA H 402 21.96 -2.91 29.64
N PRO H 403 22.39 -3.80 28.74
CA PRO H 403 23.33 -4.86 29.13
C PRO H 403 24.74 -4.29 29.29
N PRO H 404 25.58 -4.94 30.10
CA PRO H 404 26.96 -4.43 30.26
C PRO H 404 27.80 -4.71 29.03
N ILE H 405 28.58 -3.71 28.63
CA ILE H 405 29.46 -3.81 27.47
C ILE H 405 30.84 -4.23 27.94
N GLN H 406 31.36 -5.32 27.37
CA GLN H 406 32.67 -5.84 27.73
C GLN H 406 33.74 -5.15 26.90
N GLY H 407 34.70 -4.52 27.58
CA GLY H 407 35.81 -3.85 26.94
C GLY H 407 35.90 -2.40 27.37
N VAL H 408 36.82 -1.69 26.71
CA VAL H 408 37.06 -0.27 26.97
C VAL H 408 36.29 0.54 25.95
N ILE H 409 35.52 1.53 26.41
CA ILE H 409 34.67 2.34 25.56
C ILE H 409 35.29 3.72 25.45
N ARG H 410 35.75 4.07 24.25
CA ARG H 410 36.31 5.38 23.96
C ARG H 410 35.72 5.87 22.65
N CYS H 411 35.11 7.06 22.68
CA CYS H 411 34.47 7.65 21.51
C CYS H 411 34.87 9.11 21.38
N VAL H 412 34.63 9.65 20.18
CA VAL H 412 34.89 11.05 19.88
C VAL H 412 33.63 11.65 19.26
N SER H 413 33.42 12.94 19.53
CA SER H 413 32.22 13.63 19.07
C SER H 413 32.56 15.05 18.65
N ASN H 414 31.66 15.64 17.87
CA ASN H 414 31.77 17.02 17.41
C ASN H 414 30.59 17.81 17.98
N ILE H 415 30.89 18.82 18.80
CA ILE H 415 29.86 19.70 19.35
C ILE H 415 29.62 20.80 18.31
N THR H 416 28.51 20.69 17.59
CA THR H 416 28.14 21.65 16.55
C THR H 416 26.84 22.38 16.89
N GLY H 417 26.66 22.72 18.17
CA GLY H 417 25.46 23.45 18.55
C GLY H 417 25.33 23.52 20.05
N LEU H 418 24.35 24.33 20.47
CA LEU H 418 24.09 24.57 21.89
C LEU H 418 22.63 24.94 22.08
N ILE H 419 22.11 24.61 23.26
CA ILE H 419 20.74 24.96 23.66
C ILE H 419 20.85 25.75 24.96
N LEU H 420 20.52 27.03 24.89
CA LEU H 420 20.65 27.93 26.03
C LEU H 420 19.33 28.65 26.30
N THR H 421 18.98 28.75 27.58
CA THR H 421 17.83 29.52 28.05
C THR H 421 18.32 30.64 28.95
N ARG H 422 17.40 31.53 29.31
CA ARG H 422 17.73 32.65 30.18
C ARG H 422 16.61 32.86 31.19
N ASP H 423 16.93 33.58 32.26
CA ASP H 423 15.98 33.89 33.32
C ASP H 423 15.73 35.38 33.38
N GLY H 424 14.54 35.74 33.86
CA GLY H 424 14.15 37.14 33.96
C GLY H 424 14.54 37.79 35.27
N GLY H 425 15.26 38.90 35.19
CA GLY H 425 15.67 39.62 36.38
C GLY H 425 14.68 40.70 36.78
N SER H 426 15.20 41.87 37.15
CA SER H 426 14.38 43.01 37.53
C SER H 426 14.30 44.07 36.45
N THR H 427 15.03 43.89 35.34
CA THR H 427 15.09 44.80 34.18
C THR H 427 15.50 46.21 34.61
N ASN H 428 16.60 46.29 35.36
CA ASN H 428 17.17 47.56 35.77
C ASN H 428 18.66 47.63 35.47
N SER H 429 19.33 46.48 35.49
CA SER H 429 20.75 46.40 35.22
C SER H 429 21.00 46.06 33.75
N THR H 430 22.27 45.93 33.40
CA THR H 430 22.69 45.61 32.04
C THR H 430 23.44 44.28 32.00
N THR H 431 22.92 43.28 32.70
CA THR H 431 23.53 41.96 32.76
C THR H 431 22.52 40.90 32.31
N GLU H 432 23.05 39.76 31.89
CA GLU H 432 22.23 38.63 31.46
C GLU H 432 22.85 37.34 31.98
N THR H 433 21.99 36.34 32.19
CA THR H 433 22.42 35.04 32.68
C THR H 433 21.86 33.96 31.76
N PHE H 434 22.76 33.23 31.09
CA PHE H 434 22.38 32.16 30.18
C PHE H 434 22.79 30.82 30.76
N ARG H 435 21.84 29.89 30.80
CA ARG H 435 22.05 28.56 31.37
C ARG H 435 21.73 27.48 30.35
N PRO H 436 22.46 26.38 30.35
CA PRO H 436 22.13 25.28 29.44
C PRO H 436 20.90 24.52 29.90
N GLY H 437 20.06 24.14 28.94
CA GLY H 437 18.84 23.42 29.25
C GLY H 437 18.49 22.36 28.22
N GLY H 438 17.21 21.99 28.16
CA GLY H 438 16.76 20.97 27.25
C GLY H 438 15.68 20.09 27.81
N GLY H 439 15.72 18.79 27.51
CA GLY H 439 14.71 17.87 27.98
C GLY H 439 13.72 17.48 26.91
N ASP H 440 13.34 18.44 26.07
CA ASP H 440 12.41 18.19 24.98
C ASP H 440 13.20 17.80 23.72
N MET H 441 12.80 16.69 23.11
CA MET H 441 13.53 16.15 21.97
C MET H 441 13.16 16.81 20.64
N ARG H 442 12.19 17.73 20.64
CA ARG H 442 11.82 18.40 19.40
C ARG H 442 12.86 19.44 18.97
N ASP H 443 13.64 19.97 19.91
CA ASP H 443 14.66 20.95 19.56
C ASP H 443 15.90 20.32 18.93
N ASN H 444 16.09 19.01 19.09
CA ASN H 444 17.24 18.34 18.51
C ASN H 444 17.08 18.09 17.01
N TRP H 445 15.86 18.10 16.50
CA TRP H 445 15.60 17.88 15.08
C TRP H 445 15.06 19.12 14.39
N ARG H 446 14.85 20.22 15.11
CA ARG H 446 14.42 21.46 14.49
C ARG H 446 15.58 22.25 13.89
N SER H 447 16.82 21.91 14.23
CA SER H 447 17.99 22.56 13.66
C SER H 447 18.42 21.97 12.33
N GLU H 448 17.77 20.89 11.89
CA GLU H 448 18.07 20.27 10.61
C GLU H 448 16.91 20.35 9.62
N LEU H 449 15.68 20.43 10.08
CA LEU H 449 14.50 20.52 9.23
C LEU H 449 13.91 21.93 9.25
N TYR H 450 14.78 22.94 9.35
CA TYR H 450 14.35 24.33 9.42
C TYR H 450 14.28 25.00 8.05
N LYS H 451 14.46 24.25 6.97
CA LYS H 451 14.42 24.80 5.62
C LYS H 451 13.56 24.01 4.64
N TYR H 452 13.10 22.82 5.00
CA TYR H 452 12.30 22.00 4.10
C TYR H 452 10.82 22.23 4.35
N LYS H 453 10.07 22.36 3.26
CA LYS H 453 8.62 22.58 3.34
C LYS H 453 7.92 21.69 2.32
N VAL H 454 6.97 20.88 2.79
CA VAL H 454 6.27 19.96 1.91
C VAL H 454 5.14 20.70 1.20
N VAL H 455 5.09 20.60 -0.13
CA VAL H 455 4.06 21.26 -0.92
C VAL H 455 3.42 20.23 -1.86
N LYS H 456 2.19 20.52 -2.27
CA LYS H 456 1.42 19.67 -3.16
C LYS H 456 1.25 20.36 -4.50
N ILE H 457 1.61 19.67 -5.59
CA ILE H 457 1.60 20.26 -6.92
C ILE H 457 0.25 20.03 -7.57
N GLU H 458 -0.30 21.08 -8.18
CA GLU H 458 -1.53 21.00 -8.94
C GLU H 458 -1.24 21.34 -10.40
N PRO H 459 -1.37 20.40 -11.33
CA PRO H 459 -0.90 20.62 -12.71
C PRO H 459 -1.93 21.16 -13.68
N LEU H 460 -3.18 21.35 -13.29
CA LEU H 460 -4.23 21.75 -14.21
C LEU H 460 -4.46 23.26 -14.17
N GLY H 461 -4.69 23.85 -15.34
CA GLY H 461 -5.00 25.26 -15.42
C GLY H 461 -5.77 25.58 -16.68
N VAL H 462 -6.33 26.79 -16.73
CA VAL H 462 -7.06 27.27 -17.89
C VAL H 462 -6.53 28.65 -18.26
N ALA H 463 -6.63 28.99 -19.55
CA ALA H 463 -6.14 30.28 -20.03
C ALA H 463 -6.89 30.64 -21.32
N PRO H 464 -7.11 31.93 -21.57
CA PRO H 464 -7.75 32.32 -22.85
C PRO H 464 -6.72 32.44 -23.97
N THR H 465 -7.08 31.87 -25.13
CA THR H 465 -6.26 31.93 -26.32
C THR H 465 -7.10 32.31 -27.53
N ARG H 466 -6.52 32.20 -28.73
CA ARG H 466 -7.22 32.45 -29.97
C ARG H 466 -7.38 31.20 -30.83
N CYS H 467 -7.08 30.03 -30.27
CA CYS H 467 -7.18 28.78 -31.02
C CYS H 467 -8.54 28.15 -30.83
N LYS H 468 -8.97 27.39 -31.83
CA LYS H 468 -10.25 26.70 -31.82
C LYS H 468 -10.04 25.24 -32.20
N ARG H 469 -10.86 24.36 -31.62
CA ARG H 469 -10.76 22.94 -31.91
C ARG H 469 -11.31 22.65 -33.30
N ARG H 470 -10.54 21.87 -34.08
CA ARG H 470 -10.86 21.46 -35.46
C ARG H 470 -11.14 22.64 -36.39
N ASP I 1 31.88 -15.39 -44.29
CA ASP I 1 32.98 -15.43 -43.34
C ASP I 1 33.50 -14.02 -43.04
N ILE I 2 33.98 -13.81 -41.83
CA ILE I 2 34.50 -12.51 -41.38
C ILE I 2 35.99 -12.65 -41.15
N GLN I 3 36.77 -11.76 -41.75
CA GLN I 3 38.23 -11.76 -41.62
C GLN I 3 38.63 -10.59 -40.73
N MET I 4 39.05 -10.90 -39.51
CA MET I 4 39.44 -9.88 -38.55
C MET I 4 40.88 -9.44 -38.79
N THR I 5 41.09 -8.13 -38.86
CA THR I 5 42.42 -7.54 -39.05
C THR I 5 42.77 -6.76 -37.79
N GLN I 6 43.88 -7.13 -37.15
CA GLN I 6 44.34 -6.48 -35.93
C GLN I 6 45.48 -5.52 -36.24
N SER I 7 45.52 -4.40 -35.52
CA SER I 7 46.51 -3.37 -35.72
C SER I 7 46.96 -2.80 -34.38
N PRO I 8 48.26 -2.58 -34.18
CA PRO I 8 49.36 -2.86 -35.12
C PRO I 8 49.88 -4.29 -34.98
N SER I 9 50.90 -4.64 -35.78
CA SER I 9 51.45 -5.99 -35.73
C SER I 9 52.44 -6.14 -34.58
N THR I 10 53.32 -5.16 -34.38
CA THR I 10 54.34 -5.22 -33.34
C THR I 10 54.54 -3.83 -32.77
N LEU I 11 54.39 -3.69 -31.45
CA LEU I 11 54.55 -2.42 -30.76
C LEU I 11 55.49 -2.62 -29.57
N SER I 12 55.85 -1.50 -28.94
CA SER I 12 56.71 -1.52 -27.77
C SER I 12 56.37 -0.33 -26.89
N ALA I 13 56.30 -0.57 -25.58
CA ALA I 13 55.97 0.47 -24.63
C ALA I 13 56.71 0.19 -23.33
N SER I 14 56.41 0.99 -22.30
CA SER I 14 57.05 0.86 -21.00
C SER I 14 55.97 0.94 -19.92
N THR I 15 56.40 0.99 -18.67
CA THR I 15 55.49 1.05 -17.53
C THR I 15 54.98 2.47 -17.37
N GLY I 16 53.68 2.67 -17.57
CA GLY I 16 53.07 3.98 -17.40
C GLY I 16 52.26 4.44 -18.58
N ASP I 17 52.62 4.00 -19.78
CA ASP I 17 51.93 4.42 -21.00
C ASP I 17 50.72 3.55 -21.28
N THR I 18 49.86 4.05 -22.16
CA THR I 18 48.65 3.34 -22.56
C THR I 18 48.87 2.70 -23.93
N VAL I 19 48.29 1.51 -24.12
CA VAL I 19 48.41 0.75 -25.36
C VAL I 19 47.03 0.62 -25.97
N ARG I 20 46.90 1.05 -27.22
CA ARG I 20 45.63 0.99 -27.95
C ARG I 20 45.76 0.02 -29.11
N ILE I 21 44.92 -1.01 -29.14
CA ILE I 21 44.92 -2.03 -30.18
C ILE I 21 43.57 -1.99 -30.89
N SER I 22 43.60 -1.87 -32.22
CA SER I 22 42.39 -1.79 -33.02
C SER I 22 42.14 -3.11 -33.73
N CYS I 23 40.86 -3.40 -33.96
CA CYS I 23 40.43 -4.59 -34.68
C CYS I 23 39.33 -4.20 -35.65
N ARG I 24 39.50 -4.57 -36.92
CA ARG I 24 38.56 -4.22 -37.97
C ARG I 24 38.02 -5.49 -38.61
N ALA I 25 36.69 -5.59 -38.67
CA ALA I 25 36.03 -6.74 -39.27
C ALA I 25 35.81 -6.50 -40.77
N SER I 26 35.28 -7.52 -41.44
CA SER I 26 34.97 -7.41 -42.86
C SER I 26 33.60 -6.78 -43.08
N GLN I 27 32.55 -7.40 -42.52
CA GLN I 27 31.20 -6.86 -42.62
C GLN I 27 30.93 -5.97 -41.41
N SER I 28 29.68 -5.57 -41.24
CA SER I 28 29.26 -4.69 -40.15
C SER I 28 28.61 -5.54 -39.05
N ILE I 29 29.16 -5.45 -37.84
CA ILE I 29 28.63 -6.17 -36.69
C ILE I 29 27.87 -5.15 -35.84
N THR I 30 26.55 -5.11 -36.01
CA THR I 30 25.73 -4.17 -35.28
C THR I 30 25.37 -4.65 -33.88
N GLY I 31 25.44 -5.95 -33.63
CA GLY I 31 25.10 -6.51 -32.33
C GLY I 31 26.23 -6.54 -31.32
N ASN I 32 27.42 -6.07 -31.71
CA ASN I 32 28.61 -6.00 -30.86
C ASN I 32 29.01 -7.37 -30.31
N TRP I 33 29.22 -8.31 -31.22
CA TRP I 33 29.65 -9.67 -30.88
C TRP I 33 31.16 -9.73 -31.09
N VAL I 34 31.92 -9.41 -30.04
CA VAL I 34 33.37 -9.41 -30.12
C VAL I 34 33.92 -9.73 -28.73
N ALA I 35 35.13 -10.29 -28.70
CA ALA I 35 35.79 -10.64 -27.45
C ALA I 35 37.30 -10.44 -27.62
N TRP I 36 37.96 -10.13 -26.51
CA TRP I 36 39.39 -9.90 -26.49
C TRP I 36 40.07 -10.92 -25.59
N TYR I 37 41.15 -11.52 -26.09
CA TYR I 37 41.89 -12.54 -25.36
C TYR I 37 43.35 -12.14 -25.26
N GLN I 38 43.99 -12.52 -24.15
CA GLN I 38 45.41 -12.33 -23.96
C GLN I 38 46.06 -13.69 -23.71
N GLN I 39 47.35 -13.79 -24.05
CA GLN I 39 48.07 -15.05 -23.90
C GLN I 39 49.53 -14.76 -23.63
N ARG I 40 50.01 -15.21 -22.47
CA ARG I 40 51.44 -15.16 -22.16
C ARG I 40 52.16 -16.30 -22.88
N PRO I 41 53.43 -16.11 -23.25
CA PRO I 41 54.17 -17.19 -23.92
C PRO I 41 54.47 -18.35 -22.99
N GLY I 42 53.80 -19.48 -23.23
CA GLY I 42 53.94 -20.68 -22.42
C GLY I 42 52.67 -21.08 -21.68
N LYS I 43 51.86 -20.11 -21.29
CA LYS I 43 50.64 -20.36 -20.54
C LYS I 43 49.46 -20.51 -21.50
N ALA I 44 48.24 -20.54 -20.93
CA ALA I 44 46.93 -20.67 -21.56
C ALA I 44 46.32 -19.30 -21.83
N PRO I 45 45.49 -19.18 -22.86
CA PRO I 45 44.80 -17.91 -23.11
C PRO I 45 43.77 -17.59 -22.03
N ARG I 46 43.45 -16.31 -21.92
CA ARG I 46 42.57 -15.81 -20.88
C ARG I 46 41.63 -14.76 -21.45
N LEU I 47 40.34 -14.93 -21.21
CA LEU I 47 39.33 -13.98 -21.67
C LEU I 47 39.33 -12.75 -20.76
N LEU I 48 39.32 -11.57 -21.37
CA LEU I 48 39.35 -10.31 -20.63
C LEU I 48 38.05 -9.53 -20.78
N ILE I 49 37.66 -9.20 -22.01
CA ILE I 49 36.49 -8.36 -22.27
C ILE I 49 35.64 -9.05 -23.32
N TYR I 50 34.39 -9.35 -22.97
CA TYR I 50 33.43 -9.95 -23.89
C TYR I 50 32.30 -8.95 -24.17
N ARG I 51 31.76 -9.07 -25.38
CA ARG I 51 30.63 -8.25 -25.88
C ARG I 51 30.94 -6.75 -25.82
N GLY I 52 32.02 -6.38 -26.51
CA GLY I 52 32.36 -4.98 -26.67
C GLY I 52 33.07 -4.33 -25.50
N ALA I 53 32.33 -4.02 -24.43
CA ALA I 53 32.89 -3.27 -23.31
C ALA I 53 32.42 -3.79 -21.97
N ALA I 54 32.14 -5.08 -21.86
CA ALA I 54 31.74 -5.70 -20.60
C ALA I 54 32.91 -6.51 -20.05
N LEU I 55 33.23 -6.27 -18.78
CA LEU I 55 34.38 -6.90 -18.14
C LEU I 55 33.99 -8.23 -17.51
N LEU I 56 34.99 -9.06 -17.30
CA LEU I 56 34.82 -10.38 -16.68
C LEU I 56 35.21 -10.32 -15.20
N GLY I 57 34.78 -11.35 -14.47
CA GLY I 57 35.10 -11.44 -13.05
C GLY I 57 36.55 -11.77 -12.79
N GLY I 58 37.28 -10.82 -12.20
CA GLY I 58 38.70 -10.96 -11.94
C GLY I 58 39.58 -10.04 -12.76
N VAL I 59 39.08 -9.53 -13.88
CA VAL I 59 39.85 -8.61 -14.71
C VAL I 59 39.85 -7.24 -14.04
N PRO I 60 41.02 -6.60 -13.88
CA PRO I 60 41.06 -5.28 -13.26
C PRO I 60 40.45 -4.21 -14.17
N SER I 61 40.19 -3.05 -13.58
CA SER I 61 39.51 -1.96 -14.26
C SER I 61 40.42 -1.12 -15.14
N ARG I 62 41.70 -1.49 -15.26
CA ARG I 62 42.61 -0.73 -16.11
C ARG I 62 42.49 -1.08 -17.59
N PHE I 63 41.77 -2.14 -17.93
CA PHE I 63 41.50 -2.48 -19.32
C PHE I 63 40.13 -1.96 -19.72
N ARG I 64 40.04 -1.37 -20.91
CA ARG I 64 38.78 -0.86 -21.42
C ARG I 64 38.63 -1.22 -22.89
N GLY I 65 37.37 -1.27 -23.34
CA GLY I 65 37.08 -1.53 -24.72
C GLY I 65 36.00 -0.59 -25.22
N SER I 66 35.98 -0.43 -26.54
CA SER I 66 34.98 0.41 -27.19
C SER I 66 34.69 -0.15 -28.58
N ALA I 67 33.45 0.04 -29.02
CA ALA I 67 33.00 -0.45 -30.32
C ALA I 67 32.33 0.68 -31.08
N ALA I 68 32.69 0.83 -32.36
CA ALA I 68 32.11 1.87 -33.20
C ALA I 68 32.11 1.35 -34.63
N GLY I 69 30.93 1.01 -35.15
CA GLY I 69 30.80 0.48 -36.49
C GLY I 69 31.47 -0.86 -36.68
N THR I 70 32.58 -0.87 -37.41
CA THR I 70 33.40 -2.06 -37.58
C THR I 70 34.74 -1.95 -36.87
N ASP I 71 34.89 -0.98 -35.97
CA ASP I 71 36.15 -0.74 -35.28
C ASP I 71 35.99 -1.08 -33.80
N PHE I 72 36.79 -2.04 -33.32
CA PHE I 72 36.79 -2.42 -31.91
C PHE I 72 38.16 -2.07 -31.33
N THR I 73 38.19 -1.13 -30.40
CA THR I 73 39.42 -0.64 -29.80
C THR I 73 39.55 -1.16 -28.37
N LEU I 74 40.77 -1.56 -28.01
CA LEU I 74 41.10 -2.03 -26.67
C LEU I 74 42.20 -1.14 -26.13
N THR I 75 41.93 -0.48 -25.00
CA THR I 75 42.86 0.45 -24.37
C THR I 75 43.35 -0.12 -23.05
N ILE I 76 44.65 -0.07 -22.83
CA ILE I 76 45.29 -0.53 -21.61
C ILE I 76 46.01 0.65 -21.00
N GLY I 77 45.47 1.19 -19.90
CA GLY I 77 46.10 2.26 -19.17
C GLY I 77 46.80 1.71 -17.93
N ASN I 78 47.87 2.41 -17.52
CA ASN I 78 48.74 2.03 -16.40
C ASN I 78 49.31 0.63 -16.60
N LEU I 79 50.11 0.49 -17.66
CA LEU I 79 50.67 -0.80 -18.04
C LEU I 79 51.70 -1.27 -17.02
N GLN I 80 51.61 -2.54 -16.64
CA GLN I 80 52.50 -3.15 -15.67
C GLN I 80 53.40 -4.16 -16.36
N ALA I 81 54.19 -4.87 -15.57
CA ALA I 81 55.16 -5.85 -16.07
C ALA I 81 54.57 -7.23 -16.26
N GLU I 82 53.26 -7.41 -16.03
CA GLU I 82 52.61 -8.71 -16.16
C GLU I 82 51.58 -8.73 -17.28
N ASP I 83 51.65 -7.78 -18.20
CA ASP I 83 50.70 -7.69 -19.30
C ASP I 83 51.36 -7.86 -20.67
N PHE I 84 52.66 -8.17 -20.71
CA PHE I 84 53.38 -8.34 -21.97
C PHE I 84 53.10 -9.72 -22.53
N GLY I 85 52.24 -9.79 -23.52
CA GLY I 85 51.89 -11.05 -24.15
C GLY I 85 51.39 -10.82 -25.57
N THR I 86 50.50 -11.70 -26.00
CA THR I 86 49.90 -11.62 -27.34
C THR I 86 48.39 -11.45 -27.19
N PHE I 87 47.84 -10.47 -27.90
CA PHE I 87 46.42 -10.15 -27.82
C PHE I 87 45.70 -10.56 -29.11
N TYR I 88 44.45 -10.98 -28.96
CA TYR I 88 43.63 -11.44 -30.07
C TYR I 88 42.23 -10.89 -29.93
N CYS I 89 41.61 -10.57 -31.08
CA CYS I 89 40.21 -10.17 -31.14
C CYS I 89 39.44 -11.22 -31.93
N GLN I 90 38.36 -11.74 -31.34
CA GLN I 90 37.60 -12.82 -31.93
C GLN I 90 36.13 -12.43 -32.00
N GLN I 91 35.52 -12.62 -33.17
CA GLN I 91 34.10 -12.37 -33.36
C GLN I 91 33.32 -13.68 -33.23
N TYR I 92 32.08 -13.55 -32.77
CA TYR I 92 31.17 -14.70 -32.68
C TYR I 92 29.78 -14.30 -33.15
N ASP I 93 29.71 -13.48 -34.20
CA ASP I 93 28.42 -13.07 -34.75
C ASP I 93 27.84 -14.15 -35.65
N THR I 94 28.62 -14.59 -36.65
CA THR I 94 28.19 -15.61 -37.58
C THR I 94 29.00 -16.89 -37.37
N TYR I 95 28.56 -17.96 -38.01
CA TYR I 95 29.22 -19.26 -37.90
C TYR I 95 30.19 -19.45 -39.06
N PRO I 96 31.44 -19.86 -38.81
CA PRO I 96 32.01 -20.11 -37.48
C PRO I 96 32.76 -18.89 -36.93
N GLY I 97 33.45 -19.07 -35.80
CA GLY I 97 34.22 -18.00 -35.23
C GLY I 97 35.58 -17.85 -35.89
N THR I 98 36.10 -16.62 -35.85
CA THR I 98 37.38 -16.30 -36.46
C THR I 98 38.20 -15.44 -35.51
N PHE I 99 39.47 -15.79 -35.33
CA PHE I 99 40.36 -15.04 -34.47
C PHE I 99 41.13 -14.00 -35.28
N GLY I 100 42.02 -13.28 -34.61
CA GLY I 100 42.85 -12.27 -35.24
C GLY I 100 44.17 -12.84 -35.71
N GLN I 101 45.20 -11.98 -35.69
CA GLN I 101 46.54 -12.38 -36.09
C GLN I 101 47.58 -12.23 -34.98
N GLY I 102 47.26 -11.55 -33.91
CA GLY I 102 48.19 -11.43 -32.80
C GLY I 102 48.84 -10.05 -32.74
N THR I 103 49.13 -9.60 -31.53
CA THR I 103 49.79 -8.32 -31.29
C THR I 103 50.80 -8.51 -30.16
N LYS I 104 52.07 -8.57 -30.51
CA LYS I 104 53.12 -8.75 -29.53
C LYS I 104 53.46 -7.43 -28.85
N VAL I 105 53.44 -7.43 -27.53
CA VAL I 105 53.75 -6.24 -26.72
C VAL I 105 55.08 -6.48 -26.02
N GLU I 106 56.06 -5.64 -26.31
CA GLU I 106 57.39 -5.74 -25.74
C GLU I 106 57.65 -4.59 -24.79
N VAL I 107 58.68 -4.76 -23.96
CA VAL I 107 59.07 -3.75 -22.97
C VAL I 107 60.19 -2.90 -23.57
N LYS I 108 60.11 -1.60 -23.37
CA LYS I 108 61.11 -0.67 -23.89
C LYS I 108 62.04 -0.17 -22.78
N GLN J 1 -40.62 -27.45 3.11
CA GLN J 1 -40.67 -26.62 1.92
C GLN J 1 -41.95 -25.79 1.88
N ILE J 2 -42.43 -25.50 0.67
CA ILE J 2 -43.64 -24.72 0.46
C ILE J 2 -44.74 -25.69 0.03
N HIS J 3 -45.75 -25.85 0.87
CA HIS J 3 -46.84 -26.79 0.62
C HIS J 3 -48.15 -26.03 0.50
N LEU J 4 -48.93 -26.34 -0.52
CA LEU J 4 -50.20 -25.67 -0.77
C LEU J 4 -51.33 -26.69 -0.80
N VAL J 5 -52.42 -26.37 -0.10
CA VAL J 5 -53.61 -27.20 -0.12
C VAL J 5 -54.76 -26.40 -0.72
N GLN J 6 -55.75 -27.11 -1.23
CA GLN J 6 -56.91 -26.48 -1.85
C GLN J 6 -58.20 -27.05 -1.28
N SER J 7 -59.33 -26.72 -1.89
CA SER J 7 -60.63 -27.21 -1.44
C SER J 7 -60.88 -28.60 -2.01
N GLY J 8 -62.08 -29.13 -1.80
CA GLY J 8 -62.47 -30.43 -2.29
C GLY J 8 -63.30 -30.35 -3.56
N THR J 9 -63.86 -31.48 -3.94
CA THR J 9 -64.73 -31.57 -5.11
C THR J 9 -66.10 -31.01 -4.76
N GLU J 10 -66.44 -29.87 -5.36
CA GLU J 10 -67.72 -29.21 -5.14
C GLU J 10 -68.57 -29.30 -6.39
N VAL J 11 -69.81 -29.76 -6.24
CA VAL J 11 -70.77 -29.89 -7.34
C VAL J 11 -71.76 -28.73 -7.23
N LYS J 12 -71.85 -27.93 -8.29
CA LYS J 12 -72.70 -26.76 -8.31
C LYS J 12 -73.62 -26.80 -9.53
N LYS J 13 -74.84 -26.24 -9.35
CA LYS J 13 -75.90 -26.08 -10.33
C LYS J 13 -75.64 -24.85 -11.19
N PRO J 14 -76.08 -24.84 -12.45
CA PRO J 14 -75.88 -23.66 -13.30
C PRO J 14 -76.78 -22.51 -12.86
N GLY J 15 -76.20 -21.31 -12.79
CA GLY J 15 -76.91 -20.12 -12.39
C GLY J 15 -76.37 -19.46 -11.12
N SER J 16 -75.79 -20.25 -10.23
CA SER J 16 -75.25 -19.73 -8.98
C SER J 16 -73.78 -19.39 -9.15
N SER J 17 -73.08 -19.15 -8.05
CA SER J 17 -71.66 -18.85 -8.05
C SER J 17 -70.90 -19.93 -7.30
N VAL J 18 -69.57 -19.90 -7.43
CA VAL J 18 -68.70 -20.85 -6.75
C VAL J 18 -67.46 -20.10 -6.29
N THR J 19 -66.82 -20.61 -5.24
CA THR J 19 -65.63 -19.99 -4.68
C THR J 19 -64.64 -21.08 -4.30
N VAL J 20 -63.44 -21.00 -4.87
CA VAL J 20 -62.37 -21.97 -4.60
C VAL J 20 -61.28 -21.27 -3.79
N SER J 21 -60.88 -21.90 -2.70
CA SER J 21 -59.86 -21.36 -1.81
C SER J 21 -58.56 -22.14 -1.95
N CYS J 22 -57.45 -21.49 -1.58
CA CYS J 22 -56.13 -22.09 -1.67
C CYS J 22 -55.30 -21.59 -0.49
N LYS J 23 -54.87 -22.51 0.37
CA LYS J 23 -54.10 -22.17 1.55
C LYS J 23 -52.64 -22.52 1.32
N ALA J 24 -51.74 -21.61 1.72
CA ALA J 24 -50.31 -21.79 1.53
C ALA J 24 -49.62 -22.01 2.87
N TYR J 25 -48.48 -22.69 2.82
CA TYR J 25 -47.64 -22.91 4.01
C TYR J 25 -46.19 -22.84 3.58
N GLY J 26 -45.47 -21.82 4.02
CA GLY J 26 -44.07 -21.69 3.70
C GLY J 26 -43.69 -20.35 3.10
N VAL J 27 -44.66 -19.66 2.49
CA VAL J 27 -44.39 -18.36 1.90
C VAL J 27 -44.29 -17.30 2.99
N ASN J 28 -43.59 -16.21 2.69
CA ASN J 28 -43.40 -15.12 3.63
C ASN J 28 -44.42 -14.01 3.42
N THR J 29 -44.43 -13.37 2.25
CA THR J 29 -45.33 -12.28 1.96
C THR J 29 -45.71 -12.36 0.48
N PHE J 30 -46.96 -12.02 0.18
CA PHE J 30 -47.44 -11.96 -1.19
C PHE J 30 -46.91 -10.76 -1.96
N GLY J 31 -46.21 -9.83 -1.31
CA GLY J 31 -45.54 -8.77 -2.03
C GLY J 31 -44.28 -9.23 -2.73
N LEU J 32 -43.62 -10.26 -2.19
CA LEU J 32 -42.45 -10.85 -2.82
C LEU J 32 -42.80 -12.02 -3.73
N TYR J 33 -44.06 -12.45 -3.75
CA TYR J 33 -44.50 -13.56 -4.57
C TYR J 33 -45.60 -13.11 -5.52
N ALA J 34 -46.08 -14.06 -6.33
CA ALA J 34 -47.20 -13.81 -7.22
C ALA J 34 -48.01 -15.09 -7.34
N VAL J 35 -49.32 -14.98 -7.25
CA VAL J 35 -50.21 -16.14 -7.23
C VAL J 35 -50.96 -16.18 -8.56
N ASN J 36 -50.70 -17.21 -9.35
CA ASN J 36 -51.36 -17.43 -10.63
C ASN J 36 -52.34 -18.58 -10.53
N TRP J 37 -53.51 -18.41 -11.15
CA TRP J 37 -54.57 -19.40 -11.17
C TRP J 37 -54.81 -19.83 -12.61
N VAL J 38 -54.61 -21.12 -12.89
CA VAL J 38 -54.88 -21.71 -14.19
C VAL J 38 -55.88 -22.85 -14.00
N ARG J 39 -56.23 -23.52 -15.09
CA ARG J 39 -57.12 -24.67 -15.03
C ARG J 39 -56.68 -25.69 -16.06
N GLN J 40 -57.36 -26.84 -16.09
CA GLN J 40 -57.05 -27.91 -17.02
C GLN J 40 -58.31 -28.71 -17.28
N ALA J 41 -58.79 -28.68 -18.52
CA ALA J 41 -59.95 -29.45 -18.91
C ALA J 41 -59.59 -30.92 -19.05
N PRO J 42 -60.52 -31.83 -18.74
CA PRO J 42 -60.23 -33.27 -18.91
C PRO J 42 -60.19 -33.64 -20.38
N GLY J 43 -59.05 -34.21 -20.81
CA GLY J 43 -58.88 -34.57 -22.19
C GLY J 43 -58.51 -33.44 -23.11
N GLN J 44 -58.11 -32.29 -22.56
CA GLN J 44 -57.73 -31.12 -23.35
C GLN J 44 -56.46 -30.54 -22.76
N SER J 45 -56.09 -29.34 -23.22
CA SER J 45 -54.89 -28.66 -22.76
C SER J 45 -55.24 -27.69 -21.62
N LEU J 46 -54.19 -27.12 -21.03
CA LEU J 46 -54.35 -26.18 -19.93
C LEU J 46 -54.79 -24.82 -20.46
N GLU J 47 -55.23 -23.97 -19.53
CA GLU J 47 -55.68 -22.63 -19.87
C GLU J 47 -55.38 -21.68 -18.71
N TYR J 48 -54.77 -20.54 -19.04
CA TYR J 48 -54.43 -19.54 -18.02
C TYR J 48 -55.64 -18.66 -17.75
N ILE J 49 -56.03 -18.58 -16.47
CA ILE J 49 -57.22 -17.81 -16.10
C ILE J 49 -56.82 -16.43 -15.60
N GLY J 50 -56.06 -16.37 -14.51
CA GLY J 50 -55.76 -15.07 -13.94
C GLY J 50 -54.54 -15.11 -13.05
N GLN J 51 -54.18 -13.95 -12.52
CA GLN J 51 -53.04 -13.84 -11.61
C GLN J 51 -53.10 -12.58 -10.74
N ILE J 52 -52.42 -12.62 -9.61
CA ILE J 52 -52.36 -11.46 -8.72
C ILE J 52 -50.88 -11.14 -8.48
N TRP J 53 -50.46 -9.93 -8.85
CA TRP J 53 -49.07 -9.54 -8.68
C TRP J 53 -48.91 -8.15 -8.08
N ARG J 54 -48.05 -8.01 -7.08
CA ARG J 54 -47.81 -6.72 -6.45
C ARG J 54 -49.13 -6.13 -5.98
N TRP J 55 -49.99 -6.99 -5.46
CA TRP J 55 -51.29 -6.57 -4.97
C TRP J 55 -52.16 -6.00 -6.10
N LYS J 56 -51.95 -6.50 -7.31
CA LYS J 56 -52.74 -6.09 -8.48
C LYS J 56 -53.26 -7.35 -9.16
N SER J 57 -54.54 -7.66 -8.93
CA SER J 57 -55.17 -8.83 -9.51
C SER J 57 -55.72 -8.52 -10.88
N SER J 58 -55.54 -9.48 -11.81
CA SER J 58 -56.03 -9.32 -13.17
C SER J 58 -56.38 -10.70 -13.73
N ALA J 59 -57.12 -10.70 -14.83
CA ALA J 59 -57.54 -11.92 -15.51
C ALA J 59 -57.15 -11.82 -16.98
N SER J 60 -57.54 -12.84 -17.75
CA SER J 60 -57.23 -12.87 -19.17
C SER J 60 -58.28 -12.08 -19.95
N HIS J 61 -58.12 -12.06 -21.27
CA HIS J 61 -59.06 -11.36 -22.14
C HIS J 61 -60.31 -12.17 -22.42
N HIS J 62 -60.33 -13.46 -22.05
CA HIS J 62 -61.50 -14.29 -22.25
C HIS J 62 -62.36 -14.44 -20.99
N PHE J 63 -61.79 -14.16 -19.82
CA PHE J 63 -62.52 -14.26 -18.56
C PHE J 63 -62.66 -12.90 -17.88
N ARG J 64 -62.69 -11.85 -18.69
CA ARG J 64 -62.84 -10.51 -18.14
C ARG J 64 -64.27 -10.30 -17.66
N GLY J 65 -64.42 -9.74 -16.47
CA GLY J 65 -65.75 -9.46 -15.93
C GLY J 65 -66.52 -10.68 -15.51
N ARG J 66 -65.86 -11.82 -15.32
CA ARG J 66 -66.51 -13.05 -14.91
C ARG J 66 -65.96 -13.64 -13.63
N VAL J 67 -64.65 -13.60 -13.43
CA VAL J 67 -64.02 -14.17 -12.25
C VAL J 67 -63.54 -13.04 -11.35
N LEU J 68 -63.23 -13.38 -10.10
CA LEU J 68 -62.74 -12.42 -9.13
C LEU J 68 -61.72 -13.08 -8.23
N ILE J 69 -60.51 -12.54 -8.18
CA ILE J 69 -59.42 -13.10 -7.40
C ILE J 69 -59.13 -12.19 -6.22
N SER J 70 -58.94 -12.78 -5.04
CA SER J 70 -58.63 -12.03 -3.84
C SER J 70 -57.58 -12.78 -3.03
N ALA J 71 -56.84 -12.03 -2.22
CA ALA J 71 -55.78 -12.61 -1.40
C ALA J 71 -55.55 -11.72 -0.17
N VAL J 72 -55.10 -12.34 0.92
CA VAL J 72 -54.77 -11.64 2.15
C VAL J 72 -53.35 -12.02 2.57
N ASP J 73 -52.83 -11.25 3.52
CA ASP J 73 -51.46 -11.43 3.99
C ASP J 73 -51.46 -12.39 5.20
N LEU J 74 -50.34 -12.41 5.92
CA LEU J 74 -50.18 -13.32 7.06
C LEU J 74 -51.11 -12.96 8.21
N THR J 75 -51.47 -13.98 8.98
CA THR J 75 -52.27 -13.84 10.18
C THR J 75 -51.69 -14.79 11.22
N GLY J 76 -51.63 -14.35 12.49
CA GLY J 76 -50.98 -15.11 13.54
C GLY J 76 -51.65 -16.43 13.87
N SER J 77 -52.90 -16.64 13.43
CA SER J 77 -53.59 -17.91 13.65
C SER J 77 -54.30 -18.38 12.38
N SER J 78 -53.75 -18.06 11.21
CA SER J 78 -54.36 -18.43 9.94
C SER J 78 -53.32 -18.48 8.83
N PRO J 79 -53.39 -19.45 7.93
CA PRO J 79 -52.44 -19.51 6.81
C PRO J 79 -52.76 -18.46 5.75
N PRO J 80 -51.85 -18.20 4.81
CA PRO J 80 -52.17 -17.32 3.68
C PRO J 80 -53.24 -17.95 2.78
N ILE J 81 -54.27 -17.16 2.50
CA ILE J 81 -55.47 -17.63 1.79
C ILE J 81 -55.58 -16.85 0.48
N SER J 82 -55.80 -17.58 -0.62
CA SER J 82 -56.08 -16.98 -1.91
C SER J 82 -57.39 -17.57 -2.44
N SER J 83 -58.36 -16.72 -2.73
CA SER J 83 -59.69 -17.15 -3.14
C SER J 83 -59.99 -16.69 -4.55
N LEU J 84 -60.80 -17.48 -5.26
CA LEU J 84 -61.24 -17.15 -6.61
C LEU J 84 -62.72 -17.49 -6.73
N GLU J 85 -63.52 -16.49 -7.10
CA GLU J 85 -64.96 -16.64 -7.22
C GLU J 85 -65.35 -16.58 -8.71
N ILE J 86 -66.18 -17.54 -9.12
CA ILE J 86 -66.74 -17.59 -10.46
C ILE J 86 -68.25 -17.37 -10.35
N LYS J 87 -68.76 -16.38 -11.07
CA LYS J 87 -70.17 -16.07 -11.10
C LYS J 87 -70.72 -16.30 -12.51
N ASN J 88 -71.97 -16.80 -12.55
CA ASN J 88 -72.72 -17.10 -13.78
C ASN J 88 -71.96 -18.11 -14.67
N LEU J 89 -71.71 -19.28 -14.09
CA LEU J 89 -70.98 -20.32 -14.81
C LEU J 89 -71.88 -20.99 -15.83
N THR J 90 -71.26 -21.50 -16.90
CA THR J 90 -71.97 -22.17 -17.97
C THR J 90 -71.87 -23.68 -17.78
N SER J 91 -72.35 -24.42 -18.77
CA SER J 91 -72.33 -25.88 -18.72
C SER J 91 -71.01 -26.45 -19.22
N ASP J 92 -70.07 -25.57 -19.52
CA ASP J 92 -68.76 -25.99 -20.01
C ASP J 92 -67.65 -25.51 -19.08
N ASP J 93 -67.81 -25.76 -17.78
CA ASP J 93 -66.82 -25.35 -16.80
C ASP J 93 -66.34 -26.50 -15.92
N THR J 94 -66.58 -27.74 -16.34
CA THR J 94 -66.13 -28.91 -15.59
C THR J 94 -64.64 -29.09 -15.83
N ALA J 95 -63.83 -28.74 -14.84
CA ALA J 95 -62.37 -28.78 -15.01
C ALA J 95 -61.70 -28.98 -13.66
N VAL J 96 -60.39 -29.19 -13.72
CA VAL J 96 -59.55 -29.36 -12.54
C VAL J 96 -58.77 -28.07 -12.36
N TYR J 97 -59.16 -27.28 -11.38
CA TYR J 97 -58.52 -26.00 -11.12
C TYR J 97 -57.28 -26.18 -10.24
N PHE J 98 -56.32 -25.27 -10.42
CA PHE J 98 -55.05 -25.34 -9.72
C PHE J 98 -54.76 -23.99 -9.06
N CYS J 99 -53.65 -23.95 -8.32
CA CYS J 99 -53.26 -22.76 -7.57
C CYS J 99 -51.73 -22.75 -7.51
N THR J 100 -51.10 -21.81 -8.21
CA THR J 100 -49.65 -21.78 -8.34
C THR J 100 -49.08 -20.49 -7.77
N THR J 101 -47.87 -20.57 -7.22
CA THR J 101 -47.13 -19.41 -6.76
C THR J 101 -45.80 -19.33 -7.48
N THR J 102 -45.27 -18.10 -7.59
CA THR J 102 -43.98 -17.86 -8.22
C THR J 102 -43.29 -16.73 -7.48
N SER J 103 -42.05 -16.98 -7.04
CA SER J 103 -41.28 -15.99 -6.30
C SER J 103 -40.73 -14.94 -7.27
N THR J 104 -41.13 -13.68 -7.06
CA THR J 104 -40.70 -12.56 -7.88
C THR J 104 -39.81 -11.60 -7.11
N TYR J 105 -38.91 -12.14 -6.28
CA TYR J 105 -38.03 -11.30 -5.49
C TYR J 105 -36.87 -10.75 -6.31
N ASP J 106 -36.08 -11.64 -6.90
CA ASP J 106 -34.93 -11.21 -7.69
C ASP J 106 -35.36 -10.71 -9.05
N ARG J 107 -34.76 -9.60 -9.49
CA ARG J 107 -35.08 -9.04 -10.79
C ARG J 107 -34.43 -9.82 -11.93
N TRP J 108 -33.21 -10.32 -11.72
CA TRP J 108 -32.50 -11.10 -12.72
C TRP J 108 -32.63 -12.60 -12.49
N SER J 109 -33.76 -13.04 -11.93
CA SER J 109 -33.98 -14.47 -11.70
C SER J 109 -34.31 -15.20 -13.00
N GLY J 110 -34.95 -14.53 -13.96
CA GLY J 110 -35.28 -15.12 -15.22
C GLY J 110 -36.57 -15.91 -15.25
N LEU J 111 -37.29 -15.98 -14.12
CA LEU J 111 -38.55 -16.72 -14.06
C LEU J 111 -39.76 -15.87 -14.36
N HIS J 112 -39.58 -14.57 -14.57
CA HIS J 112 -40.69 -13.66 -14.83
C HIS J 112 -40.28 -12.64 -15.88
N HIS J 113 -41.21 -12.31 -16.78
CA HIS J 113 -40.96 -11.36 -17.86
C HIS J 113 -42.09 -10.34 -17.89
N ASP J 114 -41.95 -9.28 -17.08
CA ASP J 114 -42.80 -8.09 -17.08
C ASP J 114 -44.27 -8.42 -16.79
N GLY J 115 -44.50 -9.25 -15.79
CA GLY J 115 -45.86 -9.54 -15.35
C GLY J 115 -46.29 -10.97 -15.58
N VAL J 116 -45.97 -11.52 -16.75
CA VAL J 116 -46.26 -12.91 -17.06
C VAL J 116 -45.05 -13.76 -16.70
N MET J 117 -45.29 -14.91 -16.07
CA MET J 117 -44.22 -15.71 -15.51
C MET J 117 -44.56 -17.19 -15.65
N ALA J 118 -43.65 -18.03 -15.14
CA ALA J 118 -43.82 -19.47 -15.15
C ALA J 118 -44.49 -19.93 -13.85
N PHE J 119 -44.51 -21.23 -13.61
CA PHE J 119 -45.11 -21.81 -12.41
C PHE J 119 -44.10 -22.75 -11.78
N SER J 120 -43.58 -22.37 -10.61
CA SER J 120 -42.56 -23.16 -9.92
C SER J 120 -43.15 -24.18 -8.95
N SER J 121 -44.29 -23.87 -8.34
CA SER J 121 -44.92 -24.75 -7.36
C SER J 121 -46.39 -24.93 -7.72
N TRP J 122 -46.83 -26.18 -7.82
CA TRP J 122 -48.20 -26.53 -8.15
C TRP J 122 -48.90 -27.11 -6.94
N GLY J 123 -50.22 -27.13 -7.00
CA GLY J 123 -51.07 -27.66 -5.95
C GLY J 123 -51.58 -29.05 -6.27
N GLN J 124 -52.80 -29.33 -5.82
CA GLN J 124 -53.45 -30.60 -6.05
C GLN J 124 -54.60 -30.54 -7.04
N GLY J 125 -55.27 -29.40 -7.15
CA GLY J 125 -56.36 -29.25 -8.11
C GLY J 125 -57.69 -29.73 -7.60
N THR J 126 -58.73 -28.93 -7.77
CA THR J 126 -60.09 -29.29 -7.38
C THR J 126 -60.93 -29.55 -8.62
N LEU J 127 -61.71 -30.62 -8.58
CA LEU J 127 -62.58 -31.00 -9.70
C LEU J 127 -63.91 -30.27 -9.52
N ILE J 128 -64.30 -29.51 -10.54
CA ILE J 128 -65.59 -28.84 -10.55
C ILE J 128 -66.37 -29.38 -11.75
N SER J 129 -67.49 -30.04 -11.47
CA SER J 129 -68.35 -30.63 -12.50
C SER J 129 -69.74 -30.04 -12.35
N VAL J 130 -70.17 -29.30 -13.37
CA VAL J 130 -71.47 -28.62 -13.37
C VAL J 130 -72.41 -29.37 -14.30
N SER J 131 -73.64 -29.62 -13.82
CA SER J 131 -74.64 -30.32 -14.61
C SER J 131 -76.03 -29.87 -14.14
N ALA J 132 -77.01 -30.05 -15.02
CA ALA J 132 -78.39 -29.71 -14.71
C ALA J 132 -79.14 -30.82 -14.00
N ASP K 1 -50.67 -13.35 -29.06
CA ASP K 1 -51.17 -14.72 -29.04
C ASP K 1 -50.30 -15.62 -29.92
N ILE K 2 -49.39 -16.36 -29.28
CA ILE K 2 -48.49 -17.26 -29.98
C ILE K 2 -48.98 -18.69 -29.77
N GLN K 3 -49.20 -19.41 -30.88
CA GLN K 3 -49.67 -20.78 -30.83
C GLN K 3 -48.49 -21.73 -30.88
N MET K 4 -48.43 -22.66 -29.93
CA MET K 4 -47.34 -23.62 -29.83
C MET K 4 -47.76 -24.96 -30.43
N THR K 5 -46.84 -25.58 -31.16
CA THR K 5 -47.06 -26.88 -31.77
C THR K 5 -45.98 -27.84 -31.28
N GLN K 6 -46.39 -28.92 -30.63
CA GLN K 6 -45.47 -29.90 -30.09
C GLN K 6 -45.40 -31.12 -31.00
N SER K 7 -44.22 -31.74 -31.06
CA SER K 7 -43.98 -32.91 -31.90
C SER K 7 -43.12 -33.89 -31.13
N PRO K 8 -43.46 -35.20 -31.15
CA PRO K 8 -44.64 -35.77 -31.80
C PRO K 8 -45.88 -35.76 -30.91
N SER K 9 -46.95 -36.39 -31.38
CA SER K 9 -48.18 -36.46 -30.58
C SER K 9 -48.12 -37.59 -29.56
N THR K 10 -47.90 -38.81 -30.04
CA THR K 10 -47.81 -39.98 -29.18
C THR K 10 -46.71 -40.89 -29.70
N LEU K 11 -45.68 -41.10 -28.89
CA LEU K 11 -44.55 -41.95 -29.25
C LEU K 11 -44.31 -42.98 -28.15
N SER K 12 -43.44 -43.93 -28.44
CA SER K 12 -43.11 -44.99 -27.50
C SER K 12 -41.62 -45.28 -27.58
N ALA K 13 -41.04 -45.66 -26.43
CA ALA K 13 -39.63 -45.99 -26.34
C ALA K 13 -39.45 -47.07 -25.29
N SER K 14 -38.20 -47.47 -25.08
CA SER K 14 -37.84 -48.49 -24.10
C SER K 14 -36.90 -47.89 -23.06
N THR K 15 -36.54 -48.71 -22.08
CA THR K 15 -35.66 -48.29 -20.99
C THR K 15 -34.22 -48.24 -21.51
N GLY K 16 -33.69 -47.03 -21.67
CA GLY K 16 -32.33 -46.83 -22.14
C GLY K 16 -32.20 -46.04 -23.42
N ASP K 17 -33.29 -45.56 -24.02
CA ASP K 17 -33.22 -44.82 -25.27
C ASP K 17 -33.19 -43.31 -24.99
N THR K 18 -33.28 -42.51 -26.04
CA THR K 18 -33.27 -41.06 -25.94
C THR K 18 -34.50 -40.52 -26.67
N VAL K 19 -35.29 -39.71 -25.96
CA VAL K 19 -36.53 -39.16 -26.49
C VAL K 19 -36.30 -37.68 -26.79
N ARG K 20 -36.57 -37.27 -28.03
CA ARG K 20 -36.41 -35.89 -28.45
C ARG K 20 -37.78 -35.31 -28.77
N ILE K 21 -38.16 -34.27 -28.04
CA ILE K 21 -39.45 -33.60 -28.21
C ILE K 21 -39.20 -32.18 -28.71
N SER K 22 -39.84 -31.82 -29.81
CA SER K 22 -39.66 -30.51 -30.42
C SER K 22 -40.90 -29.65 -30.19
N CYS K 23 -40.67 -28.34 -30.15
CA CYS K 23 -41.74 -27.36 -29.98
C CYS K 23 -41.48 -26.20 -30.91
N ARG K 24 -42.48 -25.84 -31.72
CA ARG K 24 -42.39 -24.78 -32.70
C ARG K 24 -43.45 -23.73 -32.39
N ALA K 25 -43.02 -22.47 -32.26
CA ALA K 25 -43.92 -21.37 -31.98
C ALA K 25 -44.39 -20.71 -33.27
N SER K 26 -45.17 -19.65 -33.14
CA SER K 26 -45.65 -18.90 -34.29
C SER K 26 -44.65 -17.82 -34.72
N GLN K 27 -44.26 -16.95 -33.79
CA GLN K 27 -43.27 -15.93 -34.06
C GLN K 27 -41.87 -16.45 -33.72
N SER K 28 -40.88 -15.57 -33.73
CA SER K 28 -39.50 -15.92 -33.43
C SER K 28 -39.17 -15.40 -32.03
N ILE K 29 -39.14 -16.30 -31.06
CA ILE K 29 -38.81 -15.95 -29.69
C ILE K 29 -37.30 -15.90 -29.55
N THR K 30 -36.72 -14.71 -29.72
CA THR K 30 -35.27 -14.53 -29.65
C THR K 30 -34.75 -14.33 -28.24
N GLY K 31 -35.64 -14.28 -27.23
CA GLY K 31 -35.24 -14.09 -25.86
C GLY K 31 -35.25 -15.33 -25.01
N ASN K 32 -35.54 -16.51 -25.59
CA ASN K 32 -35.56 -17.81 -24.92
C ASN K 32 -36.52 -17.84 -23.74
N TRP K 33 -37.74 -17.35 -23.98
CA TRP K 33 -38.79 -17.36 -22.95
C TRP K 33 -39.68 -18.59 -23.19
N VAL K 34 -39.16 -19.75 -22.79
CA VAL K 34 -39.87 -21.01 -22.96
C VAL K 34 -39.58 -21.88 -21.74
N ALA K 35 -40.50 -22.80 -21.45
CA ALA K 35 -40.36 -23.69 -20.30
C ALA K 35 -40.93 -25.05 -20.66
N TRP K 36 -40.35 -26.08 -20.05
CA TRP K 36 -40.75 -27.47 -20.26
C TRP K 36 -41.25 -28.04 -18.93
N TYR K 37 -42.50 -28.48 -18.91
CA TYR K 37 -43.16 -29.04 -17.74
C TYR K 37 -43.45 -30.52 -17.97
N GLN K 38 -43.53 -31.27 -16.88
CA GLN K 38 -43.91 -32.68 -16.89
C GLN K 38 -45.09 -32.89 -15.96
N GLN K 39 -46.09 -33.63 -16.43
CA GLN K 39 -47.28 -33.95 -15.64
C GLN K 39 -47.55 -35.44 -15.75
N ARG K 40 -47.59 -36.13 -14.62
CA ARG K 40 -47.96 -37.54 -14.58
C ARG K 40 -49.47 -37.69 -14.69
N PRO K 41 -49.96 -38.78 -15.29
CA PRO K 41 -51.42 -38.99 -15.37
C PRO K 41 -52.04 -39.28 -14.01
N GLY K 42 -52.83 -38.34 -13.50
CA GLY K 42 -53.47 -38.44 -12.22
C GLY K 42 -52.80 -37.60 -11.13
N LYS K 43 -51.49 -37.36 -11.25
CA LYS K 43 -50.76 -36.60 -10.25
C LYS K 43 -50.72 -35.12 -10.64
N ALA K 44 -49.92 -34.33 -9.92
CA ALA K 44 -49.72 -32.90 -10.11
C ALA K 44 -48.63 -32.63 -11.14
N PRO K 45 -48.73 -31.54 -11.89
CA PRO K 45 -47.66 -31.18 -12.83
C PRO K 45 -46.40 -30.73 -12.10
N ARG K 46 -45.27 -30.83 -12.80
CA ARG K 46 -43.97 -30.51 -12.23
C ARG K 46 -43.14 -29.76 -13.26
N LEU K 47 -42.62 -28.60 -12.86
CA LEU K 47 -41.75 -27.83 -13.73
C LEU K 47 -40.38 -28.50 -13.83
N LEU K 48 -39.95 -28.80 -15.06
CA LEU K 48 -38.64 -29.39 -15.28
C LEU K 48 -37.59 -28.34 -15.64
N ILE K 49 -37.81 -27.62 -16.74
CA ILE K 49 -36.78 -26.74 -17.30
C ILE K 49 -37.36 -25.35 -17.50
N TYR K 50 -36.71 -24.35 -16.93
CA TYR K 50 -37.05 -22.95 -17.17
C TYR K 50 -35.96 -22.30 -18.02
N ARG K 51 -36.39 -21.29 -18.80
CA ARG K 51 -35.53 -20.51 -19.69
C ARG K 51 -34.83 -21.37 -20.75
N GLY K 52 -35.46 -22.46 -21.17
CA GLY K 52 -34.92 -23.28 -22.25
C GLY K 52 -33.79 -24.24 -21.94
N ALA K 53 -32.71 -23.74 -21.33
CA ALA K 53 -31.51 -24.56 -21.10
C ALA K 53 -30.98 -24.35 -19.68
N ALA K 54 -31.88 -24.36 -18.70
CA ALA K 54 -31.50 -24.24 -17.30
C ALA K 54 -32.30 -25.23 -16.47
N LEU K 55 -31.62 -25.93 -15.57
CA LEU K 55 -32.25 -26.96 -14.75
C LEU K 55 -32.71 -26.38 -13.41
N LEU K 56 -33.53 -27.15 -12.72
CA LEU K 56 -34.09 -26.78 -11.43
C LEU K 56 -33.50 -27.68 -10.35
N GLY K 57 -33.53 -27.20 -9.10
CA GLY K 57 -33.03 -27.96 -7.98
C GLY K 57 -33.86 -29.19 -7.66
N GLY K 58 -33.31 -30.37 -7.91
CA GLY K 58 -34.03 -31.62 -7.78
C GLY K 58 -34.23 -32.35 -9.10
N VAL K 59 -33.92 -31.71 -10.22
CA VAL K 59 -34.03 -32.33 -11.54
C VAL K 59 -32.68 -32.97 -11.87
N PRO K 60 -32.65 -34.22 -12.31
CA PRO K 60 -31.37 -34.85 -12.67
C PRO K 60 -30.79 -34.26 -13.94
N SER K 61 -29.49 -34.52 -14.14
CA SER K 61 -28.75 -33.93 -15.25
C SER K 61 -28.91 -34.71 -16.56
N ARG K 62 -29.73 -35.76 -16.58
CA ARG K 62 -29.94 -36.51 -17.82
C ARG K 62 -30.81 -35.77 -18.82
N PHE K 63 -31.68 -34.88 -18.35
CA PHE K 63 -32.47 -34.04 -19.24
C PHE K 63 -31.63 -32.92 -19.81
N ARG K 64 -31.93 -32.52 -21.05
CA ARG K 64 -31.24 -31.40 -21.67
C ARG K 64 -32.23 -30.63 -22.54
N GLY K 65 -32.01 -29.32 -22.63
CA GLY K 65 -32.85 -28.48 -23.46
C GLY K 65 -32.05 -27.55 -24.34
N SER K 66 -32.53 -27.30 -25.56
CA SER K 66 -31.84 -26.42 -26.49
C SER K 66 -32.85 -25.54 -27.20
N ALA K 67 -32.41 -24.35 -27.59
CA ALA K 67 -33.25 -23.38 -28.27
C ALA K 67 -32.51 -22.84 -29.49
N ALA K 68 -33.22 -22.73 -30.61
CA ALA K 68 -32.64 -22.19 -31.84
C ALA K 68 -33.78 -21.53 -32.61
N GLY K 69 -33.86 -20.20 -32.51
CA GLY K 69 -34.86 -19.42 -33.20
C GLY K 69 -36.27 -19.75 -32.75
N THR K 70 -36.99 -20.46 -33.62
CA THR K 70 -38.34 -20.92 -33.33
C THR K 70 -38.35 -22.29 -32.68
N ASP K 71 -37.35 -23.12 -32.97
CA ASP K 71 -37.37 -24.52 -32.55
C ASP K 71 -36.77 -24.68 -31.16
N PHE K 72 -37.56 -25.18 -30.22
CA PHE K 72 -37.09 -25.52 -28.89
C PHE K 72 -37.17 -27.03 -28.71
N THR K 73 -36.03 -27.67 -28.52
CA THR K 73 -35.98 -29.12 -28.40
C THR K 73 -35.59 -29.54 -26.98
N LEU K 74 -36.03 -30.75 -26.62
CA LEU K 74 -35.79 -31.31 -25.30
C LEU K 74 -35.38 -32.77 -25.48
N THR K 75 -34.19 -33.12 -24.99
CA THR K 75 -33.64 -34.46 -25.11
C THR K 75 -33.65 -35.12 -23.74
N ILE K 76 -34.15 -36.35 -23.69
CA ILE K 76 -34.20 -37.15 -22.47
C ILE K 76 -33.38 -38.40 -22.74
N GLY K 77 -32.18 -38.47 -22.16
CA GLY K 77 -31.34 -39.63 -22.27
C GLY K 77 -31.35 -40.45 -20.98
N ASN K 78 -30.98 -41.72 -21.12
CA ASN K 78 -31.03 -42.73 -20.06
C ASN K 78 -32.44 -42.83 -19.46
N LEU K 79 -33.37 -43.26 -20.30
CA LEU K 79 -34.78 -43.27 -19.94
C LEU K 79 -35.07 -44.34 -18.89
N GLN K 80 -35.81 -43.95 -17.85
CA GLN K 80 -36.19 -44.82 -16.76
C GLN K 80 -37.68 -45.13 -16.84
N ALA K 81 -38.17 -45.86 -15.83
CA ALA K 81 -39.57 -46.27 -15.78
C ALA K 81 -40.47 -45.23 -15.13
N GLU K 82 -39.92 -44.18 -14.53
CA GLU K 82 -40.70 -43.18 -13.84
C GLU K 82 -40.86 -41.89 -14.64
N ASP K 83 -40.35 -41.86 -15.88
CA ASP K 83 -40.46 -40.68 -16.73
C ASP K 83 -41.53 -40.83 -17.79
N PHE K 84 -42.53 -41.68 -17.57
CA PHE K 84 -43.61 -41.89 -18.51
C PHE K 84 -44.77 -40.96 -18.13
N GLY K 85 -45.01 -39.95 -18.95
CA GLY K 85 -46.06 -38.99 -18.66
C GLY K 85 -46.25 -38.03 -19.80
N THR K 86 -46.87 -36.89 -19.50
CA THR K 86 -47.14 -35.86 -20.49
C THR K 86 -46.14 -34.73 -20.33
N PHE K 87 -45.63 -34.23 -21.45
CA PHE K 87 -44.67 -33.14 -21.47
C PHE K 87 -45.27 -31.95 -22.20
N TYR K 88 -45.05 -30.75 -21.64
CA TYR K 88 -45.62 -29.53 -22.17
C TYR K 88 -44.53 -28.49 -22.40
N CYS K 89 -44.65 -27.75 -23.50
CA CYS K 89 -43.80 -26.60 -23.78
C CYS K 89 -44.67 -25.35 -23.73
N GLN K 90 -44.29 -24.39 -22.89
CA GLN K 90 -45.10 -23.21 -22.64
C GLN K 90 -44.23 -21.97 -22.72
N GLN K 91 -44.70 -20.96 -23.45
CA GLN K 91 -44.00 -19.69 -23.58
C GLN K 91 -44.58 -18.66 -22.63
N TYR K 92 -43.75 -17.70 -22.24
CA TYR K 92 -44.20 -16.58 -21.41
C TYR K 92 -43.59 -15.26 -21.88
N ASP K 93 -43.36 -15.13 -23.19
CA ASP K 93 -42.81 -13.89 -23.73
C ASP K 93 -43.88 -12.81 -23.82
N THR K 94 -44.97 -13.09 -24.52
CA THR K 94 -46.05 -12.14 -24.72
C THR K 94 -47.25 -12.52 -23.87
N TYR K 95 -48.06 -11.53 -23.52
CA TYR K 95 -49.26 -11.73 -22.70
C TYR K 95 -50.44 -12.08 -23.60
N PRO K 96 -51.21 -13.13 -23.28
CA PRO K 96 -51.02 -14.03 -22.14
C PRO K 96 -50.20 -15.27 -22.50
N GLY K 97 -49.89 -16.08 -21.50
CA GLY K 97 -49.16 -17.31 -21.74
C GLY K 97 -50.03 -18.39 -22.36
N THR K 98 -49.40 -19.23 -23.18
CA THR K 98 -50.08 -20.31 -23.89
C THR K 98 -49.27 -21.59 -23.76
N PHE K 99 -49.93 -22.69 -23.42
CA PHE K 99 -49.27 -23.97 -23.29
C PHE K 99 -49.15 -24.65 -24.66
N GLY K 100 -48.60 -25.86 -24.65
CA GLY K 100 -48.44 -26.61 -25.87
C GLY K 100 -49.66 -27.44 -26.23
N GLN K 101 -49.44 -28.73 -26.53
CA GLN K 101 -50.54 -29.63 -26.88
C GLN K 101 -50.52 -30.95 -26.14
N GLY K 102 -49.39 -31.38 -25.60
CA GLY K 102 -49.31 -32.63 -24.87
C GLY K 102 -48.58 -33.70 -25.67
N THR K 103 -47.68 -34.40 -25.01
CA THR K 103 -46.90 -35.47 -25.64
C THR K 103 -46.73 -36.59 -24.63
N LYS K 104 -47.39 -37.71 -24.86
CA LYS K 104 -47.32 -38.85 -23.97
C LYS K 104 -46.24 -39.83 -24.42
N VAL K 105 -45.49 -40.35 -23.47
CA VAL K 105 -44.43 -41.31 -23.73
C VAL K 105 -44.82 -42.63 -23.08
N GLU K 106 -45.08 -43.65 -23.91
CA GLU K 106 -45.48 -44.95 -23.44
C GLU K 106 -44.24 -45.86 -23.33
N VAL K 107 -44.48 -47.14 -23.05
CA VAL K 107 -43.40 -48.11 -22.93
C VAL K 107 -43.65 -49.34 -23.78
N LYS K 108 -42.71 -49.66 -24.66
CA LYS K 108 -42.82 -50.81 -25.53
C LYS K 108 -41.46 -51.28 -26.01
N ASN L 1 -28.55 -3.25 -41.88
CA ASN L 1 -28.75 -1.81 -41.77
C ASN L 1 -28.70 -1.35 -40.32
N LEU L 2 -28.29 -2.24 -39.43
CA LEU L 2 -28.15 -1.95 -38.02
C LEU L 2 -26.76 -2.33 -37.55
N TRP L 3 -26.23 -1.55 -36.61
CA TRP L 3 -24.89 -1.78 -36.09
C TRP L 3 -24.90 -1.68 -34.56
N VAL L 4 -23.77 -2.01 -33.95
CA VAL L 4 -23.64 -2.10 -32.51
C VAL L 4 -22.96 -0.84 -32.00
N THR L 5 -23.53 -0.22 -30.98
CA THR L 5 -22.95 0.94 -30.33
C THR L 5 -22.78 0.65 -28.84
N VAL L 6 -21.59 0.91 -28.31
CA VAL L 6 -21.27 0.67 -26.92
C VAL L 6 -21.50 1.96 -26.13
N TYR L 7 -22.28 1.87 -25.06
CA TYR L 7 -22.59 2.99 -24.20
C TYR L 7 -21.96 2.78 -22.83
N TYR L 8 -21.39 3.85 -22.28
CA TYR L 8 -20.71 3.81 -20.98
C TYR L 8 -21.42 4.77 -20.04
N GLY L 9 -22.04 4.23 -18.99
CA GLY L 9 -22.70 5.05 -18.00
C GLY L 9 -24.19 4.85 -17.93
N VAL L 10 -24.67 3.64 -18.21
CA VAL L 10 -26.10 3.35 -18.17
C VAL L 10 -26.51 3.09 -16.73
N PRO L 11 -27.74 3.47 -16.33
CA PRO L 11 -28.17 3.24 -14.93
C PRO L 11 -28.69 1.82 -14.69
N VAL L 12 -27.78 0.85 -14.72
CA VAL L 12 -28.10 -0.55 -14.47
C VAL L 12 -27.32 -0.99 -13.23
N TRP L 13 -28.02 -1.59 -12.27
CA TRP L 13 -27.40 -2.05 -11.04
C TRP L 13 -27.81 -3.48 -10.75
N LYS L 14 -26.89 -4.22 -10.14
CA LYS L 14 -27.12 -5.58 -9.68
C LYS L 14 -27.05 -5.64 -8.15
N ASP L 15 -27.43 -6.79 -7.62
CA ASP L 15 -27.42 -7.03 -6.18
C ASP L 15 -26.12 -7.72 -5.78
N ALA L 16 -25.36 -7.08 -4.90
CA ALA L 16 -24.08 -7.62 -4.46
C ALA L 16 -23.81 -7.13 -3.03
N GLU L 17 -22.61 -7.40 -2.53
CA GLU L 17 -22.21 -7.00 -1.20
C GLU L 17 -20.76 -6.54 -1.22
N THR L 18 -20.41 -5.66 -0.29
CA THR L 18 -19.07 -5.12 -0.19
C THR L 18 -18.78 -4.78 1.26
N THR L 19 -17.68 -4.07 1.50
CA THR L 19 -17.27 -3.64 2.83
C THR L 19 -17.49 -2.14 2.98
N LEU L 20 -18.03 -1.75 4.13
CA LEU L 20 -18.31 -0.35 4.44
C LEU L 20 -17.35 0.16 5.49
N PHE L 21 -17.06 1.45 5.42
CA PHE L 21 -16.16 2.11 6.37
C PHE L 21 -16.91 3.19 7.14
N CYS L 22 -16.34 3.55 8.28
CA CYS L 22 -16.96 4.55 9.15
C CYS L 22 -16.72 5.96 8.62
N ALA L 23 -17.59 6.88 9.03
CA ALA L 23 -17.49 8.28 8.63
C ALA L 23 -18.16 9.11 9.72
N SER L 24 -17.37 9.87 10.47
CA SER L 24 -17.88 10.68 11.56
C SER L 24 -17.19 12.04 11.56
N ASP L 25 -17.87 13.02 12.14
CA ASP L 25 -17.35 14.38 12.22
C ASP L 25 -16.63 14.58 13.56
N ALA L 26 -15.45 15.20 13.50
CA ALA L 26 -14.67 15.46 14.69
C ALA L 26 -13.88 16.75 14.56
N LYS L 33 -8.96 12.26 26.53
CA LYS L 33 -10.17 11.45 26.61
C LYS L 33 -10.47 10.76 25.30
N HIS L 34 -10.43 9.43 25.31
CA HIS L 34 -10.68 8.61 24.13
C HIS L 34 -12.02 7.89 24.26
N ASN L 35 -12.38 7.17 23.21
CA ASN L 35 -13.63 6.41 23.16
C ASN L 35 -13.33 4.95 22.88
N VAL L 36 -14.33 4.10 23.12
CA VAL L 36 -14.21 2.69 22.79
C VAL L 36 -14.24 2.50 21.27
N TRP L 37 -15.30 3.01 20.63
CA TRP L 37 -15.37 3.03 19.18
C TRP L 37 -14.48 4.15 18.65
N ALA L 38 -13.69 3.84 17.62
CA ALA L 38 -12.71 4.76 17.07
C ALA L 38 -13.43 5.88 16.31
N THR L 39 -13.50 7.06 16.92
CA THR L 39 -14.11 8.21 16.27
C THR L 39 -13.09 8.97 15.42
N HIS L 40 -11.87 9.13 15.93
CA HIS L 40 -10.82 9.86 15.23
C HIS L 40 -10.21 9.10 14.06
N ALA L 41 -10.58 7.84 13.86
CA ALA L 41 -10.08 7.06 12.73
C ALA L 41 -10.98 7.13 11.50
N CYS L 42 -12.19 7.67 11.64
CA CYS L 42 -13.11 7.77 10.52
C CYS L 42 -12.82 9.03 9.71
N VAL L 43 -13.35 9.05 8.48
CA VAL L 43 -13.20 10.19 7.59
C VAL L 43 -14.24 11.24 7.97
N PRO L 44 -13.96 12.53 7.78
CA PRO L 44 -14.97 13.55 8.09
C PRO L 44 -16.09 13.56 7.06
N THR L 45 -17.32 13.69 7.54
CA THR L 45 -18.49 13.70 6.67
C THR L 45 -18.71 15.07 6.06
N GLN L 50 -25.82 13.92 -0.10
CA GLN L 50 -26.85 14.16 -1.12
C GLN L 50 -27.84 13.01 -1.18
N GLU L 51 -29.06 13.30 -1.61
CA GLU L 51 -30.13 12.30 -1.74
C GLU L 51 -30.87 12.57 -3.03
N ILE L 52 -30.76 11.65 -3.98
CA ILE L 52 -31.37 11.82 -5.30
C ILE L 52 -32.60 10.92 -5.37
N HIS L 53 -33.77 11.54 -5.58
CA HIS L 53 -35.01 10.80 -5.70
C HIS L 53 -35.12 10.16 -7.07
N LEU L 54 -35.66 8.94 -7.12
CA LEU L 54 -35.83 8.19 -8.35
C LEU L 54 -37.31 8.02 -8.65
N GLU L 55 -37.63 7.99 -9.94
CA GLU L 55 -39.01 7.85 -10.40
C GLU L 55 -39.12 6.68 -11.36
N ASN L 56 -40.32 6.10 -11.43
CA ASN L 56 -40.69 5.00 -12.33
C ASN L 56 -39.80 3.77 -12.12
N VAL L 57 -39.53 3.45 -10.87
CA VAL L 57 -38.73 2.27 -10.52
C VAL L 57 -39.18 1.75 -9.17
N THR L 58 -39.30 0.42 -9.06
CA THR L 58 -39.66 -0.24 -7.82
C THR L 58 -38.51 -1.11 -7.36
N GLU L 59 -38.56 -1.50 -6.09
CA GLU L 59 -37.52 -2.33 -5.50
C GLU L 59 -38.13 -3.19 -4.38
N GLU L 60 -37.77 -4.47 -4.38
CA GLU L 60 -38.25 -5.41 -3.38
C GLU L 60 -37.24 -5.47 -2.23
N PHE L 61 -37.63 -4.94 -1.08
CA PHE L 61 -36.77 -4.92 0.10
C PHE L 61 -37.12 -6.08 1.03
N ASN L 62 -36.10 -6.55 1.75
CA ASN L 62 -36.27 -7.62 2.73
C ASN L 62 -35.29 -7.38 3.86
N MET L 63 -35.82 -7.05 5.04
CA MET L 63 -34.98 -6.69 6.17
C MET L 63 -34.44 -7.89 6.94
N TRP L 64 -34.98 -9.09 6.70
CA TRP L 64 -34.56 -10.28 7.41
C TRP L 64 -33.46 -11.06 6.70
N LYS L 65 -33.02 -10.59 5.53
CA LYS L 65 -31.95 -11.24 4.78
C LYS L 65 -30.86 -10.23 4.43
N ASN L 66 -30.65 -9.23 5.27
CA ASN L 66 -29.65 -8.20 5.00
C ASN L 66 -28.28 -8.66 5.49
N ASN L 67 -27.25 -8.12 4.85
CA ASN L 67 -25.86 -8.44 5.20
C ASN L 67 -25.20 -7.35 6.03
N MET L 68 -25.83 -6.19 6.17
CA MET L 68 -25.22 -5.10 6.94
C MET L 68 -25.32 -5.34 8.44
N VAL L 69 -26.29 -6.13 8.88
CA VAL L 69 -26.47 -6.38 10.31
C VAL L 69 -25.35 -7.25 10.86
N GLU L 70 -24.99 -8.32 10.12
CA GLU L 70 -23.91 -9.19 10.56
C GLU L 70 -22.55 -8.49 10.48
N GLN L 71 -22.36 -7.64 9.48
CA GLN L 71 -21.13 -6.86 9.37
C GLN L 71 -21.01 -5.84 10.49
N MET L 72 -22.13 -5.21 10.85
CA MET L 72 -22.13 -4.27 11.97
C MET L 72 -21.88 -4.97 13.29
N HIS L 73 -22.46 -6.17 13.46
CA HIS L 73 -22.23 -6.96 14.67
C HIS L 73 -20.77 -7.39 14.79
N THR L 74 -20.17 -7.84 13.68
CA THR L 74 -18.76 -8.22 13.68
C THR L 74 -17.86 -7.02 13.93
N ASP L 75 -18.24 -5.85 13.40
CA ASP L 75 -17.45 -4.64 13.61
C ASP L 75 -17.52 -4.17 15.06
N ILE L 76 -18.70 -4.28 15.70
CA ILE L 76 -18.83 -3.89 17.10
C ILE L 76 -18.08 -4.86 18.00
N ILE L 77 -18.11 -6.16 17.68
CA ILE L 77 -17.33 -7.14 18.44
C ILE L 77 -15.83 -6.90 18.29
N SER L 78 -15.38 -6.58 17.07
CA SER L 78 -13.95 -6.32 16.86
C SER L 78 -13.51 -5.00 17.47
N LEU L 79 -14.43 -4.03 17.60
CA LEU L 79 -14.09 -2.77 18.24
C LEU L 79 -14.13 -2.86 19.76
N TRP L 80 -14.93 -3.77 20.31
CA TRP L 80 -15.00 -3.91 21.76
C TRP L 80 -13.76 -4.59 22.32
N ASP L 81 -13.11 -5.45 21.54
CA ASP L 81 -11.94 -6.20 21.99
C ASP L 81 -10.63 -5.58 21.53
N GLN L 82 -10.61 -4.26 21.30
CA GLN L 82 -9.39 -3.57 20.90
C GLN L 82 -8.95 -2.51 21.90
N SER L 83 -9.80 -2.11 22.84
CA SER L 83 -9.43 -1.15 23.87
C SER L 83 -9.15 -1.79 25.21
N LEU L 84 -9.52 -3.05 25.40
CA LEU L 84 -9.26 -3.77 26.64
C LEU L 84 -7.88 -4.41 26.68
N LYS L 85 -7.15 -4.40 25.56
CA LYS L 85 -5.84 -5.07 25.52
C LYS L 85 -4.74 -4.32 26.27
N PRO L 86 -4.34 -3.09 25.89
CA PRO L 86 -3.01 -2.63 26.29
C PRO L 86 -2.89 -2.11 27.73
N CYS L 87 -3.97 -2.09 28.50
CA CYS L 87 -3.90 -1.64 29.88
C CYS L 87 -3.99 -2.85 30.82
N VAL L 88 -4.10 -2.56 32.13
CA VAL L 88 -3.79 -3.55 33.16
C VAL L 88 -4.91 -4.60 33.26
N LYS L 89 -4.51 -5.85 33.42
CA LYS L 89 -5.42 -6.96 33.68
C LYS L 89 -5.32 -7.38 35.15
N LEU L 90 -6.45 -7.81 35.71
CA LEU L 90 -6.52 -8.21 37.12
C LEU L 90 -6.43 -9.73 37.26
N THR L 91 -5.29 -10.29 36.87
CA THR L 91 -5.07 -11.72 37.05
C THR L 91 -4.81 -12.23 38.48
N PRO L 92 -4.13 -11.49 39.46
CA PRO L 92 -3.90 -12.15 40.74
C PRO L 92 -5.03 -11.93 41.75
N LEU L 93 -6.18 -11.46 41.27
CA LEU L 93 -7.30 -11.10 42.16
C LEU L 93 -8.03 -12.32 42.73
N CYS L 94 -7.82 -13.51 42.18
CA CYS L 94 -8.49 -14.72 42.65
C CYS L 94 -7.80 -15.21 43.93
N VAL L 95 -8.13 -14.56 45.03
CA VAL L 95 -7.61 -14.94 46.35
C VAL L 95 -8.78 -15.29 47.26
N THR L 96 -8.47 -15.72 48.48
CA THR L 96 -9.49 -16.09 49.46
C THR L 96 -9.91 -14.83 50.22
N LEU L 97 -11.11 -14.33 49.92
CA LEU L 97 -11.62 -13.13 50.55
C LEU L 97 -12.26 -13.46 51.90
N GLN L 98 -12.33 -12.45 52.75
CA GLN L 98 -13.03 -12.54 54.03
C GLN L 98 -14.02 -11.38 54.08
N CYS L 99 -15.29 -11.65 53.86
CA CYS L 99 -16.31 -10.63 53.69
C CYS L 99 -17.32 -10.67 54.84
N THR L 100 -17.61 -9.51 55.40
CA THR L 100 -18.64 -9.33 56.42
C THR L 100 -19.69 -8.35 55.89
N ASN L 101 -20.71 -8.11 56.71
CA ASN L 101 -21.74 -7.15 56.34
C ASN L 101 -21.30 -5.72 56.69
N VAL L 102 -21.91 -4.77 55.99
CA VAL L 102 -21.60 -3.35 56.15
C VAL L 102 -22.86 -2.66 56.69
N THR L 103 -22.66 -1.77 57.67
CA THR L 103 -23.77 -1.05 58.29
C THR L 103 -23.31 0.35 58.65
N ASN L 104 -23.90 1.35 57.99
CA ASN L 104 -23.67 2.75 58.32
C ASN L 104 -24.93 3.54 57.97
N ASN L 105 -25.78 3.75 58.98
CA ASN L 105 -27.17 4.27 58.91
C ASN L 105 -27.92 3.77 57.67
N ILE L 106 -27.95 2.45 57.52
CA ILE L 106 -28.55 1.79 56.37
C ILE L 106 -29.98 1.36 56.74
N THR L 107 -30.90 1.57 55.81
CA THR L 107 -32.31 1.28 56.04
C THR L 107 -32.64 -0.16 55.64
N ASP L 108 -33.95 -0.42 55.54
CA ASP L 108 -34.43 -1.74 55.17
C ASP L 108 -34.26 -1.95 53.66
N ASP L 109 -34.41 -3.21 53.23
CA ASP L 109 -34.32 -3.78 51.87
C ASP L 109 -32.99 -3.47 51.16
N MET L 110 -31.95 -3.04 51.88
CA MET L 110 -30.61 -2.86 51.33
C MET L 110 -29.59 -3.77 51.99
N ARG L 111 -29.83 -4.21 53.22
CA ARG L 111 -28.91 -5.08 53.94
C ARG L 111 -28.86 -6.46 53.28
N GLY L 112 -27.68 -6.83 52.80
CA GLY L 112 -27.49 -8.06 52.06
C GLY L 112 -27.04 -7.88 50.63
N GLU L 113 -26.97 -6.64 50.14
CA GLU L 113 -26.54 -6.36 48.78
C GLU L 113 -25.10 -5.85 48.69
N LEU L 114 -24.54 -5.37 49.80
CA LEU L 114 -23.17 -4.88 49.84
C LEU L 114 -22.41 -5.59 50.95
N LYS L 115 -21.14 -5.88 50.69
CA LYS L 115 -20.29 -6.59 51.64
C LYS L 115 -18.95 -5.87 51.76
N ASN L 116 -18.39 -5.93 52.97
CA ASN L 116 -17.07 -5.36 53.26
C ASN L 116 -16.07 -6.51 53.31
N CYS L 117 -15.21 -6.58 52.30
CA CYS L 117 -14.27 -7.69 52.16
C CYS L 117 -12.86 -7.24 52.49
N SER L 118 -12.07 -8.18 53.01
CA SER L 118 -10.66 -7.96 53.30
C SER L 118 -9.88 -9.16 52.79
N PHE L 119 -8.70 -8.89 52.23
CA PHE L 119 -7.90 -9.94 51.61
C PHE L 119 -6.45 -9.51 51.53
N ASN L 120 -5.57 -10.49 51.38
CA ASN L 120 -4.16 -10.23 51.14
C ASN L 120 -3.92 -10.01 49.65
N MET L 121 -2.86 -9.28 49.34
CA MET L 121 -2.51 -8.95 47.97
C MET L 121 -1.02 -8.68 47.88
N THR L 122 -0.41 -9.08 46.77
CA THR L 122 1.00 -8.83 46.55
C THR L 122 1.25 -7.34 46.28
N THR L 123 2.50 -6.95 46.47
CA THR L 123 2.94 -5.57 46.29
C THR L 123 3.98 -5.51 45.18
N GLU L 124 4.64 -4.36 45.05
CA GLU L 124 5.71 -4.20 44.06
C GLU L 124 6.92 -5.07 44.35
N LEU L 125 7.12 -5.49 45.60
CA LEU L 125 8.15 -6.45 45.94
C LEU L 125 7.60 -7.86 45.87
N ARG L 126 8.47 -8.80 45.48
CA ARG L 126 8.03 -10.16 45.23
C ARG L 126 7.79 -10.96 46.51
N ASP L 127 8.56 -10.69 47.57
CA ASP L 127 8.51 -11.47 48.80
C ASP L 127 7.83 -10.71 49.93
N LYS L 128 6.81 -9.92 49.61
CA LYS L 128 6.06 -9.18 50.62
C LYS L 128 4.58 -9.23 50.27
N LYS L 129 3.75 -9.00 51.29
CA LYS L 129 2.30 -9.02 51.16
C LYS L 129 1.72 -7.74 51.75
N GLN L 130 0.42 -7.54 51.54
CA GLN L 130 -0.28 -6.39 52.09
C GLN L 130 -1.74 -6.75 52.28
N LYS L 131 -2.27 -6.52 53.48
CA LYS L 131 -3.67 -6.82 53.79
C LYS L 131 -4.51 -5.58 53.52
N VAL L 132 -5.38 -5.66 52.52
CA VAL L 132 -6.21 -4.54 52.11
C VAL L 132 -7.68 -4.92 52.25
N TYR L 133 -8.54 -3.92 52.05
CA TYR L 133 -9.98 -4.11 52.17
C TYR L 133 -10.68 -3.28 51.11
N SER L 134 -11.91 -3.69 50.79
CA SER L 134 -12.73 -3.02 49.79
C SER L 134 -14.19 -3.35 50.05
N LEU L 135 -15.06 -2.80 49.21
CA LEU L 135 -16.50 -3.06 49.26
C LEU L 135 -16.93 -3.71 47.95
N PHE L 136 -17.67 -4.81 48.05
CA PHE L 136 -18.16 -5.55 46.90
C PHE L 136 -19.67 -5.67 46.95
N TYR L 137 -20.25 -6.08 45.83
CA TYR L 137 -21.69 -6.25 45.72
C TYR L 137 -22.08 -7.70 46.04
N ARG L 138 -23.38 -7.96 45.98
CA ARG L 138 -23.87 -9.31 46.29
C ARG L 138 -23.65 -10.27 45.13
N LEU L 139 -23.87 -9.81 43.89
CA LEU L 139 -23.75 -10.66 42.72
C LEU L 139 -22.30 -10.87 42.27
N ASP L 140 -21.35 -10.20 42.91
CA ASP L 140 -19.94 -10.31 42.49
C ASP L 140 -19.16 -11.35 43.27
N VAL L 141 -19.62 -11.73 44.47
CA VAL L 141 -18.91 -12.69 45.31
C VAL L 141 -19.83 -13.86 45.64
N VAL L 142 -19.23 -15.04 45.77
CA VAL L 142 -19.93 -16.25 46.19
C VAL L 142 -19.13 -16.91 47.31
N GLN L 143 -19.84 -17.59 48.20
CA GLN L 143 -19.20 -18.25 49.33
C GLN L 143 -18.79 -19.67 48.96
N ILE L 144 -17.83 -20.19 49.71
CA ILE L 144 -17.32 -21.55 49.52
C ILE L 144 -17.34 -22.28 50.86
N ASN L 145 -17.57 -23.59 50.79
CA ASN L 145 -17.62 -24.41 52.00
C ASN L 145 -16.58 -25.53 51.94
N ASN L 156 -16.18 -16.50 60.74
CA ASN L 156 -16.27 -15.79 59.47
C ASN L 156 -16.26 -16.77 58.30
N LYS L 157 -16.99 -16.44 57.24
CA LYS L 157 -17.08 -17.27 56.05
C LYS L 157 -16.22 -16.69 54.94
N GLU L 158 -15.59 -17.57 54.17
CA GLU L 158 -14.73 -17.17 53.08
C GLU L 158 -15.53 -16.97 51.80
N TYR L 159 -15.10 -16.01 50.98
CA TYR L 159 -15.75 -15.67 49.74
C TYR L 159 -14.74 -15.63 48.60
N ARG L 160 -15.25 -15.62 47.38
CA ARG L 160 -14.42 -15.57 46.19
C ARG L 160 -15.20 -14.92 45.06
N LEU L 161 -14.50 -14.60 43.98
CA LEU L 161 -15.14 -13.99 42.83
C LEU L 161 -15.92 -15.02 42.03
N ILE L 162 -16.97 -14.56 41.35
CA ILE L 162 -17.84 -15.47 40.63
C ILE L 162 -17.22 -15.88 39.29
N ASN L 163 -16.58 -14.95 38.59
CA ASN L 163 -15.97 -15.23 37.30
C ASN L 163 -14.49 -15.54 37.46
N CYS L 164 -14.20 -16.62 38.20
CA CYS L 164 -12.83 -17.04 38.45
C CYS L 164 -12.56 -18.46 37.97
N ASN L 165 -13.51 -19.38 38.14
CA ASN L 165 -13.34 -20.76 37.73
C ASN L 165 -13.64 -21.00 36.26
N THR L 166 -14.23 -20.02 35.56
CA THR L 166 -14.60 -20.18 34.17
C THR L 166 -14.08 -19.09 33.24
N SER L 167 -13.67 -17.95 33.77
CA SER L 167 -13.19 -16.85 32.93
C SER L 167 -12.08 -16.11 33.66
N ALA L 168 -11.28 -15.37 32.89
CA ALA L 168 -10.24 -14.51 33.42
C ALA L 168 -10.76 -13.09 33.52
N ILE L 169 -10.48 -12.44 34.65
CA ILE L 169 -10.99 -11.10 34.92
C ILE L 169 -9.91 -10.10 34.58
N THR L 170 -10.23 -9.19 33.66
CA THR L 170 -9.39 -8.04 33.36
C THR L 170 -10.17 -6.77 33.66
N GLN L 171 -9.44 -5.71 34.02
CA GLN L 171 -10.08 -4.45 34.37
C GLN L 171 -10.47 -3.69 33.12
N ALA L 172 -11.60 -2.97 33.20
CA ALA L 172 -11.97 -2.05 32.14
C ALA L 172 -10.98 -0.90 32.11
N CYS L 173 -10.79 -0.34 30.92
CA CYS L 173 -9.67 0.57 30.77
C CYS L 173 -10.07 1.97 31.25
N PRO L 174 -9.29 2.60 32.13
CA PRO L 174 -9.77 3.82 32.80
C PRO L 174 -9.66 5.09 31.96
N LYS L 175 -9.12 5.03 30.75
CA LYS L 175 -8.94 6.21 29.91
C LYS L 175 -9.84 6.19 28.68
N VAL L 176 -10.86 5.34 28.66
CA VAL L 176 -11.82 5.29 27.57
C VAL L 176 -13.20 5.67 28.11
N SER L 177 -14.13 5.88 27.19
CA SER L 177 -15.49 6.26 27.53
C SER L 177 -16.47 5.36 26.78
N PHE L 178 -17.61 5.07 27.40
CA PHE L 178 -18.63 4.22 26.82
C PHE L 178 -19.79 5.02 26.25
N GLU L 179 -19.56 6.28 25.90
CA GLU L 179 -20.61 7.11 25.32
C GLU L 179 -20.84 6.74 23.87
N PRO L 180 -22.09 6.52 23.45
CA PRO L 180 -22.34 6.17 22.04
C PRO L 180 -22.17 7.37 21.13
N ILE L 181 -21.47 7.16 20.02
CA ILE L 181 -21.22 8.19 19.02
C ILE L 181 -21.87 7.74 17.72
N PRO L 182 -22.69 8.58 17.08
CA PRO L 182 -23.31 8.18 15.81
C PRO L 182 -22.29 8.13 14.69
N ILE L 183 -22.25 7.00 13.99
CA ILE L 183 -21.31 6.77 12.90
C ILE L 183 -22.10 6.53 11.62
N HIS L 184 -21.39 6.49 10.50
CA HIS L 184 -21.98 6.29 9.18
C HIS L 184 -21.19 5.22 8.44
N TYR L 185 -21.77 4.03 8.31
CA TYR L 185 -21.19 2.99 7.47
C TYR L 185 -21.37 3.40 6.01
N CYS L 186 -20.28 3.80 5.35
CA CYS L 186 -20.40 4.46 4.07
C CYS L 186 -19.62 3.68 2.99
N ALA L 187 -20.26 3.52 1.83
CA ALA L 187 -19.79 2.68 0.75
C ALA L 187 -18.80 3.42 -0.15
N PRO L 188 -17.81 2.71 -0.73
CA PRO L 188 -16.86 3.36 -1.64
C PRO L 188 -17.45 3.60 -3.03
N ALA L 189 -16.60 4.07 -3.95
CA ALA L 189 -17.04 4.33 -5.31
C ALA L 189 -17.26 3.02 -6.07
N GLY L 190 -18.26 3.02 -6.95
CA GLY L 190 -18.65 1.85 -7.69
C GLY L 190 -19.93 1.21 -7.21
N PHE L 191 -20.27 1.40 -5.95
CA PHE L 191 -21.51 0.89 -5.36
C PHE L 191 -22.44 2.05 -5.03
N ALA L 192 -23.69 1.70 -4.71
CA ALA L 192 -24.70 2.69 -4.38
C ALA L 192 -25.59 2.15 -3.27
N ILE L 193 -26.25 3.07 -2.57
CA ILE L 193 -27.14 2.74 -1.47
C ILE L 193 -28.52 3.30 -1.80
N LEU L 194 -29.52 2.42 -1.81
CA LEU L 194 -30.91 2.78 -2.03
C LEU L 194 -31.66 2.77 -0.70
N LYS L 195 -32.66 3.65 -0.60
CA LYS L 195 -33.43 3.84 0.62
C LYS L 195 -34.89 4.00 0.27
N CYS L 196 -35.75 3.25 0.96
CA CYS L 196 -37.19 3.32 0.78
C CYS L 196 -37.76 4.39 1.71
N LYS L 197 -38.46 5.37 1.14
CA LYS L 197 -38.99 6.50 1.89
C LYS L 197 -40.47 6.33 2.24
N ASP L 198 -40.92 5.10 2.44
CA ASP L 198 -42.30 4.86 2.82
C ASP L 198 -42.48 5.11 4.32
N LYS L 199 -43.60 5.75 4.67
CA LYS L 199 -43.86 6.07 6.07
C LYS L 199 -44.47 4.89 6.82
N LYS L 200 -45.17 4.00 6.11
CA LYS L 200 -45.77 2.81 6.70
C LYS L 200 -45.06 1.54 6.23
N PHE L 201 -43.74 1.62 6.09
CA PHE L 201 -42.96 0.49 5.60
C PHE L 201 -42.76 -0.54 6.73
N ASN L 202 -42.83 -1.81 6.36
CA ASN L 202 -42.70 -2.90 7.32
C ASN L 202 -41.53 -3.84 6.98
N GLY L 203 -40.57 -3.35 6.20
CA GLY L 203 -39.32 -4.05 5.99
C GLY L 203 -39.35 -5.20 5.00
N THR L 204 -40.51 -5.54 4.45
CA THR L 204 -40.60 -6.69 3.54
C THR L 204 -41.62 -6.38 2.45
N GLY L 205 -41.18 -6.45 1.20
CA GLY L 205 -42.08 -6.26 0.07
C GLY L 205 -41.60 -5.19 -0.89
N PRO L 206 -42.44 -4.85 -1.87
CA PRO L 206 -42.07 -3.80 -2.82
C PRO L 206 -42.26 -2.41 -2.23
N CYS L 207 -41.40 -1.49 -2.69
CA CYS L 207 -41.46 -0.10 -2.25
C CYS L 207 -41.51 0.80 -3.48
N PRO L 208 -42.57 1.58 -3.66
CA PRO L 208 -42.66 2.45 -4.85
C PRO L 208 -41.97 3.80 -4.71
N SER L 209 -41.31 4.07 -3.58
CA SER L 209 -40.61 5.34 -3.36
C SER L 209 -39.19 5.01 -2.91
N VAL L 210 -38.29 4.83 -3.88
CA VAL L 210 -36.91 4.49 -3.63
C VAL L 210 -36.04 5.67 -4.08
N SER L 211 -35.11 6.08 -3.22
CA SER L 211 -34.18 7.16 -3.54
C SER L 211 -32.77 6.73 -3.20
N THR L 212 -31.81 7.15 -4.02
CA THR L 212 -30.41 6.80 -3.76
C THR L 212 -29.75 7.86 -2.90
N VAL L 213 -28.80 7.41 -2.09
CA VAL L 213 -28.04 8.28 -1.19
C VAL L 213 -26.56 7.92 -1.30
N GLN L 214 -25.73 8.68 -0.60
CA GLN L 214 -24.34 8.29 -0.43
C GLN L 214 -24.22 7.23 0.65
N CYS L 215 -24.68 7.55 1.86
CA CYS L 215 -24.74 6.60 2.96
C CYS L 215 -25.82 7.04 3.95
N THR L 216 -25.85 6.37 5.10
CA THR L 216 -27.00 6.40 6.00
C THR L 216 -26.90 7.58 6.97
N HIS L 217 -27.79 7.59 7.96
CA HIS L 217 -27.86 8.64 8.96
C HIS L 217 -27.09 8.21 10.21
N GLY L 218 -27.20 8.99 11.28
CA GLY L 218 -26.51 8.70 12.52
C GLY L 218 -27.14 7.57 13.31
N ILE L 219 -26.40 6.49 13.49
CA ILE L 219 -26.86 5.32 14.24
C ILE L 219 -26.04 5.22 15.51
N LYS L 220 -26.71 5.29 16.65
CA LYS L 220 -26.03 5.21 17.94
C LYS L 220 -25.96 3.75 18.39
N PRO L 221 -24.76 3.21 18.63
CA PRO L 221 -24.64 1.81 19.09
C PRO L 221 -25.01 1.65 20.56
N VAL L 222 -26.30 1.70 20.84
CA VAL L 222 -26.82 1.57 22.20
C VAL L 222 -27.06 0.10 22.50
N VAL L 223 -26.42 -0.41 23.55
CA VAL L 223 -26.54 -1.81 23.95
C VAL L 223 -27.55 -1.88 25.09
N SER L 224 -28.74 -2.41 24.80
CA SER L 224 -29.78 -2.56 25.80
C SER L 224 -30.72 -3.67 25.37
N THR L 225 -31.31 -4.34 26.36
CA THR L 225 -32.28 -5.39 26.14
C THR L 225 -33.65 -4.97 26.65
N GLN L 226 -34.70 -5.36 25.90
CA GLN L 226 -36.12 -5.15 26.15
C GLN L 226 -36.57 -3.69 26.07
N LEU L 227 -35.66 -2.74 25.84
CA LEU L 227 -36.02 -1.32 25.74
C LEU L 227 -35.08 -0.67 24.75
N LEU L 228 -35.60 -0.24 23.60
CA LEU L 228 -34.80 0.43 22.59
C LEU L 228 -34.61 1.88 23.04
N LEU L 229 -33.45 2.16 23.62
CA LEU L 229 -33.13 3.48 24.15
C LEU L 229 -32.33 4.27 23.13
N ASN L 230 -32.68 5.57 23.00
CA ASN L 230 -32.00 6.53 22.12
C ASN L 230 -31.98 6.09 20.66
N GLY L 231 -33.10 5.54 20.21
CA GLY L 231 -33.24 5.06 18.85
C GLY L 231 -33.91 6.06 17.93
N SER L 232 -34.54 5.55 16.88
CA SER L 232 -35.22 6.37 15.90
C SER L 232 -36.73 6.16 16.00
N LEU L 233 -37.49 7.22 15.80
CA LEU L 233 -38.94 7.18 15.90
C LEU L 233 -39.56 6.92 14.52
N ALA L 234 -40.86 6.65 14.53
CA ALA L 234 -41.61 6.43 13.31
C ALA L 234 -42.17 7.77 12.82
N GLU L 235 -43.06 7.73 11.84
CA GLU L 235 -43.63 8.93 11.25
C GLU L 235 -45.12 9.06 11.49
N GLU L 236 -45.91 8.03 11.18
CA GLU L 236 -47.36 8.10 11.27
C GLU L 236 -47.91 7.33 12.47
N GLU L 237 -47.59 6.04 12.59
CA GLU L 237 -48.20 5.19 13.60
C GLU L 237 -47.15 4.27 14.20
N VAL L 238 -47.59 3.45 15.14
CA VAL L 238 -46.71 2.47 15.80
C VAL L 238 -46.56 1.27 14.89
N MET L 239 -45.32 0.93 14.55
CA MET L 239 -45.03 -0.15 13.61
C MET L 239 -44.73 -1.45 14.35
N ILE L 240 -45.25 -2.55 13.83
CA ILE L 240 -45.04 -3.88 14.38
C ILE L 240 -44.33 -4.72 13.31
N ARG L 241 -43.19 -5.31 13.67
CA ARG L 241 -42.39 -6.08 12.73
C ARG L 241 -42.12 -7.47 13.29
N SER L 242 -42.26 -8.48 12.44
CA SER L 242 -42.01 -9.86 12.81
C SER L 242 -41.71 -10.65 11.55
N GLU L 243 -40.89 -11.70 11.70
CA GLU L 243 -40.52 -12.54 10.56
C GLU L 243 -41.59 -13.59 10.27
N ASN L 244 -41.86 -14.46 11.24
CA ASN L 244 -42.85 -15.52 11.11
C ASN L 244 -43.91 -15.28 12.19
N ILE L 245 -45.06 -14.76 11.78
CA ILE L 245 -46.13 -14.44 12.74
C ILE L 245 -46.88 -15.68 13.20
N THR L 246 -46.71 -16.81 12.53
CA THR L 246 -47.34 -18.06 12.93
C THR L 246 -46.43 -18.93 13.79
N ASN L 247 -45.28 -18.41 14.21
CA ASN L 247 -44.34 -19.14 15.03
C ASN L 247 -44.14 -18.42 16.37
N ASN L 248 -44.01 -19.20 17.44
CA ASN L 248 -43.82 -18.67 18.78
C ASN L 248 -42.36 -18.61 19.18
N ALA L 249 -41.44 -18.59 18.21
CA ALA L 249 -40.01 -18.56 18.48
C ALA L 249 -39.32 -17.36 17.84
N LYS L 250 -40.07 -16.41 17.30
CA LYS L 250 -39.53 -15.23 16.66
C LYS L 250 -39.89 -13.99 17.45
N ASN L 251 -38.95 -13.05 17.54
CA ASN L 251 -39.17 -11.83 18.30
C ASN L 251 -40.04 -10.86 17.51
N ILE L 252 -40.66 -9.93 18.24
CA ILE L 252 -41.55 -8.93 17.68
C ILE L 252 -41.00 -7.56 18.05
N LEU L 253 -40.73 -6.74 17.04
CA LEU L 253 -40.19 -5.40 17.23
C LEU L 253 -41.32 -4.37 17.15
N VAL L 254 -41.35 -3.47 18.13
CA VAL L 254 -42.37 -2.43 18.22
C VAL L 254 -41.67 -1.08 18.11
N GLN L 255 -42.09 -0.25 17.17
CA GLN L 255 -41.54 1.08 16.96
C GLN L 255 -42.61 2.11 17.27
N PHE L 256 -42.35 2.96 18.26
CA PHE L 256 -43.31 3.96 18.68
C PHE L 256 -43.30 5.15 17.74
N ASN L 257 -44.30 6.02 17.91
CA ASN L 257 -44.37 7.28 17.18
C ASN L 257 -44.04 8.48 18.04
N THR L 258 -44.01 8.32 19.36
CA THR L 258 -43.64 9.38 20.29
C THR L 258 -42.68 8.80 21.33
N PRO L 259 -41.77 9.63 21.86
CA PRO L 259 -40.86 9.14 22.91
C PRO L 259 -41.46 9.23 24.30
N VAL L 260 -41.08 8.27 25.13
CA VAL L 260 -41.46 8.22 26.54
C VAL L 260 -40.19 8.33 27.35
N GLN L 261 -40.02 9.46 28.02
CA GLN L 261 -38.79 9.71 28.76
C GLN L 261 -38.76 8.93 30.07
N ILE L 262 -37.55 8.68 30.56
CA ILE L 262 -37.33 7.95 31.80
C ILE L 262 -36.04 8.47 32.42
N ASN L 263 -36.08 8.75 33.73
CA ASN L 263 -34.97 9.36 34.45
C ASN L 263 -34.39 8.33 35.41
N CYS L 264 -33.13 7.94 35.19
CA CYS L 264 -32.46 6.97 36.03
C CYS L 264 -31.41 7.68 36.89
N THR L 265 -31.24 7.22 38.13
CA THR L 265 -30.30 7.86 39.04
C THR L 265 -29.80 6.84 40.06
N ARG L 266 -28.67 7.19 40.68
CA ARG L 266 -28.05 6.43 41.76
C ARG L 266 -27.58 7.39 42.84
N PRO L 267 -28.10 7.28 44.07
CA PRO L 267 -27.77 8.28 45.10
C PRO L 267 -26.44 8.07 45.80
N ASN L 268 -25.68 7.03 45.46
CA ASN L 268 -24.44 6.73 46.15
C ASN L 268 -23.31 7.63 45.65
N ASN L 269 -22.35 7.90 46.55
CA ASN L 269 -21.19 8.70 46.19
C ASN L 269 -20.14 7.86 45.48
N ASN L 270 -19.80 6.69 46.06
CA ASN L 270 -18.90 5.67 45.50
C ASN L 270 -17.51 6.24 45.24
N THR L 271 -16.84 6.60 46.33
CA THR L 271 -15.46 7.08 46.26
C THR L 271 -14.53 5.94 45.85
N ARG L 272 -13.42 6.31 45.20
CA ARG L 272 -12.48 5.35 44.63
C ARG L 272 -11.19 5.32 45.43
N LYS L 273 -10.54 4.17 45.42
CA LYS L 273 -9.26 3.97 46.10
C LYS L 273 -8.33 3.19 45.20
N SER L 274 -7.09 3.65 45.07
CA SER L 274 -6.10 3.03 44.21
C SER L 274 -5.14 2.20 45.05
N ILE L 275 -4.92 0.96 44.62
CA ILE L 275 -4.00 0.04 45.28
C ILE L 275 -2.98 -0.43 44.26
N ARG L 276 -1.70 -0.34 44.58
CA ARG L 276 -0.68 -0.81 43.64
C ARG L 276 -0.37 -2.28 43.93
N ILE L 277 -0.69 -3.14 42.97
CA ILE L 277 -0.46 -4.58 43.12
C ILE L 277 0.88 -5.07 42.57
N GLY L 278 1.66 -4.16 41.98
CA GLY L 278 2.95 -4.53 41.42
C GLY L 278 3.65 -3.35 40.79
N PRO L 279 4.56 -3.63 39.86
CA PRO L 279 5.28 -2.54 39.18
C PRO L 279 4.49 -1.94 38.03
N GLY L 280 3.95 -0.74 38.23
CA GLY L 280 3.13 -0.12 37.22
C GLY L 280 1.75 -0.69 37.08
N GLN L 281 1.30 -1.48 38.06
CA GLN L 281 0.00 -2.13 38.02
C GLN L 281 -0.87 -1.57 39.14
N ALA L 282 -1.96 -0.88 38.76
CA ALA L 282 -2.87 -0.27 39.71
C ALA L 282 -4.22 -0.99 39.69
N PHE L 283 -4.95 -0.84 40.78
CA PHE L 283 -6.27 -1.45 40.92
C PHE L 283 -7.19 -0.46 41.62
N TYR L 284 -8.28 -0.09 40.96
CA TYR L 284 -9.23 0.88 41.49
C TYR L 284 -10.42 0.15 42.10
N ALA L 285 -10.62 0.33 43.40
CA ALA L 285 -11.70 -0.31 44.12
C ALA L 285 -12.57 0.73 44.81
N THR L 286 -13.66 0.27 45.41
CA THR L 286 -14.56 1.15 46.15
C THR L 286 -13.99 1.46 47.53
N GLY L 287 -14.05 2.73 47.93
CA GLY L 287 -13.52 3.14 49.20
C GLY L 287 -14.58 3.20 50.29
N ASP L 288 -14.92 4.40 50.73
CA ASP L 288 -15.93 4.61 51.76
C ASP L 288 -17.06 5.48 51.21
N ILE L 289 -18.27 5.21 51.67
CA ILE L 289 -19.46 5.93 51.23
C ILE L 289 -19.77 7.03 52.24
N ILE L 290 -19.94 8.26 51.75
CA ILE L 290 -20.23 9.41 52.58
C ILE L 290 -21.68 9.80 52.33
N GLY L 291 -22.57 9.34 53.21
CA GLY L 291 -23.98 9.64 53.08
C GLY L 291 -24.88 8.46 53.40
N ASP L 292 -26.07 8.46 52.80
CA ASP L 292 -27.03 7.38 53.02
C ASP L 292 -26.85 6.28 51.97
N ILE L 293 -27.38 5.10 52.29
CA ILE L 293 -27.32 3.96 51.37
C ILE L 293 -28.72 3.69 50.84
N ARG L 294 -29.03 4.24 49.68
CA ARG L 294 -30.35 4.11 49.07
C ARG L 294 -30.25 3.31 47.78
N GLN L 295 -31.41 3.01 47.20
CA GLN L 295 -31.48 2.23 45.98
C GLN L 295 -31.33 3.13 44.76
N ALA L 296 -30.64 2.62 43.74
CA ALA L 296 -30.63 3.26 42.44
C ALA L 296 -31.95 2.96 41.74
N HIS L 297 -32.55 3.97 41.12
CA HIS L 297 -33.91 3.80 40.64
C HIS L 297 -34.13 4.60 39.36
N CYS L 298 -35.11 4.16 38.59
CA CYS L 298 -35.54 4.82 37.36
C CYS L 298 -37.02 5.18 37.48
N ASN L 299 -37.32 6.45 37.28
CA ASN L 299 -38.70 6.95 37.30
C ASN L 299 -39.19 7.11 35.86
N VAL L 300 -40.38 6.56 35.59
CA VAL L 300 -41.01 6.63 34.29
C VAL L 300 -42.43 7.17 34.48
N SER L 301 -42.89 7.97 33.51
CA SER L 301 -44.20 8.58 33.58
C SER L 301 -45.30 7.53 33.43
N LYS L 302 -46.35 7.65 34.24
CA LYS L 302 -47.45 6.69 34.24
C LYS L 302 -48.56 7.06 33.29
N ALA L 303 -48.77 8.36 33.03
CA ALA L 303 -49.86 8.78 32.16
C ALA L 303 -49.53 8.52 30.68
N THR L 304 -48.27 8.65 30.30
CA THR L 304 -47.89 8.43 28.91
C THR L 304 -47.79 6.94 28.57
N TRP L 305 -47.48 6.10 29.57
CA TRP L 305 -47.31 4.67 29.31
C TRP L 305 -48.65 4.00 29.00
N ASN L 306 -49.75 4.51 29.57
CA ASN L 306 -51.06 3.93 29.29
C ASN L 306 -51.50 4.19 27.85
N GLU L 307 -51.33 5.43 27.38
CA GLU L 307 -51.68 5.72 25.99
C GLU L 307 -50.66 5.13 25.02
N THR L 308 -49.42 4.90 25.47
CA THR L 308 -48.44 4.19 24.65
C THR L 308 -48.86 2.73 24.45
N LEU L 309 -49.27 2.06 25.54
CA LEU L 309 -49.76 0.69 25.43
C LEU L 309 -51.08 0.62 24.65
N GLY L 310 -51.91 1.67 24.74
CA GLY L 310 -53.12 1.70 23.94
C GLY L 310 -52.84 1.84 22.45
N LYS L 311 -51.89 2.71 22.08
CA LYS L 311 -51.50 2.84 20.68
C LYS L 311 -50.73 1.62 20.18
N VAL L 312 -50.09 0.87 21.08
CA VAL L 312 -49.47 -0.39 20.68
C VAL L 312 -50.53 -1.45 20.41
N VAL L 313 -51.51 -1.59 21.32
CA VAL L 313 -52.51 -2.64 21.18
C VAL L 313 -53.51 -2.33 20.07
N LYS L 314 -53.68 -1.05 19.71
CA LYS L 314 -54.58 -0.69 18.60
C LYS L 314 -54.00 -1.15 17.26
N GLN L 315 -52.68 -1.14 17.12
CA GLN L 315 -52.05 -1.69 15.93
C GLN L 315 -51.81 -3.18 16.04
N LEU L 316 -51.70 -3.72 17.26
CA LEU L 316 -51.49 -5.15 17.46
C LEU L 316 -52.77 -5.96 17.28
N ARG L 317 -53.94 -5.33 17.44
CA ARG L 317 -55.19 -6.04 17.23
C ARG L 317 -55.49 -6.30 15.77
N LYS L 318 -54.79 -5.66 14.84
CA LYS L 318 -55.02 -5.89 13.42
C LYS L 318 -54.45 -7.22 12.94
N HIS L 319 -53.47 -7.77 13.64
CA HIS L 319 -52.84 -9.03 13.24
C HIS L 319 -53.45 -10.24 13.93
N PHE L 320 -54.36 -10.05 14.88
CA PHE L 320 -54.98 -11.16 15.58
C PHE L 320 -56.50 -11.13 15.59
N GLY L 321 -57.13 -9.98 15.32
CA GLY L 321 -58.58 -9.90 15.29
C GLY L 321 -59.13 -8.87 16.25
N ASN L 322 -60.40 -8.48 16.05
CA ASN L 322 -61.05 -7.49 16.88
C ASN L 322 -61.70 -8.10 18.13
N ASN L 323 -61.65 -9.42 18.28
CA ASN L 323 -62.26 -10.11 19.42
C ASN L 323 -61.19 -10.81 20.25
N THR L 324 -60.07 -10.14 20.50
CA THR L 324 -58.95 -10.72 21.22
C THR L 324 -58.70 -9.95 22.51
N ILE L 325 -58.35 -10.70 23.56
CA ILE L 325 -57.98 -10.16 24.86
C ILE L 325 -56.46 -10.18 24.96
N ILE L 326 -55.86 -9.04 25.27
CA ILE L 326 -54.41 -8.89 25.23
C ILE L 326 -53.89 -8.74 26.65
N ARG L 327 -53.10 -9.71 27.10
CA ARG L 327 -52.52 -9.68 28.43
C ARG L 327 -51.04 -9.31 28.36
N PHE L 328 -50.60 -8.46 29.27
CA PHE L 328 -49.22 -8.03 29.36
C PHE L 328 -48.65 -8.47 30.70
N ALA L 329 -47.78 -9.47 30.67
CA ALA L 329 -47.13 -10.03 31.84
C ALA L 329 -45.63 -9.82 31.75
N ASN L 330 -44.93 -10.16 32.83
CA ASN L 330 -43.49 -9.98 32.91
C ASN L 330 -42.77 -11.20 32.35
N SER L 331 -41.46 -11.26 32.54
CA SER L 331 -40.65 -12.35 32.02
C SER L 331 -40.81 -13.60 32.88
N SER L 332 -40.59 -14.75 32.25
CA SER L 332 -40.72 -16.03 32.95
C SER L 332 -39.48 -16.35 33.76
N GLY L 333 -38.34 -16.48 33.09
CA GLY L 333 -37.09 -16.81 33.77
C GLY L 333 -35.97 -17.17 32.82
N GLY L 334 -34.75 -17.17 33.33
CA GLY L 334 -33.59 -17.49 32.51
C GLY L 334 -32.37 -16.77 33.05
N ASP L 335 -31.61 -16.17 32.14
CA ASP L 335 -30.40 -15.44 32.50
C ASP L 335 -30.76 -14.07 33.07
N LEU L 336 -29.79 -13.46 33.76
CA LEU L 336 -30.03 -12.16 34.37
C LEU L 336 -30.00 -11.03 33.34
N GLU L 337 -29.30 -11.22 32.23
CA GLU L 337 -29.23 -10.22 31.17
C GLU L 337 -30.36 -10.37 30.16
N VAL L 338 -31.31 -11.25 30.39
CA VAL L 338 -32.45 -11.46 29.50
C VAL L 338 -33.76 -11.04 30.17
N THR L 339 -34.01 -11.53 31.38
CA THR L 339 -35.25 -11.20 32.08
C THR L 339 -35.25 -9.79 32.63
N THR L 340 -34.10 -9.26 33.01
CA THR L 340 -33.99 -7.93 33.57
C THR L 340 -33.52 -6.94 32.51
N HIS L 341 -33.96 -5.70 32.63
CA HIS L 341 -33.58 -4.65 31.69
C HIS L 341 -32.15 -4.21 31.99
N SER L 342 -31.22 -4.57 31.10
CA SER L 342 -29.80 -4.29 31.28
C SER L 342 -29.39 -3.14 30.38
N PHE L 343 -28.80 -2.10 30.97
CA PHE L 343 -28.32 -0.97 30.18
C PHE L 343 -27.13 -0.34 30.88
N ASN L 344 -26.61 0.74 30.29
CA ASN L 344 -25.42 1.42 30.79
C ASN L 344 -25.71 2.91 30.92
N CYS L 345 -25.57 3.43 32.14
CA CYS L 345 -25.75 4.85 32.41
C CYS L 345 -24.54 5.37 33.15
N GLY L 346 -23.94 6.46 32.63
CA GLY L 346 -22.82 7.12 33.26
C GLY L 346 -21.55 6.31 33.38
N GLY L 347 -21.41 5.22 32.62
CA GLY L 347 -20.31 4.31 32.79
C GLY L 347 -20.59 3.13 33.69
N GLU L 348 -21.76 3.07 34.31
CA GLU L 348 -22.12 1.99 35.21
C GLU L 348 -23.28 1.19 34.63
N PHE L 349 -23.19 -0.14 34.75
CA PHE L 349 -24.18 -1.04 34.18
C PHE L 349 -25.29 -1.28 35.18
N PHE L 350 -26.53 -0.99 34.77
CA PHE L 350 -27.71 -1.13 35.62
C PHE L 350 -28.58 -2.27 35.13
N TYR L 351 -29.15 -3.01 36.08
CA TYR L 351 -30.04 -4.14 35.81
C TYR L 351 -31.34 -3.86 36.56
N CYS L 352 -32.39 -3.48 35.84
CA CYS L 352 -33.66 -3.12 36.43
C CYS L 352 -34.64 -4.28 36.36
N ASN L 353 -35.50 -4.37 37.38
CA ASN L 353 -36.45 -5.47 37.46
C ASN L 353 -37.58 -5.32 36.44
N THR L 354 -38.05 -4.08 36.24
CA THR L 354 -39.06 -3.62 35.26
C THR L 354 -40.32 -4.51 35.18
N SER L 355 -40.67 -5.14 36.30
CA SER L 355 -41.84 -6.02 36.34
C SER L 355 -43.15 -5.25 36.49
N GLY L 356 -43.10 -3.97 36.87
CA GLY L 356 -44.30 -3.18 37.04
C GLY L 356 -44.83 -2.53 35.80
N LEU L 357 -44.09 -2.56 34.69
CA LEU L 357 -44.55 -1.95 33.46
C LEU L 357 -45.46 -2.88 32.67
N PHE L 358 -44.99 -4.10 32.41
CA PHE L 358 -45.77 -5.09 31.65
C PHE L 358 -46.66 -5.87 32.62
N ASN L 359 -47.75 -5.22 33.02
CA ASN L 359 -48.74 -5.83 33.90
C ASN L 359 -50.09 -5.17 33.58
N SER L 360 -50.84 -5.80 32.66
CA SER L 360 -52.09 -5.20 32.20
C SER L 360 -52.94 -6.26 31.53
N THR L 361 -54.22 -5.93 31.34
CA THR L 361 -55.17 -6.78 30.63
C THR L 361 -56.12 -5.89 29.85
N TRP L 362 -56.03 -5.94 28.53
CA TRP L 362 -56.86 -5.12 27.65
C TRP L 362 -57.97 -5.98 27.05
N ILE L 363 -59.21 -5.53 27.22
CA ILE L 363 -60.41 -6.19 26.74
C ILE L 363 -60.90 -5.46 25.49
N SER L 364 -61.42 -6.22 24.53
CA SER L 364 -61.95 -5.64 23.29
C SER L 364 -63.28 -4.94 23.55
N ASN L 377 -50.13 12.35 37.01
CA ASN L 377 -49.16 13.01 37.88
C ASN L 377 -48.27 11.99 38.58
N ASP L 378 -48.76 10.77 38.70
CA ASP L 378 -48.00 9.70 39.33
C ASP L 378 -46.91 9.19 38.41
N SER L 379 -45.92 8.52 38.99
CA SER L 379 -44.80 7.97 38.25
C SER L 379 -44.43 6.61 38.83
N ILE L 380 -44.00 5.71 37.95
CA ILE L 380 -43.59 4.37 38.36
C ILE L 380 -42.09 4.35 38.60
N THR L 381 -41.69 3.86 39.75
CA THR L 381 -40.29 3.80 40.16
C THR L 381 -39.81 2.35 40.13
N LEU L 382 -38.79 2.08 39.33
CA LEU L 382 -38.22 0.75 39.21
C LEU L 382 -36.84 0.72 39.82
N PRO L 383 -36.58 -0.13 40.82
CA PRO L 383 -35.23 -0.23 41.39
C PRO L 383 -34.33 -1.08 40.51
N CYS L 384 -33.07 -0.68 40.42
CA CYS L 384 -32.09 -1.35 39.58
C CYS L 384 -30.83 -1.65 40.40
N ARG L 385 -30.28 -2.83 40.17
CA ARG L 385 -29.04 -3.25 40.82
C ARG L 385 -27.84 -2.94 39.92
N ILE L 386 -26.67 -2.92 40.55
CA ILE L 386 -25.41 -2.57 39.89
C ILE L 386 -24.46 -3.76 40.01
N LYS L 387 -23.89 -4.18 38.88
CA LYS L 387 -22.92 -5.27 38.85
C LYS L 387 -21.61 -4.74 38.26
N GLN L 388 -20.50 -5.24 38.79
CA GLN L 388 -19.17 -4.78 38.37
C GLN L 388 -18.47 -5.77 37.44
N ILE L 389 -18.87 -7.03 37.45
CA ILE L 389 -18.29 -8.03 36.54
C ILE L 389 -19.31 -8.26 35.42
N ILE L 390 -19.02 -7.73 34.23
CA ILE L 390 -19.94 -7.76 33.10
C ILE L 390 -19.40 -8.72 32.06
N ASN L 391 -20.25 -9.66 31.63
CA ASN L 391 -19.93 -10.60 30.56
C ASN L 391 -20.71 -10.17 29.33
N MET L 392 -20.02 -9.58 28.36
CA MET L 392 -20.65 -8.98 27.20
C MET L 392 -20.68 -9.95 26.01
N TRP L 393 -21.69 -9.74 25.15
CA TRP L 393 -21.86 -10.43 23.86
C TRP L 393 -21.99 -11.95 24.00
N GLN L 394 -22.51 -12.39 25.16
CA GLN L 394 -22.79 -13.81 25.45
C GLN L 394 -21.56 -14.70 25.32
N ARG L 395 -20.40 -14.17 25.71
CA ARG L 395 -19.15 -14.90 25.59
C ARG L 395 -18.84 -15.64 26.88
N ILE L 396 -18.19 -16.80 26.74
CA ILE L 396 -17.79 -17.63 27.87
C ILE L 396 -16.26 -17.71 27.82
N GLY L 397 -15.59 -16.85 28.57
CA GLY L 397 -14.14 -16.87 28.63
C GLY L 397 -13.49 -15.51 28.69
N GLN L 398 -14.26 -14.46 28.39
CA GLN L 398 -13.76 -13.08 28.39
C GLN L 398 -14.65 -12.24 29.29
N ALA L 399 -14.12 -11.85 30.44
CA ALA L 399 -14.86 -11.06 31.43
C ALA L 399 -14.33 -9.64 31.45
N MET L 400 -14.88 -8.84 32.37
CA MET L 400 -14.50 -7.44 32.51
C MET L 400 -14.74 -7.01 33.94
N TYR L 401 -14.19 -5.84 34.30
CA TYR L 401 -14.35 -5.28 35.64
C TYR L 401 -14.38 -3.77 35.49
N ALA L 402 -15.56 -3.18 35.64
CA ALA L 402 -15.71 -1.74 35.47
C ALA L 402 -15.20 -1.01 36.72
N PRO L 403 -14.49 0.11 36.55
CA PRO L 403 -14.00 0.86 37.70
C PRO L 403 -15.11 1.66 38.35
N PRO L 404 -14.98 2.01 39.62
CA PRO L 404 -16.02 2.83 40.28
C PRO L 404 -15.98 4.27 39.79
N ILE L 405 -17.16 4.87 39.70
CA ILE L 405 -17.32 6.24 39.24
C ILE L 405 -17.56 7.15 40.45
N GLN L 406 -16.78 8.22 40.55
CA GLN L 406 -16.92 9.16 41.65
C GLN L 406 -18.01 10.17 41.35
N GLY L 407 -18.86 10.44 42.35
CA GLY L 407 -19.92 11.42 42.22
C GLY L 407 -21.29 10.77 42.19
N VAL L 408 -22.27 11.57 41.81
CA VAL L 408 -23.66 11.14 41.69
C VAL L 408 -23.98 10.93 40.23
N ILE L 409 -24.58 9.78 39.91
CA ILE L 409 -24.91 9.41 38.54
C ILE L 409 -26.40 9.65 38.32
N ARG L 410 -26.71 10.43 37.28
CA ARG L 410 -28.10 10.71 36.92
C ARG L 410 -28.17 10.94 35.42
N CYS L 411 -29.04 10.20 34.74
CA CYS L 411 -29.18 10.29 33.30
C CYS L 411 -30.64 10.27 32.91
N VAL L 412 -30.91 10.77 31.70
CA VAL L 412 -32.24 10.74 31.11
C VAL L 412 -32.16 9.94 29.81
N SER L 413 -33.26 9.29 29.46
CA SER L 413 -33.27 8.50 28.22
C SER L 413 -34.67 8.43 27.66
N ASN L 414 -34.75 8.17 26.35
CA ASN L 414 -36.00 7.98 25.65
C ASN L 414 -36.27 6.49 25.46
N ILE L 415 -37.54 6.16 25.23
CA ILE L 415 -37.97 4.79 24.96
C ILE L 415 -38.65 4.83 23.59
N THR L 416 -37.95 4.36 22.56
CA THR L 416 -38.43 4.38 21.19
C THR L 416 -38.53 2.98 20.60
N GLY L 417 -39.07 2.04 21.37
CA GLY L 417 -39.27 0.70 20.84
C GLY L 417 -39.38 -0.33 21.93
N LEU L 418 -39.78 -1.53 21.52
CA LEU L 418 -39.95 -2.66 22.44
C LEU L 418 -39.62 -3.94 21.70
N ILE L 419 -39.18 -4.95 22.46
CA ILE L 419 -38.91 -6.28 21.95
C ILE L 419 -39.77 -7.25 22.74
N LEU L 420 -40.82 -7.78 22.12
CA LEU L 420 -41.78 -8.64 22.79
C LEU L 420 -41.81 -10.01 22.13
N THR L 421 -42.47 -10.95 22.81
CA THR L 421 -42.66 -12.29 22.30
C THR L 421 -43.94 -12.86 22.91
N ARG L 422 -44.41 -13.96 22.31
CA ARG L 422 -45.63 -14.62 22.77
C ARG L 422 -45.36 -16.11 22.95
N ASP L 423 -46.23 -16.75 23.72
CA ASP L 423 -46.13 -18.17 24.01
C ASP L 423 -47.15 -18.96 23.19
N GLY L 424 -46.90 -20.26 23.07
CA GLY L 424 -47.76 -21.14 22.31
C GLY L 424 -49.05 -21.49 23.03
N GLY L 425 -50.18 -21.11 22.44
CA GLY L 425 -51.47 -21.41 23.02
C GLY L 425 -52.02 -22.76 22.56
N SER L 426 -53.26 -23.02 22.97
CA SER L 426 -53.95 -24.26 22.62
C SER L 426 -54.88 -24.09 21.43
N THR L 427 -54.62 -23.06 20.59
CA THR L 427 -55.34 -22.62 19.38
C THR L 427 -56.87 -22.72 19.47
N ASN L 428 -57.43 -22.41 20.64
CA ASN L 428 -58.87 -22.45 20.83
C ASN L 428 -59.42 -21.25 21.59
N SER L 429 -58.60 -20.45 22.24
CA SER L 429 -59.05 -19.29 23.01
C SER L 429 -58.72 -18.01 22.25
N THR L 430 -59.06 -16.88 22.86
CA THR L 430 -58.82 -15.56 22.28
C THR L 430 -57.99 -14.68 23.21
N THR L 431 -57.19 -15.31 24.07
CA THR L 431 -56.33 -14.60 25.02
C THR L 431 -54.88 -14.78 24.61
N GLU L 432 -54.18 -13.67 24.42
CA GLU L 432 -52.78 -13.68 24.01
C GLU L 432 -51.95 -12.94 25.06
N THR L 433 -50.90 -13.58 25.53
CA THR L 433 -50.00 -13.01 26.53
C THR L 433 -48.68 -12.64 25.86
N PHE L 434 -48.23 -11.41 26.10
CA PHE L 434 -46.99 -10.90 25.52
C PHE L 434 -46.00 -10.59 26.62
N ARG L 435 -44.79 -11.16 26.50
CA ARG L 435 -43.74 -10.99 27.48
C ARG L 435 -42.52 -10.33 26.86
N PRO L 436 -41.80 -9.49 27.60
CA PRO L 436 -40.58 -8.89 27.05
C PRO L 436 -39.44 -9.90 27.00
N GLY L 437 -38.59 -9.75 25.98
CA GLY L 437 -37.46 -10.62 25.79
C GLY L 437 -36.33 -9.91 25.09
N GLY L 438 -35.25 -10.63 24.86
CA GLY L 438 -34.08 -10.08 24.20
C GLY L 438 -32.84 -10.94 24.34
N GLY L 439 -31.69 -10.30 24.50
CA GLY L 439 -30.44 -11.03 24.62
C GLY L 439 -29.63 -11.00 23.35
N ASP L 440 -30.30 -11.14 22.20
CA ASP L 440 -29.63 -11.09 20.91
C ASP L 440 -29.46 -9.64 20.47
N MET L 441 -28.23 -9.25 20.18
CA MET L 441 -27.93 -7.87 19.83
C MET L 441 -28.19 -7.53 18.38
N ARG L 442 -28.59 -8.50 17.55
CA ARG L 442 -28.89 -8.21 16.15
C ARG L 442 -30.23 -7.52 16.01
N ASP L 443 -31.17 -7.78 16.93
CA ASP L 443 -32.47 -7.13 16.87
C ASP L 443 -32.41 -5.66 17.26
N ASN L 444 -31.41 -5.27 18.06
CA ASN L 444 -31.25 -3.87 18.43
C ASN L 444 -30.68 -3.02 17.29
N TRP L 445 -30.03 -3.65 16.31
CA TRP L 445 -29.47 -2.94 15.18
C TRP L 445 -30.21 -3.19 13.87
N ARG L 446 -31.09 -4.20 13.83
CA ARG L 446 -31.90 -4.43 12.65
C ARG L 446 -33.03 -3.41 12.50
N SER L 447 -33.39 -2.71 13.58
CA SER L 447 -34.43 -1.69 13.53
C SER L 447 -33.95 -0.38 12.92
N GLU L 448 -32.65 -0.24 12.65
CA GLU L 448 -32.12 0.96 12.03
C GLU L 448 -31.63 0.75 10.61
N LEU L 449 -31.36 -0.48 10.21
CA LEU L 449 -30.90 -0.81 8.88
C LEU L 449 -31.93 -1.64 8.12
N TYR L 450 -33.21 -1.33 8.32
CA TYR L 450 -34.30 -2.06 7.71
C TYR L 450 -34.81 -1.42 6.42
N LYS L 451 -34.23 -0.29 6.00
CA LYS L 451 -34.68 0.43 4.83
C LYS L 451 -33.59 0.67 3.80
N TYR L 452 -32.36 0.25 4.06
CA TYR L 452 -31.24 0.50 3.17
C TYR L 452 -30.83 -0.76 2.43
N LYS L 453 -30.38 -0.57 1.18
CA LYS L 453 -29.95 -1.67 0.34
C LYS L 453 -28.69 -1.26 -0.41
N VAL L 454 -27.79 -2.21 -0.63
CA VAL L 454 -26.52 -1.98 -1.31
C VAL L 454 -26.59 -2.62 -2.69
N VAL L 455 -26.28 -1.83 -3.73
CA VAL L 455 -26.30 -2.30 -5.11
C VAL L 455 -24.97 -1.98 -5.76
N LYS L 456 -24.66 -2.72 -6.82
CA LYS L 456 -23.42 -2.56 -7.57
C LYS L 456 -23.72 -2.04 -8.96
N ILE L 457 -23.06 -0.95 -9.35
CA ILE L 457 -23.35 -0.25 -10.60
C ILE L 457 -22.58 -0.92 -11.73
N GLU L 458 -23.28 -1.21 -12.82
CA GLU L 458 -22.67 -1.73 -14.04
C GLU L 458 -22.94 -0.76 -15.19
N PRO L 459 -21.94 -0.01 -15.65
CA PRO L 459 -22.19 1.09 -16.60
C PRO L 459 -22.06 0.74 -18.08
N LEU L 460 -21.87 -0.53 -18.44
CA LEU L 460 -21.67 -0.92 -19.83
C LEU L 460 -22.98 -1.33 -20.47
N GLY L 461 -23.17 -0.94 -21.72
CA GLY L 461 -24.37 -1.32 -22.45
C GLY L 461 -24.12 -1.42 -23.95
N VAL L 462 -24.97 -2.18 -24.62
CA VAL L 462 -24.89 -2.44 -26.05
C VAL L 462 -26.23 -2.10 -26.68
N ALA L 463 -26.22 -1.25 -27.70
CA ALA L 463 -27.46 -0.79 -28.32
C ALA L 463 -27.40 -0.92 -29.83
N PRO L 464 -28.54 -1.13 -30.49
CA PRO L 464 -28.56 -1.09 -31.97
C PRO L 464 -28.76 0.31 -32.51
N THR L 465 -27.94 0.68 -33.50
CA THR L 465 -27.97 2.03 -34.07
C THR L 465 -27.52 1.95 -35.52
N ARG L 466 -28.25 2.63 -36.41
CA ARG L 466 -27.89 2.72 -37.82
C ARG L 466 -26.77 3.74 -37.99
N CYS L 467 -25.53 3.30 -37.79
CA CYS L 467 -24.37 4.17 -37.94
C CYS L 467 -23.16 3.30 -38.28
N LYS L 468 -22.20 3.91 -38.97
CA LYS L 468 -21.00 3.21 -39.39
C LYS L 468 -19.77 4.01 -38.98
N ARG L 469 -18.63 3.33 -38.94
CA ARG L 469 -17.37 3.98 -38.59
C ARG L 469 -16.89 4.88 -39.72
N ARG L 470 -16.02 5.82 -39.36
CA ARG L 470 -15.42 6.84 -40.24
C ARG L 470 -16.46 7.67 -41.00
N VAL M 21 31.96 30.92 -6.88
CA VAL M 21 31.37 31.96 -7.72
C VAL M 21 32.40 32.42 -8.75
N GLN M 22 33.67 32.04 -8.52
CA GLN M 22 34.75 32.39 -9.42
C GLN M 22 35.54 31.12 -9.75
N LEU M 23 36.18 31.13 -10.92
CA LEU M 23 36.96 30.00 -11.40
C LEU M 23 38.39 30.46 -11.69
N GLN M 24 39.36 29.70 -11.19
CA GLN M 24 40.78 29.99 -11.42
C GLN M 24 41.41 28.80 -12.12
N GLN M 25 42.01 29.04 -13.27
CA GLN M 25 42.59 27.97 -14.08
C GLN M 25 44.10 27.92 -13.90
N SER M 26 44.64 26.71 -14.00
CA SER M 26 46.09 26.49 -13.90
C SER M 26 46.47 25.45 -14.94
N GLY M 27 47.19 25.87 -15.97
CA GLY M 27 47.58 24.98 -17.05
C GLY M 27 49.09 24.86 -17.18
N PRO M 28 49.55 23.72 -17.67
CA PRO M 28 50.99 23.50 -17.86
C PRO M 28 51.49 24.13 -19.15
N GLY M 29 52.76 23.91 -19.43
CA GLY M 29 53.39 24.45 -20.63
C GLY M 29 53.16 23.59 -21.86
N LEU M 30 54.23 23.29 -22.58
CA LEU M 30 54.12 22.46 -23.78
C LEU M 30 53.90 21.00 -23.39
N VAL M 31 53.20 20.28 -24.26
CA VAL M 31 52.83 18.88 -24.02
C VAL M 31 53.44 18.04 -25.13
N LYS M 32 54.23 17.04 -24.74
CA LYS M 32 54.82 16.13 -25.71
C LYS M 32 53.76 15.18 -26.26
N PRO M 33 53.89 14.77 -27.53
CA PRO M 33 52.92 13.83 -28.09
C PRO M 33 53.08 12.44 -27.51
N SER M 34 52.02 11.64 -27.68
CA SER M 34 51.89 10.27 -27.16
C SER M 34 52.09 10.20 -25.65
N GLU M 35 51.55 11.19 -24.94
CA GLU M 35 51.64 11.26 -23.50
C GLU M 35 50.28 11.52 -22.87
N THR M 36 50.25 11.79 -21.58
CA THR M 36 49.02 12.06 -20.85
C THR M 36 48.75 13.56 -20.77
N LEU M 37 47.58 13.89 -20.23
CA LEU M 37 47.15 15.28 -20.09
C LEU M 37 46.59 15.47 -18.68
N SER M 38 46.79 16.68 -18.13
CA SER M 38 46.32 17.00 -16.79
C SER M 38 45.99 18.47 -16.72
N LEU M 39 44.74 18.79 -16.40
CA LEU M 39 44.29 20.16 -16.25
C LEU M 39 43.44 20.27 -14.99
N THR M 40 43.31 21.51 -14.50
CA THR M 40 42.53 21.77 -13.29
C THR M 40 41.85 23.13 -13.41
N CYS M 41 40.80 23.30 -12.60
CA CYS M 41 40.04 24.55 -12.58
C CYS M 41 39.40 24.64 -11.19
N THR M 42 39.99 25.47 -10.33
CA THR M 42 39.58 25.56 -8.93
C THR M 42 38.43 26.55 -8.79
N VAL M 43 37.40 26.16 -8.04
CA VAL M 43 36.28 27.04 -7.76
C VAL M 43 36.58 27.85 -6.50
N SER M 44 35.88 28.96 -6.35
CA SER M 44 36.03 29.81 -5.17
C SER M 44 34.72 30.52 -4.90
N GLY M 45 34.24 30.45 -3.66
CA GLY M 45 32.98 31.05 -3.27
C GLY M 45 31.81 30.09 -3.20
N GLY M 46 32.02 28.82 -3.51
CA GLY M 46 30.95 27.84 -3.45
C GLY M 46 31.49 26.45 -3.26
N SER M 47 30.62 25.57 -2.77
CA SER M 47 31.00 24.20 -2.51
C SER M 47 31.06 23.40 -3.81
N ILE M 48 31.81 22.28 -3.76
CA ILE M 48 31.93 21.41 -4.92
C ILE M 48 30.90 20.29 -4.94
N SER M 49 30.20 20.07 -3.82
CA SER M 49 29.20 19.01 -3.73
C SER M 49 27.78 19.53 -3.98
N GLU M 50 27.65 20.75 -4.49
CA GLU M 50 26.32 21.32 -4.75
C GLU M 50 25.77 20.80 -6.07
N SER M 51 24.51 21.15 -6.35
CA SER M 51 23.83 20.70 -7.56
C SER M 51 24.18 21.66 -8.70
N TYR M 52 25.36 21.44 -9.29
CA TYR M 52 25.84 22.23 -10.41
C TYR M 52 26.61 21.33 -11.36
N TYR M 53 26.50 21.61 -12.65
CA TYR M 53 27.20 20.86 -13.68
C TYR M 53 28.44 21.63 -14.11
N TRP M 54 29.58 20.95 -14.16
CA TRP M 54 30.84 21.54 -14.59
C TRP M 54 31.18 21.00 -15.98
N LYS M 55 31.48 21.92 -16.89
CA LYS M 55 31.71 21.56 -18.29
C LYS M 55 33.12 21.94 -18.71
N TRP M 56 33.78 21.02 -19.40
CA TRP M 56 35.08 21.24 -20.01
C TRP M 56 34.90 21.38 -21.51
N ILE M 57 35.25 22.55 -22.06
CA ILE M 57 35.04 22.89 -23.45
C ILE M 57 36.40 23.14 -24.10
N ARG M 58 36.55 22.75 -25.36
CA ARG M 58 37.77 22.96 -26.12
C ARG M 58 37.48 23.87 -27.31
N GLN M 59 38.50 24.61 -27.74
CA GLN M 59 38.36 25.49 -28.90
C GLN M 59 39.67 25.57 -29.66
N PRO M 60 39.72 25.10 -30.91
CA PRO M 60 40.94 25.26 -31.70
C PRO M 60 41.08 26.68 -32.19
N PRO M 61 42.31 27.16 -32.42
CA PRO M 61 42.49 28.54 -32.91
C PRO M 61 42.07 28.70 -34.36
N GLY M 62 41.00 29.46 -34.60
CA GLY M 62 40.53 29.69 -35.95
C GLY M 62 39.15 29.12 -36.21
N LYS M 63 38.87 27.95 -35.67
CA LYS M 63 37.59 27.28 -35.88
C LYS M 63 36.64 27.58 -34.71
N GLY M 64 35.48 26.94 -34.72
CA GLY M 64 34.48 27.18 -33.69
C GLY M 64 34.72 26.39 -32.42
N LEU M 65 33.80 26.56 -31.48
CA LEU M 65 33.87 25.90 -30.20
C LEU M 65 33.48 24.43 -30.33
N GLU M 66 33.85 23.65 -29.31
CA GLU M 66 33.55 22.21 -29.30
C GLU M 66 33.47 21.74 -27.85
N TRP M 67 32.27 21.31 -27.44
CA TRP M 67 32.09 20.80 -26.08
C TRP M 67 32.70 19.41 -25.96
N VAL M 68 33.40 19.18 -24.84
CA VAL M 68 34.10 17.92 -24.61
C VAL M 68 33.45 17.10 -23.49
N GLY M 69 33.36 17.67 -22.29
CA GLY M 69 32.93 16.89 -21.15
C GLY M 69 32.01 17.66 -20.22
N ARG M 70 31.23 16.89 -19.45
CA ARG M 70 30.33 17.44 -18.45
C ARG M 70 30.29 16.49 -17.27
N ILE M 71 30.28 17.04 -16.06
CA ILE M 71 30.28 16.24 -14.84
C ILE M 71 29.32 16.89 -13.84
N TYR M 72 28.46 16.05 -13.23
CA TYR M 72 27.56 16.51 -12.19
C TYR M 72 28.31 16.61 -10.86
N GLY M 73 28.03 17.68 -10.11
CA GLY M 73 28.75 17.91 -8.87
C GLY M 73 28.21 17.14 -7.68
N SER M 74 26.93 16.76 -7.72
CA SER M 74 26.30 16.05 -6.62
C SER M 74 26.09 14.57 -6.92
N GLY M 75 26.70 14.06 -8.00
CA GLY M 75 26.54 12.66 -8.35
C GLY M 75 27.74 12.09 -9.10
N VAL M 76 27.55 10.94 -9.74
CA VAL M 76 28.60 10.27 -10.49
C VAL M 76 28.32 10.26 -11.99
N SER M 77 27.27 10.95 -12.43
CA SER M 77 26.89 10.95 -13.83
C SER M 77 27.82 11.87 -14.62
N THR M 78 28.54 11.30 -15.58
CA THR M 78 29.44 12.04 -16.45
C THR M 78 29.00 11.85 -17.90
N SER M 79 29.30 12.85 -18.73
CA SER M 79 28.95 12.82 -20.15
C SER M 79 30.15 13.27 -20.96
N TYR M 80 30.47 12.52 -22.01
CA TYR M 80 31.60 12.83 -22.88
C TYR M 80 31.12 12.92 -24.32
N ASN M 81 32.01 13.39 -25.18
CA ASN M 81 31.70 13.53 -26.60
C ASN M 81 31.71 12.16 -27.27
N PRO M 82 30.79 11.89 -28.20
CA PRO M 82 30.78 10.59 -28.90
C PRO M 82 31.93 10.43 -29.88
N SER M 83 32.52 11.52 -30.35
CA SER M 83 33.66 11.43 -31.27
C SER M 83 34.98 11.18 -30.56
N LEU M 84 35.03 11.42 -29.25
CA LEU M 84 36.24 11.23 -28.45
C LEU M 84 35.97 10.31 -27.27
N GLU M 85 35.22 9.24 -27.51
CA GLU M 85 34.92 8.29 -26.44
C GLU M 85 36.11 7.38 -26.18
N SER M 86 36.16 6.85 -24.95
CA SER M 86 37.27 6.05 -24.41
C SER M 86 38.61 6.79 -24.47
N ARG M 87 38.56 8.12 -24.39
CA ARG M 87 39.76 8.96 -24.41
C ARG M 87 39.74 10.07 -23.37
N VAL M 88 38.57 10.48 -22.87
CA VAL M 88 38.44 11.60 -21.95
C VAL M 88 38.04 11.05 -20.59
N THR M 89 38.73 11.50 -19.54
CA THR M 89 38.45 11.09 -18.18
C THR M 89 38.39 12.33 -17.29
N ILE M 90 37.23 12.56 -16.68
CA ILE M 90 37.01 13.70 -15.80
C ILE M 90 36.76 13.17 -14.40
N SER M 91 37.60 13.56 -13.46
CA SER M 91 37.47 13.15 -12.07
C SER M 91 37.25 14.38 -11.19
N LYS M 92 36.84 14.14 -9.96
CA LYS M 92 36.58 15.22 -9.02
C LYS M 92 37.16 14.87 -7.65
N ASP M 93 37.67 15.89 -6.96
CA ASP M 93 38.23 15.75 -5.62
C ASP M 93 37.58 16.79 -4.72
N THR M 94 36.89 16.31 -3.67
CA THR M 94 36.19 17.18 -2.74
C THR M 94 37.05 17.63 -1.56
N SER M 95 38.36 17.40 -1.63
CA SER M 95 39.24 17.83 -0.55
C SER M 95 39.45 19.34 -0.60
N LYS M 96 39.88 19.87 -1.74
CA LYS M 96 40.08 21.29 -1.92
C LYS M 96 39.28 21.82 -3.11
N ASN M 97 38.17 21.13 -3.42
CA ASN M 97 37.19 21.51 -4.45
C ASN M 97 37.83 21.64 -5.84
N HIS M 98 38.31 20.50 -6.35
CA HIS M 98 38.95 20.44 -7.65
C HIS M 98 38.21 19.46 -8.56
N PHE M 99 38.35 19.68 -9.87
CA PHE M 99 37.96 18.69 -10.85
C PHE M 99 39.03 18.64 -11.93
N SER M 100 39.48 17.43 -12.25
CA SER M 100 40.63 17.21 -13.13
C SER M 100 40.19 16.57 -14.44
N LEU M 101 40.89 16.93 -15.50
CA LEU M 101 40.60 16.50 -16.87
C LEU M 101 41.84 15.79 -17.43
N LYS M 102 41.64 14.61 -18.01
CA LYS M 102 42.73 13.82 -18.58
C LYS M 102 42.34 13.35 -19.96
N LEU M 103 43.29 13.41 -20.89
CA LEU M 103 43.08 12.99 -22.27
C LEU M 103 44.37 12.32 -22.76
N THR M 104 44.37 10.99 -22.74
CA THR M 104 45.53 10.24 -23.20
C THR M 104 45.56 10.14 -24.72
N SER M 105 46.69 9.67 -25.24
CA SER M 105 46.99 9.53 -26.67
C SER M 105 46.82 10.86 -27.40
N VAL M 106 47.65 11.82 -27.02
CA VAL M 106 47.53 13.19 -27.49
C VAL M 106 47.98 13.29 -28.94
N THR M 107 47.08 13.72 -29.82
CA THR M 107 47.42 13.99 -31.21
C THR M 107 48.13 15.34 -31.29
N ALA M 108 49.20 15.41 -32.10
CA ALA M 108 50.00 16.62 -32.23
C ALA M 108 49.24 17.79 -32.85
N ALA M 109 48.14 17.52 -33.55
CA ALA M 109 47.30 18.57 -34.13
C ALA M 109 46.15 18.98 -33.21
N ASP M 110 46.31 18.82 -31.90
CA ASP M 110 45.25 19.15 -30.94
C ASP M 110 45.62 20.34 -30.06
N THR M 111 46.44 21.27 -30.56
CA THR M 111 46.69 22.50 -29.84
C THR M 111 45.45 23.40 -29.86
N ALA M 112 45.04 23.86 -28.68
CA ALA M 112 43.74 24.51 -28.55
C ALA M 112 43.73 25.35 -27.27
N VAL M 113 42.55 25.89 -26.94
CA VAL M 113 42.30 26.60 -25.69
C VAL M 113 41.21 25.84 -24.95
N TYR M 114 41.42 25.63 -23.65
CA TYR M 114 40.49 24.89 -22.80
C TYR M 114 39.78 25.85 -21.85
N TYR M 115 38.50 25.56 -21.60
CA TYR M 115 37.65 26.39 -20.76
C TYR M 115 36.86 25.52 -19.79
N CYS M 116 36.74 25.99 -18.55
CA CYS M 116 35.86 25.37 -17.56
C CYS M 116 34.68 26.31 -17.32
N ALA M 117 33.47 25.75 -17.36
CA ALA M 117 32.26 26.55 -17.24
C ALA M 117 31.28 25.85 -16.32
N ARG M 118 30.27 26.59 -15.88
CA ARG M 118 29.22 26.09 -15.01
C ARG M 118 27.87 26.16 -15.71
N SER M 119 26.99 25.21 -15.38
CA SER M 119 25.65 25.19 -15.91
C SER M 119 24.71 24.60 -14.87
N TYR M 120 23.52 25.18 -14.76
CA TYR M 120 22.56 24.75 -13.75
C TYR M 120 21.16 24.68 -14.37
N VAL M 121 20.26 24.00 -13.65
CA VAL M 121 18.90 23.79 -14.13
C VAL M 121 18.03 24.96 -13.70
N ARG M 122 17.26 25.50 -14.65
CA ARG M 122 16.36 26.61 -14.40
C ARG M 122 14.98 26.28 -14.93
N ALA M 123 13.96 26.47 -14.10
CA ALA M 123 12.56 26.21 -14.46
C ALA M 123 11.68 27.36 -13.98
N GLU M 124 12.08 28.59 -14.31
CA GLU M 124 11.39 29.78 -13.85
C GLU M 124 9.99 29.89 -14.46
N THR M 125 9.13 30.65 -13.78
CA THR M 125 7.72 30.79 -14.14
C THR M 125 7.48 32.18 -14.69
N LEU M 126 6.98 32.26 -15.93
CA LEU M 126 6.66 33.55 -16.53
C LEU M 126 5.36 33.49 -17.33
N MET M 127 4.67 32.35 -17.32
CA MET M 127 3.39 32.11 -18.02
C MET M 127 3.54 32.34 -19.53
N PHE M 128 4.38 31.51 -20.13
CA PHE M 128 4.59 31.55 -21.57
C PHE M 128 3.40 30.90 -22.29
N ALA M 129 3.35 31.12 -23.61
CA ALA M 129 2.32 30.51 -24.42
C ALA M 129 2.53 29.01 -24.57
N SER M 130 3.78 28.56 -24.57
CA SER M 130 4.11 27.15 -24.57
C SER M 130 4.52 26.71 -23.17
N LEU M 131 4.48 25.39 -22.95
CA LEU M 131 4.81 24.84 -21.64
C LEU M 131 6.32 24.85 -21.41
N GLY M 132 7.07 24.13 -22.25
CA GLY M 132 8.51 24.07 -22.10
C GLY M 132 8.94 23.18 -20.96
N GLY M 133 9.47 23.79 -19.90
CA GLY M 133 9.91 23.05 -18.73
C GLY M 133 11.27 23.50 -18.25
N PRO M 134 11.93 22.67 -17.45
CA PRO M 134 13.28 23.01 -16.98
C PRO M 134 14.30 22.87 -18.09
N TYR M 135 15.27 23.78 -18.10
CA TYR M 135 16.32 23.78 -19.10
C TYR M 135 17.66 24.04 -18.41
N ASN M 136 18.72 24.08 -19.20
CA ASN M 136 20.07 24.34 -18.71
C ASN M 136 20.46 25.78 -19.00
N ARG M 137 21.22 26.38 -18.07
CA ARG M 137 21.62 27.77 -18.19
C ARG M 137 23.05 27.92 -17.71
N PHE M 138 23.86 28.63 -18.51
CA PHE M 138 25.23 28.95 -18.15
C PHE M 138 25.25 30.25 -17.35
N ASP M 139 26.05 30.28 -16.28
CA ASP M 139 26.14 31.47 -15.44
C ASP M 139 27.57 31.98 -15.28
N VAL M 140 28.54 31.09 -15.13
CA VAL M 140 29.94 31.45 -14.89
C VAL M 140 30.79 30.80 -15.98
N TRP M 141 31.54 31.62 -16.70
CA TRP M 141 32.47 31.13 -17.71
C TRP M 141 33.88 31.06 -17.13
N GLY M 142 34.84 30.66 -17.96
CA GLY M 142 36.22 30.53 -17.56
C GLY M 142 37.15 31.39 -18.40
N ALA M 143 38.39 31.51 -17.93
CA ALA M 143 39.39 32.29 -18.65
C ALA M 143 39.96 31.51 -19.83
N GLY M 144 40.29 30.23 -19.62
CA GLY M 144 40.82 29.40 -20.68
C GLY M 144 42.33 29.38 -20.72
N VAL M 145 42.90 28.18 -20.85
CA VAL M 145 44.35 28.02 -20.91
C VAL M 145 44.74 27.46 -22.28
N LEU M 146 45.93 27.82 -22.74
CA LEU M 146 46.41 27.43 -24.05
C LEU M 146 47.27 26.18 -23.94
N VAL M 147 46.89 25.14 -24.69
CA VAL M 147 47.65 23.89 -24.74
C VAL M 147 48.24 23.76 -26.13
N THR M 148 49.58 23.79 -26.20
CA THR M 148 50.31 23.67 -27.46
C THR M 148 51.04 22.33 -27.47
N VAL M 149 50.72 21.49 -28.46
CA VAL M 149 51.32 20.18 -28.56
C VAL M 149 52.19 20.09 -29.82
N GLN N 20 19.59 19.68 -36.06
CA GLN N 20 20.76 19.97 -35.23
C GLN N 20 21.89 20.59 -36.05
N SER N 21 23.12 20.40 -35.55
CA SER N 21 24.40 20.73 -36.17
C SER N 21 24.68 22.23 -36.30
N ALA N 22 23.71 23.08 -35.95
CA ALA N 22 23.83 24.54 -35.86
C ALA N 22 24.34 25.17 -37.16
N LEU N 23 23.51 25.04 -38.21
CA LEU N 23 23.82 25.64 -39.50
C LEU N 23 23.68 27.16 -39.38
N THR N 24 24.81 27.87 -39.33
CA THR N 24 24.81 29.30 -39.08
C THR N 24 25.43 30.04 -40.25
N GLN N 25 25.29 31.37 -40.20
CA GLN N 25 25.85 32.24 -41.22
C GLN N 25 27.38 32.27 -41.11
N PRO N 26 28.09 32.56 -42.22
CA PRO N 26 29.55 32.68 -42.15
C PRO N 26 30.03 33.92 -41.39
N SER N 27 31.35 34.09 -41.31
CA SER N 27 31.96 35.14 -40.52
C SER N 27 32.12 36.46 -41.27
N SER N 28 31.30 36.70 -42.30
CA SER N 28 31.33 37.94 -43.06
C SER N 28 30.01 38.67 -42.83
N ALA N 29 30.06 39.80 -42.15
CA ALA N 29 28.87 40.59 -41.85
C ALA N 29 29.27 42.05 -41.76
N SER N 30 28.76 42.86 -42.67
CA SER N 30 29.06 44.29 -42.69
C SER N 30 28.03 45.06 -41.90
N ALA N 31 28.49 46.09 -41.18
CA ALA N 31 27.60 46.91 -40.36
C ALA N 31 28.23 48.29 -40.20
N SER N 32 27.37 49.31 -40.18
CA SER N 32 27.80 50.70 -40.01
C SER N 32 27.41 51.20 -38.63
N LEU N 33 27.97 52.35 -38.27
CA LEU N 33 27.72 52.96 -36.96
C LEU N 33 26.34 53.61 -36.98
N GLY N 34 25.37 52.94 -36.39
CA GLY N 34 24.02 53.46 -36.31
C GLY N 34 23.01 52.64 -37.08
N ALA N 35 23.26 51.35 -37.22
CA ALA N 35 22.36 50.45 -37.94
C ALA N 35 22.01 49.26 -37.07
N SER N 36 20.89 48.63 -37.40
CA SER N 36 20.40 47.47 -36.68
C SER N 36 20.82 46.20 -37.41
N VAL N 37 21.49 45.29 -36.69
CA VAL N 37 21.99 44.04 -37.25
C VAL N 37 21.14 42.89 -36.71
N THR N 38 20.70 42.02 -37.61
CA THR N 38 19.88 40.87 -37.25
C THR N 38 20.67 39.60 -37.56
N LEU N 39 21.39 39.10 -36.55
CA LEU N 39 22.12 37.84 -36.71
C LEU N 39 21.16 36.67 -36.64
N THR N 40 21.42 35.64 -37.43
CA THR N 40 20.49 34.54 -37.63
C THR N 40 21.15 33.22 -37.28
N CYS N 41 20.48 32.41 -36.46
CA CYS N 41 20.91 31.04 -36.17
C CYS N 41 19.78 30.11 -36.58
N THR N 42 20.11 29.09 -37.38
CA THR N 42 19.12 28.19 -37.94
C THR N 42 19.34 26.77 -37.43
N LEU N 43 18.30 25.95 -37.55
CA LEU N 43 18.37 24.53 -37.27
C LEU N 43 18.53 23.77 -38.60
N SER N 44 18.44 22.43 -38.52
CA SER N 44 18.55 21.59 -39.70
C SER N 44 17.20 21.15 -40.24
N SER N 45 16.14 21.92 -39.93
CA SER N 45 14.77 21.69 -40.40
C SER N 45 14.22 20.32 -39.97
N GLY N 46 14.65 19.83 -38.81
CA GLY N 46 14.17 18.56 -38.31
C GLY N 46 13.55 18.65 -36.93
N TYR N 47 13.93 19.66 -36.16
CA TYR N 47 13.48 19.83 -34.79
C TYR N 47 12.47 20.95 -34.63
N SER N 48 12.81 22.16 -35.08
CA SER N 48 11.97 23.37 -35.15
C SER N 48 11.46 23.88 -33.79
N ASN N 49 11.91 23.27 -32.69
CA ASN N 49 11.51 23.71 -31.35
C ASN N 49 12.66 23.40 -30.40
N SER N 50 13.52 24.40 -30.18
CA SER N 50 14.68 24.25 -29.32
C SER N 50 15.01 25.60 -28.70
N ALA N 51 16.09 25.63 -27.92
CA ALA N 51 16.60 26.85 -27.31
C ALA N 51 18.06 27.01 -27.70
N VAL N 52 18.40 28.19 -28.21
CA VAL N 52 19.74 28.47 -28.72
C VAL N 52 20.39 29.51 -27.82
N ASP N 53 21.54 29.17 -27.25
CA ASP N 53 22.32 30.14 -26.49
C ASP N 53 23.13 31.02 -27.43
N TRP N 54 23.48 32.20 -26.95
CA TRP N 54 24.29 33.16 -27.72
C TRP N 54 25.51 33.53 -26.89
N HIS N 55 26.68 33.08 -27.33
CA HIS N 55 27.94 33.35 -26.64
C HIS N 55 28.72 34.42 -27.39
N GLN N 56 29.25 35.38 -26.66
CA GLN N 56 29.97 36.52 -27.23
C GLN N 56 31.43 36.43 -26.80
N GLN N 57 32.30 36.07 -27.74
CA GLN N 57 33.73 35.92 -27.49
C GLN N 57 34.46 37.13 -28.06
N ARG N 58 35.05 37.93 -27.16
CA ARG N 58 35.84 39.08 -27.59
C ARG N 58 37.21 38.62 -28.09
N PRO N 59 37.80 39.35 -29.05
CA PRO N 59 39.15 38.99 -29.52
C PRO N 59 40.21 39.26 -28.45
N GLY N 60 40.81 38.19 -27.93
CA GLY N 60 41.79 38.28 -26.88
C GLY N 60 41.25 38.06 -25.48
N LYS N 61 39.93 38.08 -25.30
CA LYS N 61 39.31 37.88 -24.00
C LYS N 61 38.44 36.62 -24.04
N GLY N 62 37.99 36.20 -22.85
CA GLY N 62 37.16 35.02 -22.73
C GLY N 62 35.72 35.29 -23.09
N PRO N 63 35.02 34.26 -23.57
CA PRO N 63 33.61 34.42 -23.94
C PRO N 63 32.71 34.45 -22.71
N GLN N 64 31.54 35.05 -22.90
CA GLN N 64 30.54 35.17 -21.84
C GLN N 64 29.17 34.85 -22.40
N PHE N 65 28.25 34.52 -21.49
CA PHE N 65 26.87 34.22 -21.86
C PHE N 65 26.07 35.52 -21.94
N VAL N 66 25.28 35.65 -23.00
CA VAL N 66 24.48 36.85 -23.26
C VAL N 66 22.98 36.56 -23.17
N MET N 67 22.48 35.69 -24.03
CA MET N 67 21.04 35.45 -24.09
C MET N 67 20.78 33.99 -24.47
N ARG N 68 19.54 33.57 -24.27
CA ARG N 68 19.06 32.24 -24.65
C ARG N 68 17.71 32.44 -25.33
N VAL N 69 17.69 32.31 -26.64
CA VAL N 69 16.51 32.57 -27.43
C VAL N 69 15.83 31.25 -27.78
N GLY N 70 14.59 31.34 -28.26
CA GLY N 70 13.83 30.16 -28.63
C GLY N 70 12.60 30.47 -29.46
N THR N 71 11.52 29.74 -29.23
CA THR N 71 10.27 29.98 -29.95
C THR N 71 9.60 31.25 -29.43
N GLY N 72 9.79 32.35 -30.13
CA GLY N 72 9.26 33.63 -29.68
C GLY N 72 10.34 34.55 -29.16
N GLY N 73 10.11 35.15 -27.99
CA GLY N 73 11.09 36.01 -27.37
C GLY N 73 12.12 35.24 -26.57
N ILE N 74 12.63 35.88 -25.52
CA ILE N 74 13.60 35.24 -24.64
C ILE N 74 12.88 34.30 -23.69
N VAL N 75 13.52 33.19 -23.36
CA VAL N 75 12.93 32.23 -22.43
C VAL N 75 13.36 32.50 -20.99
N GLY N 76 14.53 33.09 -20.79
CA GLY N 76 15.00 33.41 -19.45
C GLY N 76 15.29 34.88 -19.27
N SER N 77 16.48 35.20 -18.79
CA SER N 77 16.90 36.58 -18.59
C SER N 77 18.22 36.81 -19.32
N LYS N 78 18.63 38.07 -19.38
CA LYS N 78 19.88 38.43 -20.02
C LYS N 78 21.06 38.22 -19.07
N GLY N 79 22.26 38.33 -19.62
CA GLY N 79 23.47 38.16 -18.83
C GLY N 79 23.79 39.35 -17.98
N ASP N 80 24.77 39.17 -17.11
CA ASP N 80 25.21 40.22 -16.20
C ASP N 80 26.05 41.23 -16.97
N GLY N 81 25.51 42.42 -17.21
CA GLY N 81 26.21 43.45 -17.95
C GLY N 81 25.83 43.49 -19.41
N ILE N 82 24.53 43.36 -19.69
CA ILE N 82 24.01 43.37 -21.05
C ILE N 82 23.03 44.53 -21.16
N PRO N 83 23.19 45.44 -22.11
CA PRO N 83 22.24 46.55 -22.27
C PRO N 83 20.93 46.06 -22.87
N ASP N 84 19.95 46.97 -22.89
CA ASP N 84 18.61 46.67 -23.38
C ASP N 84 18.48 46.76 -24.89
N ARG N 85 19.56 47.09 -25.62
CA ARG N 85 19.48 47.19 -27.07
C ARG N 85 19.46 45.84 -27.75
N PHE N 86 19.92 44.79 -27.07
CA PHE N 86 19.88 43.45 -27.64
C PHE N 86 18.50 42.84 -27.47
N SER N 87 17.95 42.27 -28.53
CA SER N 87 16.64 41.64 -28.47
C SER N 87 16.69 40.31 -29.22
N GLY N 88 15.70 39.47 -28.94
CA GLY N 88 15.64 38.16 -29.56
C GLY N 88 14.27 37.88 -30.15
N SER N 89 14.27 37.11 -31.23
CA SER N 89 13.03 36.75 -31.90
C SER N 89 13.19 35.36 -32.50
N GLY N 90 12.05 34.71 -32.76
CA GLY N 90 12.05 33.38 -33.35
C GLY N 90 10.95 33.19 -34.37
N SER N 91 11.25 32.48 -35.46
CA SER N 91 10.27 32.27 -36.53
C SER N 91 10.54 30.91 -37.15
N GLY N 92 9.84 29.88 -36.67
CA GLY N 92 9.77 28.59 -37.33
C GLY N 92 11.04 27.78 -37.26
N LEU N 93 12.06 28.24 -38.00
CA LEU N 93 13.38 27.63 -37.98
C LEU N 93 14.49 28.64 -37.74
N ASN N 94 14.18 29.93 -37.74
CA ASN N 94 15.19 30.97 -37.59
C ASN N 94 15.12 31.58 -36.21
N ARG N 95 16.28 31.95 -35.68
CA ARG N 95 16.37 32.68 -34.41
C ARG N 95 17.22 33.92 -34.63
N TYR N 96 16.61 35.08 -34.43
CA TYR N 96 17.25 36.36 -34.73
C TYR N 96 17.68 37.04 -33.43
N LEU N 97 18.93 37.49 -33.41
CA LEU N 97 19.44 38.41 -32.40
C LEU N 97 19.57 39.78 -33.03
N ILE N 98 18.81 40.75 -32.53
CA ILE N 98 18.71 42.07 -33.12
C ILE N 98 19.44 43.07 -32.24
N ILE N 99 20.36 43.81 -32.85
CA ILE N 99 21.09 44.90 -32.19
C ILE N 99 20.66 46.19 -32.84
N LYS N 100 20.12 47.12 -32.04
CA LYS N 100 19.61 48.37 -32.57
C LYS N 100 20.72 49.38 -32.82
N ASN N 101 21.45 49.75 -31.78
CA ASN N 101 22.53 50.72 -31.87
C ASN N 101 23.87 50.02 -31.72
N ILE N 102 24.88 50.52 -32.43
CA ILE N 102 26.22 49.95 -32.43
C ILE N 102 27.17 50.95 -31.79
N GLN N 103 27.80 50.55 -30.70
CA GLN N 103 28.81 51.35 -30.03
C GLN N 103 30.19 50.92 -30.50
N GLU N 104 31.23 51.42 -29.83
CA GLU N 104 32.61 51.11 -30.19
C GLU N 104 33.09 49.77 -29.63
N GLU N 105 32.24 49.05 -28.89
CA GLU N 105 32.60 47.77 -28.31
C GLU N 105 31.66 46.65 -28.76
N ASP N 106 30.96 46.83 -29.87
CA ASP N 106 29.92 45.92 -30.32
C ASP N 106 30.38 45.04 -31.48
N GLU N 107 31.64 44.62 -31.46
CA GLU N 107 32.15 43.66 -32.43
C GLU N 107 32.88 42.55 -31.69
N SER N 108 32.51 41.31 -31.99
CA SER N 108 33.04 40.11 -31.34
C SER N 108 32.64 38.91 -32.19
N ASP N 109 32.86 37.71 -31.66
CA ASP N 109 32.44 36.47 -32.30
C ASP N 109 31.18 35.96 -31.60
N TYR N 110 30.13 35.75 -32.38
CA TYR N 110 28.83 35.31 -31.86
C TYR N 110 28.63 33.84 -32.21
N HIS N 111 28.58 32.99 -31.18
CA HIS N 111 28.43 31.56 -31.36
C HIS N 111 27.09 31.09 -30.83
N CYS N 112 26.53 30.09 -31.51
CA CYS N 112 25.29 29.46 -31.08
C CYS N 112 25.58 28.32 -30.11
N GLY N 113 24.57 27.51 -29.81
CA GLY N 113 24.71 26.37 -28.93
C GLY N 113 23.39 25.70 -28.65
N ALA N 114 23.36 24.37 -28.69
CA ALA N 114 22.12 23.63 -28.50
C ALA N 114 22.40 22.35 -27.71
N ASP N 115 21.64 22.14 -26.65
CA ASP N 115 21.76 20.94 -25.83
C ASP N 115 20.66 19.95 -26.18
N HIS N 116 21.00 18.67 -26.19
CA HIS N 116 20.05 17.62 -26.53
C HIS N 116 20.33 16.38 -25.71
N GLY N 117 19.28 15.64 -25.40
CA GLY N 117 19.39 14.38 -24.72
C GLY N 117 18.92 14.44 -23.28
N THR N 118 19.39 13.46 -22.49
CA THR N 118 19.05 13.31 -21.08
C THR N 118 20.33 13.44 -20.25
N GLY N 119 20.21 13.17 -18.95
CA GLY N 119 21.35 13.25 -18.05
C GLY N 119 22.43 12.22 -18.31
N SER N 120 22.11 11.12 -18.98
CA SER N 120 23.10 10.12 -19.34
C SER N 120 23.52 10.17 -20.79
N ALA N 121 22.71 10.80 -21.66
CA ALA N 121 23.05 10.93 -23.07
C ALA N 121 23.10 12.39 -23.48
N PHE N 122 23.75 13.22 -22.68
CA PHE N 122 23.81 14.66 -22.92
C PHE N 122 24.78 14.97 -24.04
N VAL N 123 24.35 15.81 -24.98
CA VAL N 123 25.20 16.29 -26.06
C VAL N 123 24.98 17.79 -26.21
N TYR N 124 26.04 18.50 -26.58
CA TYR N 124 26.01 19.96 -26.71
C TYR N 124 26.69 20.33 -28.02
N VAL N 125 25.92 20.78 -29.00
CA VAL N 125 26.42 21.12 -30.31
C VAL N 125 26.64 22.62 -30.41
N PHE N 126 27.83 23.02 -30.83
CA PHE N 126 28.17 24.42 -31.03
C PHE N 126 27.97 24.79 -32.51
N GLY N 127 28.21 26.06 -32.83
CA GLY N 127 28.08 26.57 -34.17
C GLY N 127 29.41 27.01 -34.75
N GLY N 128 29.33 27.50 -36.00
CA GLY N 128 30.53 27.97 -36.67
C GLY N 128 30.98 29.32 -36.16
N GLY N 129 30.05 30.21 -35.84
CA GLY N 129 30.38 31.52 -35.30
C GLY N 129 30.58 32.58 -36.36
N THR N 130 29.85 33.68 -36.24
CA THR N 130 29.96 34.81 -37.15
C THR N 130 30.92 35.86 -36.58
N LYS N 131 31.29 36.81 -37.42
CA LYS N 131 32.20 37.89 -37.04
C LYS N 131 31.61 39.21 -37.54
N LEU N 132 31.12 40.03 -36.61
CA LEU N 132 30.53 41.30 -36.95
C LEU N 132 31.62 42.36 -37.12
N THR N 133 31.57 43.09 -38.24
CA THR N 133 32.53 44.13 -38.55
C THR N 133 31.87 45.50 -38.42
N VAL N 134 32.71 46.52 -38.33
CA VAL N 134 32.26 47.90 -38.21
C VAL N 134 32.88 48.72 -39.34
N LEU N 135 32.18 49.79 -39.72
CA LEU N 135 32.65 50.66 -40.79
C LEU N 135 32.81 52.10 -40.28
#